data_8XGA
#
_entry.id   8XGA
#
_cell.length_a   125.689
_cell.length_b   108.008
_cell.length_c   159.816
_cell.angle_alpha   90.00
_cell.angle_beta   104.59
_cell.angle_gamma   90.00
#
_symmetry.space_group_name_H-M   'P 1 21 1'
#
loop_
_entity.id
_entity.type
_entity.pdbx_description
1 polymer 'Glutaminyl-peptide cyclotransferase-like protein'
2 non-polymer 'ZINC ION'
3 non-polymer (3~{Z})-3-(1~{H}-benzimidazol-5-ylmethylidene)-4-(oxan-4-yloxy)-1~{H}-indol-2-one
4 water water
#
_entity_poly.entity_id   1
_entity_poly.type   'polypeptide(L)'
_entity_poly.pdbx_seq_one_letter_code
;VPLIGSLPEARLRRVVGQLDPQRLWSTYLRPLLVVRTPGSPGNLQVRKFLEATLRSLTAGWHVELDPFTASTPLGPVDFG
NVVATLDPRAARHLTLACHYDSKLFPPGSTPFVGATDSAVPCALLLELAQALDLELSRAKKQAAPVTLQLLFLDGEEALK
EWGPKDSLYGSRHLAQLMESIPHSPGPTRIQAIELFMLLDLLGAPNPTFYSHFPRTVRWFHRLRSIEKRLHRLNLLQSHP
QEVMYFQPGEPFGSVEDDHIPFLRRGVPVLHLISTPFPAVWHTPADTEVNLHPPTVHNLCRILAVFLAEYLGL
;
_entity_poly.pdbx_strand_id   A,B,C,D,E,F,G,H,I,J,K
#
loop_
_chem_comp.id
_chem_comp.type
_chem_comp.name
_chem_comp.formula
A1D47 non-polymer (3~{Z})-3-(1~{H}-benzimidazol-5-ylmethylidene)-4-(oxan-4-yloxy)-1~{H}-indol-2-one 'C21 H19 N3 O3'
ZN non-polymer 'ZINC ION' 'Zn 2'
#
# COMPACT_ATOMS: atom_id res chain seq x y z
N VAL A 1 4.23 20.78 -7.16
CA VAL A 1 3.15 20.67 -6.19
C VAL A 1 3.03 21.92 -5.27
N PRO A 2 4.12 22.72 -5.14
CA PRO A 2 4.01 23.96 -4.34
C PRO A 2 4.02 25.25 -5.16
N LEU A 3 3.24 26.26 -4.76
CA LEU A 3 3.23 27.54 -5.46
C LEU A 3 4.44 28.39 -5.06
N ILE A 4 4.25 29.71 -4.98
CA ILE A 4 5.32 30.66 -4.69
C ILE A 4 4.98 31.33 -3.36
N GLY A 5 5.94 31.34 -2.44
CA GLY A 5 5.71 31.63 -1.05
C GLY A 5 5.72 30.39 -0.18
N SER A 6 5.47 29.23 -0.79
CA SER A 6 5.37 27.96 -0.09
C SER A 6 6.53 27.71 0.87
N LEU A 7 6.31 26.83 1.83
CA LEU A 7 7.38 26.41 2.70
C LEU A 7 8.26 25.37 2.03
N PRO A 8 9.49 25.23 2.46
CA PRO A 8 10.27 24.05 2.07
C PRO A 8 9.78 22.84 2.85
N GLU A 9 9.84 21.67 2.20
CA GLU A 9 9.22 20.49 2.78
C GLU A 9 9.80 20.13 4.15
N ALA A 10 11.02 20.55 4.45
CA ALA A 10 11.63 20.20 5.73
C ALA A 10 10.96 20.95 6.88
N ARG A 11 10.80 22.27 6.74
CA ARG A 11 10.14 23.09 7.74
C ARG A 11 8.76 22.51 8.01
N LEU A 12 7.89 22.58 7.00
CA LEU A 12 6.54 22.03 7.02
C LEU A 12 6.40 20.81 7.93
N ARG A 13 7.18 19.77 7.68
CA ARG A 13 7.16 18.62 8.57
C ARG A 13 7.52 19.04 9.99
N ARG A 14 8.64 19.74 10.16
CA ARG A 14 9.02 20.21 11.49
C ARG A 14 7.86 20.92 12.16
N VAL A 15 7.22 21.82 11.41
CA VAL A 15 6.07 22.58 11.89
C VAL A 15 4.97 21.62 12.32
N VAL A 16 4.35 20.95 11.35
CA VAL A 16 3.32 19.94 11.62
C VAL A 16 3.64 19.21 12.92
N GLY A 17 4.88 18.73 13.03
CA GLY A 17 5.27 17.96 14.21
C GLY A 17 5.07 18.68 15.52
N GLN A 18 4.95 20.01 15.48
CA GLN A 18 4.72 20.79 16.69
C GLN A 18 3.26 20.75 17.13
N LEU A 19 2.36 20.27 16.27
CA LEU A 19 0.98 20.08 16.65
C LEU A 19 0.84 18.83 17.52
N ASP A 20 -0.07 18.90 18.47
CA ASP A 20 -0.20 17.88 19.51
C ASP A 20 -1.68 17.51 19.65
N PRO A 21 -2.18 16.63 18.78
CA PRO A 21 -3.61 16.35 18.77
C PRO A 21 -4.20 16.11 20.15
N GLN A 22 -3.47 15.49 21.06
CA GLN A 22 -4.02 15.25 22.38
C GLN A 22 -4.29 16.55 23.10
N ARG A 23 -3.42 17.54 22.91
CA ARG A 23 -3.68 18.87 23.47
C ARG A 23 -4.96 19.44 22.86
N LEU A 24 -5.01 19.48 21.54
CA LEU A 24 -6.18 20.01 20.84
C LEU A 24 -7.46 19.40 21.40
N TRP A 25 -7.51 18.08 21.50
CA TRP A 25 -8.75 17.43 21.88
C TRP A 25 -9.04 17.57 23.36
N SER A 26 -8.02 17.41 24.21
CA SER A 26 -8.25 17.30 25.64
C SER A 26 -7.95 18.58 26.40
N THR A 27 -7.15 19.50 25.85
CA THR A 27 -6.82 20.73 26.56
C THR A 27 -7.70 21.89 26.16
N TYR A 28 -7.97 22.05 24.86
CA TYR A 28 -8.65 23.23 24.35
C TYR A 28 -10.06 22.97 23.84
N LEU A 29 -10.37 21.75 23.38
CA LEU A 29 -11.70 21.45 22.88
C LEU A 29 -12.64 20.97 23.98
N ARG A 30 -12.24 19.91 24.69
CA ARG A 30 -13.13 19.26 25.65
C ARG A 30 -13.75 20.21 26.67
N PRO A 31 -13.04 21.22 27.19
CA PRO A 31 -13.66 22.11 28.19
C PRO A 31 -14.47 23.27 27.63
N LEU A 32 -14.46 23.51 26.32
CA LEU A 32 -15.39 24.44 25.71
C LEU A 32 -16.76 23.80 25.47
N LEU A 33 -16.85 22.48 25.55
CA LEU A 33 -18.10 21.76 25.29
C LEU A 33 -19.03 21.83 26.50
N VAL A 34 -19.34 23.06 26.88
CA VAL A 34 -20.32 23.31 27.92
C VAL A 34 -21.46 24.06 27.25
N VAL A 35 -22.27 24.75 28.03
CA VAL A 35 -23.27 25.64 27.48
C VAL A 35 -22.89 27.06 27.85
N ARG A 36 -22.84 27.93 26.85
CA ARG A 36 -22.18 29.22 26.93
C ARG A 36 -22.99 30.27 26.17
N THR A 37 -24.30 30.24 26.36
CA THR A 37 -25.14 31.30 25.82
C THR A 37 -24.76 32.61 26.50
N PRO A 38 -24.97 33.76 25.86
CA PRO A 38 -24.47 35.01 26.42
C PRO A 38 -24.86 35.21 27.87
N GLY A 39 -23.98 35.87 28.61
CA GLY A 39 -24.19 36.07 30.04
C GLY A 39 -24.69 34.82 30.74
N SER A 40 -23.96 33.74 30.58
CA SER A 40 -24.19 32.51 31.33
C SER A 40 -22.98 32.21 32.19
N PRO A 41 -23.15 31.42 33.24
CA PRO A 41 -21.97 31.03 34.04
C PRO A 41 -20.95 30.30 33.21
N GLY A 42 -21.38 29.67 32.11
CA GLY A 42 -20.50 28.94 31.23
C GLY A 42 -19.91 29.83 30.16
N ASN A 43 -20.75 30.67 29.54
CA ASN A 43 -20.23 31.70 28.64
C ASN A 43 -19.18 32.54 29.33
N LEU A 44 -19.28 32.68 30.66
CA LEU A 44 -18.22 33.30 31.42
C LEU A 44 -17.03 32.37 31.56
N GLN A 45 -17.26 31.12 31.96
CA GLN A 45 -16.17 30.17 32.13
C GLN A 45 -15.27 30.16 30.90
N VAL A 46 -15.86 29.96 29.72
CA VAL A 46 -15.09 29.89 28.50
C VAL A 46 -14.32 31.18 28.27
N ARG A 47 -15.01 32.33 28.35
CA ARG A 47 -14.34 33.61 28.14
C ARG A 47 -13.06 33.70 28.96
N LYS A 48 -13.12 33.27 30.21
CA LYS A 48 -11.95 33.39 31.08
C LYS A 48 -10.90 32.35 30.71
N PHE A 49 -11.33 31.13 30.35
CA PHE A 49 -10.40 30.12 29.85
C PHE A 49 -9.60 30.66 28.66
N LEU A 50 -10.29 31.28 27.70
CA LEU A 50 -9.61 31.84 26.53
C LEU A 50 -8.60 32.90 26.96
N GLU A 51 -9.06 33.95 27.64
CA GLU A 51 -8.17 35.01 28.11
C GLU A 51 -6.91 34.43 28.72
N ALA A 52 -7.06 33.48 29.64
CA ALA A 52 -5.92 33.02 30.40
C ALA A 52 -5.08 32.01 29.64
N THR A 53 -5.69 31.17 28.80
CA THR A 53 -4.90 30.29 27.95
C THR A 53 -3.99 31.10 27.03
N LEU A 54 -4.55 32.10 26.35
CA LEU A 54 -3.75 32.90 25.44
C LEU A 54 -2.70 33.71 26.19
N ARG A 55 -3.05 34.23 27.36
CA ARG A 55 -2.08 35.00 28.12
C ARG A 55 -0.94 34.15 28.63
N SER A 56 -1.16 32.87 28.77
CA SER A 56 -0.07 31.98 29.18
C SER A 56 0.98 31.79 28.07
N LEU A 57 0.95 32.47 26.92
CA LEU A 57 1.88 32.20 25.84
C LEU A 57 3.13 33.04 25.97
N THR A 58 4.27 32.44 25.60
CA THR A 58 5.54 33.14 25.68
C THR A 58 5.59 34.34 24.76
N ALA A 59 4.96 34.23 23.59
CA ALA A 59 5.12 35.26 22.56
C ALA A 59 4.73 36.64 23.08
N GLY A 60 3.89 36.70 24.09
CA GLY A 60 3.52 37.95 24.71
C GLY A 60 2.24 38.55 24.21
N TRP A 61 1.26 37.73 23.81
CA TRP A 61 0.04 38.24 23.21
C TRP A 61 -0.57 39.32 24.09
N HIS A 62 -0.91 40.45 23.49
CA HIS A 62 -1.65 41.49 24.17
C HIS A 62 -3.13 41.16 24.03
N VAL A 63 -3.74 40.70 25.12
CA VAL A 63 -5.12 40.21 25.10
C VAL A 63 -5.97 41.24 25.83
N GLU A 64 -6.88 41.89 25.10
CA GLU A 64 -7.87 42.77 25.72
C GLU A 64 -9.24 42.10 25.67
N LEU A 65 -10.14 42.63 26.49
CA LEU A 65 -11.53 42.24 26.51
C LEU A 65 -12.37 43.36 25.92
N ASP A 66 -13.50 43.01 25.31
CA ASP A 66 -14.42 43.99 24.72
C ASP A 66 -15.78 43.87 25.39
N PRO A 67 -15.87 44.18 26.68
CA PRO A 67 -17.14 44.01 27.39
C PRO A 67 -18.14 45.08 26.97
N PHE A 68 -19.41 44.68 26.86
CA PHE A 68 -20.45 45.63 26.50
C PHE A 68 -21.81 45.03 26.82
N THR A 69 -22.85 45.78 26.48
CA THR A 69 -24.23 45.43 26.82
C THR A 69 -25.14 45.95 25.73
N ALA A 70 -26.15 45.17 25.37
CA ALA A 70 -26.99 45.50 24.23
C ALA A 70 -28.42 45.07 24.49
N SER A 71 -29.36 45.85 23.96
CA SER A 71 -30.77 45.55 24.07
C SER A 71 -31.14 44.40 23.15
N THR A 72 -31.73 43.35 23.70
CA THR A 72 -32.05 42.17 22.93
C THR A 72 -33.32 41.54 23.49
N PRO A 73 -34.04 40.75 22.68
CA PRO A 73 -35.32 40.19 23.12
C PRO A 73 -35.32 39.63 24.54
N LEU A 74 -34.26 38.97 24.97
CA LEU A 74 -34.20 38.55 26.36
C LEU A 74 -33.77 39.69 27.29
N GLY A 75 -34.01 40.93 26.86
CA GLY A 75 -33.75 42.07 27.67
C GLY A 75 -32.35 42.59 27.46
N PRO A 76 -31.88 43.43 28.39
CA PRO A 76 -30.45 43.73 28.46
C PRO A 76 -29.64 42.46 28.68
N VAL A 77 -28.44 42.43 28.09
CA VAL A 77 -27.58 41.26 28.12
C VAL A 77 -26.12 41.69 28.21
N ASP A 78 -25.32 40.95 28.97
CA ASP A 78 -23.91 41.26 29.20
C ASP A 78 -23.03 40.42 28.27
N PHE A 79 -22.54 41.03 27.21
CA PHE A 79 -21.65 40.35 26.28
C PHE A 79 -20.20 40.68 26.61
N GLY A 80 -19.30 39.98 25.93
CA GLY A 80 -17.88 40.16 26.13
C GLY A 80 -17.04 39.40 25.12
N ASN A 81 -16.42 40.12 24.19
CA ASN A 81 -15.53 39.51 23.23
C ASN A 81 -14.14 39.34 23.83
N VAL A 82 -13.32 38.53 23.18
CA VAL A 82 -11.95 38.27 23.59
C VAL A 82 -11.06 38.57 22.39
N VAL A 83 -10.40 39.72 22.40
CA VAL A 83 -9.51 40.13 21.32
C VAL A 83 -8.09 39.92 21.78
N ALA A 84 -7.38 39.01 21.13
CA ALA A 84 -5.99 38.71 21.44
C ALA A 84 -5.14 39.12 20.25
N THR A 85 -4.27 40.09 20.47
CA THR A 85 -3.41 40.60 19.41
C THR A 85 -1.98 40.32 19.79
N LEU A 86 -1.29 39.55 18.94
CA LEU A 86 0.08 39.19 19.24
C LEU A 86 0.96 40.43 19.38
N ASP A 87 0.90 41.32 18.39
CA ASP A 87 1.74 42.52 18.35
C ASP A 87 0.87 43.72 18.01
N PRO A 88 0.44 44.49 19.00
CA PRO A 88 -0.50 45.59 18.71
C PRO A 88 0.10 46.74 17.92
N ARG A 89 1.41 47.00 18.05
CA ARG A 89 1.98 48.16 17.38
C ARG A 89 2.31 47.91 15.91
N ALA A 90 2.30 46.66 15.45
CA ALA A 90 2.54 46.39 14.05
C ALA A 90 1.39 46.92 13.20
N ALA A 91 1.69 47.18 11.93
CA ALA A 91 0.86 48.06 11.11
C ALA A 91 -0.38 47.38 10.58
N ARG A 92 -0.32 46.07 10.35
CA ARG A 92 -1.45 45.32 9.81
C ARG A 92 -1.34 43.92 10.41
N HIS A 93 -2.39 43.12 10.25
CA HIS A 93 -2.33 41.77 10.79
C HIS A 93 -3.40 40.86 10.19
N LEU A 94 -3.07 39.58 10.14
CA LEU A 94 -4.03 38.55 9.82
C LEU A 94 -4.94 38.32 11.02
N THR A 95 -6.23 38.22 10.77
CA THR A 95 -7.22 38.07 11.83
C THR A 95 -7.94 36.75 11.63
N LEU A 96 -7.72 35.81 12.54
CA LEU A 96 -8.52 34.61 12.61
C LEU A 96 -9.62 34.82 13.62
N ALA A 97 -10.85 34.56 13.22
CA ALA A 97 -12.01 34.86 14.05
C ALA A 97 -12.93 33.65 14.13
N CYS A 98 -13.80 33.68 15.12
CA CYS A 98 -14.82 32.67 15.35
C CYS A 98 -15.52 33.04 16.65
N HIS A 99 -16.77 32.61 16.79
CA HIS A 99 -17.53 32.91 17.98
C HIS A 99 -17.42 31.77 18.99
N TYR A 100 -17.49 32.12 20.27
CA TYR A 100 -17.40 31.14 21.34
C TYR A 100 -18.70 30.98 22.11
N ASP A 101 -19.74 31.71 21.76
CA ASP A 101 -21.04 31.49 22.38
C ASP A 101 -21.76 30.36 21.68
N SER A 102 -22.56 29.62 22.45
CA SER A 102 -23.44 28.60 21.91
C SER A 102 -24.82 29.21 21.72
N LYS A 103 -25.53 28.80 20.67
CA LYS A 103 -26.87 29.33 20.52
C LYS A 103 -27.71 28.94 21.73
N LEU A 104 -28.75 29.73 21.97
CA LEU A 104 -29.68 29.48 23.05
C LEU A 104 -30.90 28.77 22.51
N PHE A 105 -31.18 27.60 23.06
CA PHE A 105 -32.34 26.81 22.71
C PHE A 105 -33.35 26.86 23.84
N PRO A 106 -34.60 26.50 23.59
CA PRO A 106 -35.59 26.49 24.66
C PRO A 106 -35.11 25.60 25.79
N PRO A 107 -35.71 25.71 26.97
CA PRO A 107 -35.24 24.93 28.12
C PRO A 107 -35.85 23.53 28.14
N GLY A 108 -35.04 22.56 28.56
CA GLY A 108 -35.52 21.21 28.77
C GLY A 108 -34.96 20.22 27.77
N SER A 109 -35.00 20.57 26.49
CA SER A 109 -34.27 19.86 25.45
C SER A 109 -32.86 19.53 25.90
N THR A 110 -32.27 18.47 25.36
CA THR A 110 -30.88 18.16 25.64
C THR A 110 -30.04 19.41 25.43
N PRO A 111 -29.08 19.71 26.32
CA PRO A 111 -28.41 21.00 26.24
C PRO A 111 -27.53 21.09 25.01
N PHE A 112 -27.44 22.30 24.46
CA PHE A 112 -26.79 22.51 23.18
C PHE A 112 -25.44 23.20 23.39
N VAL A 113 -24.37 22.48 23.07
CA VAL A 113 -23.01 22.98 23.23
C VAL A 113 -22.34 23.21 21.89
N GLY A 114 -23.03 22.97 20.78
CA GLY A 114 -22.50 23.20 19.46
C GLY A 114 -21.03 22.87 19.30
N ALA A 115 -20.71 21.57 19.21
CA ALA A 115 -19.32 21.17 19.01
C ALA A 115 -18.71 21.87 17.81
N THR A 116 -19.39 21.83 16.67
CA THR A 116 -18.91 22.47 15.45
C THR A 116 -19.25 23.96 15.40
N ASP A 117 -19.90 24.52 16.42
CA ASP A 117 -20.60 25.79 16.28
C ASP A 117 -20.56 26.57 17.57
N SER A 118 -19.36 26.96 18.04
CA SER A 118 -18.12 26.85 17.25
C SER A 118 -16.92 26.61 18.16
N ALA A 119 -16.89 25.42 18.75
CA ALA A 119 -15.82 25.07 19.67
C ALA A 119 -14.60 24.54 18.94
N VAL A 120 -14.81 23.64 17.97
CA VAL A 120 -13.71 23.12 17.19
C VAL A 120 -12.92 24.26 16.55
N PRO A 121 -13.55 25.31 16.00
CA PRO A 121 -12.77 26.47 15.57
C PRO A 121 -12.04 27.15 16.71
N CYS A 122 -12.76 27.56 17.77
CA CYS A 122 -12.11 28.13 18.94
C CYS A 122 -10.88 27.34 19.34
N ALA A 123 -11.00 26.01 19.37
CA ALA A 123 -9.87 25.19 19.77
C ALA A 123 -8.74 25.27 18.75
N LEU A 124 -9.08 25.14 17.47
CA LEU A 124 -8.07 25.27 16.42
C LEU A 124 -7.23 26.52 16.65
N LEU A 125 -7.88 27.68 16.74
CA LEU A 125 -7.14 28.93 16.94
C LEU A 125 -6.19 28.82 18.11
N LEU A 126 -6.62 28.19 19.20
CA LEU A 126 -5.76 28.07 20.36
C LEU A 126 -4.54 27.22 20.04
N GLU A 127 -4.78 26.01 19.54
CA GLU A 127 -3.67 25.12 19.21
C GLU A 127 -2.69 25.80 18.26
N LEU A 128 -3.21 26.60 17.34
CA LEU A 128 -2.35 27.29 16.39
C LEU A 128 -1.46 28.33 17.07
N ALA A 129 -2.02 29.13 17.98
CA ALA A 129 -1.22 30.10 18.71
C ALA A 129 -0.21 29.44 19.63
N GLN A 130 -0.44 28.18 19.98
CA GLN A 130 0.44 27.43 20.86
C GLN A 130 1.53 26.73 20.06
N ALA A 131 1.12 25.85 19.16
CA ALA A 131 2.05 25.16 18.27
C ALA A 131 3.09 26.13 17.71
N LEU A 132 2.64 27.17 17.00
CA LEU A 132 3.53 28.15 16.39
C LEU A 132 3.94 29.25 17.33
N ASP A 133 4.00 29.01 18.63
CA ASP A 133 4.18 30.13 19.54
C ASP A 133 5.56 30.73 19.42
N LEU A 134 6.59 29.91 19.62
CA LEU A 134 7.95 30.43 19.52
C LEU A 134 8.18 31.08 18.17
N GLU A 135 7.67 30.45 17.11
CA GLU A 135 7.78 31.03 15.78
C GLU A 135 7.15 32.43 15.77
N LEU A 136 5.90 32.53 16.19
CA LEU A 136 5.27 33.84 16.32
C LEU A 136 6.04 34.72 17.28
N SER A 137 6.67 34.14 18.31
CA SER A 137 7.46 34.93 19.24
C SER A 137 8.67 35.52 18.55
N ARG A 138 9.35 34.74 17.72
CA ARG A 138 10.44 35.26 16.91
C ARG A 138 9.94 36.49 16.18
N ALA A 139 9.21 36.29 15.08
CA ALA A 139 8.65 37.37 14.27
C ALA A 139 8.38 38.64 15.08
N LYS A 140 7.80 38.49 16.28
CA LYS A 140 7.49 39.65 17.10
C LYS A 140 8.75 40.28 17.65
N LYS A 141 9.79 39.48 17.92
CA LYS A 141 11.05 40.04 18.37
C LYS A 141 11.77 40.75 17.23
N GLN A 142 11.64 40.25 16.02
CA GLN A 142 12.26 40.84 14.84
C GLN A 142 11.35 41.85 14.15
N ALA A 143 10.41 42.44 14.87
CA ALA A 143 9.65 43.60 14.40
C ALA A 143 8.92 43.31 13.10
N ALA A 144 8.43 42.09 12.92
CA ALA A 144 7.75 41.75 11.69
C ALA A 144 6.60 42.73 11.46
N PRO A 145 6.32 43.10 10.21
CA PRO A 145 5.32 44.14 9.95
C PRO A 145 3.89 43.65 9.85
N VAL A 146 3.67 42.34 9.86
CA VAL A 146 2.35 41.76 9.79
C VAL A 146 2.26 40.70 10.86
N THR A 147 1.38 40.92 11.84
CA THR A 147 1.26 40.04 12.98
C THR A 147 -0.10 39.34 12.94
N LEU A 148 -0.42 38.62 14.02
CA LEU A 148 -1.56 37.74 14.05
C LEU A 148 -2.53 38.19 15.13
N GLN A 149 -3.81 38.16 14.83
CA GLN A 149 -4.85 38.59 15.75
C GLN A 149 -5.92 37.52 15.82
N LEU A 150 -6.24 37.09 17.04
CA LEU A 150 -7.24 36.05 17.29
C LEU A 150 -8.47 36.68 17.94
N LEU A 151 -9.58 36.65 17.22
CA LEU A 151 -10.85 37.18 17.71
C LEU A 151 -11.73 36.01 18.13
N PHE A 152 -12.12 36.01 19.39
CA PHE A 152 -13.10 35.04 19.90
C PHE A 152 -14.36 35.84 20.22
N LEU A 153 -15.30 35.84 19.29
CA LEU A 153 -16.46 36.72 19.35
C LEU A 153 -17.60 36.11 20.17
N ASP A 154 -18.12 36.88 21.11
CA ASP A 154 -19.32 36.51 21.83
C ASP A 154 -20.55 36.90 21.02
N GLY A 155 -21.68 36.29 21.36
CA GLY A 155 -22.96 36.73 20.83
C GLY A 155 -23.06 36.82 19.33
N GLU A 156 -22.62 35.78 18.63
CA GLU A 156 -23.03 35.60 17.24
C GLU A 156 -24.49 35.18 17.17
N GLU A 157 -24.83 34.14 17.92
CA GLU A 157 -26.09 33.44 17.75
C GLU A 157 -27.25 34.24 18.32
N ALA A 158 -28.31 34.38 17.52
CA ALA A 158 -29.51 35.07 17.96
C ALA A 158 -29.99 34.49 19.28
N LEU A 159 -30.91 35.18 19.94
CA LEU A 159 -31.50 34.69 21.18
C LEU A 159 -32.98 34.38 21.03
N LYS A 160 -33.66 34.97 20.06
CA LYS A 160 -35.05 34.65 19.75
C LYS A 160 -35.17 34.59 18.23
N GLU A 161 -34.33 33.76 17.61
CA GLU A 161 -34.31 33.56 16.17
C GLU A 161 -33.93 34.84 15.43
N TRP A 162 -33.04 34.66 14.44
CA TRP A 162 -32.33 35.69 13.67
C TRP A 162 -33.02 37.04 13.46
N GLY A 163 -32.23 38.01 12.98
CA GLY A 163 -32.71 39.34 12.70
C GLY A 163 -31.55 40.32 12.78
N PRO A 164 -31.61 41.41 12.01
CA PRO A 164 -30.49 42.37 12.05
C PRO A 164 -30.19 42.88 13.43
N LYS A 165 -31.20 43.16 14.23
CA LYS A 165 -31.00 43.68 15.57
C LYS A 165 -30.98 42.58 16.63
N ASP A 166 -31.16 41.31 16.22
CA ASP A 166 -30.99 40.16 17.11
C ASP A 166 -30.08 39.14 16.43
N SER A 167 -28.79 39.48 16.33
CA SER A 167 -27.78 38.63 15.71
C SER A 167 -26.44 39.35 15.67
N LEU A 168 -25.35 38.61 15.84
CA LEU A 168 -24.01 39.15 15.68
C LEU A 168 -23.69 40.25 16.69
N TYR A 169 -24.26 40.17 17.89
CA TYR A 169 -23.98 41.21 18.87
C TYR A 169 -22.48 41.45 19.02
N GLY A 170 -21.70 40.38 19.12
CA GLY A 170 -20.28 40.55 19.38
C GLY A 170 -19.56 41.19 18.21
N SER A 171 -19.77 40.67 17.01
CA SER A 171 -19.06 41.21 15.85
C SER A 171 -19.48 42.63 15.57
N ARG A 172 -20.79 42.89 15.46
CA ARG A 172 -21.26 44.23 15.19
C ARG A 172 -20.68 45.25 16.16
N HIS A 173 -20.32 44.83 17.37
CA HIS A 173 -19.79 45.81 18.32
C HIS A 173 -18.29 46.01 18.14
N LEU A 174 -17.53 44.92 18.06
CA LEU A 174 -16.09 45.09 17.92
C LEU A 174 -15.72 45.79 16.64
N ALA A 175 -16.50 45.58 15.57
CA ALA A 175 -16.27 46.33 14.35
C ALA A 175 -16.62 47.79 14.54
N GLN A 176 -17.54 48.08 15.46
CA GLN A 176 -17.86 49.48 15.77
C GLN A 176 -16.74 50.11 16.58
N LEU A 177 -16.29 49.43 17.63
CA LEU A 177 -15.14 49.91 18.41
C LEU A 177 -13.92 50.04 17.51
N MET A 178 -13.60 48.99 16.76
CA MET A 178 -12.38 49.01 15.96
C MET A 178 -12.36 50.16 14.98
N GLU A 179 -13.54 50.59 14.51
CA GLU A 179 -13.57 51.72 13.58
C GLU A 179 -13.34 53.05 14.28
N SER A 180 -13.56 53.13 15.59
CA SER A 180 -13.33 54.36 16.33
C SER A 180 -11.87 54.57 16.68
N ILE A 181 -11.08 53.50 16.73
CA ILE A 181 -9.73 53.55 17.28
C ILE A 181 -8.78 53.96 16.17
N PRO A 182 -8.03 55.06 16.32
CA PRO A 182 -7.09 55.45 15.26
C PRO A 182 -5.87 54.56 15.26
N HIS A 183 -5.23 54.48 14.10
CA HIS A 183 -4.08 53.60 13.93
C HIS A 183 -3.14 54.20 12.89
N SER A 184 -1.84 54.09 13.14
CA SER A 184 -0.82 54.51 12.19
C SER A 184 -0.02 53.30 11.67
N PRO A 185 -0.02 53.08 10.35
CA PRO A 185 -0.80 53.80 9.35
C PRO A 185 -2.25 53.44 9.56
N GLY A 186 -3.14 53.75 8.65
CA GLY A 186 -4.51 53.32 8.84
C GLY A 186 -5.53 53.94 7.93
N PRO A 187 -6.34 54.86 8.46
CA PRO A 187 -6.27 55.58 9.73
C PRO A 187 -6.90 54.93 10.97
N THR A 188 -7.68 53.86 10.80
CA THR A 188 -8.36 53.22 11.94
C THR A 188 -7.84 51.79 12.12
N ARG A 189 -8.22 51.20 13.25
CA ARG A 189 -7.80 49.82 13.50
C ARG A 189 -8.53 48.84 12.58
N ILE A 190 -9.61 49.27 11.93
CA ILE A 190 -10.29 48.40 10.97
C ILE A 190 -9.38 48.12 9.79
N GLN A 191 -8.55 49.09 9.38
CA GLN A 191 -7.63 48.87 8.29
C GLN A 191 -6.43 48.04 8.70
N ALA A 192 -6.18 47.90 10.01
CA ALA A 192 -5.17 46.96 10.47
C ALA A 192 -5.40 45.59 9.88
N ILE A 193 -6.65 45.21 9.68
CA ILE A 193 -7.00 43.85 9.27
C ILE A 193 -6.67 43.72 7.79
N GLU A 194 -5.57 43.04 7.49
CA GLU A 194 -5.22 42.75 6.10
C GLU A 194 -6.09 41.65 5.53
N LEU A 195 -6.61 40.77 6.38
CA LEU A 195 -7.42 39.66 5.92
C LEU A 195 -8.20 39.09 7.10
N PHE A 196 -9.50 38.87 6.90
CA PHE A 196 -10.40 38.40 7.95
C PHE A 196 -10.75 36.94 7.62
N MET A 197 -9.98 36.03 8.20
CA MET A 197 -10.21 34.61 8.02
C MET A 197 -11.16 34.11 9.11
N LEU A 198 -12.35 33.68 8.71
CA LEU A 198 -13.45 33.40 9.63
C LEU A 198 -13.76 31.92 9.60
N LEU A 199 -13.42 31.23 10.69
CA LEU A 199 -13.74 29.82 10.83
C LEU A 199 -15.11 29.67 11.49
N ASP A 200 -15.94 28.82 10.92
CA ASP A 200 -17.25 28.49 11.48
C ASP A 200 -17.66 27.13 10.93
N LEU A 201 -18.30 26.33 11.77
CA LEU A 201 -18.85 25.03 11.37
C LEU A 201 -17.75 24.11 10.82
N LEU A 202 -16.81 23.77 11.70
CA LEU A 202 -15.73 22.89 11.36
C LEU A 202 -15.68 21.74 12.34
N GLY A 203 -15.34 20.56 11.82
CA GLY A 203 -15.21 19.36 12.62
C GLY A 203 -16.20 18.29 12.25
N ALA A 204 -17.21 18.61 11.46
CA ALA A 204 -18.05 17.55 10.95
C ALA A 204 -17.28 16.79 9.88
N PRO A 205 -17.61 15.52 9.68
CA PRO A 205 -16.84 14.72 8.72
C PRO A 205 -17.17 15.11 7.29
N ASN A 206 -16.15 15.02 6.46
CA ASN A 206 -16.29 15.23 5.02
C ASN A 206 -16.97 16.55 4.73
N PRO A 207 -16.42 17.68 5.17
CA PRO A 207 -16.97 18.98 4.85
C PRO A 207 -16.59 19.35 3.43
N THR A 208 -17.08 20.51 2.98
CA THR A 208 -16.66 21.07 1.71
C THR A 208 -16.67 22.59 1.81
N PHE A 209 -15.59 23.21 1.38
CA PHE A 209 -15.47 24.64 1.41
C PHE A 209 -15.37 25.20 0.00
N TYR A 210 -15.64 26.49 -0.13
CA TYR A 210 -15.68 27.17 -1.41
C TYR A 210 -15.26 28.61 -1.21
N SER A 211 -15.00 29.30 -2.31
CA SER A 211 -14.64 30.72 -2.26
C SER A 211 -15.92 31.55 -2.41
N HIS A 212 -16.42 32.03 -1.28
CA HIS A 212 -17.56 32.94 -1.28
C HIS A 212 -17.16 34.38 -1.56
N PHE A 213 -15.87 34.63 -1.82
CA PHE A 213 -15.39 35.99 -2.07
C PHE A 213 -14.30 35.94 -3.14
N PRO A 214 -14.52 36.54 -4.31
CA PRO A 214 -13.45 36.57 -5.32
C PRO A 214 -12.36 37.59 -5.00
N ARG A 215 -12.64 38.55 -4.12
CA ARG A 215 -11.59 39.43 -3.65
C ARG A 215 -10.44 38.63 -3.04
N THR A 216 -10.75 37.51 -2.39
CA THR A 216 -9.77 36.75 -1.63
C THR A 216 -9.54 35.36 -2.19
N VAL A 217 -10.03 35.07 -3.40
CA VAL A 217 -9.93 33.70 -3.91
C VAL A 217 -8.48 33.26 -4.00
N ARG A 218 -7.56 34.21 -4.17
CA ARG A 218 -6.14 33.90 -4.16
C ARG A 218 -5.79 33.03 -2.95
N TRP A 219 -6.28 33.40 -1.78
CA TRP A 219 -5.88 32.70 -0.56
C TRP A 219 -6.60 31.37 -0.41
N PHE A 220 -7.83 31.25 -0.93
CA PHE A 220 -8.50 29.96 -0.94
C PHE A 220 -7.72 28.96 -1.79
N HIS A 221 -7.31 29.38 -3.00
CA HIS A 221 -6.45 28.53 -3.81
C HIS A 221 -5.29 28.01 -2.99
N ARG A 222 -4.54 28.91 -2.37
CA ARG A 222 -3.45 28.50 -1.50
C ARG A 222 -3.95 27.49 -0.48
N LEU A 223 -5.05 27.82 0.20
CA LEU A 223 -5.62 26.86 1.14
C LEU A 223 -5.85 25.52 0.47
N ARG A 224 -6.28 25.54 -0.78
CA ARG A 224 -6.47 24.29 -1.50
C ARG A 224 -5.14 23.67 -1.90
N SER A 225 -4.18 24.49 -2.33
CA SER A 225 -2.86 23.97 -2.65
C SER A 225 -2.17 23.43 -1.42
N ILE A 226 -2.48 23.96 -0.24
CA ILE A 226 -1.88 23.40 0.96
C ILE A 226 -2.44 22.00 1.20
N GLU A 227 -3.75 21.82 1.05
CA GLU A 227 -4.25 20.46 0.86
C GLU A 227 -3.57 19.91 -0.38
N LYS A 228 -3.06 18.69 -0.30
CA LYS A 228 -2.23 18.13 -1.40
C LYS A 228 -1.30 19.23 -1.94
N ARG A 229 -0.09 19.47 -1.40
CA ARG A 229 0.66 18.69 -0.42
C ARG A 229 -0.07 18.20 0.83
N LEU A 230 0.71 17.62 1.74
CA LEU A 230 0.20 16.92 2.90
C LEU A 230 -0.48 15.64 2.43
N HIS A 231 -1.52 15.74 1.59
CA HIS A 231 -2.03 14.51 1.01
C HIS A 231 -0.96 13.83 0.18
N ARG A 232 -0.26 14.60 -0.64
CA ARG A 232 0.79 14.00 -1.44
C ARG A 232 2.04 13.70 -0.61
N LEU A 233 2.07 14.15 0.65
CA LEU A 233 3.18 13.84 1.55
C LEU A 233 2.82 12.82 2.62
N ASN A 234 1.64 12.20 2.53
CA ASN A 234 1.18 11.29 3.56
C ASN A 234 1.25 11.96 4.93
N LEU A 235 0.48 13.03 5.06
CA LEU A 235 0.36 13.79 6.30
C LEU A 235 -1.09 14.18 6.58
N LEU A 236 -2.05 13.60 5.87
CA LEU A 236 -3.46 13.76 6.19
C LEU A 236 -4.06 12.38 6.45
N GLN A 237 -4.97 12.31 7.41
CA GLN A 237 -5.66 11.06 7.72
C GLN A 237 -6.95 10.97 6.92
N SER A 238 -7.28 9.76 6.49
CA SER A 238 -8.59 9.49 5.89
C SER A 238 -8.86 10.45 4.73
N HIS A 239 -7.93 10.50 3.79
CA HIS A 239 -7.96 11.48 2.71
C HIS A 239 -7.75 10.80 1.36
N PRO A 240 -8.60 9.82 1.02
CA PRO A 240 -8.39 9.01 -0.19
C PRO A 240 -8.18 9.83 -1.44
N GLN A 241 -9.16 10.64 -1.81
CA GLN A 241 -9.00 11.54 -2.94
C GLN A 241 -7.99 12.63 -2.57
N GLU A 242 -7.68 13.49 -3.54
CA GLU A 242 -6.57 14.41 -3.34
C GLU A 242 -7.04 15.78 -2.88
N VAL A 243 -7.83 16.46 -3.67
CA VAL A 243 -8.59 17.59 -3.18
C VAL A 243 -9.90 17.05 -2.64
N MET A 244 -10.27 17.47 -1.43
CA MET A 244 -11.47 16.96 -0.81
C MET A 244 -12.22 18.05 -0.06
N TYR A 245 -11.54 18.78 0.82
CA TYR A 245 -12.21 19.86 1.55
C TYR A 245 -12.38 21.09 0.67
N PHE A 246 -11.27 21.73 0.30
CA PHE A 246 -11.32 23.00 -0.40
C PHE A 246 -11.57 22.72 -1.86
N GLN A 247 -12.76 22.88 -2.26
CA GLN A 247 -13.09 22.56 -3.63
C GLN A 247 -12.98 23.79 -4.51
N PRO A 248 -12.90 23.62 -5.82
CA PRO A 248 -12.93 24.77 -6.72
C PRO A 248 -14.35 25.19 -7.00
N GLY A 249 -14.49 26.46 -7.34
CA GLY A 249 -15.78 26.95 -7.78
C GLY A 249 -15.93 28.43 -7.56
N GLU A 250 -17.12 28.78 -7.14
CA GLU A 250 -17.55 30.15 -6.92
C GLU A 250 -18.69 29.93 -5.92
N PRO A 251 -19.82 30.64 -6.01
CA PRO A 251 -20.80 31.08 -4.99
C PRO A 251 -20.90 30.05 -3.83
N PHE A 252 -22.02 29.69 -3.18
CA PHE A 252 -23.28 30.43 -2.97
C PHE A 252 -23.26 31.94 -3.27
N GLY A 253 -22.39 32.65 -2.58
CA GLY A 253 -22.34 34.08 -2.71
C GLY A 253 -22.22 34.72 -1.35
N SER A 254 -23.00 34.23 -0.38
CA SER A 254 -22.91 34.73 0.99
C SER A 254 -23.81 33.92 1.90
N VAL A 255 -23.43 33.87 3.16
CA VAL A 255 -24.29 33.41 4.24
C VAL A 255 -23.96 34.27 5.47
N GLU A 256 -24.99 34.71 6.19
CA GLU A 256 -24.80 35.69 7.24
C GLU A 256 -24.02 35.09 8.40
N ASP A 257 -22.94 35.77 8.80
CA ASP A 257 -22.06 35.28 9.86
C ASP A 257 -21.28 36.46 10.42
N ASP A 258 -20.38 36.17 11.37
CA ASP A 258 -19.65 37.22 12.09
C ASP A 258 -18.83 38.13 11.20
N HIS A 259 -18.62 37.79 9.93
CA HIS A 259 -17.78 38.63 9.10
C HIS A 259 -18.49 39.90 8.67
N ILE A 260 -19.81 39.98 8.82
CA ILE A 260 -20.57 41.03 8.14
C ILE A 260 -20.20 42.42 8.62
N PRO A 261 -20.20 42.73 9.91
CA PRO A 261 -19.87 44.10 10.32
C PRO A 261 -18.57 44.59 9.72
N PHE A 262 -17.64 43.68 9.47
CA PHE A 262 -16.34 44.04 8.93
C PHE A 262 -16.37 44.16 7.42
N LEU A 263 -17.30 43.52 6.75
CA LEU A 263 -17.37 43.68 5.31
C LEU A 263 -18.07 45.00 4.95
N ARG A 264 -19.10 45.38 5.70
CA ARG A 264 -19.67 46.70 5.53
C ARG A 264 -18.57 47.76 5.50
N ARG A 265 -17.54 47.57 6.34
CA ARG A 265 -16.45 48.52 6.48
C ARG A 265 -15.31 48.24 5.51
N GLY A 266 -15.51 47.30 4.58
CA GLY A 266 -14.60 47.10 3.48
C GLY A 266 -13.38 46.25 3.77
N VAL A 267 -13.53 45.16 4.51
CA VAL A 267 -12.40 44.31 4.88
C VAL A 267 -12.33 43.10 3.94
N PRO A 268 -11.14 42.63 3.59
CA PRO A 268 -11.04 41.36 2.86
C PRO A 268 -11.43 40.20 3.77
N VAL A 269 -12.32 39.35 3.29
CA VAL A 269 -12.93 38.32 4.12
C VAL A 269 -12.81 36.99 3.40
N LEU A 270 -12.02 36.09 3.96
CA LEU A 270 -12.11 34.68 3.59
C LEU A 270 -13.08 34.02 4.55
N HIS A 271 -14.28 33.72 4.06
CA HIS A 271 -15.20 32.91 4.84
C HIS A 271 -14.80 31.46 4.69
N LEU A 272 -14.38 30.86 5.79
CA LEU A 272 -13.91 29.48 5.80
C LEU A 272 -14.92 28.63 6.57
N ILE A 273 -16.07 28.44 5.94
CA ILE A 273 -17.22 27.79 6.56
C ILE A 273 -17.61 26.60 5.69
N SER A 274 -18.04 25.53 6.34
CA SER A 274 -18.48 24.35 5.61
C SER A 274 -19.80 24.63 4.91
N THR A 275 -19.82 24.43 3.60
CA THR A 275 -21.04 24.58 2.82
C THR A 275 -21.24 23.29 2.02
N PRO A 276 -22.21 22.44 2.43
CA PRO A 276 -23.31 22.67 3.37
C PRO A 276 -22.92 22.60 4.82
N PHE A 277 -23.87 22.97 5.67
CA PHE A 277 -23.68 22.86 7.09
C PHE A 277 -23.68 21.40 7.51
N PRO A 278 -23.00 21.08 8.59
CA PRO A 278 -23.02 19.70 9.07
C PRO A 278 -24.44 19.16 9.13
N ALA A 279 -24.60 17.83 9.06
CA ALA A 279 -25.92 17.27 9.19
C ALA A 279 -26.49 17.39 10.59
N VAL A 280 -25.76 18.04 11.50
CA VAL A 280 -26.19 18.14 12.89
C VAL A 280 -26.48 19.57 13.32
N TRP A 281 -25.97 20.58 12.62
CA TRP A 281 -26.43 21.94 12.79
C TRP A 281 -27.90 21.91 12.43
N HIS A 282 -28.83 22.47 13.21
CA HIS A 282 -28.69 23.00 14.56
C HIS A 282 -29.45 22.06 15.49
N THR A 283 -28.85 20.99 15.97
CA THR A 283 -29.53 20.07 16.85
C THR A 283 -28.71 19.81 18.08
N PRO A 284 -29.28 19.18 19.10
CA PRO A 284 -28.49 18.70 20.23
C PRO A 284 -27.64 17.48 19.88
N ALA A 285 -27.60 17.14 18.59
CA ALA A 285 -26.69 16.12 18.09
C ALA A 285 -25.35 16.70 17.65
N ASP A 286 -25.08 17.97 17.93
CA ASP A 286 -23.75 18.53 17.69
C ASP A 286 -22.95 18.38 18.97
N THR A 287 -22.14 17.33 19.03
CA THR A 287 -21.48 16.94 20.27
C THR A 287 -20.18 16.24 19.92
N GLU A 288 -19.24 16.28 20.86
CA GLU A 288 -17.90 15.72 20.66
C GLU A 288 -17.93 14.40 19.89
N VAL A 289 -19.00 13.64 20.05
CA VAL A 289 -19.02 12.29 19.53
C VAL A 289 -19.32 12.27 18.03
N ASN A 290 -20.02 13.26 17.50
CA ASN A 290 -20.36 13.27 16.09
C ASN A 290 -19.30 13.93 15.22
N LEU A 291 -18.26 14.50 15.83
CA LEU A 291 -17.14 15.03 15.07
C LEU A 291 -16.37 13.91 14.40
N HIS A 292 -15.34 14.30 13.65
CA HIS A 292 -14.44 13.35 12.99
C HIS A 292 -13.03 13.83 13.29
N PRO A 293 -12.42 13.34 14.36
CA PRO A 293 -11.14 13.88 14.82
C PRO A 293 -10.13 14.01 13.70
N PRO A 294 -10.04 13.03 12.79
CA PRO A 294 -9.12 13.20 11.67
C PRO A 294 -9.38 14.49 10.92
N THR A 295 -10.61 14.65 10.43
CA THR A 295 -10.96 15.85 9.68
C THR A 295 -10.58 17.10 10.46
N VAL A 296 -10.78 17.08 11.78
CA VAL A 296 -10.33 18.20 12.60
C VAL A 296 -8.83 18.40 12.45
N HIS A 297 -8.05 17.37 12.80
CA HIS A 297 -6.61 17.51 12.83
C HIS A 297 -6.00 17.86 11.47
N ASN A 298 -6.71 17.58 10.38
CA ASN A 298 -6.22 18.01 9.08
C ASN A 298 -6.44 19.51 8.90
N LEU A 299 -7.66 19.97 9.15
CA LEU A 299 -7.93 21.40 9.09
C LEU A 299 -6.90 22.16 9.90
N CYS A 300 -6.69 21.73 11.15
CA CYS A 300 -5.61 22.30 11.94
C CYS A 300 -4.30 22.30 11.16
N ARG A 301 -3.93 21.15 10.59
CA ARG A 301 -2.67 21.06 9.87
C ARG A 301 -2.64 22.05 8.72
N ILE A 302 -3.65 22.00 7.85
CA ILE A 302 -3.73 22.95 6.74
C ILE A 302 -3.56 24.38 7.27
N LEU A 303 -4.46 24.79 8.16
CA LEU A 303 -4.38 26.13 8.73
C LEU A 303 -2.97 26.44 9.21
N ALA A 304 -2.41 25.57 10.04
CA ALA A 304 -1.07 25.81 10.58
C ALA A 304 -0.10 26.17 9.47
N VAL A 305 -0.11 25.39 8.39
CA VAL A 305 0.78 25.68 7.26
C VAL A 305 0.49 27.07 6.71
N PHE A 306 -0.73 27.29 6.23
CA PHE A 306 -1.20 28.59 5.78
C PHE A 306 -0.59 29.69 6.65
N LEU A 307 -0.89 29.65 7.95
CA LEU A 307 -0.34 30.64 8.87
C LEU A 307 1.16 30.81 8.69
N ALA A 308 1.87 29.71 8.50
CA ALA A 308 3.33 29.82 8.39
C ALA A 308 3.72 30.42 7.05
N GLU A 309 3.04 30.03 5.97
CA GLU A 309 3.33 30.64 4.68
C GLU A 309 2.85 32.10 4.64
N TYR A 310 1.77 32.43 5.34
CA TYR A 310 1.22 33.77 5.24
C TYR A 310 2.09 34.79 5.96
N LEU A 311 2.49 34.48 7.18
CA LEU A 311 3.31 35.40 7.97
C LEU A 311 4.80 35.12 7.81
N GLY A 312 5.18 34.29 6.84
CA GLY A 312 6.59 33.99 6.62
C GLY A 312 7.32 33.51 7.85
N LEU A 313 6.68 32.70 8.67
CA LEU A 313 7.33 32.13 9.84
C LEU A 313 8.34 31.08 9.39
N VAL B 1 4.81 -42.62 22.18
CA VAL B 1 4.97 -41.29 21.61
C VAL B 1 3.68 -40.41 21.66
N PRO B 2 2.49 -41.02 22.01
CA PRO B 2 1.27 -40.19 22.17
C PRO B 2 0.83 -39.94 23.61
N LEU B 3 -0.46 -39.64 23.85
CA LEU B 3 -0.97 -39.35 25.19
C LEU B 3 -2.50 -39.46 25.23
N ILE B 4 -3.07 -39.16 26.41
CA ILE B 4 -4.48 -39.37 26.76
C ILE B 4 -5.41 -38.42 26.00
N GLY B 5 -5.82 -38.83 24.80
CA GLY B 5 -6.67 -38.01 23.94
C GLY B 5 -6.16 -38.09 22.52
N SER B 6 -4.96 -38.67 22.38
CA SER B 6 -4.21 -38.70 21.13
C SER B 6 -5.03 -39.06 19.90
N LEU B 7 -4.55 -38.61 18.75
CA LEU B 7 -5.14 -38.88 17.45
C LEU B 7 -4.59 -40.20 16.89
N PRO B 8 -5.45 -41.10 16.45
CA PRO B 8 -4.96 -42.20 15.60
C PRO B 8 -4.08 -41.68 14.48
N GLU B 9 -2.94 -42.35 14.27
CA GLU B 9 -2.12 -42.01 13.13
C GLU B 9 -2.92 -42.01 11.84
N ALA B 10 -4.02 -42.78 11.81
CA ALA B 10 -4.93 -42.72 10.68
C ALA B 10 -5.40 -41.28 10.46
N ARG B 11 -5.98 -40.66 11.49
CA ARG B 11 -6.51 -39.31 11.36
C ARG B 11 -5.37 -38.30 11.21
N LEU B 12 -4.44 -38.29 12.16
CA LEU B 12 -3.42 -37.25 12.21
C LEU B 12 -2.79 -37.00 10.85
N ARG B 13 -2.47 -38.05 10.11
CA ARG B 13 -1.95 -37.87 8.76
C ARG B 13 -3.04 -37.38 7.80
N ARG B 14 -4.32 -37.65 8.12
CA ARG B 14 -5.40 -37.11 7.32
C ARG B 14 -5.55 -35.61 7.55
N VAL B 15 -5.40 -35.17 8.80
CA VAL B 15 -5.57 -33.77 9.17
C VAL B 15 -4.56 -32.92 8.43
N VAL B 16 -3.32 -32.95 8.91
CA VAL B 16 -2.16 -32.36 8.25
C VAL B 16 -2.36 -32.31 6.74
N GLY B 17 -2.93 -33.38 6.18
CA GLY B 17 -3.14 -33.43 4.75
C GLY B 17 -3.97 -32.28 4.22
N GLN B 18 -4.82 -31.71 5.06
CA GLN B 18 -5.70 -30.63 4.65
C GLN B 18 -5.10 -29.25 4.88
N LEU B 19 -3.89 -29.18 5.43
CA LEU B 19 -3.15 -27.94 5.43
C LEU B 19 -2.59 -27.68 4.03
N ASP B 20 -2.52 -26.40 3.66
CA ASP B 20 -2.15 -25.98 2.31
C ASP B 20 -1.12 -24.87 2.40
N PRO B 21 0.17 -25.21 2.50
CA PRO B 21 1.19 -24.17 2.68
C PRO B 21 1.03 -23.00 1.73
N GLN B 22 0.74 -23.27 0.46
CA GLN B 22 0.55 -22.19 -0.49
C GLN B 22 -0.60 -21.30 -0.05
N ARG B 23 -1.68 -21.90 0.42
CA ARG B 23 -2.83 -21.14 0.88
C ARG B 23 -2.46 -20.23 2.04
N LEU B 24 -1.76 -20.79 3.03
CA LEU B 24 -1.19 -19.97 4.08
C LEU B 24 -0.33 -18.86 3.50
N TRP B 25 0.67 -19.25 2.70
CA TRP B 25 1.72 -18.32 2.33
C TRP B 25 1.28 -17.27 1.32
N SER B 26 0.25 -17.56 0.52
CA SER B 26 -0.12 -16.69 -0.58
C SER B 26 -1.49 -16.04 -0.43
N THR B 27 -2.39 -16.62 0.37
CA THR B 27 -3.75 -16.12 0.49
C THR B 27 -3.97 -15.38 1.79
N TYR B 28 -3.54 -15.94 2.91
CA TYR B 28 -3.76 -15.34 4.22
C TYR B 28 -2.61 -14.44 4.65
N LEU B 29 -1.36 -14.84 4.37
CA LEU B 29 -0.22 -14.11 4.90
C LEU B 29 0.13 -12.89 4.06
N ARG B 30 0.38 -13.09 2.76
CA ARG B 30 0.92 -12.04 1.91
C ARG B 30 0.17 -10.72 2.00
N PRO B 31 -1.16 -10.69 1.88
CA PRO B 31 -1.87 -9.40 1.86
C PRO B 31 -2.00 -8.74 3.21
N LEU B 32 -1.54 -9.38 4.27
CA LEU B 32 -1.47 -8.76 5.59
C LEU B 32 -0.17 -8.01 5.82
N LEU B 33 0.79 -8.13 4.90
CA LEU B 33 2.09 -7.49 5.06
C LEU B 33 2.05 -6.06 4.52
N VAL B 34 1.11 -5.30 5.07
CA VAL B 34 0.97 -3.88 4.78
C VAL B 34 1.10 -3.12 6.09
N VAL B 35 1.40 -1.82 5.97
CA VAL B 35 1.36 -0.94 7.12
C VAL B 35 -0.07 -0.86 7.60
N ARG B 36 -0.35 -1.42 8.77
CA ARG B 36 -1.72 -1.52 9.26
C ARG B 36 -1.84 -0.97 10.67
N THR B 37 -1.20 0.17 10.92
CA THR B 37 -1.36 0.83 12.20
C THR B 37 -2.81 1.28 12.35
N PRO B 38 -3.28 1.46 13.60
CA PRO B 38 -4.68 1.83 13.80
C PRO B 38 -5.08 3.02 12.96
N GLY B 39 -6.38 3.12 12.67
CA GLY B 39 -6.92 4.20 11.90
C GLY B 39 -6.22 4.45 10.59
N SER B 40 -5.43 3.46 10.14
CA SER B 40 -4.73 3.59 8.88
C SER B 40 -5.43 2.80 7.79
N PRO B 41 -5.28 3.19 6.53
CA PRO B 41 -5.85 2.41 5.43
C PRO B 41 -5.58 0.91 5.55
N GLY B 42 -4.30 0.53 5.62
CA GLY B 42 -3.93 -0.88 5.67
C GLY B 42 -4.73 -1.65 6.71
N ASN B 43 -4.65 -1.20 7.97
CA ASN B 43 -5.44 -1.73 9.06
C ASN B 43 -6.86 -1.98 8.60
N LEU B 44 -7.66 -0.91 8.51
CA LEU B 44 -9.05 -0.99 8.09
C LEU B 44 -9.24 -1.96 6.92
N GLN B 45 -8.29 -1.96 5.98
CA GLN B 45 -8.40 -2.89 4.87
C GLN B 45 -8.28 -4.34 5.33
N VAL B 46 -7.63 -4.58 6.46
CA VAL B 46 -7.47 -5.94 6.97
C VAL B 46 -8.68 -6.37 7.78
N ARG B 47 -9.17 -5.48 8.64
CA ARG B 47 -10.30 -5.83 9.49
C ARG B 47 -11.49 -6.32 8.71
N LYS B 48 -11.55 -6.02 7.42
CA LYS B 48 -12.60 -6.55 6.58
C LYS B 48 -12.16 -7.78 5.81
N PHE B 49 -10.87 -7.91 5.53
CA PHE B 49 -10.36 -9.19 5.06
C PHE B 49 -10.69 -10.28 6.07
N LEU B 50 -10.21 -10.14 7.30
CA LEU B 50 -10.45 -11.14 8.33
C LEU B 50 -11.95 -11.40 8.49
N GLU B 51 -12.75 -10.34 8.65
CA GLU B 51 -14.19 -10.50 8.80
C GLU B 51 -14.79 -11.30 7.64
N ALA B 52 -14.33 -11.04 6.42
CA ALA B 52 -14.87 -11.74 5.27
C ALA B 52 -14.39 -13.19 5.23
N THR B 53 -13.07 -13.37 5.29
CA THR B 53 -12.49 -14.70 5.20
C THR B 53 -13.14 -15.68 6.18
N LEU B 54 -13.63 -15.18 7.32
CA LEU B 54 -14.25 -16.08 8.29
C LEU B 54 -15.70 -16.35 7.95
N ARG B 55 -16.48 -15.31 7.67
CA ARG B 55 -17.88 -15.52 7.32
C ARG B 55 -18.02 -16.35 6.05
N SER B 56 -16.96 -16.45 5.25
CA SER B 56 -16.96 -17.24 4.04
C SER B 56 -16.71 -18.73 4.29
N LEU B 57 -16.88 -19.20 5.52
CA LEU B 57 -16.48 -20.56 5.88
C LEU B 57 -17.69 -21.44 6.05
N THR B 58 -17.66 -22.60 5.37
CA THR B 58 -18.79 -23.50 5.34
C THR B 58 -19.31 -23.81 6.74
N ALA B 59 -18.44 -23.76 7.75
CA ALA B 59 -18.84 -24.10 9.10
C ALA B 59 -19.82 -23.10 9.70
N GLY B 60 -19.86 -21.87 9.19
CA GLY B 60 -20.83 -20.89 9.65
C GLY B 60 -20.39 -20.14 10.89
N TRP B 61 -19.31 -19.38 10.76
CA TRP B 61 -18.77 -18.65 11.90
C TRP B 61 -19.62 -17.43 12.24
N HIS B 62 -19.64 -17.08 13.53
CA HIS B 62 -20.39 -15.94 14.02
C HIS B 62 -19.40 -14.81 14.32
N VAL B 63 -19.06 -14.06 13.29
CA VAL B 63 -18.11 -12.97 13.43
C VAL B 63 -18.86 -11.72 13.88
N GLU B 64 -18.37 -11.09 14.94
CA GLU B 64 -18.86 -9.76 15.30
C GLU B 64 -17.67 -8.82 15.47
N LEU B 65 -17.74 -7.69 14.77
CA LEU B 65 -16.82 -6.60 15.00
C LEU B 65 -17.07 -6.01 16.37
N ASP B 66 -16.01 -5.58 17.03
CA ASP B 66 -16.11 -4.88 18.31
C ASP B 66 -15.53 -3.49 18.11
N PRO B 67 -16.26 -2.62 17.42
CA PRO B 67 -15.78 -1.25 17.23
C PRO B 67 -15.95 -0.42 18.48
N PHE B 68 -14.90 0.34 18.80
CA PHE B 68 -14.91 1.24 19.95
C PHE B 68 -13.97 2.40 19.64
N THR B 69 -13.85 3.30 20.61
CA THR B 69 -13.07 4.51 20.44
C THR B 69 -12.41 4.84 21.77
N ALA B 70 -11.11 5.15 21.74
CA ALA B 70 -10.35 5.25 22.98
C ALA B 70 -9.54 6.53 23.00
N SER B 71 -8.89 6.76 24.13
CA SER B 71 -8.19 8.00 24.43
C SER B 71 -6.69 7.72 24.46
N THR B 72 -5.98 8.17 23.42
CA THR B 72 -4.59 7.84 23.24
C THR B 72 -3.76 9.11 23.05
N PRO B 73 -2.46 9.05 23.37
CA PRO B 73 -1.58 10.20 23.17
C PRO B 73 -1.69 10.83 21.78
N LEU B 74 -2.19 10.10 20.79
CA LEU B 74 -2.48 10.67 19.49
C LEU B 74 -3.94 11.08 19.36
N GLY B 75 -4.56 11.43 20.48
CA GLY B 75 -5.90 11.95 20.50
C GLY B 75 -6.90 10.85 20.79
N PRO B 76 -8.10 10.99 20.27
CA PRO B 76 -9.02 9.85 20.23
C PRO B 76 -8.84 9.06 18.94
N VAL B 77 -8.56 7.76 19.03
CA VAL B 77 -8.44 6.93 17.84
C VAL B 77 -9.49 5.83 17.90
N ASP B 78 -9.96 5.44 16.71
CA ASP B 78 -11.05 4.48 16.54
C ASP B 78 -10.44 3.14 16.13
N PHE B 79 -10.52 2.16 17.02
CA PHE B 79 -10.03 0.83 16.70
C PHE B 79 -11.21 -0.10 16.37
N GLY B 80 -10.92 -1.38 16.27
CA GLY B 80 -11.94 -2.38 16.07
C GLY B 80 -11.40 -3.79 16.25
N ASN B 81 -11.99 -4.55 17.16
CA ASN B 81 -11.62 -5.94 17.31
C ASN B 81 -12.47 -6.81 16.39
N VAL B 82 -11.96 -8.00 16.11
CA VAL B 82 -12.67 -8.97 15.30
C VAL B 82 -12.81 -10.22 16.15
N VAL B 83 -14.01 -10.47 16.62
CA VAL B 83 -14.36 -11.67 17.36
C VAL B 83 -15.01 -12.65 16.38
N ALA B 84 -14.74 -13.93 16.58
CA ALA B 84 -15.25 -14.96 15.66
C ALA B 84 -15.42 -16.25 16.46
N THR B 85 -16.63 -16.46 16.96
CA THR B 85 -16.99 -17.69 17.65
C THR B 85 -17.70 -18.61 16.68
N LEU B 86 -17.28 -19.88 16.65
CA LEU B 86 -17.90 -20.84 15.74
C LEU B 86 -19.29 -21.24 16.21
N ASP B 87 -19.47 -21.44 17.52
CA ASP B 87 -20.74 -21.91 18.08
C ASP B 87 -21.04 -21.15 19.37
N PRO B 88 -21.67 -19.98 19.28
CA PRO B 88 -21.87 -19.15 20.47
C PRO B 88 -22.76 -19.76 21.54
N ARG B 89 -23.58 -20.76 21.24
CA ARG B 89 -24.45 -21.31 22.27
C ARG B 89 -23.77 -22.36 23.14
N ALA B 90 -22.61 -22.88 22.71
CA ALA B 90 -21.99 -24.00 23.39
C ALA B 90 -21.23 -23.56 24.63
N ALA B 91 -21.38 -24.34 25.70
CA ALA B 91 -20.90 -24.08 27.05
C ALA B 91 -19.59 -23.30 27.16
N ARG B 92 -18.50 -23.87 26.65
CA ARG B 92 -17.16 -23.30 26.79
C ARG B 92 -16.55 -23.19 25.40
N HIS B 93 -15.38 -22.56 25.29
CA HIS B 93 -14.72 -22.58 23.99
C HIS B 93 -13.24 -22.29 24.10
N LEU B 94 -12.48 -23.00 23.27
CA LEU B 94 -11.06 -22.72 23.07
C LEU B 94 -10.90 -21.41 22.29
N THR B 95 -10.11 -20.51 22.83
CA THR B 95 -9.94 -19.16 22.29
C THR B 95 -8.52 -19.00 21.79
N LEU B 96 -8.34 -18.89 20.47
CA LEU B 96 -7.07 -18.55 19.89
C LEU B 96 -7.04 -17.07 19.56
N ALA B 97 -5.92 -16.42 19.85
CA ALA B 97 -5.86 -14.96 19.83
C ALA B 97 -4.55 -14.49 19.25
N CYS B 98 -4.57 -13.27 18.76
CA CYS B 98 -3.42 -12.58 18.20
C CYS B 98 -3.91 -11.21 17.76
N HIS B 99 -2.98 -10.30 17.53
CA HIS B 99 -3.30 -8.92 17.15
C HIS B 99 -2.97 -8.70 15.69
N TYR B 100 -3.90 -8.09 14.96
CA TYR B 100 -3.75 -7.86 13.53
C TYR B 100 -3.27 -6.45 13.21
N ASP B 101 -3.09 -5.59 14.21
CA ASP B 101 -2.54 -4.26 13.99
C ASP B 101 -1.01 -4.32 13.99
N SER B 102 -0.39 -3.19 13.66
CA SER B 102 1.05 -3.10 13.49
C SER B 102 1.60 -1.88 14.21
N LYS B 103 2.82 -2.01 14.71
CA LYS B 103 3.41 -0.91 15.47
C LYS B 103 3.55 0.31 14.57
N LEU B 104 3.54 1.47 15.20
CA LEU B 104 3.71 2.73 14.49
C LEU B 104 5.14 3.22 14.63
N PHE B 105 5.80 3.42 13.50
CA PHE B 105 7.19 3.82 13.41
C PHE B 105 7.31 5.21 12.78
N PRO B 106 8.30 6.00 13.18
CA PRO B 106 8.34 7.39 12.76
C PRO B 106 8.39 7.47 11.25
N PRO B 107 8.06 8.62 10.68
CA PRO B 107 7.98 8.72 9.22
C PRO B 107 9.33 8.45 8.58
N GLY B 108 9.30 8.20 7.28
CA GLY B 108 10.53 8.05 6.51
C GLY B 108 11.28 6.77 6.79
N SER B 109 11.30 6.33 8.04
CA SER B 109 11.86 5.02 8.36
C SER B 109 11.07 3.96 7.61
N THR B 110 11.79 3.12 6.84
CA THR B 110 11.22 2.02 6.07
C THR B 110 9.92 1.57 6.71
N PRO B 111 8.84 1.36 5.94
CA PRO B 111 7.59 0.96 6.57
C PRO B 111 7.80 -0.30 7.38
N PHE B 112 7.10 -0.40 8.49
CA PHE B 112 7.19 -1.56 9.36
C PHE B 112 5.90 -2.35 9.23
N VAL B 113 5.99 -3.53 8.62
CA VAL B 113 4.83 -4.36 8.38
C VAL B 113 4.59 -5.40 9.48
N GLY B 114 5.60 -5.68 10.31
CA GLY B 114 5.42 -6.63 11.38
C GLY B 114 5.00 -8.00 10.87
N ALA B 115 5.88 -8.64 10.10
CA ALA B 115 5.56 -9.96 9.56
C ALA B 115 5.39 -10.97 10.69
N THR B 116 6.34 -10.98 11.63
CA THR B 116 6.25 -11.84 12.80
C THR B 116 5.41 -11.22 13.90
N ASP B 117 5.09 -9.94 13.78
CA ASP B 117 4.44 -9.20 14.86
C ASP B 117 3.30 -8.35 14.30
N SER B 118 2.17 -8.96 13.96
CA SER B 118 1.99 -10.42 14.04
C SER B 118 1.05 -10.86 12.95
N ALA B 119 1.59 -10.94 11.74
CA ALA B 119 0.81 -11.37 10.59
C ALA B 119 0.73 -12.89 10.53
N VAL B 120 1.85 -13.56 10.72
CA VAL B 120 1.92 -15.03 10.72
C VAL B 120 0.86 -15.55 11.69
N PRO B 121 0.84 -15.10 12.96
CA PRO B 121 -0.24 -15.57 13.85
C PRO B 121 -1.63 -15.40 13.25
N CYS B 122 -1.98 -14.19 12.82
CA CYS B 122 -3.24 -14.01 12.10
C CYS B 122 -3.37 -15.01 10.97
N ALA B 123 -2.31 -15.18 10.18
CA ALA B 123 -2.37 -16.07 9.03
C ALA B 123 -2.58 -17.50 9.46
N LEU B 124 -1.97 -17.91 10.58
CA LEU B 124 -2.14 -19.29 11.04
C LEU B 124 -3.60 -19.56 11.39
N LEU B 125 -4.18 -18.72 12.26
CA LEU B 125 -5.58 -18.91 12.63
C LEU B 125 -6.47 -19.00 11.40
N LEU B 126 -6.19 -18.18 10.39
CA LEU B 126 -6.95 -18.26 9.15
C LEU B 126 -6.77 -19.61 8.48
N GLU B 127 -5.54 -20.14 8.48
CA GLU B 127 -5.28 -21.44 7.87
C GLU B 127 -5.80 -22.57 8.74
N LEU B 128 -5.59 -22.50 10.05
CA LEU B 128 -6.17 -23.48 10.95
C LEU B 128 -7.69 -23.53 10.78
N ALA B 129 -8.31 -22.37 10.56
CA ALA B 129 -9.76 -22.31 10.47
C ALA B 129 -10.27 -22.88 9.16
N GLN B 130 -9.50 -22.74 8.09
CA GLN B 130 -9.90 -23.24 6.79
C GLN B 130 -9.80 -24.75 6.77
N ALA B 131 -8.57 -25.27 6.75
CA ALA B 131 -8.35 -26.71 6.69
C ALA B 131 -9.36 -27.45 7.55
N LEU B 132 -9.22 -27.32 8.88
CA LEU B 132 -10.12 -27.92 9.84
C LEU B 132 -11.57 -27.46 9.76
N ASP B 133 -12.08 -27.07 8.59
CA ASP B 133 -13.45 -26.57 8.53
C ASP B 133 -14.45 -27.71 8.71
N LEU B 134 -14.45 -28.67 7.79
CA LEU B 134 -15.52 -29.67 7.75
C LEU B 134 -15.62 -30.39 9.07
N GLU B 135 -14.48 -30.65 9.71
CA GLU B 135 -14.48 -31.38 10.97
C GLU B 135 -15.08 -30.51 12.08
N LEU B 136 -14.64 -29.26 12.16
CA LEU B 136 -15.34 -28.29 12.99
C LEU B 136 -16.82 -28.29 12.67
N SER B 137 -17.15 -28.22 11.38
CA SER B 137 -18.54 -28.23 10.95
C SER B 137 -19.26 -29.47 11.47
N ARG B 138 -18.56 -30.60 11.57
CA ARG B 138 -19.17 -31.81 12.13
C ARG B 138 -19.56 -31.58 13.59
N ALA B 139 -18.58 -31.23 14.42
CA ALA B 139 -18.83 -31.12 15.85
C ALA B 139 -19.81 -29.99 16.17
N LYS B 140 -19.81 -28.91 15.38
CA LYS B 140 -20.88 -27.92 15.51
C LYS B 140 -22.24 -28.59 15.31
N LYS B 141 -22.36 -29.37 14.24
CA LYS B 141 -23.61 -30.09 13.96
C LYS B 141 -23.90 -31.16 15.01
N GLN B 142 -22.86 -31.74 15.60
CA GLN B 142 -23.05 -32.70 16.69
C GLN B 142 -23.06 -32.02 18.05
N ALA B 143 -23.48 -30.76 18.10
CA ALA B 143 -23.76 -30.04 19.34
C ALA B 143 -22.59 -30.13 20.31
N ALA B 144 -21.38 -30.08 19.77
CA ALA B 144 -20.19 -30.16 20.60
C ALA B 144 -20.33 -29.22 21.81
N PRO B 145 -19.86 -29.62 22.99
CA PRO B 145 -20.01 -28.77 24.16
C PRO B 145 -18.94 -27.72 24.31
N VAL B 146 -17.85 -27.84 23.55
CA VAL B 146 -16.75 -26.87 23.56
C VAL B 146 -16.47 -26.52 22.11
N THR B 147 -16.56 -25.23 21.78
CA THR B 147 -16.33 -24.78 20.43
C THR B 147 -15.04 -23.97 20.38
N LEU B 148 -14.79 -23.36 19.24
CA LEU B 148 -13.54 -22.66 18.99
C LEU B 148 -13.83 -21.18 18.75
N GLN B 149 -12.98 -20.33 19.31
CA GLN B 149 -13.13 -18.88 19.17
C GLN B 149 -11.81 -18.28 18.72
N LEU B 150 -11.88 -17.36 17.77
CA LEU B 150 -10.71 -16.74 17.17
C LEU B 150 -10.79 -15.23 17.35
N LEU B 151 -9.78 -14.67 17.99
CA LEU B 151 -9.76 -13.25 18.37
C LEU B 151 -8.70 -12.53 17.57
N PHE B 152 -9.12 -11.71 16.63
CA PHE B 152 -8.22 -10.78 15.97
C PHE B 152 -8.40 -9.43 16.63
N LEU B 153 -7.31 -8.89 17.15
CA LEU B 153 -7.33 -7.76 18.07
C LEU B 153 -6.64 -6.57 17.45
N ASP B 154 -7.34 -5.44 17.40
CA ASP B 154 -6.72 -4.19 17.03
C ASP B 154 -5.91 -3.65 18.21
N GLY B 155 -5.27 -2.52 18.00
CA GLY B 155 -4.67 -1.75 19.08
C GLY B 155 -4.02 -2.61 20.14
N GLU B 156 -3.03 -3.39 19.73
CA GLU B 156 -2.14 -4.01 20.71
C GLU B 156 -0.96 -3.08 21.00
N GLU B 157 -0.18 -2.77 19.97
CA GLU B 157 0.95 -1.88 20.13
C GLU B 157 0.53 -0.54 20.70
N ALA B 158 1.44 0.11 21.41
CA ALA B 158 1.26 1.49 21.82
C ALA B 158 1.65 2.43 20.70
N LEU B 159 1.16 3.67 20.78
CA LEU B 159 1.38 4.66 19.73
C LEU B 159 2.50 5.64 20.07
N LYS B 160 2.65 6.03 21.34
CA LYS B 160 3.81 6.77 21.81
C LYS B 160 4.34 6.02 23.03
N GLU B 161 5.15 5.01 22.74
CA GLU B 161 5.85 4.17 23.72
C GLU B 161 4.98 3.70 24.89
N TRP B 162 4.91 2.37 24.99
CA TRP B 162 4.17 1.55 25.96
C TRP B 162 3.73 2.25 27.25
N GLY B 163 2.70 1.68 27.88
CA GLY B 163 2.29 2.13 29.19
C GLY B 163 0.85 1.77 29.53
N PRO B 164 0.63 1.10 30.69
CA PRO B 164 -0.72 0.93 31.24
C PRO B 164 -1.89 1.68 30.60
N LYS B 165 -1.72 2.91 30.13
CA LYS B 165 -2.81 3.65 29.50
C LYS B 165 -2.47 4.00 28.06
N ASP B 166 -1.64 3.16 27.44
CA ASP B 166 -1.28 3.30 26.04
C ASP B 166 -0.74 1.96 25.57
N SER B 167 -1.62 0.97 25.44
CA SER B 167 -1.26 -0.37 25.01
C SER B 167 -2.43 -1.32 25.29
N LEU B 168 -2.67 -2.26 24.38
CA LEU B 168 -3.67 -3.29 24.59
C LEU B 168 -5.07 -2.70 24.59
N TYR B 169 -5.30 -1.71 23.73
CA TYR B 169 -6.66 -1.20 23.53
C TYR B 169 -7.59 -2.33 23.07
N GLY B 170 -7.15 -3.10 22.07
CA GLY B 170 -7.95 -4.22 21.63
C GLY B 170 -8.29 -5.18 22.74
N SER B 171 -7.29 -5.60 23.51
CA SER B 171 -7.53 -6.52 24.61
C SER B 171 -8.38 -5.86 25.69
N ARG B 172 -7.91 -4.73 26.22
CA ARG B 172 -8.56 -4.14 27.38
C ARG B 172 -10.01 -3.79 27.10
N HIS B 173 -10.40 -3.63 25.83
CA HIS B 173 -11.81 -3.34 25.55
C HIS B 173 -12.65 -4.58 25.39
N LEU B 174 -12.11 -5.61 24.71
CA LEU B 174 -12.89 -6.83 24.49
C LEU B 174 -12.97 -7.68 25.73
N ALA B 175 -11.98 -7.60 26.60
CA ALA B 175 -12.11 -8.23 27.91
C ALA B 175 -13.21 -7.56 28.71
N GLN B 176 -13.23 -6.23 28.70
CA GLN B 176 -14.29 -5.50 29.41
C GLN B 176 -15.65 -5.87 28.85
N LEU B 177 -15.77 -5.95 27.53
CA LEU B 177 -17.04 -6.31 26.91
C LEU B 177 -17.49 -7.69 27.37
N MET B 178 -16.73 -8.72 26.99
CA MET B 178 -17.12 -10.11 27.26
C MET B 178 -17.56 -10.34 28.69
N GLU B 179 -17.19 -9.46 29.60
CA GLU B 179 -17.59 -9.58 30.99
C GLU B 179 -18.95 -8.94 31.24
N SER B 180 -19.30 -7.90 30.50
CA SER B 180 -20.64 -7.32 30.60
C SER B 180 -21.69 -8.33 30.15
N ILE B 181 -21.37 -9.14 29.15
CA ILE B 181 -22.36 -9.92 28.42
C ILE B 181 -22.76 -11.18 29.20
N PRO B 182 -24.05 -11.54 29.23
CA PRO B 182 -24.46 -12.80 29.84
C PRO B 182 -24.05 -14.02 29.03
N HIS B 183 -23.81 -15.11 29.74
CA HIS B 183 -23.63 -16.42 29.13
C HIS B 183 -24.08 -17.49 30.12
N SER B 184 -24.47 -18.65 29.60
CA SER B 184 -24.83 -19.78 30.45
C SER B 184 -24.10 -21.04 29.95
N PRO B 185 -23.39 -21.75 30.84
CA PRO B 185 -23.27 -21.72 32.30
C PRO B 185 -22.89 -20.35 32.86
N GLY B 186 -22.05 -19.67 32.11
CA GLY B 186 -21.62 -18.35 32.49
C GLY B 186 -20.89 -18.33 33.80
N PRO B 187 -21.00 -17.23 34.56
CA PRO B 187 -21.95 -16.12 34.37
C PRO B 187 -21.74 -15.19 33.16
N THR B 188 -20.57 -15.15 32.53
CA THR B 188 -20.34 -14.27 31.39
C THR B 188 -19.50 -14.96 30.33
N ARG B 189 -19.42 -14.31 29.17
CA ARG B 189 -18.54 -14.77 28.10
C ARG B 189 -17.08 -14.93 28.55
N ILE B 190 -16.71 -14.42 29.74
CA ILE B 190 -15.33 -14.60 30.19
C ILE B 190 -15.13 -16.01 30.69
N GLN B 191 -16.13 -16.60 31.32
CA GLN B 191 -16.04 -18.00 31.69
C GLN B 191 -16.41 -18.91 30.54
N ALA B 192 -16.69 -18.36 29.36
CA ALA B 192 -16.77 -19.15 28.14
C ALA B 192 -15.40 -19.42 27.56
N ILE B 193 -14.34 -18.92 28.17
CA ILE B 193 -12.98 -19.13 27.72
C ILE B 193 -12.42 -20.28 28.54
N GLU B 194 -12.32 -21.46 27.94
CA GLU B 194 -11.73 -22.59 28.65
C GLU B 194 -10.21 -22.51 28.62
N LEU B 195 -9.66 -21.82 27.62
CA LEU B 195 -8.21 -21.71 27.46
C LEU B 195 -7.92 -20.60 26.46
N PHE B 196 -7.19 -19.58 26.91
CA PHE B 196 -6.83 -18.44 26.09
C PHE B 196 -5.43 -18.70 25.53
N MET B 197 -5.37 -19.21 24.30
CA MET B 197 -4.10 -19.51 23.67
C MET B 197 -3.76 -18.37 22.73
N LEU B 198 -2.70 -17.64 23.05
CA LEU B 198 -2.34 -16.42 22.35
C LEU B 198 -1.11 -16.67 21.49
N LEU B 199 -1.26 -16.55 20.18
CA LEU B 199 -0.13 -16.65 19.28
C LEU B 199 0.47 -15.27 19.04
N ASP B 200 1.80 -15.20 19.11
CA ASP B 200 2.47 -13.93 18.89
C ASP B 200 3.93 -14.20 18.54
N LEU B 201 4.48 -13.37 17.65
CA LEU B 201 5.91 -13.39 17.30
C LEU B 201 6.32 -14.74 16.74
N LEU B 202 5.47 -15.32 15.91
CA LEU B 202 5.78 -16.55 15.21
C LEU B 202 6.22 -16.21 13.79
N GLY B 203 7.10 -17.06 13.25
CA GLY B 203 7.55 -16.91 11.88
C GLY B 203 9.05 -17.00 11.79
N ALA B 204 9.73 -16.50 12.82
CA ALA B 204 11.18 -16.54 12.85
C ALA B 204 11.67 -17.98 12.80
N PRO B 205 12.90 -18.19 12.34
CA PRO B 205 13.45 -19.55 12.32
C PRO B 205 13.85 -20.00 13.71
N ASN B 206 13.70 -21.30 13.96
CA ASN B 206 14.21 -21.90 15.17
C ASN B 206 13.85 -21.03 16.37
N PRO B 207 12.62 -21.09 16.84
CA PRO B 207 12.23 -20.29 18.00
C PRO B 207 12.45 -21.05 19.29
N THR B 208 11.97 -20.52 20.40
CA THR B 208 11.97 -21.23 21.68
C THR B 208 10.74 -20.80 22.47
N PHE B 209 9.93 -21.77 22.89
CA PHE B 209 8.77 -21.51 23.72
C PHE B 209 8.93 -22.19 25.07
N TYR B 210 8.47 -21.51 26.12
CA TYR B 210 8.44 -22.04 27.48
C TYR B 210 7.03 -21.88 28.05
N SER B 211 6.72 -22.66 29.07
CA SER B 211 5.41 -22.60 29.70
C SER B 211 5.44 -21.58 30.82
N HIS B 212 4.76 -20.46 30.62
CA HIS B 212 4.80 -19.38 31.59
C HIS B 212 3.75 -19.52 32.68
N PHE B 213 2.60 -20.11 32.37
CA PHE B 213 1.53 -20.24 33.35
C PHE B 213 1.37 -21.69 33.76
N PRO B 214 1.85 -22.08 34.94
CA PRO B 214 1.75 -23.48 35.35
C PRO B 214 0.35 -24.05 35.25
N ARG B 215 -0.67 -23.25 35.53
CA ARG B 215 -2.05 -23.65 35.33
C ARG B 215 -2.25 -24.36 33.98
N THR B 216 -1.67 -23.83 32.92
CA THR B 216 -1.89 -24.33 31.57
C THR B 216 -0.77 -25.22 31.07
N VAL B 217 0.14 -25.65 31.94
CA VAL B 217 1.31 -26.38 31.46
C VAL B 217 0.94 -27.78 31.02
N ARG B 218 -0.15 -28.34 31.55
CA ARG B 218 -0.65 -29.61 31.04
C ARG B 218 -0.79 -29.58 29.52
N TRP B 219 -1.02 -28.40 28.96
CA TRP B 219 -1.22 -28.22 27.53
C TRP B 219 0.11 -28.00 26.81
N PHE B 220 0.96 -27.13 27.35
CA PHE B 220 2.29 -26.96 26.79
C PHE B 220 3.01 -28.30 26.71
N HIS B 221 2.90 -29.10 27.77
CA HIS B 221 3.33 -30.49 27.69
C HIS B 221 2.79 -31.09 26.41
N ARG B 222 1.47 -31.20 26.32
CA ARG B 222 0.89 -31.89 25.18
C ARG B 222 1.41 -31.28 23.89
N LEU B 223 1.49 -29.94 23.83
CA LEU B 223 2.04 -29.26 22.65
C LEU B 223 3.39 -29.85 22.25
N ARG B 224 4.30 -29.96 23.20
CA ARG B 224 5.58 -30.62 22.93
C ARG B 224 5.34 -32.04 22.44
N SER B 225 4.48 -32.78 23.13
CA SER B 225 4.15 -34.15 22.72
C SER B 225 3.67 -34.22 21.28
N ILE B 226 3.11 -33.13 20.75
CA ILE B 226 2.70 -33.12 19.36
C ILE B 226 3.86 -32.75 18.45
N GLU B 227 4.80 -31.92 18.91
CA GLU B 227 6.07 -31.75 18.21
C GLU B 227 6.89 -32.99 18.56
N LYS B 228 6.90 -33.97 17.67
CA LYS B 228 7.32 -35.31 18.07
C LYS B 228 6.22 -35.75 19.01
N ARG B 229 5.28 -36.60 18.61
CA ARG B 229 5.21 -37.32 17.32
C ARG B 229 5.59 -36.64 16.02
N LEU B 230 4.86 -35.60 15.63
CA LEU B 230 5.03 -34.96 14.32
C LEU B 230 6.47 -35.03 13.77
N HIS B 231 7.47 -35.16 14.64
CA HIS B 231 8.84 -35.38 14.17
C HIS B 231 9.14 -36.86 13.93
N ARG B 232 8.95 -37.69 14.96
CA ARG B 232 9.29 -39.10 14.84
C ARG B 232 8.70 -39.69 13.57
N LEU B 233 7.56 -39.16 13.11
CA LEU B 233 6.90 -39.63 11.89
C LEU B 233 7.40 -38.90 10.65
N ASN B 234 8.63 -38.37 10.69
CA ASN B 234 9.21 -37.66 9.56
C ASN B 234 8.16 -36.78 8.89
N LEU B 235 7.71 -35.74 9.60
CA LEU B 235 6.64 -34.87 9.14
C LEU B 235 6.96 -33.38 9.33
N LEU B 236 8.14 -33.04 9.83
CA LEU B 236 8.54 -31.66 10.06
C LEU B 236 9.79 -31.35 9.25
N GLN B 237 9.78 -30.20 8.57
CA GLN B 237 10.99 -29.74 7.90
C GLN B 237 11.92 -29.06 8.89
N SER B 238 13.18 -28.92 8.47
CA SER B 238 14.21 -28.22 9.24
C SER B 238 14.08 -28.53 10.73
N HIS B 239 13.95 -29.82 11.04
CA HIS B 239 13.76 -30.30 12.40
C HIS B 239 14.81 -31.36 12.69
N PRO B 240 16.07 -30.98 12.74
CA PRO B 240 17.12 -31.92 13.11
C PRO B 240 16.83 -32.59 14.45
N GLN B 241 16.79 -31.79 15.51
CA GLN B 241 16.55 -32.33 16.84
C GLN B 241 15.07 -32.55 17.08
N GLU B 242 14.79 -33.43 18.04
CA GLU B 242 13.42 -33.92 18.20
C GLU B 242 12.54 -32.95 18.94
N VAL B 243 13.10 -32.14 19.82
CA VAL B 243 12.36 -31.10 20.52
C VAL B 243 13.16 -29.82 20.36
N MET B 244 12.76 -28.99 19.40
CA MET B 244 13.41 -27.71 19.19
C MET B 244 12.55 -26.53 19.60
N TYR B 245 11.24 -26.61 19.40
CA TYR B 245 10.35 -25.46 19.60
C TYR B 245 9.93 -25.33 21.06
N PHE B 246 9.11 -26.27 21.54
CA PHE B 246 8.55 -26.19 22.89
C PHE B 246 9.53 -26.85 23.85
N GLN B 247 10.22 -26.04 24.65
CA GLN B 247 11.29 -26.50 25.52
C GLN B 247 10.79 -26.76 26.93
N PRO B 248 11.49 -27.58 27.69
CA PRO B 248 11.20 -27.68 29.12
C PRO B 248 11.72 -26.46 29.83
N GLY B 249 10.92 -25.97 30.77
CA GLY B 249 11.40 -24.86 31.56
C GLY B 249 10.26 -24.19 32.28
N GLU B 250 10.40 -22.90 32.43
CA GLU B 250 9.48 -22.13 33.25
C GLU B 250 9.98 -20.69 33.32
N PRO B 251 9.16 -19.77 33.86
CA PRO B 251 9.53 -18.42 34.28
C PRO B 251 10.28 -18.34 35.64
N PHE B 252 10.74 -17.18 36.15
CA PHE B 252 10.66 -15.85 35.52
C PHE B 252 9.26 -15.30 35.69
N GLY B 253 8.80 -14.51 34.72
CA GLY B 253 7.40 -14.17 34.58
C GLY B 253 7.04 -14.13 33.11
N SER B 254 5.92 -13.52 32.77
CA SER B 254 5.54 -13.42 31.37
C SER B 254 6.03 -12.07 30.83
N VAL B 255 5.48 -11.65 29.71
CA VAL B 255 5.62 -10.29 29.19
C VAL B 255 4.22 -9.75 28.99
N GLU B 256 3.98 -8.50 29.38
CA GLU B 256 2.68 -7.91 29.14
C GLU B 256 2.32 -8.10 27.67
N ASP B 257 1.09 -8.51 27.41
CA ASP B 257 0.64 -8.83 26.07
C ASP B 257 -0.88 -8.86 26.09
N ASP B 258 -1.48 -9.23 24.96
CA ASP B 258 -2.93 -9.15 24.82
C ASP B 258 -3.68 -9.96 25.86
N HIS B 259 -3.01 -10.87 26.56
CA HIS B 259 -3.71 -11.71 27.53
C HIS B 259 -3.99 -11.02 28.86
N ILE B 260 -3.25 -9.97 29.19
CA ILE B 260 -3.26 -9.39 30.53
C ILE B 260 -4.65 -8.97 31.00
N PRO B 261 -5.56 -8.54 30.12
CA PRO B 261 -6.90 -8.19 30.61
C PRO B 261 -7.78 -9.39 30.89
N PHE B 262 -7.56 -10.50 30.18
CA PHE B 262 -8.27 -11.72 30.50
C PHE B 262 -7.67 -12.43 31.70
N LEU B 263 -6.41 -12.14 32.02
CA LEU B 263 -5.80 -12.70 33.21
C LEU B 263 -6.21 -11.94 34.46
N ARG B 264 -6.28 -10.61 34.38
CA ARG B 264 -6.87 -9.86 35.49
C ARG B 264 -8.21 -10.45 35.88
N ARG B 265 -8.95 -10.95 34.89
CA ARG B 265 -10.27 -11.51 35.11
C ARG B 265 -10.26 -13.02 35.30
N GLY B 266 -9.08 -13.64 35.37
CA GLY B 266 -8.97 -15.03 35.77
C GLY B 266 -9.10 -16.04 34.67
N VAL B 267 -8.85 -15.66 33.41
CA VAL B 267 -9.00 -16.62 32.33
C VAL B 267 -7.73 -17.49 32.32
N PRO B 268 -7.85 -18.80 32.10
CA PRO B 268 -6.65 -19.63 31.97
C PRO B 268 -5.94 -19.32 30.66
N VAL B 269 -4.62 -19.09 30.75
CA VAL B 269 -3.85 -18.53 29.66
C VAL B 269 -2.70 -19.46 29.29
N LEU B 270 -2.49 -19.63 27.98
CA LEU B 270 -1.28 -20.25 27.43
C LEU B 270 -0.68 -19.25 26.45
N HIS B 271 0.51 -18.74 26.79
CA HIS B 271 1.17 -17.72 25.98
C HIS B 271 2.12 -18.40 25.00
N LEU B 272 1.88 -18.19 23.71
CA LEU B 272 2.55 -18.92 22.64
C LEU B 272 3.40 -17.93 21.84
N ILE B 273 4.48 -17.46 22.45
CA ILE B 273 5.30 -16.36 21.95
C ILE B 273 6.75 -16.79 22.00
N SER B 274 7.48 -16.55 20.91
CA SER B 274 8.90 -16.83 20.91
C SER B 274 9.59 -16.04 22.01
N THR B 275 10.38 -16.73 22.82
CA THR B 275 11.23 -16.10 23.82
C THR B 275 12.57 -16.83 23.85
N PRO B 276 13.65 -16.17 23.41
CA PRO B 276 13.80 -14.75 23.07
C PRO B 276 13.04 -14.31 21.82
N PHE B 277 12.89 -13.01 21.65
CA PHE B 277 12.21 -12.45 20.51
C PHE B 277 13.02 -12.70 19.24
N PRO B 278 12.41 -12.55 18.07
CA PRO B 278 13.18 -12.55 16.83
C PRO B 278 14.28 -11.50 16.84
N ALA B 279 15.35 -11.78 16.10
CA ALA B 279 16.44 -10.82 16.01
C ALA B 279 16.01 -9.57 15.23
N VAL B 280 15.04 -9.72 14.32
CA VAL B 280 14.52 -8.61 13.54
C VAL B 280 13.40 -7.88 14.25
N TRP B 281 13.09 -8.25 15.48
CA TRP B 281 12.00 -7.66 16.23
C TRP B 281 12.09 -6.13 16.24
N HIS B 282 10.93 -5.49 16.06
CA HIS B 282 10.83 -4.02 16.05
C HIS B 282 11.91 -3.41 15.19
N THR B 283 12.12 -4.02 14.03
CA THR B 283 13.07 -3.59 13.05
C THR B 283 12.30 -3.56 11.74
N PRO B 284 12.44 -2.53 10.93
CA PRO B 284 11.89 -2.62 9.58
C PRO B 284 12.42 -3.84 8.82
N ALA B 285 13.28 -4.64 9.47
CA ALA B 285 13.69 -5.93 8.95
C ALA B 285 12.55 -6.95 8.94
N ASP B 286 11.60 -6.82 9.86
CA ASP B 286 10.49 -7.78 10.01
C ASP B 286 9.73 -7.94 8.70
N THR B 287 10.04 -8.98 7.92
CA THR B 287 9.51 -9.09 6.56
C THR B 287 9.53 -10.54 6.09
N GLU B 288 8.81 -10.80 5.01
CA GLU B 288 8.76 -12.15 4.44
C GLU B 288 10.16 -12.70 4.23
N VAL B 289 11.05 -11.86 3.70
CA VAL B 289 12.39 -12.26 3.30
C VAL B 289 13.22 -12.67 4.53
N ASN B 290 12.63 -12.63 5.72
CA ASN B 290 13.29 -13.13 6.92
C ASN B 290 12.54 -14.25 7.62
N LEU B 291 11.37 -14.65 7.12
CA LEU B 291 10.66 -15.75 7.75
C LEU B 291 11.32 -17.07 7.39
N HIS B 292 11.03 -18.08 8.22
CA HIS B 292 11.48 -19.45 7.98
C HIS B 292 10.26 -20.29 7.66
N PRO B 293 9.82 -20.30 6.41
CA PRO B 293 8.59 -21.01 6.05
C PRO B 293 8.55 -22.40 6.65
N PRO B 294 9.65 -23.15 6.63
CA PRO B 294 9.66 -24.41 7.37
C PRO B 294 9.07 -24.23 8.76
N THR B 295 9.80 -23.55 9.63
CA THR B 295 9.35 -23.33 11.00
C THR B 295 7.89 -22.91 11.02
N VAL B 296 7.46 -22.15 10.02
CA VAL B 296 6.09 -21.67 9.97
C VAL B 296 5.15 -22.86 9.87
N HIS B 297 5.16 -23.50 8.70
CA HIS B 297 4.23 -24.60 8.47
C HIS B 297 4.39 -25.72 9.49
N ASN B 298 5.54 -25.79 10.15
CA ASN B 298 5.72 -26.73 11.25
C ASN B 298 4.71 -26.44 12.36
N LEU B 299 4.79 -25.25 12.95
CA LEU B 299 3.84 -24.83 13.97
C LEU B 299 2.41 -25.05 13.48
N CYS B 300 2.11 -24.61 12.27
CA CYS B 300 0.78 -24.76 11.71
C CYS B 300 0.28 -26.19 11.87
N ARG B 301 1.14 -27.17 11.62
CA ARG B 301 0.74 -28.56 11.79
C ARG B 301 0.57 -28.92 13.26
N ILE B 302 1.52 -28.49 14.10
CA ILE B 302 1.45 -28.77 15.53
C ILE B 302 0.15 -28.23 16.10
N LEU B 303 -0.31 -27.09 15.61
CA LEU B 303 -1.58 -26.55 16.07
C LEU B 303 -2.76 -27.26 15.43
N ALA B 304 -2.70 -27.50 14.12
CA ALA B 304 -3.72 -28.27 13.43
C ALA B 304 -4.07 -29.51 14.23
N VAL B 305 -3.05 -30.30 14.53
CA VAL B 305 -3.19 -31.42 15.45
C VAL B 305 -3.81 -30.90 16.75
N PHE B 306 -3.01 -30.19 17.55
CA PHE B 306 -3.44 -29.70 18.86
C PHE B 306 -4.91 -29.34 18.86
N LEU B 307 -5.33 -28.47 17.95
CA LEU B 307 -6.74 -28.12 17.85
C LEU B 307 -7.61 -29.36 17.79
N ALA B 308 -7.18 -30.36 17.02
CA ALA B 308 -7.98 -31.55 16.82
C ALA B 308 -8.12 -32.36 18.10
N GLU B 309 -7.09 -32.37 18.94
CA GLU B 309 -7.17 -33.19 20.15
C GLU B 309 -7.87 -32.45 21.27
N TYR B 310 -7.72 -31.13 21.36
CA TYR B 310 -8.47 -30.38 22.36
C TYR B 310 -9.96 -30.35 22.02
N LEU B 311 -10.33 -30.50 20.75
CA LEU B 311 -11.72 -30.37 20.33
C LEU B 311 -12.28 -31.66 19.77
N GLY B 312 -11.65 -32.80 20.06
CA GLY B 312 -12.16 -34.11 19.66
C GLY B 312 -12.83 -34.13 18.31
N LEU B 313 -12.13 -33.66 17.29
CA LEU B 313 -12.71 -33.55 15.96
C LEU B 313 -12.48 -34.82 15.16
N VAL C 1 12.37 16.60 -14.57
CA VAL C 1 13.57 17.43 -14.51
C VAL C 1 13.91 17.92 -13.08
N PRO C 2 12.96 17.93 -12.14
CA PRO C 2 13.29 18.34 -10.77
C PRO C 2 13.89 17.22 -9.92
N LEU C 3 14.51 17.67 -8.82
CA LEU C 3 15.21 16.85 -7.83
C LEU C 3 14.30 16.30 -6.73
N ILE C 4 14.85 16.07 -5.53
CA ILE C 4 14.09 15.63 -4.36
C ILE C 4 14.14 16.70 -3.27
N GLY C 5 13.30 17.73 -3.43
CA GLY C 5 13.29 18.86 -2.51
C GLY C 5 13.52 20.15 -3.25
N SER C 6 13.23 20.14 -4.56
CA SER C 6 13.58 21.19 -5.50
C SER C 6 12.94 22.54 -5.18
N LEU C 7 13.01 23.45 -6.15
CA LEU C 7 12.39 24.75 -6.09
C LEU C 7 11.21 24.83 -7.05
N PRO C 8 10.12 25.47 -6.64
CA PRO C 8 9.08 25.84 -7.61
C PRO C 8 9.70 26.66 -8.74
N GLU C 9 9.30 26.34 -9.97
CA GLU C 9 9.76 27.14 -11.10
C GLU C 9 9.58 28.62 -10.81
N ALA C 10 8.48 28.98 -10.14
CA ALA C 10 8.27 30.36 -9.70
C ALA C 10 9.46 30.87 -8.90
N ARG C 11 9.77 30.23 -7.78
CA ARG C 11 10.87 30.71 -6.95
C ARG C 11 12.18 30.70 -7.73
N LEU C 12 12.41 29.65 -8.51
CA LEU C 12 13.68 29.51 -9.22
C LEU C 12 14.01 30.76 -10.02
N ARG C 13 13.11 31.16 -10.92
CA ARG C 13 13.39 32.29 -11.78
C ARG C 13 13.47 33.61 -11.00
N ARG C 14 12.71 33.74 -9.92
CA ARG C 14 12.88 34.90 -9.04
C ARG C 14 14.31 34.95 -8.51
N VAL C 15 14.79 33.83 -7.97
CA VAL C 15 16.14 33.74 -7.43
C VAL C 15 17.12 34.19 -8.50
N VAL C 16 17.27 33.37 -9.53
CA VAL C 16 18.18 33.63 -10.65
C VAL C 16 18.13 35.11 -11.00
N GLY C 17 16.94 35.70 -11.03
CA GLY C 17 16.78 37.09 -11.41
C GLY C 17 17.31 38.09 -10.41
N GLN C 18 17.62 37.66 -9.18
CA GLN C 18 18.23 38.54 -8.20
C GLN C 18 19.74 38.62 -8.36
N LEU C 19 20.31 37.82 -9.26
CA LEU C 19 21.72 37.91 -9.58
C LEU C 19 21.97 39.05 -10.55
N ASP C 20 23.11 39.72 -10.39
CA ASP C 20 23.46 40.87 -11.23
C ASP C 20 24.83 40.62 -11.87
N PRO C 21 24.88 40.19 -13.13
CA PRO C 21 26.18 39.89 -13.74
C PRO C 21 27.19 41.03 -13.67
N GLN C 22 26.76 42.24 -14.02
CA GLN C 22 27.71 43.35 -14.05
C GLN C 22 28.16 43.73 -12.65
N ARG C 23 27.34 43.47 -11.63
CA ARG C 23 27.80 43.61 -10.25
C ARG C 23 28.87 42.59 -9.93
N LEU C 24 28.69 41.35 -10.40
CA LEU C 24 29.71 40.33 -10.22
C LEU C 24 31.02 40.75 -10.87
N TRP C 25 30.95 41.29 -12.08
CA TRP C 25 32.15 41.55 -12.86
C TRP C 25 32.80 42.87 -12.46
N SER C 26 32.02 43.95 -12.44
CA SER C 26 32.60 45.28 -12.21
C SER C 26 32.90 45.54 -10.74
N THR C 27 32.09 45.02 -9.83
CA THR C 27 32.18 45.40 -8.43
C THR C 27 32.82 44.33 -7.55
N TYR C 28 32.66 43.05 -7.89
CA TYR C 28 33.22 41.96 -7.12
C TYR C 28 34.44 41.32 -7.75
N LEU C 29 34.41 41.07 -9.05
CA LEU C 29 35.50 40.34 -9.69
C LEU C 29 36.69 41.25 -9.96
N ARG C 30 36.50 42.28 -10.79
CA ARG C 30 37.57 43.12 -11.29
C ARG C 30 38.58 43.48 -10.21
N PRO C 31 38.18 44.23 -9.17
CA PRO C 31 39.18 44.72 -8.21
C PRO C 31 39.90 43.64 -7.43
N LEU C 32 39.56 42.38 -7.60
CA LEU C 32 40.31 41.29 -6.99
C LEU C 32 41.45 40.81 -7.88
N LEU C 33 41.45 41.22 -9.14
CA LEU C 33 42.52 40.85 -10.08
C LEU C 33 43.72 41.73 -9.80
N VAL C 34 44.45 41.36 -8.76
CA VAL C 34 45.61 42.10 -8.30
C VAL C 34 46.59 41.08 -7.74
N VAL C 35 47.88 41.40 -7.78
CA VAL C 35 48.83 40.62 -7.02
C VAL C 35 48.45 40.73 -5.55
N ARG C 36 48.26 39.57 -4.91
CA ARG C 36 47.85 39.50 -3.52
C ARG C 36 48.44 38.23 -2.91
N THR C 37 49.75 38.13 -2.94
CA THR C 37 50.43 37.02 -2.30
C THR C 37 50.40 37.21 -0.79
N PRO C 38 50.67 36.17 -0.02
CA PRO C 38 50.67 36.32 1.43
C PRO C 38 51.60 37.44 1.89
N GLY C 39 51.19 38.14 2.94
CA GLY C 39 52.01 39.21 3.49
C GLY C 39 51.98 40.49 2.67
N SER C 40 51.81 40.37 1.36
CA SER C 40 51.84 41.51 0.46
C SER C 40 50.87 42.58 0.92
N PRO C 41 51.05 43.82 0.47
CA PRO C 41 50.07 44.87 0.77
C PRO C 41 48.86 44.81 -0.15
N GLY C 42 48.87 43.87 -1.09
CA GLY C 42 47.76 43.70 -2.01
C GLY C 42 46.68 42.86 -1.39
N ASN C 43 47.02 41.66 -0.92
CA ASN C 43 46.02 40.83 -0.26
C ASN C 43 45.43 41.55 0.93
N LEU C 44 46.15 42.52 1.51
CA LEU C 44 45.54 43.39 2.49
C LEU C 44 44.35 44.14 1.89
N GLN C 45 44.59 44.90 0.83
CA GLN C 45 43.50 45.61 0.16
C GLN C 45 42.30 44.71 -0.05
N VAL C 46 42.53 43.52 -0.61
CA VAL C 46 41.47 42.54 -0.80
C VAL C 46 40.89 42.17 0.56
N ARG C 47 41.66 41.37 1.31
CA ARG C 47 41.26 40.91 2.65
C ARG C 47 40.31 41.89 3.30
N LYS C 48 40.73 43.15 3.39
CA LYS C 48 39.85 44.19 3.92
C LYS C 48 38.60 44.34 3.06
N PHE C 49 38.78 44.54 1.76
CA PHE C 49 37.64 44.68 0.84
C PHE C 49 36.63 43.55 1.01
N LEU C 50 37.07 42.35 1.39
CA LEU C 50 36.13 41.28 1.66
C LEU C 50 35.45 41.50 3.00
N GLU C 51 36.25 41.76 4.04
CA GLU C 51 35.72 42.08 5.36
C GLU C 51 34.56 43.05 5.28
N ALA C 52 34.77 44.16 4.56
CA ALA C 52 33.75 45.20 4.51
C ALA C 52 32.56 44.77 3.68
N THR C 53 32.82 44.24 2.47
CA THR C 53 31.73 43.81 1.61
C THR C 53 30.74 42.93 2.36
N LEU C 54 31.24 42.05 3.22
CA LEU C 54 30.36 41.18 3.98
C LEU C 54 29.67 41.94 5.10
N ARG C 55 30.39 42.84 5.77
CA ARG C 55 29.77 43.65 6.80
C ARG C 55 28.73 44.61 6.24
N SER C 56 28.73 44.85 4.92
CA SER C 56 27.79 45.78 4.33
C SER C 56 26.39 45.19 4.20
N LEU C 57 26.21 43.90 4.43
CA LEU C 57 25.00 43.20 4.02
C LEU C 57 23.91 43.35 5.07
N THR C 58 22.67 43.51 4.59
CA THR C 58 21.54 43.69 5.51
C THR C 58 21.37 42.46 6.39
N ALA C 59 21.56 41.27 5.83
CA ALA C 59 21.45 40.02 6.57
C ALA C 59 22.13 40.10 7.92
N GLY C 60 23.34 40.65 7.95
CA GLY C 60 24.04 40.89 9.21
C GLY C 60 25.06 39.82 9.55
N TRP C 61 26.03 39.61 8.68
CA TRP C 61 26.99 38.54 8.86
C TRP C 61 27.96 38.87 10.00
N HIS C 62 28.52 37.82 10.59
CA HIS C 62 29.47 37.94 11.70
C HIS C 62 30.85 37.61 11.15
N VAL C 63 31.56 38.65 10.70
CA VAL C 63 32.81 38.50 9.96
C VAL C 63 33.96 38.63 10.95
N GLU C 64 34.56 37.51 11.32
CA GLU C 64 35.79 37.54 12.11
C GLU C 64 36.99 37.43 11.20
N LEU C 65 38.13 37.84 11.73
CA LEU C 65 39.42 37.72 11.07
C LEU C 65 40.26 36.73 11.86
N ASP C 66 40.98 35.85 11.17
CA ASP C 66 41.93 34.95 11.82
C ASP C 66 43.34 35.29 11.32
N PRO C 67 43.96 36.32 11.87
CA PRO C 67 45.37 36.58 11.57
C PRO C 67 46.25 35.57 12.29
N PHE C 68 47.44 35.36 11.74
CA PHE C 68 48.42 34.53 12.42
C PHE C 68 49.75 34.65 11.69
N THR C 69 50.78 34.05 12.27
CA THR C 69 52.15 34.12 11.79
C THR C 69 52.70 32.71 11.68
N ALA C 70 53.23 32.36 10.52
CA ALA C 70 53.64 30.99 10.24
C ALA C 70 55.05 30.95 9.69
N SER C 71 55.73 29.83 9.95
CA SER C 71 57.10 29.63 9.54
C SER C 71 57.13 29.16 8.09
N THR C 72 57.82 29.90 7.23
CA THR C 72 57.78 29.62 5.80
C THR C 72 59.16 29.87 5.19
N PRO C 73 59.45 29.23 4.05
CA PRO C 73 60.81 29.28 3.49
C PRO C 73 61.37 30.67 3.25
N LEU C 74 60.50 31.68 3.10
CA LEU C 74 60.94 33.04 2.89
C LEU C 74 60.90 33.85 4.17
N GLY C 75 60.89 33.18 5.31
CA GLY C 75 60.86 33.82 6.59
C GLY C 75 59.46 33.78 7.15
N PRO C 76 59.31 34.08 8.43
CA PRO C 76 57.98 34.23 9.01
C PRO C 76 57.12 35.11 8.15
N VAL C 77 55.92 34.66 7.83
CA VAL C 77 54.96 35.41 7.04
C VAL C 77 53.68 35.52 7.84
N ASP C 78 52.99 36.63 7.65
CA ASP C 78 51.72 36.89 8.33
C ASP C 78 50.58 36.56 7.40
N PHE C 79 49.59 35.84 7.93
CA PHE C 79 48.39 35.50 7.19
C PHE C 79 47.17 36.00 7.95
N GLY C 80 46.04 35.98 7.26
CA GLY C 80 44.79 36.42 7.83
C GLY C 80 43.61 35.83 7.09
N ASN C 81 42.89 34.92 7.75
CA ASN C 81 41.72 34.30 7.15
C ASN C 81 40.49 35.15 7.41
N VAL C 82 39.60 35.20 6.41
CA VAL C 82 38.35 35.95 6.50
C VAL C 82 37.22 34.94 6.64
N VAL C 83 36.57 34.93 7.80
CA VAL C 83 35.49 34.00 8.08
C VAL C 83 34.21 34.79 8.30
N ALA C 84 33.22 34.55 7.45
CA ALA C 84 31.90 35.14 7.61
C ALA C 84 30.90 34.02 7.90
N THR C 85 30.43 33.97 9.14
CA THR C 85 29.31 33.12 9.51
C THR C 85 28.04 33.97 9.54
N LEU C 86 26.95 33.41 9.01
CA LEU C 86 25.71 34.19 8.92
C LEU C 86 24.90 34.16 10.20
N ASP C 87 25.06 33.14 11.04
CA ASP C 87 24.16 32.95 12.17
C ASP C 87 24.86 32.08 13.21
N PRO C 88 25.90 32.62 13.85
CA PRO C 88 26.79 31.77 14.67
C PRO C 88 26.10 30.79 15.58
N ARG C 89 24.89 31.10 16.05
CA ARG C 89 24.29 30.27 17.09
C ARG C 89 23.66 29.00 16.54
N ALA C 90 23.29 28.99 15.27
CA ALA C 90 22.78 27.77 14.65
C ALA C 90 23.74 26.62 14.91
N ALA C 91 23.17 25.46 15.21
CA ALA C 91 23.98 24.29 15.53
C ALA C 91 24.95 23.97 14.40
N ARG C 92 24.49 24.04 13.16
CA ARG C 92 25.24 23.59 12.01
C ARG C 92 25.09 24.63 10.90
N HIS C 93 26.07 24.66 10.00
CA HIS C 93 25.99 25.55 8.86
C HIS C 93 26.69 24.92 7.66
N LEU C 94 26.12 25.14 6.50
CA LEU C 94 26.86 24.91 5.27
C LEU C 94 28.03 25.87 5.20
N THR C 95 29.16 25.39 4.69
CA THR C 95 30.36 26.21 4.55
C THR C 95 30.77 26.23 3.09
N LEU C 96 30.83 27.42 2.50
CA LEU C 96 31.39 27.62 1.19
C LEU C 96 32.74 28.29 1.32
N ALA C 97 33.70 27.83 0.51
CA ALA C 97 35.08 28.19 0.75
C ALA C 97 35.83 28.33 -0.55
N CYS C 98 36.94 29.04 -0.46
CA CYS C 98 37.85 29.36 -1.55
C CYS C 98 39.01 30.09 -0.90
N HIS C 99 40.01 30.43 -1.69
CA HIS C 99 41.12 31.24 -1.21
C HIS C 99 41.20 32.55 -2.00
N TYR C 100 41.69 33.59 -1.33
CA TYR C 100 41.82 34.90 -1.92
C TYR C 100 43.25 35.28 -2.26
N ASP C 101 44.23 34.56 -1.75
CA ASP C 101 45.61 34.86 -2.11
C ASP C 101 45.88 34.48 -3.56
N SER C 102 46.98 35.02 -4.08
CA SER C 102 47.51 34.62 -5.38
C SER C 102 48.83 33.92 -5.17
N LYS C 103 49.23 33.12 -6.15
CA LYS C 103 50.55 32.51 -6.06
C LYS C 103 51.62 33.59 -6.25
N LEU C 104 52.80 33.31 -5.71
CA LEU C 104 53.95 34.18 -5.92
C LEU C 104 54.89 33.53 -6.92
N PHE C 105 54.99 34.13 -8.08
CA PHE C 105 55.97 33.78 -9.08
C PHE C 105 57.16 34.71 -8.99
N PRO C 106 58.29 34.34 -9.59
CA PRO C 106 59.46 35.22 -9.57
C PRO C 106 59.09 36.62 -10.00
N PRO C 107 59.98 37.60 -9.81
CA PRO C 107 59.64 38.98 -10.17
C PRO C 107 59.56 39.15 -11.67
N GLY C 108 60.40 40.02 -12.26
CA GLY C 108 60.51 40.20 -13.70
C GLY C 108 59.32 39.78 -14.54
N SER C 109 58.95 38.50 -14.43
CA SER C 109 57.76 37.95 -15.07
C SER C 109 56.58 38.92 -15.05
N THR C 110 55.62 38.70 -15.95
CA THR C 110 54.40 39.48 -15.91
C THR C 110 53.57 39.06 -14.69
N PRO C 111 52.91 40.00 -14.02
CA PRO C 111 52.26 39.64 -12.75
C PRO C 111 51.26 38.52 -12.91
N PHE C 112 51.14 37.72 -11.87
CA PHE C 112 50.16 36.65 -11.80
C PHE C 112 49.08 37.07 -10.81
N VAL C 113 47.87 37.27 -11.32
CA VAL C 113 46.74 37.66 -10.50
C VAL C 113 45.80 36.49 -10.21
N GLY C 114 45.90 35.39 -10.96
CA GLY C 114 45.03 34.26 -10.77
C GLY C 114 43.56 34.63 -10.92
N ALA C 115 43.09 34.72 -12.16
CA ALA C 115 41.67 34.95 -12.38
C ALA C 115 40.87 33.75 -11.94
N THR C 116 41.18 32.58 -12.47
CA THR C 116 40.53 31.34 -12.09
C THR C 116 41.02 30.81 -10.75
N ASP C 117 42.10 31.37 -10.21
CA ASP C 117 42.80 30.76 -9.10
C ASP C 117 43.29 31.82 -8.08
N SER C 118 42.37 32.37 -7.28
CA SER C 118 40.95 32.02 -7.32
C SER C 118 40.10 33.24 -7.02
N ALA C 119 40.09 34.21 -7.95
CA ALA C 119 39.25 35.39 -7.78
C ALA C 119 37.78 35.07 -8.06
N VAL C 120 37.52 34.51 -9.24
CA VAL C 120 36.14 34.18 -9.65
C VAL C 120 35.47 33.31 -8.60
N PRO C 121 36.17 32.38 -7.96
CA PRO C 121 35.60 31.74 -6.77
C PRO C 121 35.23 32.75 -5.71
N CYS C 122 36.21 33.48 -5.17
CA CYS C 122 35.90 34.54 -4.22
C CYS C 122 34.71 35.36 -4.68
N ALA C 123 34.60 35.54 -6.00
CA ALA C 123 33.60 36.45 -6.55
C ALA C 123 32.21 35.85 -6.46
N LEU C 124 32.05 34.59 -6.87
CA LEU C 124 30.74 33.95 -6.80
C LEU C 124 30.23 33.96 -5.37
N LEU C 125 31.12 33.76 -4.40
CA LEU C 125 30.72 33.84 -2.99
C LEU C 125 30.15 35.21 -2.67
N LEU C 126 30.79 36.27 -3.18
CA LEU C 126 30.24 37.61 -2.98
C LEU C 126 28.90 37.76 -3.67
N GLU C 127 28.83 37.37 -4.94
CA GLU C 127 27.59 37.60 -5.68
C GLU C 127 26.44 36.78 -5.13
N LEU C 128 26.74 35.61 -4.56
CA LEU C 128 25.69 34.81 -3.97
C LEU C 128 25.26 35.37 -2.62
N ALA C 129 26.22 35.69 -1.76
CA ALA C 129 25.88 36.28 -0.48
C ALA C 129 25.07 37.57 -0.62
N GLN C 130 25.05 38.16 -1.81
CA GLN C 130 24.36 39.42 -2.05
C GLN C 130 23.03 39.26 -2.75
N ALA C 131 22.93 38.31 -3.68
CA ALA C 131 21.69 38.11 -4.43
C ALA C 131 20.60 37.45 -3.60
N LEU C 132 20.97 36.85 -2.47
CA LEU C 132 20.03 36.22 -1.56
C LEU C 132 20.07 36.88 -0.19
N ASP C 133 20.58 38.11 -0.13
CA ASP C 133 20.78 38.79 1.15
C ASP C 133 19.48 38.94 1.91
N LEU C 134 18.37 39.14 1.20
CA LEU C 134 17.08 39.12 1.86
C LEU C 134 16.77 37.70 2.32
N GLU C 135 16.60 36.80 1.36
CA GLU C 135 16.24 35.42 1.68
C GLU C 135 17.08 34.89 2.83
N LEU C 136 18.36 35.26 2.88
CA LEU C 136 19.20 34.84 4.00
C LEU C 136 18.82 35.59 5.26
N SER C 137 18.68 36.91 5.17
CA SER C 137 18.16 37.67 6.30
C SER C 137 16.92 37.01 6.86
N ARG C 138 16.00 36.60 5.98
CA ARG C 138 14.83 35.83 6.39
C ARG C 138 15.27 34.62 7.21
N ALA C 139 15.97 33.67 6.57
CA ALA C 139 16.36 32.46 7.28
C ALA C 139 17.01 32.79 8.62
N LYS C 140 17.74 33.91 8.70
CA LYS C 140 18.43 34.23 9.95
C LYS C 140 17.44 34.56 11.06
N LYS C 141 16.46 35.42 10.75
CA LYS C 141 15.42 35.74 11.73
C LYS C 141 14.50 34.56 12.01
N GLN C 142 14.45 33.58 11.10
CA GLN C 142 13.64 32.38 11.28
C GLN C 142 14.29 31.37 12.24
N ALA C 143 15.33 31.76 12.98
CA ALA C 143 16.04 30.86 13.89
C ALA C 143 16.36 29.54 13.21
N ALA C 144 16.56 29.60 11.89
CA ALA C 144 16.77 28.39 11.12
C ALA C 144 17.98 27.63 11.66
N PRO C 145 17.93 26.30 11.64
CA PRO C 145 18.93 25.51 12.36
C PRO C 145 20.22 25.29 11.59
N VAL C 146 20.22 25.59 10.30
CA VAL C 146 21.36 25.35 9.43
C VAL C 146 21.61 26.65 8.67
N THR C 147 22.67 27.36 9.05
CA THR C 147 22.93 28.68 8.51
C THR C 147 24.03 28.56 7.44
N LEU C 148 24.68 29.68 7.11
CA LEU C 148 25.64 29.71 6.03
C LEU C 148 26.97 30.30 6.52
N GLN C 149 28.05 29.75 6.01
CA GLN C 149 29.38 30.18 6.34
C GLN C 149 30.17 30.40 5.05
N LEU C 150 30.94 31.49 5.01
CA LEU C 150 31.79 31.80 3.89
C LEU C 150 33.22 31.87 4.37
N LEU C 151 34.10 31.11 3.73
CA LEU C 151 35.52 31.08 4.09
C LEU C 151 36.33 31.61 2.92
N PHE C 152 36.96 32.77 3.11
CA PHE C 152 37.96 33.28 2.20
C PHE C 152 39.32 33.07 2.85
N LEU C 153 40.05 32.09 2.36
CA LEU C 153 41.23 31.57 3.03
C LEU C 153 42.50 32.16 2.43
N ASP C 154 43.47 32.44 3.30
CA ASP C 154 44.75 33.02 2.93
C ASP C 154 45.79 31.92 2.73
N GLY C 155 46.85 32.27 2.00
CA GLY C 155 48.02 31.43 1.91
C GLY C 155 47.74 29.97 1.59
N GLU C 156 46.95 29.74 0.53
CA GLU C 156 46.78 28.38 0.02
C GLU C 156 47.96 28.00 -0.86
N GLU C 157 48.30 28.88 -1.80
CA GLU C 157 49.41 28.63 -2.71
C GLU C 157 50.72 28.63 -1.92
N ALA C 158 51.57 27.65 -2.21
CA ALA C 158 52.88 27.62 -1.59
C ALA C 158 53.61 28.92 -1.87
N LEU C 159 54.73 29.10 -1.19
CA LEU C 159 55.62 30.21 -1.48
C LEU C 159 56.81 29.75 -2.31
N LYS C 160 57.34 28.56 -2.07
CA LYS C 160 58.28 27.95 -3.01
C LYS C 160 58.12 26.44 -3.02
N GLU C 161 57.61 25.96 -4.14
CA GLU C 161 57.36 24.56 -4.44
C GLU C 161 56.64 23.81 -3.34
N TRP C 162 55.43 23.38 -3.68
CA TRP C 162 54.49 22.60 -2.87
C TRP C 162 55.14 21.75 -1.80
N GLY C 163 54.37 21.42 -0.77
CA GLY C 163 54.86 20.63 0.33
C GLY C 163 53.96 20.70 1.55
N PRO C 164 53.97 19.65 2.36
CA PRO C 164 53.16 19.65 3.59
C PRO C 164 53.31 20.88 4.45
N LYS C 165 54.53 21.38 4.63
CA LYS C 165 54.78 22.52 5.51
C LYS C 165 54.96 23.82 4.74
N ASP C 166 54.77 23.81 3.43
CA ASP C 166 54.69 25.03 2.63
C ASP C 166 53.47 24.91 1.72
N SER C 167 52.28 24.96 2.33
CA SER C 167 51.02 24.89 1.60
C SER C 167 49.85 24.99 2.56
N LEU C 168 48.72 25.54 2.09
CA LEU C 168 47.47 25.52 2.84
C LEU C 168 47.60 26.14 4.22
N TYR C 169 48.60 27.00 4.42
CA TYR C 169 48.77 27.73 5.67
C TYR C 169 47.44 28.20 6.22
N GLY C 170 46.58 28.73 5.35
CA GLY C 170 45.33 29.33 5.79
C GLY C 170 44.26 28.32 6.08
N SER C 171 44.20 27.23 5.31
CA SER C 171 43.31 26.14 5.66
C SER C 171 43.80 25.45 6.92
N ARG C 172 45.08 25.10 6.96
CA ARG C 172 45.62 24.40 8.12
C ARG C 172 45.38 25.17 9.41
N HIS C 173 45.48 26.50 9.39
CA HIS C 173 45.31 27.23 10.63
C HIS C 173 43.85 27.26 11.06
N LEU C 174 42.95 27.56 10.14
CA LEU C 174 41.55 27.75 10.53
C LEU C 174 40.96 26.46 11.07
N ALA C 175 41.21 25.34 10.40
CA ALA C 175 40.68 24.07 10.88
C ALA C 175 41.23 23.74 12.25
N GLN C 176 42.51 24.06 12.50
CA GLN C 176 43.03 23.93 13.84
C GLN C 176 42.30 24.86 14.80
N LEU C 177 42.19 26.14 14.44
CA LEU C 177 41.40 27.08 15.21
C LEU C 177 40.01 26.52 15.48
N MET C 178 39.26 26.25 14.41
CA MET C 178 37.92 25.70 14.56
C MET C 178 37.90 24.47 15.45
N GLU C 179 38.99 23.71 15.49
CA GLU C 179 38.99 22.46 16.25
C GLU C 179 38.98 22.73 17.75
N SER C 180 39.76 23.69 18.21
CA SER C 180 39.81 23.98 19.63
C SER C 180 38.51 24.60 20.12
N ILE C 181 37.79 25.28 19.24
CA ILE C 181 36.65 26.10 19.66
C ILE C 181 35.48 25.21 20.06
N PRO C 182 34.96 25.35 21.29
CA PRO C 182 33.71 24.67 21.65
C PRO C 182 32.55 24.95 20.70
N HIS C 183 31.56 24.07 20.75
CA HIS C 183 30.31 24.28 20.03
C HIS C 183 29.28 23.30 20.58
N SER C 184 28.03 23.74 20.62
CA SER C 184 26.96 22.85 21.04
C SER C 184 25.85 22.87 19.98
N PRO C 185 25.48 21.71 19.43
CA PRO C 185 25.92 20.32 19.57
C PRO C 185 27.44 20.13 19.69
N GLY C 186 28.18 20.46 18.64
CA GLY C 186 29.63 20.28 18.68
C GLY C 186 30.02 18.83 18.76
N PRO C 187 31.05 18.50 19.56
CA PRO C 187 31.75 19.28 20.60
C PRO C 187 32.61 20.47 20.16
N THR C 188 32.97 20.59 18.88
CA THR C 188 33.83 21.67 18.44
C THR C 188 33.20 22.39 17.24
N ARG C 189 33.77 23.55 16.91
CA ARG C 189 33.34 24.30 15.74
C ARG C 189 33.56 23.52 14.45
N ILE C 190 34.34 22.43 14.50
CA ILE C 190 34.57 21.62 13.31
C ILE C 190 33.31 20.90 12.90
N GLN C 191 32.54 20.44 13.87
CA GLN C 191 31.30 19.73 13.56
C GLN C 191 30.19 20.66 13.14
N ALA C 192 30.37 21.98 13.27
CA ALA C 192 29.39 22.93 12.78
C ALA C 192 29.25 22.88 11.26
N ILE C 193 30.12 22.15 10.57
CA ILE C 193 30.17 22.15 9.12
C ILE C 193 29.40 20.92 8.65
N GLU C 194 28.14 21.15 8.27
CA GLU C 194 27.33 20.09 7.67
C GLU C 194 27.94 19.62 6.37
N LEU C 195 28.58 20.52 5.63
CA LEU C 195 29.20 20.21 4.36
C LEU C 195 30.23 21.29 4.05
N PHE C 196 31.33 20.88 3.42
CA PHE C 196 32.42 21.78 3.04
C PHE C 196 32.50 21.74 1.52
N MET C 197 31.87 22.70 0.87
CA MET C 197 31.92 22.81 -0.58
C MET C 197 33.02 23.79 -0.95
N LEU C 198 33.98 23.33 -1.73
CA LEU C 198 35.20 24.10 -2.02
C LEU C 198 35.24 24.45 -3.49
N LEU C 199 35.26 25.75 -3.78
CA LEU C 199 35.32 26.24 -5.15
C LEU C 199 36.77 26.53 -5.52
N ASP C 200 37.23 25.98 -6.63
CA ASP C 200 38.59 26.25 -7.09
C ASP C 200 38.68 26.09 -8.59
N LEU C 201 39.51 26.91 -9.21
CA LEU C 201 39.76 26.88 -10.64
C LEU C 201 38.46 26.94 -11.42
N LEU C 202 37.70 28.00 -11.16
CA LEU C 202 36.50 28.30 -11.92
C LEU C 202 36.76 29.49 -12.83
N GLY C 203 35.98 29.57 -13.91
CA GLY C 203 35.97 30.72 -14.78
C GLY C 203 36.51 30.49 -16.16
N ALA C 204 37.25 29.41 -16.37
CA ALA C 204 37.74 29.12 -17.70
C ALA C 204 36.64 28.49 -18.54
N PRO C 205 36.73 28.59 -19.87
CA PRO C 205 35.71 27.99 -20.73
C PRO C 205 35.59 26.49 -20.51
N ASN C 206 34.41 25.97 -20.85
CA ASN C 206 34.07 24.56 -20.79
C ASN C 206 34.82 23.88 -19.67
N PRO C 207 34.43 24.11 -18.42
CA PRO C 207 35.00 23.33 -17.33
C PRO C 207 34.27 22.00 -17.21
N THR C 208 34.92 21.09 -16.51
CA THR C 208 34.34 19.78 -16.25
C THR C 208 34.57 19.44 -14.78
N PHE C 209 33.52 18.95 -14.13
CA PHE C 209 33.54 18.68 -12.69
C PHE C 209 33.16 17.23 -12.43
N TYR C 210 33.72 16.67 -11.38
CA TYR C 210 33.39 15.31 -10.98
C TYR C 210 33.28 15.22 -9.47
N SER C 211 32.51 14.23 -9.01
CA SER C 211 32.29 14.00 -7.59
C SER C 211 33.44 13.16 -7.07
N HIS C 212 34.36 13.79 -6.36
CA HIS C 212 35.54 13.07 -5.90
C HIS C 212 35.31 12.35 -4.59
N PHE C 213 34.13 12.51 -3.98
CA PHE C 213 33.78 11.83 -2.74
C PHE C 213 32.39 11.23 -2.87
N PRO C 214 32.22 9.95 -2.55
CA PRO C 214 30.85 9.40 -2.50
C PRO C 214 30.04 9.92 -1.33
N ARG C 215 30.65 10.16 -0.17
CA ARG C 215 29.87 10.56 1.00
C ARG C 215 28.97 11.74 0.68
N THR C 216 29.47 12.72 -0.07
CA THR C 216 28.70 13.90 -0.42
C THR C 216 28.38 13.97 -1.90
N VAL C 217 28.20 12.84 -2.58
CA VAL C 217 27.67 12.87 -3.95
C VAL C 217 26.26 13.41 -3.79
N ARG C 218 25.27 12.80 -4.43
CA ARG C 218 23.91 13.31 -4.24
C ARG C 218 23.89 14.82 -4.47
N TRP C 219 24.49 15.56 -3.55
CA TRP C 219 24.67 17.00 -3.75
C TRP C 219 25.20 17.30 -5.14
N PHE C 220 26.31 16.67 -5.50
CA PHE C 220 26.76 16.74 -6.88
C PHE C 220 25.62 16.36 -7.82
N HIS C 221 24.96 15.24 -7.56
CA HIS C 221 23.79 14.90 -8.35
C HIS C 221 22.79 16.05 -8.35
N ARG C 222 22.69 16.77 -7.26
CA ARG C 222 21.76 17.88 -7.23
C ARG C 222 22.30 19.05 -8.06
N LEU C 223 23.63 19.23 -8.07
CA LEU C 223 24.23 20.28 -8.87
C LEU C 223 24.11 20.00 -10.36
N ARG C 224 24.04 18.72 -10.74
CA ARG C 224 23.83 18.36 -12.13
C ARG C 224 22.37 18.53 -12.52
N SER C 225 21.46 18.25 -11.59
CA SER C 225 20.04 18.37 -11.86
C SER C 225 19.55 19.80 -11.79
N ILE C 226 20.39 20.75 -11.38
CA ILE C 226 20.09 22.16 -11.59
C ILE C 226 20.69 22.64 -12.90
N GLU C 227 21.92 22.23 -13.20
CA GLU C 227 22.51 22.52 -14.51
C GLU C 227 21.61 21.89 -15.55
N LYS C 228 20.46 22.50 -15.79
CA LYS C 228 19.29 21.83 -16.32
C LYS C 228 18.66 21.21 -15.06
N ARG C 229 17.41 21.49 -14.70
CA ARG C 229 16.47 22.38 -15.40
C ARG C 229 16.96 23.63 -16.11
N LEU C 230 17.55 24.58 -15.38
CA LEU C 230 17.99 25.87 -15.95
C LEU C 230 18.11 25.84 -17.46
N HIS C 231 18.88 24.90 -18.01
CA HIS C 231 18.98 24.78 -19.46
C HIS C 231 17.64 24.46 -20.09
N ARG C 232 16.98 23.40 -19.60
CA ARG C 232 15.66 23.07 -20.14
C ARG C 232 14.71 24.26 -20.05
N LEU C 233 14.95 25.17 -19.11
CA LEU C 233 14.15 26.38 -18.99
C LEU C 233 14.79 27.56 -19.72
N ASN C 234 15.80 27.30 -20.56
CA ASN C 234 16.46 28.33 -21.36
C ASN C 234 16.96 29.47 -20.48
N LEU C 235 17.70 29.11 -19.43
CA LEU C 235 18.25 30.08 -18.49
C LEU C 235 19.77 29.98 -18.36
N LEU C 236 20.44 29.28 -19.28
CA LEU C 236 21.90 29.21 -19.28
C LEU C 236 22.43 29.65 -20.64
N GLN C 237 23.47 30.49 -20.60
CA GLN C 237 24.10 30.98 -21.82
C GLN C 237 25.11 29.97 -22.34
N SER C 238 25.18 29.87 -23.66
CA SER C 238 26.20 29.07 -24.34
C SER C 238 26.24 27.65 -23.80
N HIS C 239 25.08 26.99 -23.79
CA HIS C 239 24.90 25.68 -23.16
C HIS C 239 24.39 24.67 -24.17
N PRO C 240 25.14 24.45 -25.26
CA PRO C 240 24.60 23.68 -26.40
C PRO C 240 24.20 22.24 -26.08
N GLN C 241 24.68 21.64 -25.00
CA GLN C 241 24.20 20.33 -24.58
C GLN C 241 23.57 20.44 -23.19
N GLU C 242 22.89 19.37 -22.78
CA GLU C 242 22.18 19.39 -21.50
C GLU C 242 23.16 19.28 -20.34
N VAL C 243 23.78 18.12 -20.14
CA VAL C 243 24.84 17.98 -19.14
C VAL C 243 26.16 18.32 -19.82
N MET C 244 26.86 19.32 -19.29
CA MET C 244 28.09 19.81 -19.89
C MET C 244 29.16 20.10 -18.85
N TYR C 245 28.76 20.62 -17.69
CA TYR C 245 29.71 20.96 -16.63
C TYR C 245 29.83 19.84 -15.61
N PHE C 246 28.73 19.46 -14.98
CA PHE C 246 28.73 18.43 -13.94
C PHE C 246 28.41 17.09 -14.58
N GLN C 247 29.39 16.20 -14.58
CA GLN C 247 29.30 15.00 -15.40
C GLN C 247 29.37 13.73 -14.59
N PRO C 248 29.00 12.59 -15.16
CA PRO C 248 29.15 11.32 -14.46
C PRO C 248 30.54 10.77 -14.66
N GLY C 249 31.03 10.11 -13.63
CA GLY C 249 32.42 9.71 -13.56
C GLY C 249 32.99 10.10 -12.23
N GLU C 250 34.27 9.84 -12.09
CA GLU C 250 34.77 9.91 -10.73
C GLU C 250 36.28 9.74 -10.67
N PRO C 251 36.91 9.98 -9.51
CA PRO C 251 38.27 9.60 -9.09
C PRO C 251 38.66 8.15 -9.44
N PHE C 252 39.93 7.82 -9.66
CA PHE C 252 41.11 8.66 -9.34
C PHE C 252 40.98 9.15 -7.90
N GLY C 253 41.29 10.43 -7.59
CA GLY C 253 41.16 10.89 -6.21
C GLY C 253 40.67 12.31 -6.06
N SER C 254 41.42 13.25 -6.65
CA SER C 254 41.22 14.69 -6.56
C SER C 254 42.61 15.32 -6.53
N VAL C 255 42.74 16.49 -5.91
CA VAL C 255 44.03 17.14 -5.81
C VAL C 255 44.09 17.87 -4.48
N GLU C 256 45.27 17.86 -3.84
CA GLU C 256 45.43 18.59 -2.60
C GLU C 256 44.93 20.02 -2.78
N ASP C 257 44.38 20.58 -1.70
CA ASP C 257 43.67 21.85 -1.79
C ASP C 257 43.11 22.15 -0.40
N ASP C 258 42.44 23.29 -0.25
CA ASP C 258 42.06 23.78 1.08
C ASP C 258 41.19 22.82 1.87
N HIS C 259 40.67 21.77 1.26
CA HIS C 259 39.77 20.87 1.97
C HIS C 259 40.49 19.81 2.78
N ILE C 260 41.75 19.53 2.46
CA ILE C 260 42.47 18.45 3.14
C ILE C 260 42.39 18.60 4.66
N PRO C 261 42.73 19.75 5.25
CA PRO C 261 42.76 19.83 6.72
C PRO C 261 41.42 19.50 7.36
N PHE C 262 40.31 19.89 6.74
CA PHE C 262 39.00 19.54 7.29
C PHE C 262 38.61 18.12 6.98
N LEU C 263 39.21 17.51 5.95
CA LEU C 263 38.94 16.11 5.69
C LEU C 263 39.68 15.21 6.66
N ARG C 264 40.81 15.69 7.21
CA ARG C 264 41.46 14.94 8.28
C ARG C 264 40.54 14.83 9.49
N ARG C 265 39.91 15.95 9.87
CA ARG C 265 39.02 15.97 11.03
C ARG C 265 37.63 15.48 10.72
N GLY C 266 37.40 14.87 9.55
CA GLY C 266 36.18 14.15 9.26
C GLY C 266 35.08 14.97 8.61
N VAL C 267 35.35 16.22 8.23
CA VAL C 267 34.30 17.04 7.62
C VAL C 267 33.92 16.43 6.28
N PRO C 268 32.65 16.43 5.89
CA PRO C 268 32.32 16.01 4.53
C PRO C 268 32.74 17.09 3.56
N VAL C 269 33.19 16.68 2.38
CA VAL C 269 33.71 17.61 1.40
C VAL C 269 33.02 17.39 0.08
N LEU C 270 32.73 18.49 -0.60
CA LEU C 270 32.37 18.49 -2.01
C LEU C 270 33.40 19.37 -2.69
N HIS C 271 34.38 18.76 -3.35
CA HIS C 271 35.37 19.52 -4.08
C HIS C 271 34.75 19.96 -5.38
N LEU C 272 34.76 21.27 -5.62
CA LEU C 272 34.11 21.84 -6.79
C LEU C 272 35.15 22.51 -7.68
N ILE C 273 36.07 21.71 -8.20
CA ILE C 273 37.29 22.19 -8.83
C ILE C 273 37.30 21.70 -10.27
N SER C 274 37.45 22.64 -11.21
CA SER C 274 37.61 22.29 -12.61
C SER C 274 38.70 21.25 -12.76
N THR C 275 38.34 20.14 -13.40
CA THR C 275 39.28 19.09 -13.68
C THR C 275 39.02 18.66 -15.14
N PRO C 276 40.00 18.82 -16.02
CA PRO C 276 41.39 19.25 -15.81
C PRO C 276 41.49 20.69 -15.41
N PHE C 277 42.66 21.08 -14.92
CA PHE C 277 42.89 22.46 -14.57
C PHE C 277 42.78 23.32 -15.83
N PRO C 278 42.45 24.61 -15.67
CA PRO C 278 42.27 25.47 -16.84
C PRO C 278 43.41 25.41 -17.84
N ALA C 279 43.13 25.83 -19.07
CA ALA C 279 44.20 25.91 -20.07
C ALA C 279 45.25 26.92 -19.65
N VAL C 280 44.82 28.02 -19.03
CA VAL C 280 45.70 29.12 -18.65
C VAL C 280 46.18 28.91 -17.22
N TRP C 281 46.38 27.65 -16.82
CA TRP C 281 46.65 27.37 -15.42
C TRP C 281 48.06 27.82 -15.03
N HIS C 282 48.15 28.37 -13.82
CA HIS C 282 49.41 28.84 -13.23
C HIS C 282 50.35 29.44 -14.27
N THR C 283 49.84 30.38 -15.06
CA THR C 283 50.66 31.25 -15.89
C THR C 283 50.06 32.64 -15.88
N PRO C 284 50.88 33.68 -16.05
CA PRO C 284 50.36 35.05 -16.11
C PRO C 284 49.27 35.28 -17.15
N ALA C 285 48.94 34.26 -17.95
CA ALA C 285 47.77 34.34 -18.80
C ALA C 285 46.47 34.04 -18.06
N ASP C 286 46.51 33.92 -16.73
CA ASP C 286 45.31 33.65 -15.94
C ASP C 286 44.69 34.98 -15.56
N THR C 287 43.92 35.54 -16.49
CA THR C 287 43.47 36.92 -16.40
C THR C 287 42.03 37.02 -16.85
N GLU C 288 41.47 38.22 -16.63
CA GLU C 288 40.10 38.49 -17.05
C GLU C 288 39.91 38.17 -18.52
N VAL C 289 40.84 38.65 -19.35
CA VAL C 289 40.70 38.52 -20.80
C VAL C 289 40.52 37.07 -21.24
N ASN C 290 40.85 36.10 -20.41
CA ASN C 290 40.73 34.69 -20.78
C ASN C 290 39.59 33.98 -20.05
N LEU C 291 38.72 34.73 -19.39
CA LEU C 291 37.56 34.14 -18.72
C LEU C 291 36.38 34.11 -19.69
N HIS C 292 35.48 33.15 -19.44
CA HIS C 292 34.25 33.00 -20.21
C HIS C 292 33.06 33.47 -19.38
N PRO C 293 32.77 34.77 -19.36
CA PRO C 293 31.73 35.30 -18.48
C PRO C 293 30.49 34.44 -18.48
N PRO C 294 30.02 33.99 -19.65
CA PRO C 294 28.83 33.12 -19.64
C PRO C 294 29.00 31.95 -18.72
N THR C 295 30.08 31.18 -18.90
CA THR C 295 30.32 30.04 -18.04
C THR C 295 30.46 30.43 -16.57
N VAL C 296 30.69 31.70 -16.27
CA VAL C 296 30.71 32.12 -14.87
C VAL C 296 29.29 32.33 -14.36
N HIS C 297 28.58 33.27 -14.98
CA HIS C 297 27.24 33.60 -14.52
C HIS C 297 26.36 32.35 -14.44
N ASN C 298 26.51 31.44 -15.40
CA ASN C 298 25.82 30.16 -15.29
C ASN C 298 26.11 29.54 -13.94
N LEU C 299 27.36 29.12 -13.72
CA LEU C 299 27.76 28.63 -12.41
C LEU C 299 27.12 29.46 -11.31
N CYS C 300 27.26 30.78 -11.41
CA CYS C 300 26.58 31.66 -10.47
C CYS C 300 25.12 31.24 -10.30
N ARG C 301 24.43 30.98 -11.42
CA ARG C 301 23.02 30.66 -11.36
C ARG C 301 22.78 29.24 -10.86
N ILE C 302 23.64 28.30 -11.25
CA ILE C 302 23.54 26.96 -10.69
C ILE C 302 23.75 27.01 -9.18
N LEU C 303 24.81 27.72 -8.76
CA LEU C 303 25.16 27.77 -7.35
C LEU C 303 24.09 28.49 -6.55
N ALA C 304 23.58 29.59 -7.08
CA ALA C 304 22.47 30.29 -6.43
C ALA C 304 21.38 29.29 -6.06
N VAL C 305 20.77 28.68 -7.09
CA VAL C 305 19.67 27.75 -6.86
C VAL C 305 20.03 26.76 -5.75
N PHE C 306 21.14 26.05 -5.94
CA PHE C 306 21.63 25.13 -4.92
C PHE C 306 21.51 25.72 -3.52
N LEU C 307 22.07 26.91 -3.32
CA LEU C 307 22.06 27.51 -2.00
C LEU C 307 20.63 27.62 -1.47
N ALA C 308 19.71 28.09 -2.30
CA ALA C 308 18.31 28.13 -1.91
C ALA C 308 17.83 26.74 -1.49
N GLU C 309 17.94 25.78 -2.39
CA GLU C 309 17.39 24.45 -2.12
C GLU C 309 18.02 23.84 -0.87
N TYR C 310 19.36 23.85 -0.78
CA TYR C 310 20.01 23.30 0.41
C TYR C 310 19.53 23.99 1.68
N LEU C 311 19.11 25.24 1.60
CA LEU C 311 18.81 26.05 2.77
C LEU C 311 17.34 26.39 2.92
N GLY C 312 16.50 26.05 1.95
CA GLY C 312 15.08 26.30 2.08
C GLY C 312 14.71 27.76 1.93
N LEU C 313 15.30 28.45 0.96
CA LEU C 313 15.10 29.88 0.79
C LEU C 313 14.16 30.17 -0.37
N VAL D 1 -50.12 27.07 -5.68
CA VAL D 1 -50.06 26.11 -4.59
C VAL D 1 -48.75 25.27 -4.59
N PRO D 2 -48.04 25.14 -5.76
CA PRO D 2 -46.77 24.37 -5.76
C PRO D 2 -45.48 25.18 -5.60
N LEU D 3 -44.32 24.59 -5.96
CA LEU D 3 -43.01 25.19 -5.68
C LEU D 3 -42.07 25.09 -6.88
N ILE D 4 -40.87 24.51 -6.71
CA ILE D 4 -39.85 24.41 -7.77
C ILE D 4 -39.35 22.97 -7.77
N GLY D 5 -39.62 22.25 -8.86
CA GLY D 5 -39.45 20.81 -8.91
C GLY D 5 -40.74 20.03 -8.82
N SER D 6 -41.88 20.72 -8.86
CA SER D 6 -43.19 20.14 -8.59
C SER D 6 -43.71 19.36 -9.79
N LEU D 7 -44.72 18.43 -9.51
CA LEU D 7 -45.38 17.63 -10.53
C LEU D 7 -46.54 18.39 -11.15
N PRO D 8 -46.80 18.18 -12.44
CA PRO D 8 -48.05 18.67 -13.00
C PRO D 8 -49.20 17.84 -12.49
N GLU D 9 -50.28 18.52 -12.10
CA GLU D 9 -51.47 17.81 -11.62
C GLU D 9 -51.85 16.64 -12.52
N ALA D 10 -51.40 16.66 -13.78
CA ALA D 10 -51.66 15.54 -14.68
C ALA D 10 -50.97 14.27 -14.18
N ARG D 11 -49.64 14.29 -14.10
CA ARG D 11 -48.91 13.13 -13.59
C ARG D 11 -49.32 12.81 -12.17
N LEU D 12 -49.20 13.78 -11.26
CA LEU D 12 -49.53 13.58 -9.86
C LEU D 12 -50.72 12.64 -9.71
N ARG D 13 -51.85 13.04 -10.30
CA ARG D 13 -53.04 12.20 -10.25
C ARG D 13 -52.74 10.81 -10.79
N ARG D 14 -52.05 10.73 -11.93
CA ARG D 14 -51.66 9.43 -12.47
C ARG D 14 -50.87 8.63 -11.45
N VAL D 15 -50.00 9.30 -10.69
CA VAL D 15 -49.13 8.63 -9.73
C VAL D 15 -50.00 7.92 -8.71
N VAL D 16 -50.63 8.71 -7.85
CA VAL D 16 -51.60 8.26 -6.86
C VAL D 16 -52.47 7.13 -7.39
N GLY D 17 -53.00 7.30 -8.59
CA GLY D 17 -53.88 6.27 -9.14
C GLY D 17 -53.27 4.88 -9.06
N GLN D 18 -51.98 4.77 -9.38
CA GLN D 18 -51.32 3.47 -9.40
C GLN D 18 -51.22 2.85 -8.01
N LEU D 19 -51.43 3.64 -6.95
CA LEU D 19 -51.45 3.08 -5.61
C LEU D 19 -52.67 2.17 -5.45
N ASP D 20 -52.47 1.05 -4.75
CA ASP D 20 -53.48 -0.01 -4.62
C ASP D 20 -53.75 -0.26 -3.14
N PRO D 21 -54.59 0.57 -2.49
CA PRO D 21 -54.81 0.44 -1.05
C PRO D 21 -54.94 -0.98 -0.54
N GLN D 22 -55.62 -1.84 -1.30
CA GLN D 22 -55.82 -3.22 -0.85
C GLN D 22 -54.50 -3.95 -0.74
N ARG D 23 -53.71 -3.90 -1.81
CA ARG D 23 -52.38 -4.52 -1.81
C ARG D 23 -51.55 -4.06 -0.61
N LEU D 24 -51.43 -2.74 -0.45
CA LEU D 24 -50.71 -2.18 0.70
C LEU D 24 -51.17 -2.84 1.99
N TRP D 25 -52.48 -2.94 2.18
CA TRP D 25 -53.02 -3.33 3.47
C TRP D 25 -53.07 -4.84 3.66
N SER D 26 -53.17 -5.60 2.57
CA SER D 26 -53.33 -7.05 2.68
C SER D 26 -52.14 -7.83 2.13
N THR D 27 -51.44 -7.32 1.11
CA THR D 27 -50.25 -8.00 0.63
C THR D 27 -49.04 -7.65 1.47
N TYR D 28 -48.86 -6.36 1.75
CA TYR D 28 -47.60 -5.86 2.29
C TYR D 28 -47.63 -5.61 3.79
N LEU D 29 -48.78 -5.25 4.37
CA LEU D 29 -48.86 -4.96 5.80
C LEU D 29 -49.31 -6.17 6.61
N ARG D 30 -50.47 -6.71 6.29
CA ARG D 30 -51.05 -7.79 7.09
C ARG D 30 -50.02 -8.87 7.46
N PRO D 31 -49.18 -9.35 6.55
CA PRO D 31 -48.28 -10.46 6.90
C PRO D 31 -47.06 -10.05 7.69
N LEU D 32 -46.81 -8.75 7.86
CA LEU D 32 -45.72 -8.29 8.72
C LEU D 32 -46.12 -8.29 10.18
N LEU D 33 -47.41 -8.31 10.46
CA LEU D 33 -47.94 -8.16 11.82
C LEU D 33 -47.82 -9.49 12.57
N VAL D 34 -46.57 -9.92 12.72
CA VAL D 34 -46.23 -11.14 13.43
C VAL D 34 -45.02 -10.82 14.28
N VAL D 35 -44.93 -11.49 15.43
CA VAL D 35 -43.79 -11.23 16.30
C VAL D 35 -42.53 -11.65 15.57
N ARG D 36 -41.51 -10.81 15.66
CA ARG D 36 -40.36 -10.91 14.76
C ARG D 36 -39.10 -10.43 15.44
N THR D 37 -39.00 -10.63 16.74
CA THR D 37 -37.84 -10.14 17.49
C THR D 37 -36.56 -10.76 16.92
N PRO D 38 -35.42 -10.14 17.19
CA PRO D 38 -34.15 -10.64 16.65
C PRO D 38 -34.00 -12.16 16.78
N GLY D 39 -33.48 -12.79 15.74
CA GLY D 39 -33.26 -14.22 15.74
C GLY D 39 -34.49 -15.02 16.13
N SER D 40 -35.64 -14.68 15.56
CA SER D 40 -36.84 -15.45 15.79
C SER D 40 -37.35 -16.04 14.48
N PRO D 41 -38.08 -17.16 14.52
CA PRO D 41 -38.77 -17.63 13.31
C PRO D 41 -39.52 -16.52 12.60
N GLY D 42 -40.34 -15.75 13.34
CA GLY D 42 -41.13 -14.72 12.70
C GLY D 42 -40.26 -13.65 12.05
N ASN D 43 -39.20 -13.23 12.73
CA ASN D 43 -38.25 -12.30 12.15
C ASN D 43 -37.82 -12.78 10.77
N LEU D 44 -37.20 -13.96 10.72
CA LEU D 44 -36.67 -14.47 9.46
C LEU D 44 -37.74 -14.47 8.37
N GLN D 45 -38.92 -15.03 8.66
CA GLN D 45 -39.99 -15.02 7.67
C GLN D 45 -40.10 -13.66 7.02
N VAL D 46 -40.19 -12.61 7.84
CA VAL D 46 -40.29 -11.26 7.32
C VAL D 46 -39.11 -10.96 6.41
N ARG D 47 -37.90 -11.02 6.96
CA ARG D 47 -36.67 -10.73 6.23
C ARG D 47 -36.69 -11.34 4.84
N LYS D 48 -37.12 -12.60 4.72
CA LYS D 48 -37.17 -13.23 3.40
C LYS D 48 -38.34 -12.69 2.58
N PHE D 49 -39.48 -12.48 3.23
CA PHE D 49 -40.60 -11.86 2.54
C PHE D 49 -40.17 -10.58 1.86
N LEU D 50 -39.47 -9.71 2.59
CA LEU D 50 -38.98 -8.46 2.02
C LEU D 50 -37.99 -8.75 0.89
N GLU D 51 -36.93 -9.48 1.19
CA GLU D 51 -35.95 -9.88 0.20
C GLU D 51 -36.61 -10.38 -1.08
N ALA D 52 -37.69 -11.14 -0.94
CA ALA D 52 -38.38 -11.67 -2.11
C ALA D 52 -39.26 -10.62 -2.76
N THR D 53 -40.09 -9.96 -1.95
CA THR D 53 -40.98 -8.91 -2.43
C THR D 53 -40.27 -7.94 -3.36
N LEU D 54 -38.96 -7.76 -3.15
CA LEU D 54 -38.18 -6.83 -3.97
C LEU D 54 -37.44 -7.53 -5.10
N ARG D 55 -37.17 -8.82 -4.98
CA ARG D 55 -36.63 -9.57 -6.11
C ARG D 55 -37.69 -9.88 -7.17
N SER D 56 -38.97 -9.70 -6.84
CA SER D 56 -40.05 -9.93 -7.77
C SER D 56 -40.48 -8.65 -8.47
N LEU D 57 -39.67 -7.60 -8.41
CA LEU D 57 -40.02 -6.35 -9.05
C LEU D 57 -39.43 -6.28 -10.45
N THR D 58 -40.13 -5.55 -11.33
CA THR D 58 -39.71 -5.41 -12.71
C THR D 58 -38.61 -4.37 -12.87
N ALA D 59 -38.48 -3.44 -11.92
CA ALA D 59 -37.37 -2.51 -11.96
C ALA D 59 -36.04 -3.23 -11.76
N GLY D 60 -36.04 -4.34 -11.04
CA GLY D 60 -34.86 -5.17 -10.91
C GLY D 60 -33.96 -4.70 -9.79
N TRP D 61 -34.51 -4.59 -8.59
CA TRP D 61 -33.72 -4.10 -7.47
C TRP D 61 -32.59 -5.06 -7.17
N HIS D 62 -31.47 -4.52 -6.69
CA HIS D 62 -30.39 -5.32 -6.16
C HIS D 62 -30.59 -5.45 -4.66
N VAL D 63 -30.76 -6.68 -4.21
CA VAL D 63 -31.12 -6.96 -2.83
C VAL D 63 -29.95 -7.73 -2.23
N GLU D 64 -29.10 -7.05 -1.45
CA GLU D 64 -28.10 -7.76 -0.69
C GLU D 64 -28.55 -7.84 0.76
N LEU D 65 -28.04 -8.85 1.44
CA LEU D 65 -28.33 -9.07 2.85
C LEU D 65 -27.10 -8.67 3.67
N ASP D 66 -27.35 -8.11 4.85
CA ASP D 66 -26.28 -7.76 5.78
C ASP D 66 -26.43 -8.62 7.02
N PRO D 67 -25.77 -9.77 7.08
CA PRO D 67 -25.96 -10.67 8.22
C PRO D 67 -24.77 -10.66 9.14
N PHE D 68 -25.00 -10.57 10.45
CA PHE D 68 -23.91 -10.34 11.37
C PHE D 68 -24.32 -10.82 12.75
N THR D 69 -23.32 -11.11 13.58
CA THR D 69 -23.53 -11.41 14.98
C THR D 69 -23.23 -10.18 15.80
N ALA D 70 -23.99 -10.00 16.88
CA ALA D 70 -23.81 -8.85 17.75
C ALA D 70 -24.08 -9.28 19.18
N SER D 71 -23.30 -8.73 20.11
CA SER D 71 -23.33 -9.16 21.49
C SER D 71 -24.37 -8.37 22.26
N THR D 72 -25.19 -9.07 23.04
CA THR D 72 -26.37 -8.44 23.61
C THR D 72 -26.71 -9.09 24.94
N PRO D 73 -27.48 -8.41 25.78
CA PRO D 73 -27.91 -8.98 27.07
C PRO D 73 -28.78 -10.23 26.96
N LEU D 74 -29.10 -10.69 25.75
CA LEU D 74 -29.63 -12.04 25.58
C LEU D 74 -28.57 -12.95 24.98
N GLY D 75 -27.32 -12.71 25.37
CA GLY D 75 -26.20 -13.40 24.80
C GLY D 75 -26.00 -12.97 23.36
N PRO D 76 -25.02 -13.55 22.69
CA PRO D 76 -24.87 -13.33 21.25
C PRO D 76 -26.19 -13.52 20.53
N VAL D 77 -26.43 -12.68 19.52
CA VAL D 77 -27.62 -12.75 18.69
C VAL D 77 -27.20 -12.58 17.24
N ASP D 78 -27.97 -13.17 16.34
CA ASP D 78 -27.74 -13.04 14.90
C ASP D 78 -28.74 -12.09 14.30
N PHE D 79 -28.26 -11.18 13.46
CA PHE D 79 -29.08 -10.18 12.80
C PHE D 79 -28.87 -10.24 11.30
N GLY D 80 -29.83 -9.70 10.57
CA GLY D 80 -29.73 -9.63 9.13
C GLY D 80 -30.52 -8.47 8.57
N ASN D 81 -29.82 -7.48 8.04
CA ASN D 81 -30.50 -6.35 7.41
C ASN D 81 -30.74 -6.64 5.93
N VAL D 82 -31.63 -5.85 5.35
CA VAL D 82 -31.99 -5.94 3.95
C VAL D 82 -31.66 -4.60 3.30
N VAL D 83 -30.87 -4.63 2.24
CA VAL D 83 -30.30 -3.42 1.65
C VAL D 83 -30.64 -3.43 0.17
N ALA D 84 -31.77 -2.83 -0.18
CA ALA D 84 -32.22 -2.76 -1.56
C ALA D 84 -31.66 -1.51 -2.20
N THR D 85 -30.85 -1.69 -3.24
CA THR D 85 -30.45 -0.59 -4.12
C THR D 85 -31.00 -0.87 -5.50
N LEU D 86 -31.66 0.12 -6.08
CA LEU D 86 -32.25 -0.07 -7.39
C LEU D 86 -31.19 -0.04 -8.47
N ASP D 87 -30.30 0.95 -8.41
CA ASP D 87 -29.29 1.20 -9.43
C ASP D 87 -27.98 1.44 -8.71
N PRO D 88 -27.36 0.40 -8.15
CA PRO D 88 -26.20 0.61 -7.28
C PRO D 88 -25.15 1.52 -7.88
N ARG D 89 -24.94 1.42 -9.20
CA ARG D 89 -23.91 2.19 -9.90
C ARG D 89 -24.17 3.68 -9.94
N ALA D 90 -25.37 4.14 -9.57
CA ALA D 90 -25.66 5.57 -9.59
C ALA D 90 -24.79 6.29 -8.55
N ALA D 91 -24.42 7.52 -8.90
CA ALA D 91 -23.47 8.27 -8.08
C ALA D 91 -23.99 8.49 -6.67
N ARG D 92 -25.20 9.01 -6.54
CA ARG D 92 -25.85 9.24 -5.25
C ARG D 92 -27.12 8.39 -5.20
N HIS D 93 -27.86 8.51 -4.10
CA HIS D 93 -29.20 7.94 -4.06
C HIS D 93 -29.95 8.39 -2.82
N LEU D 94 -31.26 8.50 -2.96
CA LEU D 94 -32.15 8.72 -1.84
C LEU D 94 -32.35 7.42 -1.08
N THR D 95 -32.27 7.50 0.24
CA THR D 95 -32.38 6.33 1.11
C THR D 95 -33.64 6.50 1.95
N LEU D 96 -34.56 5.55 1.82
CA LEU D 96 -35.68 5.43 2.75
C LEU D 96 -35.44 4.21 3.64
N ALA D 97 -35.88 4.31 4.89
CA ALA D 97 -35.46 3.34 5.90
C ALA D 97 -36.56 3.10 6.92
N CYS D 98 -36.47 1.93 7.55
CA CYS D 98 -37.38 1.50 8.60
C CYS D 98 -36.86 0.18 9.12
N HIS D 99 -37.33 -0.21 10.29
CA HIS D 99 -36.87 -1.42 10.97
C HIS D 99 -38.00 -2.44 11.01
N TYR D 100 -37.73 -3.62 10.47
CA TYR D 100 -38.73 -4.68 10.41
C TYR D 100 -38.72 -5.57 11.65
N ASP D 101 -37.83 -5.34 12.60
CA ASP D 101 -37.90 -6.08 13.85
C ASP D 101 -39.00 -5.49 14.73
N SER D 102 -39.47 -6.31 15.66
CA SER D 102 -40.43 -5.89 16.67
C SER D 102 -39.74 -5.96 18.03
N LYS D 103 -40.25 -5.20 18.99
CA LYS D 103 -39.61 -5.25 20.29
C LYS D 103 -39.87 -6.59 20.96
N LEU D 104 -38.91 -7.02 21.76
CA LEU D 104 -39.05 -8.22 22.55
C LEU D 104 -39.68 -7.88 23.89
N PHE D 105 -40.94 -8.27 24.05
CA PHE D 105 -41.68 -8.09 25.27
C PHE D 105 -41.60 -9.35 26.12
N PRO D 106 -41.83 -9.24 27.43
CA PRO D 106 -41.68 -10.41 28.30
C PRO D 106 -42.75 -11.45 27.99
N PRO D 107 -42.55 -12.69 28.44
CA PRO D 107 -43.45 -13.78 28.04
C PRO D 107 -44.82 -13.65 28.70
N GLY D 108 -45.75 -14.44 28.17
CA GLY D 108 -47.10 -14.49 28.70
C GLY D 108 -47.90 -13.30 28.24
N SER D 109 -47.39 -12.10 28.55
CA SER D 109 -47.81 -10.86 27.92
C SER D 109 -48.44 -11.10 26.54
N THR D 110 -49.58 -10.47 26.30
CA THR D 110 -50.18 -10.51 24.98
C THR D 110 -49.11 -10.22 23.93
N PRO D 111 -49.12 -10.91 22.78
CA PRO D 111 -48.06 -10.69 21.79
C PRO D 111 -47.92 -9.22 21.44
N PHE D 112 -46.67 -8.79 21.22
CA PHE D 112 -46.39 -7.45 20.75
C PHE D 112 -45.90 -7.52 19.31
N VAL D 113 -46.57 -6.81 18.41
CA VAL D 113 -46.17 -6.74 17.02
C VAL D 113 -45.73 -5.35 16.59
N GLY D 114 -46.10 -4.31 17.33
CA GLY D 114 -45.86 -2.96 16.85
C GLY D 114 -46.42 -2.77 15.45
N ALA D 115 -47.73 -2.57 15.35
CA ALA D 115 -48.32 -2.22 14.06
C ALA D 115 -47.67 -0.96 13.51
N THR D 116 -47.77 0.14 14.25
CA THR D 116 -47.21 1.41 13.84
C THR D 116 -45.70 1.47 14.02
N ASP D 117 -45.07 0.38 14.42
CA ASP D 117 -43.73 0.43 14.95
C ASP D 117 -43.03 -0.91 14.77
N SER D 118 -42.69 -1.27 13.53
CA SER D 118 -42.79 -0.35 12.39
C SER D 118 -43.24 -1.02 11.11
N ALA D 119 -44.29 -1.85 11.19
CA ALA D 119 -44.78 -2.54 10.00
C ALA D 119 -45.31 -1.55 8.97
N VAL D 120 -46.15 -0.61 9.40
CA VAL D 120 -46.73 0.34 8.45
C VAL D 120 -45.65 1.05 7.65
N PRO D 121 -44.61 1.62 8.25
CA PRO D 121 -43.44 2.06 7.47
C PRO D 121 -42.94 0.99 6.51
N CYS D 122 -42.61 -0.20 7.01
CA CYS D 122 -42.08 -1.24 6.12
C CYS D 122 -43.01 -1.46 4.93
N ALA D 123 -44.32 -1.41 5.14
CA ALA D 123 -45.26 -1.66 4.06
C ALA D 123 -45.42 -0.44 3.17
N LEU D 124 -45.21 0.77 3.70
CA LEU D 124 -45.23 1.96 2.87
C LEU D 124 -44.07 1.96 1.88
N LEU D 125 -42.89 1.51 2.33
CA LEU D 125 -41.76 1.42 1.42
C LEU D 125 -42.00 0.35 0.35
N LEU D 126 -42.52 -0.80 0.76
CA LEU D 126 -42.86 -1.83 -0.21
C LEU D 126 -43.85 -1.29 -1.25
N GLU D 127 -45.01 -0.83 -0.80
CA GLU D 127 -46.02 -0.36 -1.72
C GLU D 127 -45.46 0.72 -2.65
N LEU D 128 -44.72 1.67 -2.08
CA LEU D 128 -44.12 2.72 -2.89
C LEU D 128 -43.26 2.13 -4.01
N ALA D 129 -42.43 1.14 -3.67
CA ALA D 129 -41.61 0.50 -4.69
C ALA D 129 -42.49 -0.17 -5.74
N GLN D 130 -43.56 -0.82 -5.29
CA GLN D 130 -44.46 -1.50 -6.22
C GLN D 130 -45.25 -0.50 -7.06
N ALA D 131 -45.59 0.66 -6.50
CA ALA D 131 -46.39 1.64 -7.22
C ALA D 131 -45.58 2.37 -8.27
N LEU D 132 -44.33 2.70 -7.96
CA LEU D 132 -43.45 3.42 -8.87
C LEU D 132 -42.48 2.50 -9.58
N ASP D 133 -42.90 1.27 -9.88
CA ASP D 133 -41.96 0.27 -10.38
C ASP D 133 -41.55 0.56 -11.81
N LEU D 134 -42.52 0.85 -12.68
CA LEU D 134 -42.18 1.20 -14.06
C LEU D 134 -41.47 2.55 -14.12
N GLU D 135 -42.05 3.56 -13.49
CA GLU D 135 -41.47 4.90 -13.56
C GLU D 135 -40.06 4.92 -12.95
N LEU D 136 -39.81 4.10 -11.94
CA LEU D 136 -38.45 3.94 -11.45
C LEU D 136 -37.59 3.21 -12.45
N SER D 137 -38.10 2.09 -12.98
CA SER D 137 -37.32 1.30 -13.92
C SER D 137 -36.78 2.15 -15.05
N ARG D 138 -37.59 3.07 -15.57
CA ARG D 138 -37.13 3.96 -16.63
C ARG D 138 -35.91 4.74 -16.18
N ALA D 139 -36.03 5.50 -15.09
CA ALA D 139 -34.92 6.30 -14.62
C ALA D 139 -33.65 5.47 -14.47
N LYS D 140 -33.78 4.23 -13.99
CA LYS D 140 -32.64 3.32 -14.01
C LYS D 140 -32.10 3.18 -15.42
N LYS D 141 -32.97 2.84 -16.37
CA LYS D 141 -32.52 2.64 -17.74
C LYS D 141 -31.85 3.88 -18.31
N GLN D 142 -32.42 5.06 -18.03
CA GLN D 142 -31.88 6.30 -18.59
C GLN D 142 -30.69 6.82 -17.79
N ALA D 143 -29.93 5.91 -17.17
CA ALA D 143 -28.65 6.25 -16.55
C ALA D 143 -28.80 7.37 -15.53
N ALA D 144 -29.90 7.36 -14.79
CA ALA D 144 -30.16 8.41 -13.82
C ALA D 144 -28.97 8.55 -12.88
N PRO D 145 -28.69 9.76 -12.40
CA PRO D 145 -27.55 9.95 -11.50
C PRO D 145 -27.87 9.68 -10.03
N VAL D 146 -29.15 9.75 -9.69
CA VAL D 146 -29.61 9.67 -8.30
C VAL D 146 -30.75 8.65 -8.27
N THR D 147 -30.55 7.56 -7.52
CA THR D 147 -31.51 6.46 -7.56
C THR D 147 -32.19 6.35 -6.20
N LEU D 148 -32.69 5.16 -5.88
CA LEU D 148 -33.47 4.91 -4.68
C LEU D 148 -32.88 3.71 -3.96
N GLN D 149 -32.90 3.75 -2.64
CA GLN D 149 -32.35 2.68 -1.82
C GLN D 149 -33.26 2.52 -0.60
N LEU D 150 -33.77 1.31 -0.39
CA LEU D 150 -34.66 1.02 0.73
C LEU D 150 -33.89 0.21 1.76
N LEU D 151 -33.92 0.66 3.01
CA LEU D 151 -33.28 -0.05 4.11
C LEU D 151 -34.37 -0.64 5.00
N PHE D 152 -34.37 -1.95 5.14
CA PHE D 152 -35.23 -2.63 6.09
C PHE D 152 -34.31 -3.14 7.20
N LEU D 153 -34.25 -2.38 8.29
CA LEU D 153 -33.25 -2.57 9.32
C LEU D 153 -33.70 -3.59 10.36
N ASP D 154 -32.72 -4.29 10.92
CA ASP D 154 -32.95 -5.28 11.97
C ASP D 154 -32.39 -4.77 13.28
N GLY D 155 -33.11 -5.07 14.37
CA GLY D 155 -32.58 -4.84 15.71
C GLY D 155 -32.42 -3.40 16.17
N GLU D 156 -33.39 -2.53 15.90
CA GLU D 156 -33.40 -1.22 16.54
C GLU D 156 -33.79 -1.36 18.00
N GLU D 157 -34.97 -1.93 18.25
CA GLU D 157 -35.52 -1.97 19.59
C GLU D 157 -34.59 -2.78 20.48
N ALA D 158 -34.30 -2.27 21.67
CA ALA D 158 -33.42 -2.95 22.59
C ALA D 158 -33.95 -4.33 22.92
N LEU D 159 -33.23 -5.04 23.79
CA LEU D 159 -33.70 -6.31 24.32
C LEU D 159 -34.02 -6.19 25.79
N LYS D 160 -33.04 -5.87 26.62
CA LYS D 160 -33.27 -5.54 28.03
C LYS D 160 -32.97 -4.05 28.20
N GLU D 161 -33.94 -3.23 27.79
CA GLU D 161 -33.97 -1.78 27.99
C GLU D 161 -32.89 -1.00 27.24
N TRP D 162 -33.28 0.23 26.89
CA TRP D 162 -32.57 1.06 25.94
C TRP D 162 -31.22 1.50 26.46
N GLY D 163 -30.21 1.42 25.59
CA GLY D 163 -28.87 1.88 25.88
C GLY D 163 -27.99 1.86 24.64
N PRO D 164 -27.02 2.78 24.56
CA PRO D 164 -26.18 2.85 23.36
C PRO D 164 -25.69 1.50 22.89
N LYS D 165 -25.37 0.61 23.83
CA LYS D 165 -24.85 -0.70 23.50
C LYS D 165 -25.94 -1.76 23.35
N ASP D 166 -27.18 -1.45 23.76
CA ASP D 166 -28.32 -2.33 23.58
C ASP D 166 -29.43 -1.56 22.85
N SER D 167 -29.19 -1.27 21.57
CA SER D 167 -30.14 -0.53 20.75
C SER D 167 -29.52 -0.16 19.42
N LEU D 168 -30.29 -0.23 18.34
CA LEU D 168 -29.82 0.19 17.01
C LEU D 168 -28.76 -0.76 16.48
N TYR D 169 -28.97 -2.07 16.67
CA TYR D 169 -27.97 -3.03 16.23
C TYR D 169 -27.80 -3.00 14.71
N GLY D 170 -28.90 -2.93 13.97
CA GLY D 170 -28.80 -2.95 12.52
C GLY D 170 -28.27 -1.64 11.97
N SER D 171 -28.71 -0.53 12.55
CA SER D 171 -28.19 0.78 12.17
C SER D 171 -26.67 0.81 12.33
N ARG D 172 -26.20 0.64 13.58
CA ARG D 172 -24.77 0.76 13.85
C ARG D 172 -23.93 -0.10 12.92
N HIS D 173 -24.42 -1.30 12.58
CA HIS D 173 -23.59 -2.19 11.78
C HIS D 173 -23.66 -1.84 10.32
N LEU D 174 -24.84 -1.47 9.84
CA LEU D 174 -24.97 -1.13 8.43
C LEU D 174 -24.27 0.16 8.10
N ALA D 175 -24.24 1.11 9.03
CA ALA D 175 -23.40 2.30 8.86
C ALA D 175 -21.93 1.91 8.88
N GLN D 176 -21.50 1.20 9.93
CA GLN D 176 -20.14 0.69 9.98
C GLN D 176 -19.75 0.03 8.65
N LEU D 177 -20.68 -0.73 8.07
CA LEU D 177 -20.41 -1.40 6.80
C LEU D 177 -20.25 -0.39 5.66
N MET D 178 -21.31 0.37 5.38
CA MET D 178 -21.31 1.30 4.25
C MET D 178 -20.09 2.22 4.27
N GLU D 179 -19.48 2.43 5.44
CA GLU D 179 -18.31 3.28 5.55
C GLU D 179 -17.02 2.58 5.13
N SER D 180 -17.07 1.26 4.92
CA SER D 180 -15.91 0.48 4.55
C SER D 180 -15.91 0.09 3.07
N ILE D 181 -16.83 0.63 2.29
CA ILE D 181 -17.03 0.20 0.91
C ILE D 181 -16.66 1.36 0.00
N PRO D 182 -15.60 1.26 -0.80
CA PRO D 182 -15.32 2.31 -1.77
C PRO D 182 -16.50 2.53 -2.70
N HIS D 183 -16.79 3.80 -2.92
CA HIS D 183 -17.73 4.23 -3.95
C HIS D 183 -17.08 5.34 -4.75
N SER D 184 -17.71 5.70 -5.86
CA SER D 184 -17.23 6.82 -6.65
C SER D 184 -18.44 7.58 -7.21
N PRO D 185 -18.45 8.91 -7.12
CA PRO D 185 -17.43 9.83 -6.58
C PRO D 185 -17.08 9.60 -5.11
N GLY D 186 -17.88 8.77 -4.45
CA GLY D 186 -17.53 8.29 -3.14
C GLY D 186 -17.11 9.39 -2.19
N PRO D 187 -16.10 9.12 -1.34
CA PRO D 187 -15.23 7.95 -1.40
C PRO D 187 -15.91 6.62 -1.01
N THR D 188 -16.94 6.71 -0.18
CA THR D 188 -17.57 5.54 0.43
C THR D 188 -19.05 5.46 0.07
N ARG D 189 -19.63 4.29 0.34
CA ARG D 189 -21.06 4.08 0.18
C ARG D 189 -21.88 4.90 1.17
N ILE D 190 -21.25 5.70 2.05
CA ILE D 190 -22.00 6.60 2.92
C ILE D 190 -22.36 7.88 2.19
N GLN D 191 -21.42 8.45 1.46
CA GLN D 191 -21.70 9.70 0.75
C GLN D 191 -22.58 9.48 -0.47
N ALA D 192 -22.97 8.23 -0.74
CA ALA D 192 -24.00 7.98 -1.74
C ALA D 192 -25.37 8.43 -1.26
N ILE D 193 -25.53 8.68 0.03
CA ILE D 193 -26.85 8.99 0.60
C ILE D 193 -27.02 10.49 0.47
N GLU D 194 -27.68 10.91 -0.62
CA GLU D 194 -28.04 12.31 -0.75
C GLU D 194 -28.94 12.75 0.39
N LEU D 195 -29.79 11.84 0.86
CA LEU D 195 -30.74 12.15 1.93
C LEU D 195 -31.21 10.86 2.58
N PHE D 196 -31.14 10.81 3.91
CA PHE D 196 -31.54 9.66 4.69
C PHE D 196 -32.90 9.99 5.30
N MET D 197 -33.96 9.68 4.58
CA MET D 197 -35.32 9.85 5.09
C MET D 197 -35.71 8.62 5.87
N LEU D 198 -36.20 8.82 7.10
CA LEU D 198 -36.42 7.75 8.04
C LEU D 198 -37.86 7.76 8.52
N LEU D 199 -38.60 6.70 8.20
CA LEU D 199 -40.01 6.59 8.56
C LEU D 199 -40.15 5.76 9.82
N ASP D 200 -40.82 6.32 10.82
CA ASP D 200 -41.02 5.57 12.06
C ASP D 200 -42.26 6.08 12.79
N LEU D 201 -43.03 5.14 13.32
CA LEU D 201 -44.19 5.44 14.16
C LEU D 201 -45.30 6.12 13.35
N LEU D 202 -45.59 5.52 12.21
CA LEU D 202 -46.69 5.97 11.38
C LEU D 202 -47.78 4.90 11.40
N GLY D 203 -49.00 5.32 11.06
CA GLY D 203 -50.16 4.47 11.02
C GLY D 203 -51.18 4.80 12.09
N ALA D 204 -50.76 5.36 13.20
CA ALA D 204 -51.69 5.81 14.19
C ALA D 204 -52.48 6.98 13.61
N PRO D 205 -53.61 7.33 14.21
CA PRO D 205 -54.41 8.43 13.69
C PRO D 205 -53.91 9.78 14.18
N ASN D 206 -54.24 10.80 13.40
CA ASN D 206 -54.02 12.19 13.80
C ASN D 206 -52.61 12.38 14.33
N PRO D 207 -51.61 12.21 13.49
CA PRO D 207 -50.23 12.43 13.93
C PRO D 207 -49.79 13.86 13.73
N THR D 208 -48.54 14.13 14.07
CA THR D 208 -47.94 15.43 13.83
C THR D 208 -46.46 15.21 13.60
N PHE D 209 -45.92 15.89 12.61
CA PHE D 209 -44.50 15.80 12.27
C PHE D 209 -43.88 17.19 12.33
N TYR D 210 -42.68 17.26 12.89
CA TYR D 210 -41.89 18.48 12.89
C TYR D 210 -40.52 18.20 12.29
N SER D 211 -39.96 19.20 11.64
CA SER D 211 -38.59 19.09 11.18
C SER D 211 -37.67 19.09 12.39
N HIS D 212 -36.99 17.97 12.63
CA HIS D 212 -36.03 17.88 13.71
C HIS D 212 -34.62 18.19 13.25
N PHE D 213 -34.42 18.47 11.96
CA PHE D 213 -33.09 18.70 11.40
C PHE D 213 -33.14 19.87 10.41
N PRO D 214 -32.53 21.01 10.74
CA PRO D 214 -32.61 22.17 9.83
C PRO D 214 -31.81 22.00 8.55
N ARG D 215 -30.87 21.06 8.50
CA ARG D 215 -30.17 20.79 7.24
C ARG D 215 -31.13 20.29 6.17
N THR D 216 -32.23 19.64 6.56
CA THR D 216 -33.12 18.97 5.64
C THR D 216 -34.53 19.52 5.69
N VAL D 217 -34.70 20.69 6.30
CA VAL D 217 -36.03 21.27 6.45
C VAL D 217 -36.64 21.60 5.09
N ARG D 218 -35.80 22.03 4.15
CA ARG D 218 -36.27 22.30 2.78
C ARG D 218 -37.13 21.16 2.26
N TRP D 219 -36.75 19.92 2.58
CA TRP D 219 -37.50 18.77 2.07
C TRP D 219 -38.76 18.55 2.88
N PHE D 220 -38.67 18.64 4.22
CA PHE D 220 -39.86 18.74 5.02
C PHE D 220 -40.82 19.77 4.41
N HIS D 221 -40.29 20.94 4.04
CA HIS D 221 -41.15 21.98 3.50
C HIS D 221 -41.79 21.56 2.20
N ARG D 222 -41.08 20.78 1.38
CA ARG D 222 -41.76 20.21 0.23
C ARG D 222 -42.91 19.34 0.73
N LEU D 223 -42.62 18.37 1.60
CA LEU D 223 -43.65 17.46 2.10
C LEU D 223 -44.92 18.20 2.52
N ARG D 224 -44.75 19.31 3.25
CA ARG D 224 -45.94 20.07 3.64
C ARG D 224 -46.61 20.69 2.43
N SER D 225 -45.81 21.23 1.50
CA SER D 225 -46.35 21.66 0.22
C SER D 225 -46.62 20.51 -0.73
N ILE D 226 -46.44 19.26 -0.28
CA ILE D 226 -46.87 18.09 -1.04
C ILE D 226 -48.28 17.76 -0.59
N GLU D 227 -48.45 17.43 0.69
CA GLU D 227 -49.75 17.61 1.32
C GLU D 227 -50.20 19.01 0.96
N LYS D 228 -51.50 19.18 0.71
CA LYS D 228 -52.02 20.44 0.15
C LYS D 228 -50.97 21.03 -0.81
N ARG D 229 -50.94 20.66 -2.10
CA ARG D 229 -51.94 19.88 -2.83
C ARG D 229 -52.32 18.54 -2.18
N LEU D 230 -53.21 17.81 -2.87
CA LEU D 230 -53.79 16.56 -2.41
C LEU D 230 -55.01 16.84 -1.55
N HIS D 231 -54.91 17.78 -0.61
CA HIS D 231 -56.13 18.27 0.02
C HIS D 231 -56.90 19.13 -0.97
N ARG D 232 -56.25 20.17 -1.49
CA ARG D 232 -56.89 21.03 -2.49
C ARG D 232 -57.50 20.20 -3.60
N LEU D 233 -56.72 19.28 -4.16
CA LEU D 233 -57.20 18.44 -5.25
C LEU D 233 -58.12 17.33 -4.76
N ASN D 234 -58.70 17.48 -3.57
CA ASN D 234 -59.56 16.47 -2.97
C ASN D 234 -59.00 15.08 -3.23
N LEU D 235 -57.96 14.73 -2.47
CA LEU D 235 -57.32 13.42 -2.60
C LEU D 235 -56.86 12.88 -1.26
N LEU D 236 -57.20 13.52 -0.15
CA LEU D 236 -56.88 13.05 1.18
C LEU D 236 -58.17 12.74 1.94
N GLN D 237 -58.24 11.57 2.53
CA GLN D 237 -59.36 11.23 3.40
C GLN D 237 -59.20 11.84 4.78
N SER D 238 -60.33 12.12 5.41
CA SER D 238 -60.37 12.70 6.75
C SER D 238 -59.29 13.77 6.92
N HIS D 239 -59.36 14.76 6.04
CA HIS D 239 -58.42 15.88 6.06
C HIS D 239 -59.19 17.20 6.10
N PRO D 240 -59.93 17.43 7.18
CA PRO D 240 -60.71 18.69 7.26
C PRO D 240 -59.84 19.93 7.13
N GLN D 241 -58.71 19.98 7.82
CA GLN D 241 -57.80 21.11 7.72
C GLN D 241 -56.75 20.86 6.65
N GLU D 242 -56.21 21.95 6.09
CA GLU D 242 -55.25 21.82 5.00
C GLU D 242 -53.89 21.36 5.49
N VAL D 243 -53.43 21.87 6.62
CA VAL D 243 -52.19 21.43 7.22
C VAL D 243 -52.55 20.72 8.52
N MET D 244 -52.55 19.38 8.45
CA MET D 244 -52.81 18.53 9.60
C MET D 244 -51.59 17.75 10.03
N TYR D 245 -50.94 17.07 9.08
CA TYR D 245 -49.87 16.14 9.43
C TYR D 245 -48.54 16.87 9.62
N PHE D 246 -48.04 17.50 8.56
CA PHE D 246 -46.71 18.09 8.59
C PHE D 246 -46.82 19.51 9.12
N GLN D 247 -46.44 19.69 10.38
CA GLN D 247 -46.59 20.96 11.05
C GLN D 247 -45.33 21.80 10.90
N PRO D 248 -45.42 23.09 11.22
CA PRO D 248 -44.24 23.95 11.25
C PRO D 248 -43.57 24.03 12.60
N GLY D 249 -42.26 24.20 12.58
CA GLY D 249 -41.53 24.46 13.80
C GLY D 249 -40.12 23.92 13.83
N GLU D 250 -39.80 23.22 14.92
CA GLU D 250 -38.41 22.93 15.23
C GLU D 250 -38.29 22.00 16.43
N PRO D 251 -37.09 21.82 17.01
CA PRO D 251 -36.78 21.04 18.20
C PRO D 251 -36.48 22.02 19.34
N PHE D 252 -36.40 21.69 20.64
CA PHE D 252 -36.27 20.33 21.20
C PHE D 252 -34.97 19.77 20.67
N GLY D 253 -34.90 18.45 20.47
CA GLY D 253 -33.80 17.86 19.75
C GLY D 253 -34.27 16.87 18.73
N SER D 254 -33.80 15.63 18.86
CA SER D 254 -34.26 14.52 18.04
C SER D 254 -34.21 13.27 18.89
N VAL D 255 -35.04 12.30 18.53
CA VAL D 255 -35.16 11.07 19.32
C VAL D 255 -34.21 10.02 18.77
N GLU D 256 -33.50 9.36 19.68
CA GLU D 256 -32.63 8.27 19.28
C GLU D 256 -33.42 7.25 18.47
N ASP D 257 -32.87 6.88 17.32
CA ASP D 257 -33.52 6.00 16.36
C ASP D 257 -32.44 5.58 15.38
N ASP D 258 -32.84 4.98 14.25
CA ASP D 258 -31.86 4.36 13.37
C ASP D 258 -31.01 5.36 12.60
N HIS D 259 -31.37 6.63 12.59
CA HIS D 259 -30.58 7.60 11.85
C HIS D 259 -29.24 7.89 12.51
N ILE D 260 -29.15 7.67 13.81
CA ILE D 260 -28.00 8.16 14.57
C ILE D 260 -26.67 7.75 13.95
N PRO D 261 -26.39 6.48 13.67
CA PRO D 261 -25.05 6.11 13.20
C PRO D 261 -24.66 6.79 11.91
N PHE D 262 -25.60 7.05 11.01
CA PHE D 262 -25.29 7.77 9.79
C PHE D 262 -25.04 9.24 10.09
N LEU D 263 -25.72 9.76 11.11
CA LEU D 263 -25.46 11.12 11.54
C LEU D 263 -24.05 11.24 12.11
N ARG D 264 -23.60 10.21 12.83
CA ARG D 264 -22.20 10.15 13.24
C ARG D 264 -21.27 10.31 12.05
N ARG D 265 -21.71 9.91 10.87
CA ARG D 265 -20.89 9.89 9.67
C ARG D 265 -21.24 11.00 8.70
N GLY D 266 -22.12 11.91 9.09
CA GLY D 266 -22.35 13.12 8.33
C GLY D 266 -23.43 13.04 7.28
N VAL D 267 -24.40 12.14 7.45
CA VAL D 267 -25.42 11.94 6.43
C VAL D 267 -26.61 12.84 6.73
N PRO D 268 -27.12 13.59 5.75
CA PRO D 268 -28.31 14.40 6.00
C PRO D 268 -29.51 13.51 6.30
N VAL D 269 -30.29 13.91 7.29
CA VAL D 269 -31.35 13.07 7.81
C VAL D 269 -32.67 13.84 7.77
N LEU D 270 -33.74 13.14 7.37
CA LEU D 270 -35.11 13.60 7.57
C LEU D 270 -35.80 12.56 8.43
N HIS D 271 -35.87 12.84 9.72
CA HIS D 271 -36.46 11.93 10.70
C HIS D 271 -37.96 12.12 10.63
N LEU D 272 -38.61 11.29 9.82
CA LEU D 272 -40.03 11.44 9.52
C LEU D 272 -40.83 10.58 10.49
N ILE D 273 -40.90 11.05 11.73
CA ILE D 273 -41.41 10.27 12.85
C ILE D 273 -42.48 11.07 13.58
N SER D 274 -43.55 10.38 13.96
CA SER D 274 -44.69 11.03 14.62
C SER D 274 -44.30 11.51 16.00
N THR D 275 -44.59 12.78 16.27
CA THR D 275 -44.25 13.35 17.57
C THR D 275 -45.34 14.35 17.96
N PRO D 276 -46.13 14.05 19.01
CA PRO D 276 -45.99 12.94 19.95
C PRO D 276 -46.11 11.55 19.33
N PHE D 277 -45.80 10.57 20.17
CA PHE D 277 -45.78 9.16 19.84
C PHE D 277 -47.20 8.60 19.85
N PRO D 278 -47.44 7.52 19.07
CA PRO D 278 -48.78 6.90 19.08
C PRO D 278 -49.35 6.82 20.48
N ALA D 279 -50.67 6.94 20.60
CA ALA D 279 -51.27 6.86 21.92
C ALA D 279 -51.12 5.46 22.49
N VAL D 280 -51.01 4.47 21.61
CA VAL D 280 -50.93 3.07 21.98
C VAL D 280 -49.54 2.57 21.65
N TRP D 281 -48.54 3.37 22.01
CA TRP D 281 -47.18 2.95 21.85
C TRP D 281 -46.96 1.62 22.57
N HIS D 282 -45.72 1.16 22.61
CA HIS D 282 -45.30 -0.06 23.30
C HIS D 282 -46.38 -0.66 24.18
N THR D 283 -47.32 -1.34 23.55
CA THR D 283 -48.37 -2.08 24.22
C THR D 283 -48.78 -3.21 23.29
N PRO D 284 -49.55 -4.19 23.79
CA PRO D 284 -50.28 -5.07 22.88
C PRO D 284 -51.24 -4.32 21.98
N ALA D 285 -51.45 -3.02 22.21
CA ALA D 285 -52.45 -2.26 21.49
C ALA D 285 -51.99 -1.84 20.10
N ASP D 286 -50.69 -1.64 19.91
CA ASP D 286 -50.15 -1.41 18.58
C ASP D 286 -50.57 -2.53 17.63
N THR D 287 -51.77 -2.43 17.06
CA THR D 287 -52.34 -3.52 16.27
C THR D 287 -53.30 -2.97 15.22
N GLU D 288 -53.58 -3.81 14.21
CA GLU D 288 -54.23 -3.35 12.99
C GLU D 288 -55.53 -2.59 13.25
N VAL D 289 -56.19 -2.89 14.37
CA VAL D 289 -57.45 -2.19 14.69
C VAL D 289 -57.18 -0.77 15.12
N ASN D 290 -56.05 -0.52 15.80
CA ASN D 290 -55.72 0.80 16.29
C ASN D 290 -54.95 1.61 15.27
N LEU D 291 -54.99 1.19 14.01
CA LEU D 291 -54.51 1.97 12.89
C LEU D 291 -55.65 2.81 12.33
N HIS D 292 -55.28 3.84 11.58
CA HIS D 292 -56.25 4.69 10.89
C HIS D 292 -56.01 4.55 9.40
N PRO D 293 -56.59 3.54 8.78
CA PRO D 293 -56.32 3.25 7.37
C PRO D 293 -56.26 4.52 6.53
N PRO D 294 -57.20 5.45 6.69
CA PRO D 294 -57.09 6.69 5.89
C PRO D 294 -55.78 7.40 6.11
N THR D 295 -55.42 7.66 7.38
CA THR D 295 -54.17 8.35 7.67
C THR D 295 -52.99 7.65 7.03
N VAL D 296 -53.05 6.33 6.89
CA VAL D 296 -51.96 5.60 6.24
C VAL D 296 -51.92 5.94 4.76
N HIS D 297 -53.01 5.67 4.06
CA HIS D 297 -53.03 5.88 2.62
C HIS D 297 -52.76 7.33 2.24
N ASN D 298 -53.10 8.27 3.11
CA ASN D 298 -52.61 9.62 2.93
C ASN D 298 -51.10 9.57 2.83
N LEU D 299 -50.44 9.31 3.96
CA LEU D 299 -48.99 9.26 4.03
C LEU D 299 -48.41 8.45 2.87
N CYS D 300 -49.14 7.43 2.41
CA CYS D 300 -48.68 6.69 1.24
C CYS D 300 -48.73 7.55 0.00
N ARG D 301 -49.79 8.34 -0.16
CA ARG D 301 -49.91 9.19 -1.33
C ARG D 301 -48.96 10.37 -1.25
N ILE D 302 -48.92 11.03 -0.09
CA ILE D 302 -47.99 12.15 0.11
C ILE D 302 -46.59 11.76 -0.34
N LEU D 303 -46.05 10.71 0.28
CA LEU D 303 -44.72 10.24 -0.12
C LEU D 303 -44.67 9.91 -1.60
N ALA D 304 -45.64 9.13 -2.07
CA ALA D 304 -45.69 8.75 -3.48
C ALA D 304 -45.42 9.94 -4.38
N VAL D 305 -45.97 11.11 -4.04
CA VAL D 305 -45.63 12.32 -4.76
C VAL D 305 -44.19 12.74 -4.47
N PHE D 306 -43.77 12.65 -3.21
CA PHE D 306 -42.44 13.11 -2.84
C PHE D 306 -41.36 12.40 -3.65
N LEU D 307 -41.40 11.07 -3.67
CA LEU D 307 -40.42 10.32 -4.44
C LEU D 307 -40.30 10.87 -5.86
N ALA D 308 -41.41 10.97 -6.57
CA ALA D 308 -41.37 11.45 -7.94
C ALA D 308 -40.68 12.79 -8.04
N GLU D 309 -40.96 13.69 -7.09
CA GLU D 309 -40.42 15.04 -7.19
C GLU D 309 -38.97 15.10 -6.75
N TYR D 310 -38.57 14.33 -5.74
CA TYR D 310 -37.16 14.23 -5.44
C TYR D 310 -36.40 13.59 -6.60
N LEU D 311 -37.00 12.61 -7.25
CA LEU D 311 -36.33 11.84 -8.31
C LEU D 311 -36.88 12.14 -9.70
N GLY D 312 -37.58 13.27 -9.86
CA GLY D 312 -38.13 13.64 -11.15
C GLY D 312 -38.64 12.47 -11.97
N LEU D 313 -39.37 11.56 -11.32
CA LEU D 313 -40.01 10.46 -12.03
C LEU D 313 -41.30 10.95 -12.68
N VAL E 1 -11.06 5.75 -29.79
CA VAL E 1 -9.93 5.93 -30.67
C VAL E 1 -8.70 5.09 -30.26
N PRO E 2 -8.56 4.73 -28.96
CA PRO E 2 -7.43 3.87 -28.56
C PRO E 2 -7.75 2.37 -28.62
N LEU E 3 -6.97 1.55 -27.93
CA LEU E 3 -7.16 0.09 -27.94
C LEU E 3 -6.79 -0.46 -26.58
N ILE E 4 -6.59 -1.79 -26.49
CA ILE E 4 -6.17 -2.43 -25.26
C ILE E 4 -4.80 -1.90 -24.82
N GLY E 5 -4.63 -1.75 -23.52
CA GLY E 5 -3.37 -1.34 -22.95
C GLY E 5 -2.86 -0.01 -23.46
N SER E 6 -3.70 0.72 -24.20
CA SER E 6 -3.28 2.00 -24.78
C SER E 6 -2.70 2.89 -23.71
N LEU E 7 -2.15 4.02 -24.11
CA LEU E 7 -1.53 4.83 -23.08
C LEU E 7 -2.42 6.01 -22.72
N PRO E 8 -2.57 6.29 -21.42
CA PRO E 8 -3.36 7.45 -21.02
C PRO E 8 -2.76 8.71 -21.59
N GLU E 9 -3.63 9.62 -22.04
CA GLU E 9 -3.15 10.88 -22.61
C GLU E 9 -2.27 11.67 -21.65
N ALA E 10 -2.16 11.25 -20.39
CA ALA E 10 -1.18 11.84 -19.49
C ALA E 10 0.23 11.42 -19.88
N ARG E 11 0.48 10.10 -19.95
CA ARG E 11 1.80 9.61 -20.31
C ARG E 11 2.12 9.90 -21.77
N LEU E 12 1.18 9.63 -22.68
CA LEU E 12 1.44 9.79 -24.10
C LEU E 12 1.98 11.17 -24.42
N ARG E 13 1.45 12.20 -23.77
CA ARG E 13 1.88 13.57 -24.05
C ARG E 13 3.18 13.91 -23.34
N ARG E 14 3.53 13.21 -22.27
CA ARG E 14 4.83 13.38 -21.63
C ARG E 14 5.92 12.73 -22.47
N VAL E 15 5.67 11.50 -22.92
CA VAL E 15 6.63 10.73 -23.71
C VAL E 15 7.04 11.52 -24.94
N VAL E 16 6.09 11.78 -25.83
CA VAL E 16 6.35 12.55 -27.05
C VAL E 16 7.18 13.77 -26.72
N GLY E 17 6.90 14.41 -25.59
CA GLY E 17 7.69 15.56 -25.17
C GLY E 17 9.16 15.25 -25.02
N GLN E 18 9.50 13.99 -24.78
CA GLN E 18 10.88 13.57 -24.54
C GLN E 18 11.63 13.23 -25.82
N LEU E 19 10.99 13.34 -26.98
CA LEU E 19 11.69 13.22 -28.24
C LEU E 19 12.31 14.57 -28.59
N ASP E 20 13.57 14.53 -28.99
CA ASP E 20 14.35 15.74 -29.19
C ASP E 20 14.69 15.85 -30.68
N PRO E 21 13.79 16.42 -31.48
CA PRO E 21 13.99 16.46 -32.94
C PRO E 21 15.37 16.92 -33.37
N GLN E 22 15.95 17.92 -32.69
CA GLN E 22 17.29 18.35 -33.04
C GLN E 22 18.32 17.30 -32.66
N ARG E 23 18.04 16.51 -31.61
CA ARG E 23 18.97 15.46 -31.21
C ARG E 23 19.12 14.41 -32.30
N LEU E 24 18.01 13.79 -32.69
CA LEU E 24 17.98 12.90 -33.84
C LEU E 24 18.77 13.46 -35.00
N TRP E 25 18.27 14.54 -35.57
CA TRP E 25 18.72 14.97 -36.89
C TRP E 25 20.18 15.35 -36.88
N SER E 26 20.63 16.10 -35.88
CA SER E 26 22.00 16.58 -35.87
C SER E 26 22.94 15.59 -35.20
N THR E 27 22.61 15.13 -34.00
CA THR E 27 23.56 14.32 -33.24
C THR E 27 23.59 12.86 -33.67
N TYR E 28 22.49 12.36 -34.24
CA TYR E 28 22.39 10.94 -34.61
C TYR E 28 22.37 10.72 -36.11
N LEU E 29 21.52 11.43 -36.84
CA LEU E 29 21.39 11.20 -38.27
C LEU E 29 22.59 11.76 -39.03
N ARG E 30 22.90 13.03 -38.82
CA ARG E 30 23.90 13.71 -39.65
C ARG E 30 25.25 13.01 -39.63
N PRO E 31 25.81 12.59 -38.49
CA PRO E 31 27.12 11.93 -38.52
C PRO E 31 27.10 10.56 -39.14
N LEU E 32 25.92 10.01 -39.42
CA LEU E 32 25.80 8.73 -40.11
C LEU E 32 25.83 8.88 -41.62
N LEU E 33 25.69 10.09 -42.13
CA LEU E 33 25.51 10.30 -43.57
C LEU E 33 26.88 10.46 -44.22
N VAL E 34 27.57 9.32 -44.29
CA VAL E 34 28.86 9.18 -44.95
C VAL E 34 28.78 7.90 -45.78
N VAL E 35 29.73 7.74 -46.69
CA VAL E 35 29.86 6.45 -47.35
C VAL E 35 30.32 5.45 -46.29
N ARG E 36 29.63 4.32 -46.21
CA ARG E 36 29.93 3.33 -45.18
C ARG E 36 29.77 1.93 -45.72
N THR E 37 30.27 1.71 -46.93
CA THR E 37 30.36 0.39 -47.54
C THR E 37 30.89 -0.59 -46.49
N PRO E 38 30.67 -1.90 -46.64
CA PRO E 38 31.20 -2.83 -45.64
C PRO E 38 32.72 -2.86 -45.66
N GLY E 39 33.29 -2.97 -44.46
CA GLY E 39 34.73 -2.94 -44.31
C GLY E 39 35.36 -1.73 -44.97
N SER E 40 34.97 -0.54 -44.52
CA SER E 40 35.48 0.68 -45.10
C SER E 40 35.57 1.72 -44.00
N PRO E 41 36.57 2.60 -44.05
CA PRO E 41 36.80 3.56 -42.96
C PRO E 41 35.52 4.14 -42.38
N GLY E 42 34.59 4.53 -43.25
CA GLY E 42 33.34 5.10 -42.82
C GLY E 42 32.53 4.15 -41.96
N ASN E 43 32.16 3.01 -42.54
CA ASN E 43 31.55 1.93 -41.76
C ASN E 43 32.17 1.86 -40.38
N LEU E 44 33.47 1.56 -40.34
CA LEU E 44 34.16 1.45 -39.07
C LEU E 44 34.00 2.69 -38.21
N GLN E 45 33.90 3.87 -38.84
CA GLN E 45 33.61 5.07 -38.08
C GLN E 45 32.24 4.98 -37.44
N VAL E 46 31.22 4.60 -38.22
CA VAL E 46 29.86 4.50 -37.69
C VAL E 46 29.81 3.45 -36.60
N ARG E 47 30.07 2.20 -36.96
CA ARG E 47 29.97 1.06 -36.05
C ARG E 47 30.30 1.45 -34.62
N LYS E 48 31.49 2.06 -34.44
CA LYS E 48 31.89 2.48 -33.11
C LYS E 48 30.97 3.57 -32.58
N PHE E 49 30.64 4.55 -33.42
CA PHE E 49 29.71 5.60 -33.01
C PHE E 49 28.47 5.01 -32.36
N LEU E 50 27.93 3.94 -32.94
CA LEU E 50 26.79 3.25 -32.35
C LEU E 50 27.19 2.58 -31.05
N GLU E 51 28.26 1.78 -31.08
CA GLU E 51 28.74 1.10 -29.88
C GLU E 51 28.83 2.05 -28.70
N ALA E 52 29.42 3.22 -28.95
CA ALA E 52 29.68 4.16 -27.86
C ALA E 52 28.39 4.87 -27.44
N THR E 53 27.64 5.37 -28.42
CA THR E 53 26.38 6.04 -28.11
C THR E 53 25.53 5.16 -27.18
N LEU E 54 25.46 3.87 -27.47
CA LEU E 54 24.60 2.99 -26.67
C LEU E 54 25.14 2.80 -25.27
N ARG E 55 26.41 2.42 -25.15
CA ARG E 55 27.00 2.25 -23.83
C ARG E 55 26.92 3.54 -23.02
N SER E 56 26.85 4.68 -23.69
CA SER E 56 26.76 5.96 -23.02
C SER E 56 25.37 6.23 -22.44
N LEU E 57 24.53 5.20 -22.32
CA LEU E 57 23.17 5.35 -21.85
C LEU E 57 23.08 4.90 -20.39
N THR E 58 22.30 5.65 -19.61
CA THR E 58 22.09 5.29 -18.21
C THR E 58 21.62 3.85 -18.08
N ALA E 59 20.55 3.50 -18.80
CA ALA E 59 19.88 2.21 -18.68
C ALA E 59 20.84 1.04 -18.48
N GLY E 60 22.06 1.17 -18.99
CA GLY E 60 23.05 0.12 -18.84
C GLY E 60 22.80 -1.05 -19.76
N TRP E 61 22.71 -0.77 -21.06
CA TRP E 61 22.58 -1.81 -22.06
C TRP E 61 23.80 -2.72 -22.02
N HIS E 62 23.67 -3.87 -22.66
CA HIS E 62 24.75 -4.84 -22.80
C HIS E 62 25.06 -4.94 -24.29
N VAL E 63 25.99 -4.10 -24.75
CA VAL E 63 26.26 -3.92 -26.18
C VAL E 63 27.41 -4.84 -26.56
N GLU E 64 27.10 -5.93 -27.25
CA GLU E 64 28.16 -6.80 -27.76
C GLU E 64 28.33 -6.58 -29.26
N LEU E 65 29.55 -6.80 -29.71
CA LEU E 65 29.94 -6.65 -31.10
C LEU E 65 30.04 -8.02 -31.73
N ASP E 66 29.79 -8.09 -33.04
CA ASP E 66 29.70 -9.36 -33.77
C ASP E 66 30.65 -9.33 -34.96
N PRO E 67 31.95 -9.48 -34.73
CA PRO E 67 32.91 -9.38 -35.84
C PRO E 67 33.16 -10.72 -36.49
N PHE E 68 33.12 -10.77 -37.82
CA PHE E 68 33.33 -12.03 -38.53
C PHE E 68 33.89 -11.74 -39.91
N THR E 69 34.14 -12.81 -40.66
CA THR E 69 34.69 -12.71 -42.00
C THR E 69 33.97 -13.67 -42.91
N ALA E 70 33.30 -13.14 -43.93
CA ALA E 70 32.59 -13.93 -44.92
C ALA E 70 33.23 -13.73 -46.29
N SER E 71 33.06 -14.74 -47.14
CA SER E 71 33.57 -14.69 -48.50
C SER E 71 32.57 -14.02 -49.43
N THR E 72 33.05 -13.09 -50.27
CA THR E 72 32.20 -12.37 -51.20
C THR E 72 32.89 -12.24 -52.56
N PRO E 73 32.19 -11.79 -53.61
CA PRO E 73 32.87 -11.61 -54.90
C PRO E 73 34.09 -10.73 -54.83
N LEU E 74 34.19 -9.86 -53.82
CA LEU E 74 35.36 -9.02 -53.64
C LEU E 74 36.38 -9.66 -52.70
N GLY E 75 36.33 -10.98 -52.58
CA GLY E 75 37.24 -11.71 -51.73
C GLY E 75 36.69 -11.80 -50.33
N PRO E 76 37.53 -12.22 -49.38
CA PRO E 76 37.15 -12.14 -47.98
C PRO E 76 36.81 -10.71 -47.60
N VAL E 77 36.04 -10.58 -46.53
CA VAL E 77 35.55 -9.29 -46.07
C VAL E 77 35.40 -9.37 -44.55
N ASP E 78 35.52 -8.23 -43.89
CA ASP E 78 35.37 -8.14 -42.44
C ASP E 78 34.14 -7.31 -42.12
N PHE E 79 33.15 -7.94 -41.49
CA PHE E 79 31.90 -7.31 -41.12
C PHE E 79 31.81 -7.15 -39.61
N GLY E 80 30.76 -6.48 -39.16
CA GLY E 80 30.54 -6.28 -37.73
C GLY E 80 29.16 -5.74 -37.38
N ASN E 81 28.38 -6.51 -36.62
CA ASN E 81 27.05 -6.08 -36.18
C ASN E 81 27.10 -5.57 -34.76
N VAL E 82 26.30 -4.54 -34.48
CA VAL E 82 26.14 -4.02 -33.12
C VAL E 82 24.85 -4.62 -32.56
N VAL E 83 24.98 -5.47 -31.57
CA VAL E 83 23.84 -6.10 -30.89
C VAL E 83 23.74 -5.48 -29.50
N ALA E 84 22.62 -4.82 -29.22
CA ALA E 84 22.40 -4.16 -27.94
C ALA E 84 21.19 -4.78 -27.25
N THR E 85 21.43 -5.52 -26.17
CA THR E 85 20.37 -6.12 -25.39
C THR E 85 20.29 -5.40 -24.05
N LEU E 86 19.19 -4.69 -23.83
CA LEU E 86 19.01 -3.91 -22.61
C LEU E 86 19.09 -4.82 -21.37
N ASP E 87 18.23 -5.83 -21.31
CA ASP E 87 18.12 -6.71 -20.15
C ASP E 87 18.37 -8.15 -20.61
N PRO E 88 19.63 -8.56 -20.73
CA PRO E 88 19.91 -9.94 -21.20
C PRO E 88 19.10 -11.00 -20.47
N ARG E 89 19.01 -10.91 -19.14
CA ARG E 89 18.37 -11.98 -18.38
C ARG E 89 16.88 -12.08 -18.69
N ALA E 90 16.23 -10.94 -18.96
CA ALA E 90 14.80 -10.97 -19.27
C ALA E 90 14.53 -12.02 -20.34
N ALA E 91 13.52 -12.86 -20.09
CA ALA E 91 13.30 -14.05 -20.90
C ALA E 91 13.14 -13.70 -22.36
N ARG E 92 12.03 -13.07 -22.71
CA ARG E 92 11.77 -12.64 -24.07
C ARG E 92 12.24 -11.20 -24.24
N HIS E 93 12.28 -10.73 -25.48
CA HIS E 93 12.55 -9.32 -25.73
C HIS E 93 12.02 -8.91 -27.09
N LEU E 94 11.48 -7.69 -27.14
CA LEU E 94 11.25 -7.04 -28.41
C LEU E 94 12.58 -6.71 -29.06
N THR E 95 12.60 -6.75 -30.40
CA THR E 95 13.81 -6.55 -31.18
C THR E 95 13.53 -5.56 -32.30
N LEU E 96 14.28 -4.46 -32.33
CA LEU E 96 14.25 -3.51 -33.43
C LEU E 96 15.52 -3.66 -34.26
N ALA E 97 15.36 -3.60 -35.57
CA ALA E 97 16.46 -3.87 -36.48
C ALA E 97 16.49 -2.85 -37.61
N CYS E 98 17.66 -2.74 -38.21
CA CYS E 98 18.00 -1.86 -39.31
C CYS E 98 19.47 -2.10 -39.59
N HIS E 99 19.90 -1.85 -40.81
CA HIS E 99 21.29 -2.10 -41.19
C HIS E 99 22.02 -0.78 -41.35
N TYR E 100 23.22 -0.72 -40.77
CA TYR E 100 24.02 0.50 -40.76
C TYR E 100 25.04 0.54 -41.89
N ASP E 101 25.04 -0.44 -42.78
CA ASP E 101 25.91 -0.38 -43.95
C ASP E 101 25.20 0.36 -45.08
N SER E 102 25.97 0.75 -46.09
CA SER E 102 25.44 1.41 -47.27
C SER E 102 25.80 0.59 -48.50
N LYS E 103 25.12 0.86 -49.61
CA LYS E 103 25.42 0.08 -50.80
C LYS E 103 26.71 0.57 -51.44
N LEU E 104 27.32 -0.34 -52.19
CA LEU E 104 28.60 -0.07 -52.83
C LEU E 104 28.37 0.18 -54.31
N PHE E 105 28.45 1.43 -54.69
CA PHE E 105 28.34 1.87 -56.07
C PHE E 105 29.71 1.92 -56.73
N PRO E 106 29.79 1.97 -58.05
CA PRO E 106 31.08 1.94 -58.71
C PRO E 106 31.85 3.22 -58.43
N PRO E 107 33.12 3.29 -58.81
CA PRO E 107 33.95 4.43 -58.43
C PRO E 107 33.54 5.69 -59.16
N GLY E 108 34.07 6.81 -58.67
CA GLY E 108 33.89 8.10 -59.32
C GLY E 108 32.48 8.62 -59.19
N SER E 109 31.51 7.73 -59.37
CA SER E 109 30.12 8.00 -59.08
C SER E 109 29.96 8.92 -57.87
N THR E 110 28.99 9.82 -57.93
CA THR E 110 28.72 10.64 -56.76
C THR E 110 28.59 9.74 -55.54
N PRO E 111 29.17 10.12 -54.40
CA PRO E 111 29.12 9.23 -53.24
C PRO E 111 27.69 8.85 -52.88
N PHE E 112 27.52 7.60 -52.46
CA PHE E 112 26.22 7.07 -52.05
C PHE E 112 26.21 6.93 -50.53
N VAL E 113 25.19 7.50 -49.89
CA VAL E 113 25.08 7.48 -48.44
C VAL E 113 23.79 6.86 -47.95
N GLY E 114 22.82 6.62 -48.83
CA GLY E 114 21.56 6.01 -48.43
C GLY E 114 21.01 6.60 -47.15
N ALA E 115 20.37 7.77 -47.25
CA ALA E 115 19.82 8.41 -46.06
C ALA E 115 18.61 7.66 -45.54
N THR E 116 17.64 7.38 -46.40
CA THR E 116 16.56 6.50 -46.00
C THR E 116 17.11 5.10 -45.72
N ASP E 117 17.68 4.50 -46.76
CA ASP E 117 18.34 3.19 -46.71
C ASP E 117 19.78 3.29 -46.22
N SER E 118 20.03 3.11 -44.92
CA SER E 118 19.03 2.81 -43.90
C SER E 118 19.30 3.72 -42.72
N ALA E 119 19.84 4.91 -43.01
CA ALA E 119 20.31 5.80 -41.96
C ALA E 119 19.19 6.17 -41.00
N VAL E 120 18.14 6.82 -41.52
CA VAL E 120 17.04 7.25 -40.65
C VAL E 120 16.60 6.11 -39.74
N PRO E 121 16.35 4.89 -40.23
CA PRO E 121 16.15 3.75 -39.34
C PRO E 121 17.10 3.74 -38.16
N CYS E 122 18.41 3.61 -38.42
CA CYS E 122 19.38 3.59 -37.33
C CYS E 122 19.22 4.82 -36.45
N ALA E 123 19.00 5.98 -37.06
CA ALA E 123 18.85 7.21 -36.29
C ALA E 123 17.66 7.12 -35.34
N LEU E 124 16.51 6.69 -35.86
CA LEU E 124 15.33 6.51 -35.03
C LEU E 124 15.65 5.67 -33.80
N LEU E 125 16.21 4.49 -34.01
CA LEU E 125 16.45 3.58 -32.90
C LEU E 125 17.34 4.21 -31.85
N LEU E 126 18.34 4.99 -32.28
CA LEU E 126 19.16 5.70 -31.31
C LEU E 126 18.33 6.65 -30.48
N GLU E 127 17.65 7.60 -31.13
CA GLU E 127 16.81 8.55 -30.41
C GLU E 127 15.91 7.84 -29.40
N LEU E 128 14.99 7.02 -29.92
CA LEU E 128 14.06 6.30 -29.07
C LEU E 128 14.72 5.83 -27.78
N ALA E 129 15.80 5.06 -27.89
CA ALA E 129 16.50 4.58 -26.71
C ALA E 129 16.87 5.73 -25.78
N GLN E 130 17.33 6.85 -26.36
CA GLN E 130 17.68 8.03 -25.59
C GLN E 130 16.43 8.61 -24.93
N ALA E 131 15.49 9.10 -25.75
CA ALA E 131 14.28 9.73 -25.21
C ALA E 131 13.63 8.85 -24.14
N LEU E 132 13.53 7.55 -24.39
CA LEU E 132 12.89 6.63 -23.46
C LEU E 132 13.88 5.97 -22.53
N ASP E 133 15.06 6.56 -22.34
CA ASP E 133 16.11 5.88 -21.60
C ASP E 133 15.68 5.55 -20.17
N LEU E 134 14.97 6.46 -19.52
CA LEU E 134 14.68 6.29 -18.10
C LEU E 134 13.54 5.31 -17.87
N GLU E 135 12.45 5.45 -18.62
CA GLU E 135 11.34 4.52 -18.47
C GLU E 135 11.79 3.09 -18.74
N LEU E 136 12.76 2.91 -19.64
CA LEU E 136 13.37 1.60 -19.85
C LEU E 136 14.33 1.24 -18.72
N SER E 137 14.96 2.24 -18.10
CA SER E 137 15.82 1.98 -16.95
C SER E 137 15.01 1.49 -15.77
N ARG E 138 13.76 1.96 -15.65
CA ARG E 138 12.85 1.44 -14.63
C ARG E 138 12.55 -0.03 -14.89
N ALA E 139 12.10 -0.34 -16.11
CA ALA E 139 11.70 -1.70 -16.44
C ALA E 139 12.86 -2.68 -16.34
N LYS E 140 14.10 -2.23 -16.50
CA LYS E 140 15.23 -3.13 -16.27
C LYS E 140 15.46 -3.36 -14.79
N LYS E 141 15.39 -2.27 -14.00
CA LYS E 141 15.48 -2.40 -12.55
C LYS E 141 14.37 -3.30 -12.02
N GLN E 142 13.12 -2.96 -12.34
CA GLN E 142 11.96 -3.72 -11.87
C GLN E 142 11.88 -5.09 -12.53
N ALA E 143 13.00 -5.59 -13.06
CA ALA E 143 13.11 -6.94 -13.61
C ALA E 143 11.97 -7.22 -14.57
N ALA E 144 11.76 -6.31 -15.51
CA ALA E 144 10.72 -6.53 -16.50
C ALA E 144 10.98 -7.84 -17.23
N PRO E 145 9.94 -8.54 -17.63
CA PRO E 145 10.10 -9.88 -18.21
C PRO E 145 10.42 -9.83 -19.69
N VAL E 146 9.82 -8.85 -20.36
CA VAL E 146 9.95 -8.64 -21.79
C VAL E 146 10.73 -7.33 -21.96
N THR E 147 11.97 -7.42 -22.46
CA THR E 147 12.87 -6.27 -22.49
C THR E 147 13.01 -5.77 -23.93
N LEU E 148 14.09 -5.05 -24.23
CA LEU E 148 14.25 -4.40 -25.54
C LEU E 148 15.63 -4.65 -26.12
N GLN E 149 15.66 -5.01 -27.40
CA GLN E 149 16.90 -5.30 -28.12
C GLN E 149 16.99 -4.42 -29.36
N LEU E 150 18.14 -3.77 -29.54
CA LEU E 150 18.43 -2.99 -30.74
C LEU E 150 19.48 -3.71 -31.56
N LEU E 151 19.18 -3.90 -32.84
CA LEU E 151 20.07 -4.61 -33.75
C LEU E 151 20.52 -3.67 -34.86
N PHE E 152 21.82 -3.42 -34.92
CA PHE E 152 22.43 -2.68 -36.01
C PHE E 152 23.24 -3.67 -36.83
N LEU E 153 22.83 -3.86 -38.08
CA LEU E 153 23.28 -4.97 -38.90
C LEU E 153 24.19 -4.48 -40.01
N ASP E 154 25.33 -5.15 -40.18
CA ASP E 154 26.27 -4.81 -41.23
C ASP E 154 26.03 -5.68 -42.46
N GLY E 155 26.67 -5.31 -43.55
CA GLY E 155 26.62 -6.11 -44.76
C GLY E 155 25.26 -6.67 -45.09
N GLU E 156 24.31 -5.79 -45.41
CA GLU E 156 23.06 -6.22 -46.02
C GLU E 156 23.13 -6.09 -47.53
N GLU E 157 23.34 -4.87 -48.01
CA GLU E 157 23.48 -4.64 -49.45
C GLU E 157 24.45 -5.65 -50.05
N ALA E 158 24.24 -5.95 -51.32
CA ALA E 158 25.13 -6.84 -52.06
C ALA E 158 26.26 -6.04 -52.66
N LEU E 159 27.42 -6.69 -52.80
CA LEU E 159 28.59 -6.03 -53.34
C LEU E 159 28.58 -6.09 -54.87
N LYS E 160 28.38 -7.27 -55.44
CA LYS E 160 28.20 -7.42 -56.88
C LYS E 160 27.07 -8.42 -57.13
N GLU E 161 25.94 -7.94 -57.62
CA GLU E 161 24.82 -8.81 -57.99
C GLU E 161 24.18 -9.41 -56.75
N TRP E 162 22.92 -9.07 -56.48
CA TRP E 162 22.23 -9.71 -55.35
C TRP E 162 22.09 -11.20 -55.63
N GLY E 163 22.11 -11.98 -54.56
CA GLY E 163 21.84 -13.38 -54.62
C GLY E 163 21.80 -14.00 -53.24
N PRO E 164 21.23 -15.19 -53.12
CA PRO E 164 21.21 -15.89 -51.84
C PRO E 164 22.54 -15.88 -51.09
N LYS E 165 23.66 -15.71 -51.80
CA LYS E 165 24.98 -15.87 -51.21
C LYS E 165 25.80 -14.60 -51.17
N ASP E 166 25.31 -13.51 -51.76
CA ASP E 166 25.99 -12.22 -51.71
C ASP E 166 24.99 -11.14 -51.29
N SER E 167 24.42 -11.32 -50.11
CA SER E 167 23.43 -10.40 -49.57
C SER E 167 23.02 -10.81 -48.16
N LEU E 168 22.76 -9.83 -47.30
CA LEU E 168 22.33 -10.09 -45.93
C LEU E 168 23.46 -10.72 -45.12
N TYR E 169 24.70 -10.27 -45.36
CA TYR E 169 25.83 -10.83 -44.63
C TYR E 169 25.68 -10.63 -43.13
N GLY E 170 25.02 -9.56 -42.72
CA GLY E 170 24.89 -9.29 -41.30
C GLY E 170 23.87 -10.22 -40.69
N SER E 171 22.64 -10.14 -41.20
CA SER E 171 21.55 -10.97 -40.67
C SER E 171 21.94 -12.44 -40.63
N ARG E 172 22.37 -12.98 -41.77
CA ARG E 172 22.58 -14.42 -41.88
C ARG E 172 23.54 -14.94 -40.83
N HIS E 173 24.48 -14.11 -40.37
CA HIS E 173 25.44 -14.58 -39.38
C HIS E 173 24.97 -14.34 -37.97
N LEU E 174 24.31 -13.20 -37.71
CA LEU E 174 23.80 -12.98 -36.37
C LEU E 174 22.73 -14.00 -36.03
N ALA E 175 21.83 -14.27 -36.97
CA ALA E 175 20.91 -15.39 -36.80
C ALA E 175 21.69 -16.66 -36.46
N GLN E 176 22.74 -16.96 -37.22
CA GLN E 176 23.53 -18.19 -36.96
C GLN E 176 24.14 -18.18 -35.58
N LEU E 177 24.57 -17.03 -35.11
CA LEU E 177 25.03 -16.95 -33.73
C LEU E 177 23.86 -17.12 -32.75
N MET E 178 22.82 -16.31 -32.91
CA MET E 178 21.70 -16.33 -31.98
C MET E 178 21.06 -17.70 -31.84
N GLU E 179 21.33 -18.63 -32.75
CA GLU E 179 20.76 -19.97 -32.69
C GLU E 179 21.71 -21.00 -32.09
N SER E 180 22.98 -20.66 -31.91
CA SER E 180 23.93 -21.55 -31.24
C SER E 180 24.14 -21.15 -29.78
N ILE E 181 23.26 -20.32 -29.23
CA ILE E 181 23.42 -19.75 -27.90
C ILE E 181 22.25 -20.23 -27.03
N PRO E 182 22.50 -20.95 -25.94
CA PRO E 182 21.40 -21.31 -25.03
C PRO E 182 20.78 -20.08 -24.39
N HIS E 183 19.47 -20.14 -24.19
CA HIS E 183 18.73 -19.18 -23.39
C HIS E 183 17.63 -19.93 -22.66
N SER E 184 17.24 -19.42 -21.49
CA SER E 184 16.14 -20.02 -20.74
C SER E 184 15.05 -18.94 -20.47
N PRO E 185 13.78 -19.25 -20.78
CA PRO E 185 13.13 -20.47 -21.30
C PRO E 185 13.81 -21.04 -22.54
N GLY E 186 13.85 -20.25 -23.59
CA GLY E 186 14.61 -20.61 -24.76
C GLY E 186 13.92 -21.61 -25.65
N PRO E 187 14.68 -22.58 -26.20
CA PRO E 187 16.04 -22.98 -25.86
C PRO E 187 17.14 -21.99 -26.22
N THR E 188 16.98 -21.27 -27.33
CA THR E 188 18.05 -20.44 -27.89
C THR E 188 17.69 -18.96 -27.84
N ARG E 189 18.73 -18.12 -27.92
CA ARG E 189 18.50 -16.68 -28.01
C ARG E 189 17.43 -16.36 -29.05
N ILE E 190 17.36 -17.15 -30.14
CA ILE E 190 16.38 -16.88 -31.19
C ILE E 190 15.00 -16.66 -30.60
N GLN E 191 14.53 -17.63 -29.81
CA GLN E 191 13.15 -17.59 -29.34
C GLN E 191 12.89 -16.36 -28.46
N ALA E 192 13.93 -15.81 -27.83
CA ALA E 192 13.75 -14.67 -26.96
C ALA E 192 13.28 -13.43 -27.71
N ILE E 193 13.10 -13.53 -29.02
CA ILE E 193 12.61 -12.42 -29.83
C ILE E 193 11.10 -12.58 -29.93
N GLU E 194 10.38 -11.82 -29.10
CA GLU E 194 8.92 -11.84 -29.18
C GLU E 194 8.45 -11.29 -30.52
N LEU E 195 9.18 -10.33 -31.07
CA LEU E 195 8.79 -9.64 -32.29
C LEU E 195 10.03 -9.02 -32.93
N PHE E 196 10.09 -9.06 -34.26
CA PHE E 196 11.24 -8.59 -35.02
C PHE E 196 10.75 -7.50 -35.95
N MET E 197 10.86 -6.25 -35.52
CA MET E 197 10.29 -5.12 -36.24
C MET E 197 11.40 -4.43 -37.04
N LEU E 198 11.50 -4.77 -38.31
CA LEU E 198 12.58 -4.27 -39.16
C LEU E 198 12.18 -2.91 -39.75
N LEU E 199 12.95 -1.88 -39.40
CA LEU E 199 12.84 -0.58 -40.03
C LEU E 199 13.78 -0.51 -41.21
N ASP E 200 13.25 -0.09 -42.37
CA ASP E 200 14.07 0.10 -43.55
C ASP E 200 13.38 1.10 -44.45
N LEU E 201 14.18 1.79 -45.25
CA LEU E 201 13.67 2.72 -46.25
C LEU E 201 12.70 3.74 -45.64
N LEU E 202 13.09 4.30 -44.51
CA LEU E 202 12.32 5.33 -43.86
C LEU E 202 13.00 6.68 -44.03
N GLY E 203 12.21 7.71 -44.36
CA GLY E 203 12.75 9.04 -44.53
C GLY E 203 12.08 9.79 -45.67
N ALA E 204 11.88 9.12 -46.79
CA ALA E 204 11.20 9.76 -47.91
C ALA E 204 9.81 10.21 -47.48
N PRO E 205 9.24 11.20 -48.15
CA PRO E 205 7.95 11.73 -47.73
C PRO E 205 6.84 10.82 -48.19
N ASN E 206 5.67 11.00 -47.56
CA ASN E 206 4.41 10.41 -48.03
C ASN E 206 4.68 8.98 -48.52
N PRO E 207 5.15 8.11 -47.63
CA PRO E 207 5.47 6.74 -48.04
C PRO E 207 4.22 5.89 -48.03
N THR E 208 4.35 4.57 -47.95
CA THR E 208 3.19 3.69 -48.02
C THR E 208 3.55 2.38 -47.35
N PHE E 209 2.83 2.02 -46.30
CA PHE E 209 3.12 0.83 -45.50
C PHE E 209 2.00 -0.19 -45.60
N TYR E 210 2.36 -1.48 -45.42
CA TYR E 210 1.37 -2.55 -45.37
C TYR E 210 1.90 -3.69 -44.53
N SER E 211 0.97 -4.58 -44.14
CA SER E 211 1.27 -5.72 -43.28
C SER E 211 1.69 -6.89 -44.15
N HIS E 212 2.99 -7.08 -44.30
CA HIS E 212 3.50 -8.19 -45.08
C HIS E 212 3.51 -9.49 -44.29
N PHE E 213 2.94 -9.49 -43.10
CA PHE E 213 2.80 -10.70 -42.32
C PHE E 213 1.48 -10.68 -41.54
N PRO E 214 0.53 -11.55 -41.87
CA PRO E 214 -0.66 -11.67 -41.03
C PRO E 214 -0.33 -12.11 -39.61
N ARG E 215 0.65 -13.01 -39.43
CA ARG E 215 1.00 -13.43 -38.06
C ARG E 215 1.18 -12.23 -37.15
N THR E 216 1.60 -11.09 -37.70
CA THR E 216 1.90 -9.91 -36.90
C THR E 216 0.91 -8.77 -37.08
N VAL E 217 -0.15 -8.96 -37.86
CA VAL E 217 -1.03 -7.84 -38.20
C VAL E 217 -1.69 -7.24 -36.96
N ARG E 218 -1.88 -8.04 -35.90
CA ARG E 218 -2.50 -7.50 -34.70
C ARG E 218 -1.72 -6.30 -34.18
N TRP E 219 -0.41 -6.30 -34.39
CA TRP E 219 0.43 -5.19 -33.94
C TRP E 219 0.24 -3.99 -34.84
N PHE E 220 0.44 -4.17 -36.13
CA PHE E 220 0.11 -3.16 -37.12
C PHE E 220 -1.15 -2.41 -36.74
N HIS E 221 -2.18 -3.15 -36.34
CA HIS E 221 -3.40 -2.51 -35.88
C HIS E 221 -3.10 -1.50 -34.80
N ARG E 222 -2.38 -1.93 -33.76
CA ARG E 222 -1.99 -0.96 -32.75
C ARG E 222 -0.98 0.05 -33.27
N LEU E 223 -0.38 -0.19 -34.44
CA LEU E 223 0.37 0.85 -35.09
C LEU E 223 -0.57 1.86 -35.73
N ARG E 224 -1.36 1.41 -36.69
CA ARG E 224 -2.41 2.21 -37.30
C ARG E 224 -3.20 2.96 -36.24
N SER E 225 -3.44 2.32 -35.10
CA SER E 225 -4.18 2.97 -34.01
C SER E 225 -3.37 4.07 -33.37
N ILE E 226 -2.04 3.91 -33.27
CA ILE E 226 -1.21 4.96 -32.67
C ILE E 226 -1.20 6.17 -33.59
N GLU E 227 -0.64 6.03 -34.79
CA GLU E 227 -0.87 7.06 -35.81
C GLU E 227 -2.35 7.36 -35.76
N LYS E 228 -2.73 8.49 -35.15
CA LYS E 228 -4.15 8.79 -34.99
C LYS E 228 -4.75 7.71 -34.07
N ARG E 229 -4.94 7.89 -32.75
CA ARG E 229 -4.61 9.03 -31.87
C ARG E 229 -4.06 10.37 -32.36
N LEU E 230 -2.79 10.38 -32.79
CA LEU E 230 -2.04 11.64 -32.85
C LEU E 230 -2.46 12.54 -34.00
N HIS E 231 -3.09 12.00 -35.04
CA HIS E 231 -3.74 12.88 -36.01
C HIS E 231 -4.90 13.64 -35.37
N ARG E 232 -5.61 12.97 -34.45
CA ARG E 232 -6.72 13.60 -33.74
C ARG E 232 -6.20 14.58 -32.70
N LEU E 233 -5.45 14.08 -31.73
CA LEU E 233 -4.92 14.90 -30.65
C LEU E 233 -4.10 16.08 -31.16
N ASN E 234 -3.94 16.20 -32.48
CA ASN E 234 -3.23 17.33 -33.08
C ASN E 234 -1.81 17.34 -32.54
N LEU E 235 -0.90 16.65 -33.24
CA LEU E 235 0.45 16.55 -32.72
C LEU E 235 1.43 15.99 -33.76
N LEU E 236 1.03 15.91 -35.02
CA LEU E 236 1.89 15.32 -36.06
C LEU E 236 1.80 16.16 -37.32
N GLN E 237 2.91 16.81 -37.66
CA GLN E 237 3.01 17.71 -38.81
C GLN E 237 2.50 17.08 -40.11
N SER E 238 2.39 17.92 -41.15
CA SER E 238 1.98 17.55 -42.50
C SER E 238 1.29 16.20 -42.59
N HIS E 239 0.18 16.03 -41.86
CA HIS E 239 -0.59 14.79 -41.84
C HIS E 239 -2.05 15.11 -42.16
N PRO E 240 -2.42 15.21 -43.44
CA PRO E 240 -3.81 15.53 -43.80
C PRO E 240 -4.84 14.44 -43.50
N GLN E 241 -4.77 13.29 -44.17
CA GLN E 241 -5.82 12.29 -44.08
C GLN E 241 -5.59 11.40 -42.87
N GLU E 242 -6.67 11.15 -42.13
CA GLU E 242 -6.64 10.48 -40.82
C GLU E 242 -5.62 9.35 -40.79
N VAL E 243 -5.49 8.61 -41.90
CA VAL E 243 -4.54 7.50 -42.01
C VAL E 243 -3.81 7.67 -43.34
N MET E 244 -2.49 7.78 -43.27
CA MET E 244 -1.65 8.04 -44.44
C MET E 244 -0.42 7.15 -44.51
N TYR E 245 0.21 6.85 -43.38
CA TYR E 245 1.40 5.99 -43.39
C TYR E 245 1.01 4.52 -43.36
N PHE E 246 0.19 4.13 -42.39
CA PHE E 246 -0.11 2.73 -42.10
C PHE E 246 -1.45 2.36 -42.73
N GLN E 247 -1.40 1.95 -43.98
CA GLN E 247 -2.61 1.64 -44.73
C GLN E 247 -3.17 0.27 -44.35
N PRO E 248 -4.42 0.01 -44.71
CA PRO E 248 -4.94 -1.36 -44.64
C PRO E 248 -4.69 -2.07 -45.97
N GLY E 249 -4.25 -3.33 -45.87
CA GLY E 249 -3.92 -4.06 -47.07
C GLY E 249 -3.23 -5.37 -46.74
N GLU E 250 -2.53 -5.90 -47.73
CA GLU E 250 -2.03 -7.26 -47.62
C GLU E 250 -1.18 -7.60 -48.85
N PRO E 251 -0.18 -8.49 -48.72
CA PRO E 251 0.61 -9.02 -49.84
C PRO E 251 -0.25 -9.83 -50.86
N PHE E 252 0.22 -10.25 -52.05
CA PHE E 252 1.59 -10.13 -52.56
C PHE E 252 2.49 -11.02 -51.69
N GLY E 253 3.65 -10.53 -51.29
CA GLY E 253 4.43 -11.17 -50.25
C GLY E 253 5.31 -10.21 -49.48
N SER E 254 6.62 -10.44 -49.54
CA SER E 254 7.59 -9.52 -48.98
C SER E 254 8.72 -9.31 -49.97
N VAL E 255 9.55 -8.30 -49.69
CA VAL E 255 10.84 -8.14 -50.36
C VAL E 255 11.89 -8.77 -49.46
N GLU E 256 12.95 -9.30 -50.06
CA GLU E 256 14.02 -9.85 -49.24
C GLU E 256 14.73 -8.71 -48.53
N ASP E 257 15.10 -8.95 -47.28
CA ASP E 257 15.64 -7.91 -46.41
C ASP E 257 16.26 -8.62 -45.20
N ASP E 258 16.67 -7.84 -44.20
CA ASP E 258 17.43 -8.38 -43.07
C ASP E 258 16.68 -9.43 -42.28
N HIS E 259 15.36 -9.52 -42.42
CA HIS E 259 14.59 -10.46 -41.61
C HIS E 259 14.62 -11.88 -42.14
N ILE E 260 14.95 -12.06 -43.42
CA ILE E 260 14.79 -13.36 -44.09
C ILE E 260 15.43 -14.48 -43.29
N PRO E 261 16.61 -14.30 -42.70
CA PRO E 261 17.22 -15.40 -41.95
C PRO E 261 16.56 -15.67 -40.61
N PHE E 262 15.85 -14.71 -40.04
CA PHE E 262 15.15 -14.96 -38.78
C PHE E 262 13.81 -15.63 -39.03
N LEU E 263 13.22 -15.42 -40.20
CA LEU E 263 11.99 -16.12 -40.55
C LEU E 263 12.24 -17.60 -40.77
N ARG E 264 13.23 -17.94 -41.60
CA ARG E 264 13.64 -19.33 -41.77
C ARG E 264 13.72 -20.02 -40.41
N ARG E 265 13.97 -19.24 -39.36
CA ARG E 265 14.07 -19.76 -38.01
C ARG E 265 12.87 -19.45 -37.15
N GLY E 266 11.77 -19.04 -37.76
CA GLY E 266 10.51 -19.03 -37.06
C GLY E 266 10.40 -17.90 -36.05
N VAL E 267 10.77 -16.70 -36.46
CA VAL E 267 10.58 -15.53 -35.62
C VAL E 267 9.37 -14.76 -36.14
N PRO E 268 8.51 -14.23 -35.28
CA PRO E 268 7.50 -13.29 -35.76
C PRO E 268 8.19 -12.04 -36.30
N VAL E 269 7.67 -11.50 -37.39
CA VAL E 269 8.35 -10.42 -38.09
C VAL E 269 7.33 -9.38 -38.51
N LEU E 270 7.66 -8.11 -38.27
CA LEU E 270 6.88 -6.97 -38.74
C LEU E 270 7.78 -6.18 -39.67
N HIS E 271 7.66 -6.39 -40.98
CA HIS E 271 8.53 -5.70 -41.92
C HIS E 271 8.02 -4.27 -42.07
N LEU E 272 8.70 -3.34 -41.42
CA LEU E 272 8.29 -1.95 -41.38
C LEU E 272 9.09 -1.20 -42.43
N ILE E 273 8.61 -1.23 -43.66
CA ILE E 273 9.37 -0.79 -44.82
C ILE E 273 8.42 -0.10 -45.78
N SER E 274 8.93 0.91 -46.48
CA SER E 274 8.10 1.72 -47.37
C SER E 274 7.95 1.01 -48.72
N THR E 275 6.72 0.61 -49.04
CA THR E 275 6.41 0.05 -50.35
C THR E 275 5.26 0.86 -50.98
N PRO E 276 5.46 1.41 -52.18
CA PRO E 276 6.67 1.27 -52.98
C PRO E 276 7.82 2.05 -52.37
N PHE E 277 9.04 1.58 -52.58
CA PHE E 277 10.25 2.20 -52.06
C PHE E 277 10.23 3.70 -52.38
N PRO E 278 11.07 4.50 -51.73
CA PRO E 278 11.19 5.91 -52.12
C PRO E 278 11.53 6.05 -53.59
N ALA E 279 11.40 7.28 -54.09
CA ALA E 279 11.77 7.57 -55.47
C ALA E 279 13.28 7.68 -55.62
N VAL E 280 13.96 8.03 -54.53
CA VAL E 280 15.41 8.25 -54.54
C VAL E 280 16.12 6.95 -54.20
N TRP E 281 15.48 5.82 -54.47
CA TRP E 281 16.01 4.52 -54.06
C TRP E 281 17.26 4.19 -54.87
N HIS E 282 18.34 3.85 -54.16
CA HIS E 282 19.53 3.27 -54.77
C HIS E 282 20.04 4.13 -55.91
N THR E 283 20.29 5.39 -55.60
CA THR E 283 20.77 6.37 -56.55
C THR E 283 21.48 7.42 -55.73
N PRO E 284 22.60 7.96 -56.17
CA PRO E 284 23.24 9.07 -55.47
C PRO E 284 22.32 10.26 -55.17
N ALA E 285 20.99 10.04 -55.09
CA ALA E 285 20.03 11.04 -54.69
C ALA E 285 19.67 10.95 -53.21
N ASP E 286 19.67 9.75 -52.63
CA ASP E 286 19.16 9.55 -51.28
C ASP E 286 20.04 10.32 -50.31
N THR E 287 19.57 11.47 -49.87
CA THR E 287 20.40 12.37 -49.07
C THR E 287 19.54 13.20 -48.12
N GLU E 288 20.24 13.93 -47.26
CA GLU E 288 19.59 14.77 -46.25
C GLU E 288 18.47 15.62 -46.85
N VAL E 289 18.77 16.26 -47.98
CA VAL E 289 17.79 17.02 -48.75
C VAL E 289 16.51 16.21 -48.96
N ASN E 290 16.55 15.23 -49.85
CA ASN E 290 15.36 14.50 -50.29
C ASN E 290 14.58 13.86 -49.15
N LEU E 291 14.99 14.09 -47.91
CA LEU E 291 14.21 13.65 -46.78
C LEU E 291 12.96 14.51 -46.64
N HIS E 292 12.20 14.22 -45.59
CA HIS E 292 11.08 15.05 -45.17
C HIS E 292 11.14 15.07 -43.65
N PRO E 293 11.88 16.01 -43.07
CA PRO E 293 12.04 16.04 -41.61
C PRO E 293 10.71 15.86 -40.91
N PRO E 294 9.60 16.37 -41.49
CA PRO E 294 8.31 16.03 -40.91
C PRO E 294 8.10 14.52 -40.86
N THR E 295 7.96 13.87 -42.02
CA THR E 295 7.72 12.42 -42.05
C THR E 295 8.65 11.68 -41.10
N VAL E 296 9.86 12.19 -40.92
CA VAL E 296 10.83 11.50 -40.06
C VAL E 296 10.39 11.58 -38.60
N HIS E 297 10.21 12.79 -38.09
CA HIS E 297 9.90 12.95 -36.69
C HIS E 297 8.53 12.37 -36.34
N ASN E 298 7.62 12.32 -37.32
CA ASN E 298 6.37 11.57 -37.14
C ASN E 298 6.67 10.16 -36.68
N LEU E 299 7.17 9.34 -37.62
CA LEU E 299 7.46 7.94 -37.37
C LEU E 299 8.12 7.75 -36.01
N CYS E 300 8.97 8.70 -35.59
CA CYS E 300 9.60 8.57 -34.28
C CYS E 300 8.58 8.66 -33.16
N ARG E 301 7.55 9.48 -33.32
CA ARG E 301 6.54 9.63 -32.27
C ARG E 301 5.59 8.44 -32.26
N ILE E 302 5.11 8.05 -33.45
CA ILE E 302 4.38 6.80 -33.57
C ILE E 302 5.18 5.68 -32.90
N LEU E 303 6.42 5.49 -33.35
CA LEU E 303 7.27 4.47 -32.75
C LEU E 303 7.42 4.70 -31.26
N ALA E 304 7.74 5.93 -30.85
CA ALA E 304 7.99 6.22 -29.44
C ALA E 304 6.87 5.67 -28.57
N VAL E 305 5.63 5.78 -29.03
CA VAL E 305 4.47 5.33 -28.28
C VAL E 305 4.49 3.81 -28.17
N PHE E 306 4.24 3.15 -29.30
CA PHE E 306 4.26 1.69 -29.41
C PHE E 306 5.25 1.04 -28.45
N LEU E 307 6.45 1.59 -28.38
CA LEU E 307 7.47 1.03 -27.51
C LEU E 307 7.02 1.08 -26.04
N ALA E 308 6.75 2.28 -25.55
CA ALA E 308 6.25 2.43 -24.19
C ALA E 308 5.04 1.54 -23.95
N GLU E 309 4.28 1.27 -25.00
CA GLU E 309 3.05 0.51 -24.88
C GLU E 309 3.28 -0.99 -24.98
N TYR E 310 4.21 -1.42 -25.82
CA TYR E 310 4.52 -2.84 -25.91
C TYR E 310 5.11 -3.36 -24.60
N LEU E 311 5.90 -2.54 -23.91
CA LEU E 311 6.61 -2.98 -22.72
C LEU E 311 6.06 -2.39 -21.43
N GLY E 312 4.91 -1.73 -21.48
CA GLY E 312 4.33 -1.12 -20.30
C GLY E 312 5.35 -0.33 -19.50
N LEU E 313 5.61 0.90 -19.93
CA LEU E 313 6.66 1.71 -19.31
C LEU E 313 6.09 2.87 -18.51
N VAL F 1 28.43 3.80 38.27
CA VAL F 1 29.52 3.08 37.64
C VAL F 1 29.29 1.57 37.69
N PRO F 2 28.76 1.03 38.82
CA PRO F 2 28.54 -0.42 38.90
C PRO F 2 27.09 -0.85 38.68
N LEU F 3 26.85 -1.66 37.64
CA LEU F 3 25.52 -2.20 37.35
C LEU F 3 25.59 -3.73 37.48
N ILE F 4 25.03 -4.48 36.53
CA ILE F 4 25.01 -5.96 36.61
C ILE F 4 26.03 -6.51 35.64
N GLY F 5 27.02 -7.23 36.18
CA GLY F 5 28.13 -7.73 35.40
C GLY F 5 29.30 -6.78 35.31
N SER F 6 29.25 -5.65 36.02
CA SER F 6 30.19 -4.56 35.81
C SER F 6 31.49 -4.83 36.55
N LEU F 7 32.62 -4.81 35.82
CA LEU F 7 33.93 -5.06 36.38
C LEU F 7 34.19 -4.21 37.61
N PRO F 8 35.04 -4.68 38.52
CA PRO F 8 35.59 -3.78 39.54
C PRO F 8 36.56 -2.81 38.88
N GLU F 9 36.59 -1.58 39.41
CA GLU F 9 37.49 -0.59 38.84
C GLU F 9 38.94 -1.05 38.86
N ALA F 10 39.26 -2.05 39.69
CA ALA F 10 40.62 -2.57 39.73
C ALA F 10 40.91 -3.44 38.51
N ARG F 11 40.08 -4.46 38.27
CA ARG F 11 40.24 -5.28 37.08
C ARG F 11 40.24 -4.39 35.83
N LEU F 12 39.23 -3.54 35.72
CA LEU F 12 39.09 -2.63 34.59
C LEU F 12 40.43 -2.05 34.16
N ARG F 13 41.10 -1.35 35.07
CA ARG F 13 42.36 -0.68 34.72
C ARG F 13 43.44 -1.69 34.38
N ARG F 14 43.48 -2.81 35.11
CA ARG F 14 44.43 -3.87 34.78
C ARG F 14 44.27 -4.31 33.33
N VAL F 15 43.03 -4.62 32.93
CA VAL F 15 42.75 -5.01 31.55
C VAL F 15 43.33 -3.97 30.60
N VAL F 16 42.85 -2.74 30.74
CA VAL F 16 43.16 -1.67 29.80
C VAL F 16 44.67 -1.56 29.59
N GLY F 17 45.44 -1.65 30.68
CA GLY F 17 46.87 -1.50 30.58
C GLY F 17 47.54 -2.54 29.70
N GLN F 18 46.88 -3.67 29.46
CA GLN F 18 47.43 -4.70 28.59
C GLN F 18 47.25 -4.35 27.11
N LEU F 19 46.41 -3.37 26.78
CA LEU F 19 46.30 -2.92 25.41
C LEU F 19 47.60 -2.28 24.99
N ASP F 20 48.17 -2.78 23.91
CA ASP F 20 49.44 -2.26 23.40
C ASP F 20 49.16 -1.41 22.16
N PRO F 21 48.88 -0.11 22.32
CA PRO F 21 48.55 0.71 21.14
C PRO F 21 49.59 0.59 20.03
N GLN F 22 50.87 0.66 20.38
CA GLN F 22 51.92 0.51 19.37
C GLN F 22 51.77 -0.80 18.63
N ARG F 23 51.43 -1.87 19.34
CA ARG F 23 51.16 -3.16 18.71
C ARG F 23 50.02 -3.05 17.72
N LEU F 24 48.87 -2.55 18.18
CA LEU F 24 47.75 -2.19 17.32
C LEU F 24 48.23 -1.57 16.02
N TRP F 25 48.78 -0.36 16.13
CA TRP F 25 48.97 0.49 14.97
C TRP F 25 50.05 -0.07 14.04
N SER F 26 51.17 -0.52 14.59
CA SER F 26 52.32 -0.86 13.76
C SER F 26 52.49 -2.35 13.51
N THR F 27 51.94 -3.21 14.37
CA THR F 27 52.07 -4.65 14.16
C THR F 27 50.83 -5.29 13.58
N TYR F 28 49.64 -4.78 13.92
CA TYR F 28 48.40 -5.29 13.35
C TYR F 28 47.84 -4.37 12.27
N LEU F 29 47.67 -3.09 12.57
CA LEU F 29 47.07 -2.17 11.60
C LEU F 29 47.96 -1.95 10.39
N ARG F 30 49.01 -1.14 10.56
CA ARG F 30 49.88 -0.69 9.48
C ARG F 30 50.04 -1.77 8.41
N PRO F 31 50.61 -2.94 8.75
CA PRO F 31 50.95 -3.91 7.70
C PRO F 31 49.75 -4.43 6.94
N LEU F 32 48.55 -4.02 7.32
CA LEU F 32 47.33 -4.37 6.60
C LEU F 32 47.00 -3.41 5.47
N LEU F 33 47.59 -2.22 5.48
CA LEU F 33 47.18 -1.15 4.57
C LEU F 33 47.78 -1.38 3.18
N VAL F 34 47.25 -2.39 2.51
CA VAL F 34 47.60 -2.71 1.14
C VAL F 34 46.33 -2.96 0.35
N VAL F 35 46.42 -2.83 -0.97
CA VAL F 35 45.30 -3.21 -1.82
C VAL F 35 45.02 -4.69 -1.62
N ARG F 36 43.78 -5.03 -1.32
CA ARG F 36 43.45 -6.41 -0.99
C ARG F 36 42.03 -6.73 -1.46
N THR F 37 41.77 -6.48 -2.75
CA THR F 37 40.51 -6.90 -3.33
C THR F 37 40.54 -8.41 -3.54
N PRO F 38 39.38 -9.02 -3.71
CA PRO F 38 39.34 -10.48 -3.88
C PRO F 38 40.17 -10.94 -5.07
N GLY F 39 40.78 -12.11 -4.91
CA GLY F 39 41.59 -12.69 -5.97
C GLY F 39 42.94 -12.04 -6.16
N SER F 40 43.36 -11.11 -5.26
CA SER F 40 44.58 -10.35 -5.43
C SER F 40 45.70 -10.92 -4.56
N PRO F 41 46.95 -10.81 -5.03
CA PRO F 41 48.10 -11.15 -4.18
C PRO F 41 48.18 -10.36 -2.88
N GLY F 42 47.42 -9.29 -2.70
CA GLY F 42 47.42 -8.56 -1.45
C GLY F 42 46.34 -9.11 -0.52
N ASN F 43 45.22 -9.48 -1.14
CA ASN F 43 44.17 -10.20 -0.42
C ASN F 43 44.70 -11.49 0.18
N LEU F 44 45.70 -12.09 -0.46
CA LEU F 44 46.28 -13.33 0.06
C LEU F 44 47.26 -13.07 1.19
N GLN F 45 48.08 -12.02 1.07
CA GLN F 45 49.04 -11.69 2.12
C GLN F 45 48.34 -11.48 3.45
N VAL F 46 47.23 -10.75 3.43
CA VAL F 46 46.50 -10.45 4.66
C VAL F 46 45.92 -11.74 5.24
N ARG F 47 45.16 -12.48 4.43
CA ARG F 47 44.52 -13.70 4.90
C ARG F 47 45.49 -14.56 5.70
N LYS F 48 46.64 -14.88 5.12
CA LYS F 48 47.61 -15.70 5.83
C LYS F 48 48.20 -14.94 7.02
N PHE F 49 48.44 -13.64 6.87
CA PHE F 49 48.88 -12.84 8.01
C PHE F 49 47.89 -12.94 9.15
N LEU F 50 46.60 -13.04 8.84
CA LEU F 50 45.61 -13.22 9.89
C LEU F 50 45.65 -14.63 10.44
N GLU F 51 45.69 -15.63 9.56
CA GLU F 51 45.76 -17.03 9.98
C GLU F 51 46.90 -17.24 10.96
N ALA F 52 48.09 -16.73 10.65
CA ALA F 52 49.27 -17.03 11.45
C ALA F 52 49.31 -16.20 12.72
N THR F 53 48.91 -14.94 12.65
CA THR F 53 48.89 -14.12 13.87
C THR F 53 47.96 -14.72 14.91
N LEU F 54 46.92 -15.44 14.48
CA LEU F 54 45.98 -16.01 15.44
C LEU F 54 46.48 -17.35 15.97
N ARG F 55 47.11 -18.16 15.14
CA ARG F 55 47.71 -19.38 15.64
C ARG F 55 48.79 -19.10 16.67
N SER F 56 49.36 -17.90 16.66
CA SER F 56 50.46 -17.56 17.54
C SER F 56 50.02 -17.14 18.94
N LEU F 57 48.79 -17.44 19.34
CA LEU F 57 48.28 -17.00 20.64
C LEU F 57 48.30 -18.15 21.62
N THR F 58 48.84 -17.89 22.81
CA THR F 58 48.95 -18.93 23.83
C THR F 58 47.62 -19.68 24.01
N ALA F 59 46.51 -18.93 24.02
CA ALA F 59 45.22 -19.53 24.34
C ALA F 59 44.93 -20.77 23.51
N GLY F 60 45.49 -20.84 22.30
CA GLY F 60 45.27 -22.01 21.46
C GLY F 60 43.99 -21.92 20.66
N TRP F 61 43.88 -20.90 19.82
CA TRP F 61 42.70 -20.74 18.98
C TRP F 61 42.62 -21.87 17.96
N HIS F 62 41.42 -22.06 17.39
CA HIS F 62 41.18 -23.03 16.33
C HIS F 62 40.88 -22.23 15.06
N VAL F 63 41.86 -22.11 14.18
CA VAL F 63 41.78 -21.22 13.02
C VAL F 63 41.56 -22.08 11.79
N GLU F 64 40.29 -22.23 11.38
CA GLU F 64 40.00 -22.89 10.13
C GLU F 64 39.86 -21.84 9.03
N LEU F 65 39.65 -22.32 7.81
CA LEU F 65 39.55 -21.48 6.63
C LEU F 65 38.33 -21.92 5.85
N ASP F 66 37.63 -20.96 5.23
CA ASP F 66 36.47 -21.27 4.38
C ASP F 66 36.79 -20.80 2.96
N PRO F 67 37.52 -21.59 2.20
CA PRO F 67 37.75 -21.26 0.79
C PRO F 67 36.62 -21.79 -0.08
N PHE F 68 36.41 -21.10 -1.19
CA PHE F 68 35.28 -21.40 -2.05
C PHE F 68 35.38 -20.53 -3.29
N THR F 69 34.76 -21.00 -4.36
CA THR F 69 34.74 -20.29 -5.63
C THR F 69 33.33 -19.76 -5.89
N ALA F 70 33.24 -18.54 -6.43
CA ALA F 70 31.99 -17.81 -6.47
C ALA F 70 31.75 -17.17 -7.83
N SER F 71 30.48 -17.07 -8.20
CA SER F 71 30.05 -16.51 -9.47
C SER F 71 29.86 -15.00 -9.32
N THR F 72 30.69 -14.23 -10.02
CA THR F 72 30.61 -12.77 -9.98
C THR F 72 30.76 -12.18 -11.38
N PRO F 73 30.70 -10.85 -11.53
CA PRO F 73 30.91 -10.26 -12.85
C PRO F 73 32.34 -10.29 -13.35
N LEU F 74 33.34 -10.42 -12.48
CA LEU F 74 34.70 -10.66 -12.97
C LEU F 74 34.92 -12.14 -13.16
N GLY F 75 33.84 -12.87 -13.45
CA GLY F 75 33.91 -14.28 -13.68
C GLY F 75 34.13 -15.03 -12.39
N PRO F 76 34.47 -16.32 -12.47
CA PRO F 76 34.87 -17.05 -11.28
C PRO F 76 35.91 -16.28 -10.49
N VAL F 77 35.84 -16.38 -9.17
CA VAL F 77 36.75 -15.68 -8.27
C VAL F 77 37.02 -16.59 -7.09
N ASP F 78 38.22 -16.46 -6.53
CA ASP F 78 38.66 -17.30 -5.41
C ASP F 78 38.65 -16.47 -4.14
N PHE F 79 37.77 -16.83 -3.22
CA PHE F 79 37.67 -16.16 -1.93
C PHE F 79 38.23 -17.06 -0.84
N GLY F 80 38.28 -16.49 0.37
CA GLY F 80 38.70 -17.22 1.54
C GLY F 80 38.40 -16.48 2.84
N ASN F 81 37.52 -17.05 3.65
CA ASN F 81 37.22 -16.51 4.97
C ASN F 81 38.16 -17.10 6.00
N VAL F 82 38.33 -16.37 7.10
CA VAL F 82 39.12 -16.83 8.24
C VAL F 82 38.21 -16.90 9.45
N VAL F 83 38.01 -18.10 9.97
CA VAL F 83 37.17 -18.34 11.13
C VAL F 83 38.07 -18.69 12.30
N ALA F 84 37.85 -18.03 13.43
CA ALA F 84 38.73 -18.14 14.59
C ALA F 84 37.91 -18.42 15.84
N THR F 85 37.62 -19.70 16.09
CA THR F 85 36.92 -20.12 17.28
C THR F 85 37.93 -20.42 18.39
N LEU F 86 37.71 -19.84 19.57
CA LEU F 86 38.62 -20.09 20.68
C LEU F 86 38.43 -21.51 21.22
N ASP F 87 37.20 -21.85 21.60
CA ASP F 87 36.88 -23.10 22.28
C ASP F 87 35.78 -23.79 21.50
N PRO F 88 36.14 -24.52 20.43
CA PRO F 88 35.11 -25.12 19.56
C PRO F 88 33.99 -25.80 20.32
N ARG F 89 34.33 -26.35 21.49
CA ARG F 89 33.42 -27.24 22.20
C ARG F 89 32.41 -26.50 23.07
N ALA F 90 32.65 -25.24 23.40
CA ALA F 90 31.72 -24.51 24.27
C ALA F 90 30.36 -24.38 23.59
N ALA F 91 29.31 -24.34 24.42
CA ALA F 91 27.95 -24.39 23.93
C ALA F 91 27.68 -23.28 22.89
N ARG F 92 27.80 -22.03 23.32
CA ARG F 92 27.50 -20.88 22.49
C ARG F 92 28.76 -20.02 22.38
N HIS F 93 28.71 -18.98 21.55
CA HIS F 93 29.83 -18.04 21.54
C HIS F 93 29.41 -16.65 21.13
N LEU F 94 30.21 -15.69 21.57
CA LEU F 94 30.19 -14.33 21.07
C LEU F 94 30.96 -14.27 19.77
N THR F 95 30.39 -13.59 18.79
CA THR F 95 31.01 -13.44 17.47
C THR F 95 31.28 -11.96 17.24
N LEU F 96 32.57 -11.60 17.26
CA LEU F 96 33.02 -10.25 16.95
C LEU F 96 33.74 -10.34 15.62
N ALA F 97 33.07 -9.91 14.56
CA ALA F 97 33.55 -10.14 13.21
C ALA F 97 33.53 -8.85 12.40
N CYS F 98 34.21 -8.93 11.27
CA CYS F 98 34.31 -7.87 10.29
C CYS F 98 34.81 -8.53 9.02
N HIS F 99 35.36 -7.74 8.11
CA HIS F 99 35.96 -8.28 6.91
C HIS F 99 37.32 -7.63 6.69
N TYR F 100 38.11 -8.26 5.82
CA TYR F 100 39.44 -7.79 5.51
C TYR F 100 39.61 -7.39 4.06
N ASP F 101 38.64 -7.67 3.19
CA ASP F 101 38.78 -7.31 1.80
C ASP F 101 38.52 -5.82 1.63
N SER F 102 39.24 -5.23 0.67
CA SER F 102 39.06 -3.84 0.28
C SER F 102 38.40 -3.78 -1.09
N LYS F 103 37.83 -2.64 -1.42
CA LYS F 103 37.04 -2.58 -2.63
C LYS F 103 37.95 -2.65 -3.86
N LEU F 104 37.33 -3.05 -4.97
CA LEU F 104 37.97 -3.08 -6.28
C LEU F 104 37.66 -1.78 -7.01
N PHE F 105 38.58 -0.82 -6.95
CA PHE F 105 38.47 0.43 -7.69
C PHE F 105 39.11 0.30 -9.06
N PRO F 106 38.70 1.13 -10.03
CA PRO F 106 39.12 0.91 -11.42
C PRO F 106 40.61 1.17 -11.60
N PRO F 107 41.12 0.96 -12.81
CA PRO F 107 42.54 1.23 -13.06
C PRO F 107 42.83 2.72 -13.16
N GLY F 108 44.10 3.06 -12.91
CA GLY F 108 44.52 4.44 -12.88
C GLY F 108 44.07 5.20 -11.67
N SER F 109 43.00 4.75 -11.00
CA SER F 109 42.58 5.36 -9.76
C SER F 109 43.61 5.08 -8.69
N THR F 110 44.01 6.14 -7.98
CA THR F 110 44.94 6.01 -6.87
C THR F 110 44.52 4.80 -6.03
N PRO F 111 45.46 4.00 -5.52
CA PRO F 111 45.07 2.77 -4.85
C PRO F 111 44.12 3.04 -3.71
N PHE F 112 43.22 2.09 -3.47
CA PHE F 112 42.27 2.18 -2.36
C PHE F 112 42.56 1.08 -1.36
N VAL F 113 42.92 1.49 -0.14
CA VAL F 113 43.19 0.55 0.94
C VAL F 113 42.13 0.57 2.03
N GLY F 114 41.21 1.54 1.99
CA GLY F 114 40.15 1.59 2.98
C GLY F 114 40.66 1.37 4.39
N ALA F 115 41.50 2.29 4.87
CA ALA F 115 41.94 2.23 6.26
C ALA F 115 40.75 1.93 7.17
N THR F 116 39.64 2.63 6.95
CA THR F 116 38.44 2.43 7.75
C THR F 116 37.54 1.31 7.24
N ASP F 117 37.82 0.76 6.06
CA ASP F 117 36.97 -0.27 5.47
C ASP F 117 37.76 -1.51 5.03
N SER F 118 38.19 -2.34 5.99
CA SER F 118 38.03 -2.10 7.42
C SER F 118 39.27 -2.59 8.14
N ALA F 119 40.42 -2.09 7.66
CA ALA F 119 41.68 -2.42 8.30
C ALA F 119 41.61 -2.20 9.81
N VAL F 120 41.04 -1.08 10.23
CA VAL F 120 40.93 -0.82 11.67
C VAL F 120 40.07 -1.88 12.36
N PRO F 121 38.83 -2.14 11.95
CA PRO F 121 38.07 -3.26 12.52
C PRO F 121 38.91 -4.51 12.68
N CYS F 122 39.59 -4.93 11.62
CA CYS F 122 40.49 -6.09 11.72
C CYS F 122 41.48 -5.90 12.86
N ALA F 123 42.31 -4.86 12.77
CA ALA F 123 43.38 -4.66 13.75
C ALA F 123 42.84 -4.67 15.17
N LEU F 124 41.61 -4.18 15.37
CA LEU F 124 41.02 -4.23 16.69
C LEU F 124 40.79 -5.67 17.13
N LEU F 125 40.16 -6.47 16.28
CA LEU F 125 39.92 -7.87 16.62
C LEU F 125 41.23 -8.55 17.00
N LEU F 126 42.31 -8.22 16.32
CA LEU F 126 43.59 -8.84 16.64
C LEU F 126 44.12 -8.33 17.97
N GLU F 127 44.24 -7.01 18.12
CA GLU F 127 44.73 -6.46 19.38
C GLU F 127 43.85 -6.85 20.55
N LEU F 128 42.57 -7.16 20.31
CA LEU F 128 41.73 -7.68 21.39
C LEU F 128 42.08 -9.12 21.73
N ALA F 129 42.32 -9.94 20.70
CA ALA F 129 42.64 -11.34 20.95
C ALA F 129 43.94 -11.52 21.71
N GLN F 130 44.85 -10.56 21.61
CA GLN F 130 46.17 -10.69 22.21
C GLN F 130 46.19 -10.17 23.64
N ALA F 131 45.80 -8.90 23.83
CA ALA F 131 45.79 -8.32 25.16
C ALA F 131 45.12 -9.26 26.16
N LEU F 132 43.96 -9.80 25.79
CA LEU F 132 43.21 -10.71 26.65
C LEU F 132 43.59 -12.17 26.45
N ASP F 133 44.81 -12.44 25.97
CA ASP F 133 45.16 -13.81 25.60
C ASP F 133 45.08 -14.75 26.81
N LEU F 134 45.54 -14.29 27.98
CA LEU F 134 45.58 -15.16 29.14
C LEU F 134 44.21 -15.30 29.77
N GLU F 135 43.52 -14.18 29.98
CA GLU F 135 42.18 -14.22 30.55
C GLU F 135 41.30 -15.16 29.74
N LEU F 136 41.49 -15.18 28.42
CA LEU F 136 40.76 -16.10 27.56
C LEU F 136 41.30 -17.52 27.69
N SER F 137 42.63 -17.66 27.68
CA SER F 137 43.24 -18.98 27.88
C SER F 137 42.74 -19.60 29.18
N ARG F 138 42.56 -18.79 30.22
CA ARG F 138 41.97 -19.26 31.47
C ARG F 138 40.59 -19.85 31.22
N ALA F 139 39.60 -18.99 31.05
CA ALA F 139 38.22 -19.44 30.87
C ALA F 139 38.11 -20.60 29.88
N LYS F 140 39.02 -20.67 28.91
CA LYS F 140 39.04 -21.83 28.02
C LYS F 140 39.30 -23.10 28.82
N LYS F 141 40.43 -23.14 29.53
CA LYS F 141 40.77 -24.33 30.29
C LYS F 141 39.69 -24.67 31.30
N GLN F 142 38.92 -23.68 31.74
CA GLN F 142 37.78 -23.92 32.63
C GLN F 142 36.56 -24.44 31.88
N ALA F 143 36.69 -24.75 30.60
CA ALA F 143 35.59 -25.33 29.82
C ALA F 143 34.43 -24.34 29.66
N ALA F 144 34.77 -23.06 29.50
CA ALA F 144 33.77 -22.02 29.58
C ALA F 144 32.59 -22.34 28.65
N PRO F 145 31.36 -22.16 29.12
CA PRO F 145 30.21 -22.55 28.29
C PRO F 145 29.96 -21.62 27.13
N VAL F 146 30.50 -20.41 27.19
CA VAL F 146 30.38 -19.41 26.14
C VAL F 146 31.78 -18.91 25.83
N THR F 147 32.22 -19.12 24.59
CA THR F 147 33.60 -18.87 24.22
C THR F 147 33.69 -17.58 23.41
N LEU F 148 34.59 -17.52 22.44
CA LEU F 148 34.74 -16.32 21.63
C LEU F 148 35.18 -16.67 20.22
N GLN F 149 34.50 -16.10 19.23
CA GLN F 149 34.80 -16.34 17.82
C GLN F 149 35.03 -15.01 17.11
N LEU F 150 36.05 -15.00 16.26
CA LEU F 150 36.33 -13.87 15.38
C LEU F 150 36.16 -14.34 13.95
N LEU F 151 35.42 -13.57 13.16
CA LEU F 151 35.26 -13.87 11.74
C LEU F 151 35.87 -12.73 10.93
N PHE F 152 36.83 -13.06 10.09
CA PHE F 152 37.40 -12.16 9.11
C PHE F 152 36.87 -12.61 7.75
N LEU F 153 36.00 -11.79 7.17
CA LEU F 153 35.26 -12.17 5.99
C LEU F 153 35.91 -11.62 4.73
N ASP F 154 35.70 -12.32 3.62
CA ASP F 154 36.23 -11.93 2.33
C ASP F 154 35.09 -11.59 1.39
N GLY F 155 35.42 -10.88 0.32
CA GLY F 155 34.44 -10.55 -0.69
C GLY F 155 33.18 -9.92 -0.13
N GLU F 156 33.31 -9.17 0.96
CA GLU F 156 32.18 -8.38 1.44
C GLU F 156 31.73 -7.41 0.37
N GLU F 157 32.65 -6.55 -0.07
CA GLU F 157 32.38 -5.56 -1.10
C GLU F 157 31.90 -6.21 -2.38
N ALA F 158 31.31 -5.38 -3.24
CA ALA F 158 30.96 -5.82 -4.57
C ALA F 158 32.13 -5.58 -5.51
N LEU F 159 32.02 -6.17 -6.69
CA LEU F 159 33.04 -6.04 -7.72
C LEU F 159 32.61 -5.11 -8.83
N LYS F 160 31.42 -5.31 -9.39
CA LYS F 160 30.85 -4.39 -10.34
C LYS F 160 29.53 -3.85 -9.78
N GLU F 161 29.64 -2.96 -8.81
CA GLU F 161 28.49 -2.18 -8.32
C GLU F 161 27.45 -3.07 -7.65
N TRP F 162 27.07 -2.68 -6.42
CA TRP F 162 26.37 -3.51 -5.45
C TRP F 162 25.21 -4.34 -6.02
N GLY F 163 24.80 -5.36 -5.27
CA GLY F 163 23.74 -6.25 -5.72
C GLY F 163 23.65 -7.56 -4.94
N PRO F 164 22.44 -8.12 -4.84
CA PRO F 164 22.26 -9.37 -4.06
C PRO F 164 23.16 -10.51 -4.46
N LYS F 165 23.57 -10.60 -5.72
CA LYS F 165 24.48 -11.65 -6.17
C LYS F 165 25.85 -11.10 -6.50
N ASP F 166 26.09 -9.83 -6.17
CA ASP F 166 27.41 -9.22 -6.25
C ASP F 166 27.67 -8.46 -4.94
N SER F 167 27.59 -9.16 -3.82
CA SER F 167 27.97 -8.57 -2.55
C SER F 167 27.95 -9.63 -1.46
N LEU F 168 28.66 -9.36 -0.37
CA LEU F 168 28.66 -10.21 0.82
C LEU F 168 29.05 -11.64 0.47
N TYR F 169 30.04 -11.78 -0.42
CA TYR F 169 30.43 -13.11 -0.86
C TYR F 169 30.84 -14.01 0.31
N GLY F 170 31.60 -13.45 1.25
CA GLY F 170 32.02 -14.26 2.38
C GLY F 170 30.89 -14.52 3.35
N SER F 171 30.17 -13.47 3.75
CA SER F 171 29.07 -13.63 4.68
C SER F 171 28.00 -14.56 4.13
N ARG F 172 27.71 -14.45 2.83
CA ARG F 172 26.68 -15.29 2.23
C ARG F 172 27.06 -16.75 2.20
N HIS F 173 28.34 -17.07 2.38
CA HIS F 173 28.82 -18.45 2.38
C HIS F 173 28.95 -18.99 3.79
N LEU F 174 29.74 -18.30 4.62
CA LEU F 174 29.96 -18.78 5.97
C LEU F 174 28.65 -18.98 6.72
N ALA F 175 27.64 -18.16 6.44
CA ALA F 175 26.33 -18.42 7.00
C ALA F 175 25.75 -19.72 6.47
N GLN F 176 25.81 -19.91 5.16
CA GLN F 176 25.31 -21.14 4.56
C GLN F 176 26.00 -22.35 5.16
N LEU F 177 27.32 -22.33 5.22
CA LEU F 177 28.12 -23.41 5.80
C LEU F 177 27.68 -23.69 7.23
N MET F 178 27.87 -22.72 8.13
CA MET F 178 27.53 -22.91 9.53
C MET F 178 26.12 -23.45 9.73
N GLU F 179 25.24 -23.26 8.76
CA GLU F 179 23.89 -23.83 8.85
C GLU F 179 23.86 -25.31 8.53
N SER F 180 24.83 -25.79 7.74
CA SER F 180 24.94 -27.21 7.45
C SER F 180 25.71 -27.98 8.50
N ILE F 181 26.58 -27.32 9.24
CA ILE F 181 27.40 -28.00 10.25
C ILE F 181 26.55 -28.26 11.49
N PRO F 182 26.53 -29.48 12.03
CA PRO F 182 25.88 -29.72 13.32
C PRO F 182 26.70 -29.19 14.50
N HIS F 183 26.00 -28.97 15.61
CA HIS F 183 26.60 -28.52 16.86
C HIS F 183 25.55 -28.67 17.96
N SER F 184 26.02 -28.98 19.17
CA SER F 184 25.11 -29.23 20.30
C SER F 184 25.43 -28.32 21.49
N PRO F 185 24.40 -27.70 22.12
CA PRO F 185 22.94 -27.80 21.98
C PRO F 185 22.45 -27.60 20.56
N GLY F 186 22.65 -26.39 20.04
CA GLY F 186 22.44 -26.14 18.63
C GLY F 186 20.98 -26.13 18.25
N PRO F 187 20.62 -26.88 17.21
CA PRO F 187 21.34 -27.94 16.49
C PRO F 187 22.49 -27.56 15.54
N THR F 188 22.57 -26.31 15.06
CA THR F 188 23.57 -25.95 14.05
C THR F 188 24.43 -24.78 14.52
N ARG F 189 25.67 -24.77 14.03
CA ARG F 189 26.65 -23.75 14.42
C ARG F 189 26.08 -22.33 14.37
N ILE F 190 25.01 -22.11 13.59
CA ILE F 190 24.40 -20.78 13.54
C ILE F 190 23.90 -20.39 14.92
N GLN F 191 23.31 -21.34 15.65
CA GLN F 191 22.75 -21.05 16.97
C GLN F 191 23.83 -20.90 18.02
N ALA F 192 25.05 -21.35 17.74
CA ALA F 192 26.15 -21.16 18.67
C ALA F 192 26.55 -19.70 18.79
N ILE F 193 25.96 -18.81 18.00
CA ILE F 193 26.24 -17.38 18.08
C ILE F 193 25.21 -16.78 19.04
N GLU F 194 25.65 -16.46 20.26
CA GLU F 194 24.80 -15.74 21.20
C GLU F 194 24.65 -14.27 20.82
N LEU F 195 25.58 -13.74 20.03
CA LEU F 195 25.52 -12.36 19.56
C LEU F 195 26.48 -12.21 18.39
N PHE F 196 26.01 -11.56 17.33
CA PHE F 196 26.78 -11.32 16.11
C PHE F 196 27.06 -9.82 16.04
N MET F 197 28.11 -9.39 16.73
CA MET F 197 28.46 -7.98 16.78
C MET F 197 29.45 -7.69 15.65
N LEU F 198 29.02 -6.85 14.71
CA LEU F 198 29.77 -6.57 13.50
C LEU F 198 30.42 -5.20 13.59
N LEU F 199 31.72 -5.14 13.32
CA LEU F 199 32.47 -3.90 13.31
C LEU F 199 32.71 -3.46 11.88
N ASP F 200 32.51 -2.17 11.61
CA ASP F 200 32.66 -1.69 10.25
C ASP F 200 32.70 -0.17 10.24
N LEU F 201 33.52 0.38 9.36
CA LEU F 201 33.63 1.83 9.15
C LEU F 201 34.04 2.54 10.44
N LEU F 202 35.14 2.07 11.00
CA LEU F 202 35.68 2.59 12.25
C LEU F 202 37.07 3.16 12.00
N GLY F 203 37.45 4.10 12.85
CA GLY F 203 38.78 4.70 12.74
C GLY F 203 38.72 6.20 12.54
N ALA F 204 38.00 6.65 11.51
CA ALA F 204 37.91 8.07 11.25
C ALA F 204 37.39 8.77 12.50
N PRO F 205 37.59 10.08 12.60
CA PRO F 205 37.29 10.76 13.86
C PRO F 205 35.80 10.88 14.12
N ASN F 206 35.46 11.39 15.30
CA ASN F 206 34.09 11.66 15.74
C ASN F 206 33.08 10.76 15.04
N PRO F 207 33.00 9.49 15.42
CA PRO F 207 31.99 8.60 14.85
C PRO F 207 30.70 8.73 15.66
N THR F 208 29.65 8.14 15.12
CA THR F 208 28.39 8.00 15.86
C THR F 208 27.82 6.61 15.59
N PHE F 209 27.36 5.97 16.65
CA PHE F 209 26.77 4.64 16.55
C PHE F 209 25.36 4.66 17.11
N TYR F 210 24.49 3.88 16.48
CA TYR F 210 23.10 3.76 16.86
C TYR F 210 22.74 2.29 16.98
N SER F 211 21.74 1.99 17.79
CA SER F 211 21.28 0.62 17.95
C SER F 211 20.30 0.33 16.83
N HIS F 212 20.71 -0.50 15.89
CA HIS F 212 19.88 -0.80 14.74
C HIS F 212 18.99 -2.01 14.98
N PHE F 213 19.07 -2.60 16.16
CA PHE F 213 18.26 -3.75 16.50
C PHE F 213 17.80 -3.62 17.95
N PRO F 214 16.50 -3.59 18.21
CA PRO F 214 16.03 -3.63 19.59
C PRO F 214 16.44 -4.90 20.31
N ARG F 215 16.51 -6.03 19.61
CA ARG F 215 16.82 -7.30 20.26
C ARG F 215 18.14 -7.22 21.02
N THR F 216 19.16 -6.57 20.44
CA THR F 216 20.48 -6.49 21.06
C THR F 216 20.77 -5.13 21.66
N VAL F 217 19.74 -4.31 21.92
CA VAL F 217 20.00 -2.98 22.43
C VAL F 217 20.47 -3.03 23.88
N ARG F 218 20.25 -4.15 24.56
CA ARG F 218 20.82 -4.35 25.87
C ARG F 218 22.33 -4.15 25.84
N TRP F 219 22.98 -4.68 24.81
CA TRP F 219 24.44 -4.60 24.72
C TRP F 219 24.90 -3.28 24.13
N PHE F 220 24.11 -2.69 23.24
CA PHE F 220 24.38 -1.32 22.82
C PHE F 220 24.41 -0.38 24.02
N HIS F 221 23.58 -0.63 25.03
CA HIS F 221 23.60 0.19 26.23
C HIS F 221 24.84 -0.08 27.06
N ARG F 222 25.11 -1.36 27.31
CA ARG F 222 26.33 -1.73 28.00
C ARG F 222 27.54 -1.11 27.32
N LEU F 223 27.51 -1.01 26.00
CA LEU F 223 28.57 -0.27 25.29
C LEU F 223 28.57 1.20 25.67
N ARG F 224 27.38 1.80 25.79
CA ARG F 224 27.32 3.20 26.17
C ARG F 224 27.61 3.39 27.65
N SER F 225 27.21 2.43 28.49
CA SER F 225 27.55 2.50 29.90
C SER F 225 29.05 2.36 30.09
N ILE F 226 29.69 1.52 29.28
CA ILE F 226 31.14 1.40 29.33
C ILE F 226 31.68 2.80 29.07
N GLU F 227 31.55 3.31 27.84
CA GLU F 227 31.87 4.72 27.58
C GLU F 227 31.23 5.58 28.68
N LYS F 228 32.03 6.25 29.51
CA LYS F 228 31.43 6.94 30.68
C LYS F 228 30.82 5.84 31.55
N ARG F 229 31.53 5.19 32.50
CA ARG F 229 32.93 5.38 32.95
C ARG F 229 34.02 5.62 31.87
N LEU F 230 35.21 5.06 32.02
CA LEU F 230 36.25 5.37 31.04
C LEU F 230 36.46 6.87 30.91
N HIS F 231 35.45 7.61 30.43
CA HIS F 231 35.55 9.06 30.54
C HIS F 231 35.66 9.49 31.99
N ARG F 232 34.64 9.15 32.79
CA ARG F 232 34.72 9.55 34.20
C ARG F 232 35.96 9.00 34.86
N LEU F 233 36.53 7.93 34.31
CA LEU F 233 37.80 7.40 34.77
C LEU F 233 38.98 8.04 34.05
N ASN F 234 38.74 9.13 33.32
CA ASN F 234 39.78 9.82 32.56
C ASN F 234 40.72 8.81 31.89
N LEU F 235 40.11 8.02 31.01
CA LEU F 235 40.84 7.03 30.23
C LEU F 235 40.52 7.13 28.74
N LEU F 236 39.78 8.17 28.33
CA LEU F 236 39.46 8.41 26.93
C LEU F 236 40.15 9.69 26.49
N GLN F 237 41.17 9.53 25.66
CA GLN F 237 41.78 10.68 25.01
C GLN F 237 40.75 11.41 24.16
N SER F 238 40.82 12.73 24.17
CA SER F 238 40.02 13.53 23.24
C SER F 238 38.53 13.20 23.39
N HIS F 239 38.07 13.12 24.64
CA HIS F 239 36.68 12.83 24.95
C HIS F 239 36.11 14.03 25.70
N PRO F 240 35.92 15.16 25.01
CA PRO F 240 35.38 16.34 25.70
C PRO F 240 34.01 16.11 26.30
N GLN F 241 33.06 15.59 25.52
CA GLN F 241 31.74 15.27 26.04
C GLN F 241 31.75 13.88 26.66
N GLU F 242 30.77 13.62 27.53
CA GLU F 242 30.72 12.33 28.20
C GLU F 242 30.32 11.22 27.25
N VAL F 243 29.20 11.40 26.57
CA VAL F 243 28.69 10.44 25.61
C VAL F 243 28.84 11.07 24.23
N MET F 244 29.66 10.45 23.39
CA MET F 244 30.03 11.03 22.10
C MET F 244 29.90 10.01 20.99
N TYR F 245 30.07 8.74 21.33
CA TYR F 245 30.17 7.68 20.34
C TYR F 245 28.87 6.89 20.22
N PHE F 246 28.52 6.17 21.27
CA PHE F 246 27.32 5.33 21.26
C PHE F 246 26.13 6.18 21.69
N GLN F 247 25.49 6.76 20.73
CA GLN F 247 24.49 7.77 21.04
C GLN F 247 23.12 7.15 21.22
N PRO F 248 22.24 7.80 21.97
CA PRO F 248 20.83 7.41 21.96
C PRO F 248 20.16 7.95 20.72
N GLY F 249 19.31 7.12 20.14
CA GLY F 249 18.74 7.42 18.85
C GLY F 249 18.69 6.13 18.07
N GLU F 250 18.05 6.15 16.92
CA GLU F 250 17.78 4.89 16.26
C GLU F 250 17.59 5.07 14.75
N PRO F 251 17.43 3.96 14.01
CA PRO F 251 16.84 3.74 12.68
C PRO F 251 15.34 4.09 12.68
N PHE F 252 14.62 4.20 11.55
CA PHE F 252 15.06 3.90 10.17
C PHE F 252 15.43 2.42 10.03
N GLY F 253 16.29 2.11 9.08
CA GLY F 253 16.90 0.81 8.97
C GLY F 253 18.40 0.84 9.23
N SER F 254 19.03 -0.30 9.00
CA SER F 254 20.48 -0.41 9.09
C SER F 254 21.08 -0.16 7.72
N VAL F 255 22.23 -0.76 7.43
CA VAL F 255 22.78 -0.80 6.08
C VAL F 255 23.16 -2.24 5.78
N GLU F 256 23.01 -2.62 4.52
CA GLU F 256 23.41 -3.95 4.09
C GLU F 256 24.88 -4.16 4.39
N ASP F 257 25.18 -5.08 5.30
CA ASP F 257 26.56 -5.35 5.71
C ASP F 257 26.77 -6.87 5.73
N ASP F 258 27.83 -7.31 6.40
CA ASP F 258 28.13 -8.74 6.47
C ASP F 258 27.14 -9.49 7.35
N HIS F 259 26.35 -8.80 8.17
CA HIS F 259 25.43 -9.47 9.08
C HIS F 259 24.22 -10.04 8.36
N ILE F 260 23.92 -9.54 7.18
CA ILE F 260 22.63 -9.83 6.56
C ILE F 260 22.33 -11.32 6.49
N PRO F 261 23.26 -12.19 6.07
CA PRO F 261 22.92 -13.61 5.99
C PRO F 261 22.83 -14.32 7.34
N PHE F 262 23.38 -13.74 8.40
CA PHE F 262 23.18 -14.32 9.72
C PHE F 262 21.88 -13.85 10.36
N LEU F 263 21.33 -12.73 9.92
CA LEU F 263 20.03 -12.30 10.41
C LEU F 263 18.91 -13.11 9.75
N ARG F 264 18.97 -13.25 8.42
CA ARG F 264 17.99 -14.08 7.72
C ARG F 264 17.80 -15.42 8.42
N ARG F 265 18.83 -15.91 9.07
CA ARG F 265 18.81 -17.20 9.75
C ARG F 265 18.61 -17.06 11.26
N GLY F 266 18.34 -15.85 11.75
CA GLY F 266 17.91 -15.65 13.12
C GLY F 266 18.96 -15.11 14.06
N VAL F 267 20.20 -14.97 13.63
CA VAL F 267 21.28 -14.62 14.56
C VAL F 267 21.03 -13.22 15.12
N PRO F 268 21.06 -13.03 16.44
CA PRO F 268 20.97 -11.66 16.97
C PRO F 268 22.16 -10.84 16.50
N VAL F 269 21.92 -9.57 16.20
CA VAL F 269 22.94 -8.71 15.61
C VAL F 269 22.96 -7.38 16.32
N LEU F 270 24.15 -6.98 16.75
CA LEU F 270 24.45 -5.61 17.12
C LEU F 270 25.35 -5.04 16.04
N HIS F 271 24.90 -3.99 15.38
CA HIS F 271 25.61 -3.46 14.23
C HIS F 271 26.41 -2.24 14.66
N LEU F 272 27.71 -2.45 14.79
CA LEU F 272 28.63 -1.46 15.33
C LEU F 272 29.31 -0.78 14.13
N ILE F 273 28.59 0.15 13.52
CA ILE F 273 29.06 0.83 12.32
C ILE F 273 28.80 2.32 12.47
N SER F 274 29.67 3.11 11.86
CA SER F 274 29.51 4.56 11.86
C SER F 274 28.32 4.94 10.99
N THR F 275 27.40 5.69 11.57
CA THR F 275 26.28 6.24 10.84
C THR F 275 26.19 7.70 11.29
N PRO F 276 26.60 8.64 10.43
CA PRO F 276 26.89 8.52 9.00
C PRO F 276 28.26 7.93 8.69
N PHE F 277 28.43 7.44 7.46
CA PHE F 277 29.68 6.85 7.05
C PHE F 277 30.81 7.88 7.22
N PRO F 278 32.05 7.43 7.25
CA PRO F 278 33.16 8.39 7.39
C PRO F 278 33.16 9.38 6.24
N ALA F 279 33.87 10.49 6.45
CA ALA F 279 33.92 11.51 5.41
C ALA F 279 34.78 11.06 4.24
N VAL F 280 35.74 10.19 4.49
CA VAL F 280 36.67 9.72 3.46
C VAL F 280 36.15 8.43 2.86
N TRP F 281 34.82 8.30 2.77
CA TRP F 281 34.25 7.03 2.39
C TRP F 281 34.44 6.75 0.90
N HIS F 282 34.94 5.55 0.59
CA HIS F 282 35.12 5.09 -0.78
C HIS F 282 35.93 6.09 -1.60
N THR F 283 37.06 6.50 -1.04
CA THR F 283 37.93 7.41 -1.72
C THR F 283 39.36 6.97 -1.42
N PRO F 284 40.24 7.02 -2.40
CA PRO F 284 41.68 6.89 -2.14
C PRO F 284 42.17 7.68 -0.93
N ALA F 285 41.36 8.60 -0.42
CA ALA F 285 41.67 9.29 0.83
C ALA F 285 41.66 8.35 2.02
N ASP F 286 40.95 7.22 1.94
CA ASP F 286 40.74 6.40 3.13
C ASP F 286 42.02 5.72 3.54
N THR F 287 42.80 6.36 4.40
CA THR F 287 44.17 5.92 4.65
C THR F 287 44.57 6.24 6.09
N GLU F 288 45.76 5.75 6.44
CA GLU F 288 46.26 5.91 7.81
C GLU F 288 46.30 7.37 8.22
N VAL F 289 46.68 8.25 7.29
CA VAL F 289 46.83 9.67 7.61
C VAL F 289 45.54 10.24 8.17
N ASN F 290 44.40 9.82 7.65
CA ASN F 290 43.12 10.42 8.00
C ASN F 290 42.43 9.75 9.20
N LEU F 291 43.03 8.72 9.77
CA LEU F 291 42.43 8.15 10.96
C LEU F 291 42.58 9.15 12.11
N HIS F 292 41.98 8.82 13.24
CA HIS F 292 42.12 9.62 14.45
C HIS F 292 42.55 8.66 15.55
N PRO F 293 43.84 8.41 15.70
CA PRO F 293 44.33 7.34 16.56
C PRO F 293 43.63 7.32 17.91
N PRO F 294 43.49 8.47 18.58
CA PRO F 294 42.78 8.45 19.86
C PRO F 294 41.44 7.75 19.78
N THR F 295 40.59 8.14 18.82
CA THR F 295 39.33 7.45 18.62
C THR F 295 39.54 5.94 18.50
N VAL F 296 40.59 5.54 17.78
CA VAL F 296 40.90 4.11 17.62
C VAL F 296 41.05 3.49 19.00
N HIS F 297 42.20 3.75 19.63
CA HIS F 297 42.49 3.17 20.94
C HIS F 297 41.28 3.26 21.84
N ASN F 298 40.65 4.43 21.88
CA ASN F 298 39.40 4.61 22.61
C ASN F 298 38.50 3.40 22.44
N LEU F 299 37.97 3.22 21.23
CA LEU F 299 37.12 2.08 20.96
C LEU F 299 37.77 0.79 21.45
N CYS F 300 39.03 0.56 21.07
CA CYS F 300 39.75 -0.59 21.57
C CYS F 300 39.55 -0.74 23.07
N ARG F 301 39.72 0.35 23.82
CA ARG F 301 39.48 0.32 25.26
C ARG F 301 38.02 0.00 25.57
N ILE F 302 37.10 0.57 24.81
CA ILE F 302 35.69 0.33 25.09
C ILE F 302 35.33 -1.13 24.83
N LEU F 303 35.89 -1.70 23.76
CA LEU F 303 35.59 -3.10 23.46
C LEU F 303 36.29 -4.03 24.43
N ALA F 304 37.56 -3.75 24.74
CA ALA F 304 38.31 -4.61 25.65
C ALA F 304 37.53 -4.84 26.94
N VAL F 305 37.04 -3.76 27.54
CA VAL F 305 36.11 -3.88 28.66
C VAL F 305 34.93 -4.77 28.26
N PHE F 306 34.22 -4.36 27.21
CA PHE F 306 33.00 -5.05 26.82
C PHE F 306 33.25 -6.54 26.62
N LEU F 307 34.39 -6.91 26.04
CA LEU F 307 34.69 -8.32 25.89
C LEU F 307 34.75 -9.00 27.25
N ALA F 308 35.58 -8.47 28.14
CA ALA F 308 35.68 -9.00 29.49
C ALA F 308 34.30 -9.16 30.12
N GLU F 309 33.54 -8.07 30.19
CA GLU F 309 32.27 -8.10 30.90
C GLU F 309 31.16 -8.83 30.15
N TYR F 310 31.43 -9.35 28.95
CA TYR F 310 30.50 -10.27 28.31
C TYR F 310 30.85 -11.72 28.58
N LEU F 311 32.13 -12.01 28.82
CA LEU F 311 32.60 -13.37 28.98
C LEU F 311 33.05 -13.68 30.40
N GLY F 312 32.86 -12.75 31.35
CA GLY F 312 33.25 -12.98 32.72
C GLY F 312 34.72 -13.33 32.85
N LEU F 313 35.58 -12.51 32.27
CA LEU F 313 37.02 -12.75 32.30
C LEU F 313 37.66 -11.94 33.42
N VAL G 1 -33.97 -20.56 54.84
CA VAL G 1 -32.66 -21.09 54.76
C VAL G 1 -32.04 -21.29 56.16
N PRO G 2 -32.32 -20.35 57.15
CA PRO G 2 -31.64 -20.47 58.46
C PRO G 2 -31.08 -21.83 58.78
N LEU G 3 -29.80 -22.03 58.43
CA LEU G 3 -29.12 -23.26 58.80
C LEU G 3 -29.24 -23.47 60.30
N ILE G 4 -29.38 -24.73 60.71
CA ILE G 4 -29.57 -25.02 62.12
C ILE G 4 -28.42 -24.39 62.90
N GLY G 5 -28.77 -23.63 63.95
CA GLY G 5 -27.83 -22.74 64.58
C GLY G 5 -27.68 -21.42 63.85
N SER G 6 -28.67 -21.02 63.06
CA SER G 6 -28.57 -19.87 62.16
C SER G 6 -28.35 -18.56 62.89
N LEU G 7 -28.32 -17.48 62.12
CA LEU G 7 -28.28 -16.14 62.64
C LEU G 7 -29.54 -15.40 62.21
N PRO G 8 -30.24 -14.72 63.11
CA PRO G 8 -31.33 -13.84 62.69
C PRO G 8 -30.81 -12.84 61.67
N GLU G 9 -31.62 -12.54 60.65
CA GLU G 9 -31.23 -11.49 59.72
C GLU G 9 -30.88 -10.20 60.46
N ALA G 10 -31.41 -10.02 61.67
CA ALA G 10 -31.02 -8.91 62.52
C ALA G 10 -29.51 -8.98 62.80
N ARG G 11 -29.11 -9.97 63.62
CA ARG G 11 -27.69 -10.12 63.94
C ARG G 11 -26.84 -10.12 62.68
N LEU G 12 -27.23 -10.92 61.68
CA LEU G 12 -26.39 -11.12 60.51
C LEU G 12 -26.02 -9.79 59.86
N ARG G 13 -27.01 -8.93 59.60
CA ARG G 13 -26.72 -7.66 58.95
C ARG G 13 -25.78 -6.80 59.80
N ARG G 14 -25.86 -6.92 61.13
CA ARG G 14 -24.95 -6.17 61.98
C ARG G 14 -23.55 -6.77 61.94
N VAL G 15 -23.43 -8.09 61.93
CA VAL G 15 -22.14 -8.75 61.85
C VAL G 15 -21.40 -8.17 60.66
N VAL G 16 -21.86 -8.52 59.47
CA VAL G 16 -21.37 -8.01 58.20
C VAL G 16 -20.98 -6.54 58.27
N GLY G 17 -21.87 -5.69 58.81
CA GLY G 17 -21.62 -4.26 58.77
C GLY G 17 -20.31 -3.87 59.43
N GLN G 18 -19.96 -4.53 60.52
CA GLN G 18 -18.71 -4.25 61.21
C GLN G 18 -17.49 -4.61 60.36
N LEU G 19 -17.71 -5.22 59.20
CA LEU G 19 -16.61 -5.45 58.28
C LEU G 19 -16.24 -4.15 57.61
N ASP G 20 -14.93 -3.89 57.53
CA ASP G 20 -14.40 -2.65 56.98
C ASP G 20 -13.56 -3.00 55.76
N PRO G 21 -14.16 -3.02 54.57
CA PRO G 21 -13.39 -3.44 53.38
C PRO G 21 -12.10 -2.67 53.20
N GLN G 22 -12.12 -1.35 53.37
CA GLN G 22 -10.90 -0.56 53.25
C GLN G 22 -9.83 -1.08 54.21
N ARG G 23 -10.23 -1.46 55.41
CA ARG G 23 -9.28 -2.00 56.38
C ARG G 23 -8.67 -3.30 55.87
N LEU G 24 -9.50 -4.19 55.34
CA LEU G 24 -9.00 -5.45 54.79
C LEU G 24 -7.96 -5.20 53.71
N TRP G 25 -8.22 -4.22 52.83
CA TRP G 25 -7.41 -4.06 51.62
C TRP G 25 -6.13 -3.29 51.88
N SER G 26 -6.16 -2.28 52.74
CA SER G 26 -5.03 -1.37 52.91
C SER G 26 -4.23 -1.61 54.18
N THR G 27 -4.88 -2.01 55.28
CA THR G 27 -4.19 -2.20 56.56
C THR G 27 -3.61 -3.59 56.70
N TYR G 28 -4.33 -4.61 56.25
CA TYR G 28 -3.97 -6.01 56.49
C TYR G 28 -3.42 -6.71 55.27
N LEU G 29 -4.03 -6.52 54.11
CA LEU G 29 -3.49 -7.12 52.90
C LEU G 29 -2.19 -6.44 52.49
N ARG G 30 -2.31 -5.25 51.89
CA ARG G 30 -1.21 -4.51 51.29
C ARG G 30 0.11 -4.86 51.97
N PRO G 31 0.31 -4.50 53.25
CA PRO G 31 1.60 -4.75 53.90
C PRO G 31 2.11 -6.17 53.80
N LEU G 32 1.29 -7.11 53.34
CA LEU G 32 1.71 -8.50 53.22
C LEU G 32 2.23 -8.85 51.83
N LEU G 33 2.03 -7.98 50.85
CA LEU G 33 2.43 -8.27 49.49
C LEU G 33 3.91 -7.92 49.28
N VAL G 34 4.75 -8.42 50.17
CA VAL G 34 6.20 -8.26 50.05
C VAL G 34 6.80 -9.64 49.85
N VAL G 35 7.97 -9.69 49.22
CA VAL G 35 8.69 -10.95 49.13
C VAL G 35 8.98 -11.40 50.55
N ARG G 36 8.53 -12.61 50.89
CA ARG G 36 8.62 -13.11 52.25
C ARG G 36 8.96 -14.60 52.18
N THR G 37 10.19 -14.88 51.78
CA THR G 37 10.68 -16.25 51.74
C THR G 37 11.37 -16.60 53.05
N PRO G 38 11.41 -17.88 53.41
CA PRO G 38 12.01 -18.28 54.68
C PRO G 38 13.37 -17.63 54.91
N GLY G 39 13.56 -17.12 56.12
CA GLY G 39 14.80 -16.48 56.48
C GLY G 39 15.19 -15.31 55.58
N SER G 40 14.20 -14.54 55.15
CA SER G 40 14.43 -13.34 54.37
C SER G 40 13.93 -12.13 55.15
N PRO G 41 14.48 -10.94 54.89
CA PRO G 41 14.02 -9.74 55.63
C PRO G 41 12.52 -9.55 55.62
N GLY G 42 11.85 -9.87 54.51
CA GLY G 42 10.40 -9.73 54.47
C GLY G 42 9.69 -10.76 55.35
N ASN G 43 10.13 -12.02 55.26
CA ASN G 43 9.56 -13.07 56.10
C ASN G 43 9.42 -12.58 57.54
N LEU G 44 10.39 -11.80 58.00
CA LEU G 44 10.35 -11.37 59.39
C LEU G 44 9.46 -10.16 59.57
N GLN G 45 9.49 -9.22 58.61
CA GLN G 45 8.58 -8.08 58.65
C GLN G 45 7.14 -8.54 58.86
N VAL G 46 6.64 -9.38 57.95
CA VAL G 46 5.27 -9.89 58.07
C VAL G 46 5.07 -10.54 59.42
N ARG G 47 5.93 -11.51 59.75
CA ARG G 47 5.74 -12.30 60.97
C ARG G 47 5.42 -11.41 62.17
N LYS G 48 6.30 -10.43 62.43
CA LYS G 48 6.03 -9.52 63.54
C LYS G 48 4.72 -8.78 63.33
N PHE G 49 4.46 -8.32 62.11
CA PHE G 49 3.20 -7.65 61.82
C PHE G 49 2.01 -8.51 62.22
N LEU G 50 2.04 -9.80 61.84
CA LEU G 50 1.00 -10.71 62.29
C LEU G 50 0.96 -10.77 63.81
N GLU G 51 2.10 -11.09 64.43
CA GLU G 51 2.16 -11.21 65.89
C GLU G 51 1.53 -10.00 66.56
N ALA G 52 1.93 -8.80 66.13
CA ALA G 52 1.45 -7.59 66.78
C ALA G 52 -0.05 -7.44 66.63
N THR G 53 -0.54 -7.58 65.39
CA THR G 53 -1.95 -7.31 65.12
C THR G 53 -2.84 -8.12 66.05
N LEU G 54 -2.50 -9.38 66.30
CA LEU G 54 -3.33 -10.22 67.14
C LEU G 54 -3.18 -9.86 68.61
N ARG G 55 -2.05 -9.32 69.00
CA ARG G 55 -1.92 -8.82 70.36
C ARG G 55 -2.76 -7.57 70.56
N SER G 56 -2.83 -6.71 69.54
CA SER G 56 -3.59 -5.46 69.61
C SER G 56 -5.10 -5.68 69.70
N LEU G 57 -5.61 -6.88 69.97
CA LEU G 57 -7.05 -7.11 69.98
C LEU G 57 -7.53 -7.13 71.42
N THR G 58 -8.48 -6.25 71.74
CA THR G 58 -9.02 -6.13 73.10
C THR G 58 -9.25 -7.50 73.73
N ALA G 59 -9.95 -8.38 72.99
CA ALA G 59 -10.25 -9.73 73.43
C ALA G 59 -9.13 -10.31 74.31
N GLY G 60 -7.89 -10.10 73.90
CA GLY G 60 -6.76 -10.61 74.66
C GLY G 60 -6.30 -11.96 74.14
N TRP G 61 -5.83 -12.00 72.90
CA TRP G 61 -5.40 -13.25 72.30
C TRP G 61 -4.08 -13.71 72.89
N HIS G 62 -3.94 -15.01 73.09
CA HIS G 62 -2.68 -15.59 73.56
C HIS G 62 -1.87 -15.99 72.33
N VAL G 63 -1.12 -15.04 71.81
CA VAL G 63 -0.24 -15.28 70.68
C VAL G 63 1.10 -15.77 71.19
N GLU G 64 1.45 -17.01 70.83
CA GLU G 64 2.82 -17.48 70.98
C GLU G 64 3.46 -17.58 69.58
N LEU G 65 4.62 -18.21 69.52
CA LEU G 65 5.43 -18.28 68.30
C LEU G 65 6.08 -19.65 68.29
N ASP G 66 6.23 -20.25 67.11
CA ASP G 66 6.91 -21.54 67.01
C ASP G 66 8.20 -21.40 66.22
N PRO G 67 9.29 -20.99 66.84
CA PRO G 67 10.57 -20.95 66.14
C PRO G 67 11.30 -22.29 66.18
N PHE G 68 11.75 -22.73 65.01
CA PHE G 68 12.58 -23.92 64.92
C PHE G 68 13.56 -23.72 63.77
N THR G 69 14.53 -24.61 63.71
CA THR G 69 15.41 -24.72 62.57
C THR G 69 15.06 -26.01 61.84
N ALA G 70 15.39 -26.06 60.56
CA ALA G 70 15.12 -27.27 59.79
C ALA G 70 16.17 -27.45 58.72
N SER G 71 16.47 -28.72 58.43
CA SER G 71 17.37 -29.08 57.36
C SER G 71 16.65 -28.99 56.02
N THR G 72 17.10 -28.10 55.16
CA THR G 72 16.53 -27.92 53.83
C THR G 72 17.65 -27.93 52.80
N PRO G 73 17.28 -27.95 51.51
CA PRO G 73 18.32 -27.96 50.46
C PRO G 73 19.09 -26.66 50.36
N LEU G 74 18.53 -25.53 50.79
CA LEU G 74 19.29 -24.30 50.89
C LEU G 74 20.03 -24.27 52.22
N GLY G 75 20.37 -25.45 52.75
CA GLY G 75 21.02 -25.56 54.02
C GLY G 75 20.05 -25.38 55.16
N PRO G 76 20.59 -25.24 56.37
CA PRO G 76 19.73 -24.93 57.51
C PRO G 76 19.01 -23.60 57.32
N VAL G 77 17.72 -23.60 57.64
CA VAL G 77 16.87 -22.43 57.45
C VAL G 77 16.07 -22.19 58.72
N ASP G 78 15.89 -20.92 59.07
CA ASP G 78 15.18 -20.53 60.28
C ASP G 78 13.74 -20.18 59.91
N PHE G 79 12.80 -21.02 60.32
CA PHE G 79 11.38 -20.83 60.08
C PHE G 79 10.74 -20.19 61.32
N GLY G 80 9.41 -20.29 61.41
CA GLY G 80 8.70 -19.78 62.57
C GLY G 80 7.24 -19.50 62.31
N ASN G 81 6.35 -20.22 62.99
CA ASN G 81 4.91 -20.10 62.80
C ASN G 81 4.36 -19.00 63.70
N VAL G 82 3.04 -18.82 63.67
CA VAL G 82 2.37 -17.83 64.53
C VAL G 82 1.04 -18.40 64.99
N VAL G 83 1.00 -18.85 66.24
CA VAL G 83 -0.13 -19.60 66.81
C VAL G 83 -0.89 -18.66 67.74
N ALA G 84 -2.12 -18.32 67.39
CA ALA G 84 -2.90 -17.33 68.12
C ALA G 84 -4.18 -17.96 68.68
N THR G 85 -4.09 -18.54 69.87
CA THR G 85 -5.28 -19.03 70.56
C THR G 85 -5.89 -17.89 71.36
N LEU G 86 -7.23 -17.87 71.40
CA LEU G 86 -7.96 -16.81 72.06
C LEU G 86 -8.33 -17.13 73.50
N ASP G 87 -8.35 -18.41 73.87
CA ASP G 87 -8.79 -18.81 75.20
C ASP G 87 -8.26 -20.21 75.50
N PRO G 88 -6.95 -20.38 75.58
CA PRO G 88 -6.35 -21.72 75.53
C PRO G 88 -6.79 -22.67 76.63
N ARG G 89 -7.65 -22.23 77.55
CA ARG G 89 -8.13 -23.11 78.60
C ARG G 89 -9.33 -23.94 78.15
N ALA G 90 -10.13 -23.40 77.24
CA ALA G 90 -11.32 -24.10 76.74
C ALA G 90 -10.96 -25.53 76.32
N ALA G 91 -11.97 -26.38 76.18
CA ALA G 91 -11.74 -27.76 75.80
C ALA G 91 -11.54 -27.91 74.30
N ARG G 92 -12.24 -27.10 73.50
CA ARG G 92 -12.25 -27.23 72.06
C ARG G 92 -11.95 -25.89 71.43
N HIS G 93 -11.28 -25.91 70.28
CA HIS G 93 -11.04 -24.70 69.51
C HIS G 93 -11.26 -24.99 68.04
N LEU G 94 -11.92 -24.06 67.35
CA LEU G 94 -12.05 -24.09 65.91
C LEU G 94 -10.82 -23.44 65.30
N THR G 95 -10.18 -24.14 64.37
CA THR G 95 -8.93 -23.65 63.78
C THR G 95 -9.20 -23.14 62.38
N LEU G 96 -9.18 -21.82 62.22
CA LEU G 96 -8.80 -21.25 60.95
C LEU G 96 -7.31 -21.47 60.75
N ALA G 97 -6.87 -21.42 59.50
CA ALA G 97 -5.49 -21.79 59.25
C ALA G 97 -5.13 -21.37 57.84
N CYS G 98 -3.84 -21.08 57.66
CA CYS G 98 -3.31 -20.68 56.38
C CYS G 98 -1.82 -20.48 56.53
N HIS G 99 -1.23 -19.64 55.70
CA HIS G 99 0.21 -19.71 55.54
C HIS G 99 0.69 -18.36 55.02
N TYR G 100 1.84 -17.90 55.53
CA TYR G 100 2.17 -16.48 55.42
C TYR G 100 3.42 -16.14 54.60
N ASP G 101 4.39 -17.03 54.45
CA ASP G 101 5.54 -16.66 53.64
C ASP G 101 5.16 -16.74 52.17
N SER G 102 6.15 -16.71 51.26
CA SER G 102 5.92 -16.74 49.84
C SER G 102 6.93 -17.68 49.19
N LYS G 103 6.59 -18.16 48.00
CA LYS G 103 7.47 -19.11 47.35
C LYS G 103 8.77 -18.45 46.95
N LEU G 104 9.81 -19.26 46.85
CA LEU G 104 11.13 -18.77 46.43
C LEU G 104 11.29 -19.01 44.93
N PHE G 105 11.22 -17.93 44.18
CA PHE G 105 11.57 -17.93 42.77
C PHE G 105 13.03 -17.54 42.61
N PRO G 106 13.67 -17.92 41.51
CA PRO G 106 15.10 -17.69 41.37
C PRO G 106 15.38 -16.19 41.32
N PRO G 107 16.64 -15.80 41.14
CA PRO G 107 16.96 -14.36 41.08
C PRO G 107 16.63 -13.77 39.73
N GLY G 108 16.68 -12.44 39.68
CA GLY G 108 16.42 -11.71 38.43
C GLY G 108 14.97 -11.58 38.06
N SER G 109 14.21 -12.68 38.16
CA SER G 109 12.79 -12.68 37.86
C SER G 109 12.06 -11.56 38.59
N THR G 110 10.86 -11.24 38.13
CA THR G 110 10.04 -10.26 38.83
C THR G 110 9.64 -10.83 40.19
N PRO G 111 9.80 -10.09 41.28
CA PRO G 111 9.56 -10.68 42.60
C PRO G 111 8.15 -11.25 42.72
N PHE G 112 8.04 -12.35 43.43
CA PHE G 112 6.77 -13.07 43.59
C PHE G 112 6.28 -12.90 45.02
N VAL G 113 5.14 -12.22 45.18
CA VAL G 113 4.60 -11.91 46.50
C VAL G 113 3.45 -12.81 46.90
N GLY G 114 2.91 -13.62 45.99
CA GLY G 114 1.81 -14.49 46.31
C GLY G 114 0.65 -13.78 47.00
N ALA G 115 -0.18 -13.09 46.22
CA ALA G 115 -1.38 -12.48 46.78
C ALA G 115 -2.43 -13.56 47.05
N THR G 116 -2.91 -14.20 45.98
CA THR G 116 -3.76 -15.37 46.13
C THR G 116 -3.15 -16.39 47.07
N ASP G 117 -1.83 -16.40 47.18
CA ASP G 117 -1.11 -17.52 47.76
C ASP G 117 0.06 -17.03 48.61
N SER G 118 -0.20 -16.56 49.84
CA SER G 118 -1.55 -16.38 50.35
C SER G 118 -1.64 -15.22 51.31
N ALA G 119 -1.41 -14.00 50.84
CA ALA G 119 -1.73 -12.86 51.69
C ALA G 119 -3.23 -12.76 51.93
N VAL G 120 -4.02 -12.99 50.88
CA VAL G 120 -5.48 -12.93 51.02
C VAL G 120 -5.96 -13.78 52.20
N PRO G 121 -5.64 -15.07 52.28
CA PRO G 121 -5.97 -15.80 53.52
C PRO G 121 -5.52 -15.09 54.78
N CYS G 122 -4.25 -14.70 54.86
CA CYS G 122 -3.77 -13.97 56.03
C CYS G 122 -4.62 -12.74 56.29
N ALA G 123 -4.96 -12.00 55.24
CA ALA G 123 -5.71 -10.76 55.39
C ALA G 123 -7.18 -10.99 55.67
N LEU G 124 -7.66 -12.23 55.57
CA LEU G 124 -9.01 -12.55 56.00
C LEU G 124 -9.04 -12.92 57.48
N LEU G 125 -8.10 -13.75 57.94
CA LEU G 125 -8.06 -14.12 59.35
C LEU G 125 -7.82 -12.90 60.23
N LEU G 126 -7.14 -11.89 59.70
CA LEU G 126 -7.02 -10.62 60.42
C LEU G 126 -8.37 -9.92 60.46
N GLU G 127 -8.80 -9.36 59.32
CA GLU G 127 -10.05 -8.59 59.29
C GLU G 127 -11.19 -9.31 59.98
N LEU G 128 -11.18 -10.64 59.96
CA LEU G 128 -12.23 -11.39 60.66
C LEU G 128 -12.04 -11.29 62.18
N ALA G 129 -10.83 -11.63 62.66
CA ALA G 129 -10.53 -11.47 64.08
C ALA G 129 -10.95 -10.09 64.59
N GLN G 130 -10.85 -9.07 63.75
CA GLN G 130 -11.14 -7.71 64.19
C GLN G 130 -12.64 -7.45 64.28
N ALA G 131 -13.29 -7.30 63.12
CA ALA G 131 -14.71 -6.99 63.06
C ALA G 131 -15.47 -7.72 64.15
N LEU G 132 -15.14 -9.00 64.33
CA LEU G 132 -15.76 -9.84 65.34
C LEU G 132 -15.02 -9.82 66.67
N ASP G 133 -14.24 -8.78 66.95
CA ASP G 133 -13.46 -8.78 68.19
C ASP G 133 -14.38 -8.83 69.40
N LEU G 134 -15.25 -7.83 69.51
CA LEU G 134 -16.14 -7.75 70.67
C LEU G 134 -16.92 -9.04 70.86
N GLU G 135 -17.55 -9.53 69.79
CA GLU G 135 -18.32 -10.78 69.87
C GLU G 135 -17.47 -11.91 70.42
N LEU G 136 -16.19 -11.96 70.02
CA LEU G 136 -15.29 -12.99 70.54
C LEU G 136 -14.88 -12.68 71.97
N SER G 137 -14.67 -11.39 72.29
CA SER G 137 -14.36 -11.01 73.66
C SER G 137 -15.49 -11.38 74.60
N ARG G 138 -16.74 -11.29 74.14
CA ARG G 138 -17.86 -11.72 74.97
C ARG G 138 -17.80 -13.22 75.24
N ALA G 139 -17.66 -14.02 74.18
CA ALA G 139 -17.63 -15.46 74.36
C ALA G 139 -16.42 -15.91 75.17
N LYS G 140 -15.32 -15.17 75.10
CA LYS G 140 -14.19 -15.48 75.98
C LYS G 140 -14.54 -15.19 77.42
N LYS G 141 -15.13 -14.02 77.68
CA LYS G 141 -15.53 -13.66 79.03
C LYS G 141 -16.46 -14.72 79.63
N GLN G 142 -17.52 -15.06 78.90
CA GLN G 142 -18.55 -15.94 79.42
C GLN G 142 -18.14 -17.42 79.43
N ALA G 143 -16.84 -17.71 79.45
CA ALA G 143 -16.32 -19.07 79.65
C ALA G 143 -16.92 -20.04 78.66
N ALA G 144 -16.75 -19.74 77.37
CA ALA G 144 -17.30 -20.56 76.31
C ALA G 144 -16.60 -21.92 76.26
N PRO G 145 -17.25 -22.94 75.67
CA PRO G 145 -16.64 -24.26 75.61
C PRO G 145 -15.81 -24.47 74.34
N VAL G 146 -16.05 -23.64 73.32
CA VAL G 146 -15.38 -23.77 72.03
C VAL G 146 -14.79 -22.42 71.67
N THR G 147 -13.47 -22.35 71.57
CA THR G 147 -12.79 -21.10 71.25
C THR G 147 -12.33 -21.11 69.79
N LEU G 148 -11.52 -20.11 69.43
CA LEU G 148 -11.15 -19.85 68.05
C LEU G 148 -9.63 -19.72 67.96
N GLN G 149 -9.02 -20.55 67.12
CA GLN G 149 -7.60 -20.48 66.85
C GLN G 149 -7.36 -19.87 65.48
N LEU G 150 -6.28 -19.10 65.36
CA LEU G 150 -5.80 -18.60 64.08
C LEU G 150 -4.37 -19.08 63.88
N LEU G 151 -4.14 -19.80 62.80
CA LEU G 151 -2.81 -20.26 62.45
C LEU G 151 -2.29 -19.50 61.26
N PHE G 152 -1.07 -18.98 61.40
CA PHE G 152 -0.29 -18.50 60.28
C PHE G 152 0.97 -19.35 60.25
N LEU G 153 1.07 -20.21 59.26
CA LEU G 153 2.12 -21.20 59.16
C LEU G 153 3.28 -20.68 58.32
N ASP G 154 4.49 -21.15 58.64
CA ASP G 154 5.69 -20.76 57.91
C ASP G 154 6.27 -21.95 57.16
N GLY G 155 7.13 -21.65 56.19
CA GLY G 155 7.76 -22.70 55.41
C GLY G 155 6.74 -23.41 54.54
N GLU G 156 6.15 -22.67 53.62
CA GLU G 156 4.93 -23.12 52.95
C GLU G 156 5.25 -24.09 51.83
N GLU G 157 6.19 -23.73 50.98
CA GLU G 157 6.47 -24.52 49.79
C GLU G 157 7.97 -24.66 49.65
N ALA G 158 8.34 -25.72 48.95
CA ALA G 158 9.72 -26.08 48.67
C ALA G 158 10.60 -24.87 48.39
N LEU G 159 11.91 -25.05 48.58
CA LEU G 159 12.90 -24.12 48.09
C LEU G 159 13.77 -24.75 47.01
N LYS G 160 13.41 -25.98 46.60
CA LYS G 160 13.98 -26.60 45.42
C LYS G 160 12.94 -27.47 44.70
N GLU G 161 11.65 -27.21 44.94
CA GLU G 161 10.51 -27.86 44.30
C GLU G 161 10.05 -29.10 45.06
N TRP G 162 8.74 -29.32 45.04
CA TRP G 162 8.02 -30.38 45.77
C TRP G 162 8.85 -31.63 46.00
N GLY G 163 8.53 -32.33 47.08
CA GLY G 163 9.32 -33.43 47.59
C GLY G 163 8.92 -33.65 49.03
N PRO G 164 9.32 -34.77 49.61
CA PRO G 164 8.81 -35.10 50.95
C PRO G 164 9.40 -34.16 51.99
N LYS G 165 10.71 -34.01 51.94
CA LYS G 165 11.43 -33.20 52.91
C LYS G 165 11.40 -31.72 52.57
N ASP G 166 11.09 -31.37 51.32
CA ASP G 166 11.07 -29.98 50.88
C ASP G 166 9.63 -29.60 50.57
N SER G 167 8.90 -29.25 51.62
CA SER G 167 7.48 -28.90 51.52
C SER G 167 6.83 -28.99 52.90
N LEU G 168 6.15 -27.92 53.30
CA LEU G 168 5.36 -27.96 54.53
C LEU G 168 6.23 -28.11 55.76
N TYR G 169 7.13 -27.15 55.98
CA TYR G 169 7.97 -27.18 57.16
C TYR G 169 7.23 -26.68 58.39
N GLY G 170 6.50 -25.58 58.27
CA GLY G 170 5.74 -25.08 59.41
C GLY G 170 4.68 -26.07 59.85
N SER G 171 3.89 -26.57 58.90
CA SER G 171 2.81 -27.48 59.24
C SER G 171 3.34 -28.78 59.80
N ARG G 172 4.46 -29.29 59.28
CA ARG G 172 4.99 -30.55 59.77
C ARG G 172 5.65 -30.40 61.14
N HIS G 173 5.94 -29.19 61.59
CA HIS G 173 6.51 -28.96 62.91
C HIS G 173 5.47 -28.56 63.93
N LEU G 174 4.49 -27.73 63.55
CA LEU G 174 3.42 -27.38 64.47
C LEU G 174 2.59 -28.60 64.83
N ALA G 175 2.30 -29.45 63.85
CA ALA G 175 1.55 -30.67 64.14
C ALA G 175 2.35 -31.58 65.05
N GLN G 176 3.66 -31.67 64.82
CA GLN G 176 4.53 -32.40 65.74
C GLN G 176 4.39 -31.85 67.16
N LEU G 177 4.59 -30.54 67.31
CA LEU G 177 4.40 -29.86 68.59
C LEU G 177 3.05 -30.22 69.19
N MET G 178 1.96 -29.76 68.56
CA MET G 178 0.63 -29.82 69.17
C MET G 178 0.25 -31.22 69.64
N GLU G 179 0.96 -32.25 69.20
CA GLU G 179 0.67 -33.62 69.61
C GLU G 179 1.42 -34.02 70.87
N SER G 180 2.65 -33.52 71.05
CA SER G 180 3.45 -33.84 72.23
C SER G 180 2.93 -33.14 73.49
N ILE G 181 2.00 -32.20 73.36
CA ILE G 181 1.55 -31.37 74.46
C ILE G 181 0.16 -31.81 74.93
N PRO G 182 0.04 -32.70 75.93
CA PRO G 182 -1.30 -33.10 76.40
C PRO G 182 -2.16 -31.91 76.82
N HIS G 183 -3.47 -32.13 76.88
CA HIS G 183 -4.46 -31.07 77.06
C HIS G 183 -5.62 -31.61 77.87
N SER G 184 -6.41 -30.72 78.46
CA SER G 184 -7.52 -31.12 79.33
C SER G 184 -8.86 -30.52 78.84
N PRO G 185 -9.83 -31.36 78.44
CA PRO G 185 -10.02 -32.81 78.37
C PRO G 185 -8.81 -33.64 77.97
N GLY G 186 -8.42 -33.58 76.70
CA GLY G 186 -7.29 -34.34 76.23
C GLY G 186 -7.72 -35.43 75.27
N PRO G 187 -6.77 -36.29 74.88
CA PRO G 187 -5.38 -36.29 75.33
C PRO G 187 -4.55 -35.05 74.97
N THR G 188 -4.27 -34.78 73.70
CA THR G 188 -3.31 -33.76 73.30
C THR G 188 -3.99 -32.53 72.72
N ARG G 189 -3.20 -31.47 72.54
CA ARG G 189 -3.69 -30.24 71.91
C ARG G 189 -4.21 -30.52 70.51
N ILE G 190 -3.87 -31.68 69.94
CA ILE G 190 -4.46 -32.12 68.68
C ILE G 190 -5.96 -32.26 68.80
N GLN G 191 -6.41 -32.92 69.87
CA GLN G 191 -7.83 -33.14 70.07
C GLN G 191 -8.54 -31.93 70.64
N ALA G 192 -7.86 -30.77 70.58
CA ALA G 192 -8.49 -29.49 70.80
C ALA G 192 -9.03 -28.89 69.52
N ILE G 193 -8.69 -29.47 68.37
CA ILE G 193 -9.14 -28.97 67.08
C ILE G 193 -10.41 -29.72 66.72
N GLU G 194 -11.55 -29.03 66.84
CA GLU G 194 -12.82 -29.55 66.38
C GLU G 194 -12.95 -29.53 64.87
N LEU G 195 -12.21 -28.65 64.19
CA LEU G 195 -12.31 -28.51 62.75
C LEU G 195 -11.11 -27.71 62.29
N PHE G 196 -10.36 -28.26 61.34
CA PHE G 196 -9.18 -27.60 60.78
C PHE G 196 -9.53 -26.97 59.43
N MET G 197 -10.26 -25.86 59.51
CA MET G 197 -10.57 -25.10 58.31
C MET G 197 -9.30 -24.43 57.79
N LEU G 198 -8.97 -24.69 56.52
CA LEU G 198 -7.72 -24.23 55.92
C LEU G 198 -8.03 -23.39 54.69
N LEU G 199 -7.57 -22.14 54.70
CA LEU G 199 -7.80 -21.20 53.60
C LEU G 199 -6.57 -21.13 52.71
N ASP G 200 -6.73 -21.50 51.44
CA ASP G 200 -5.65 -21.44 50.47
C ASP G 200 -6.17 -21.03 49.10
N LEU G 201 -5.39 -20.20 48.40
CA LEU G 201 -5.63 -19.87 47.00
C LEU G 201 -6.94 -19.10 46.84
N LEU G 202 -7.05 -17.99 47.57
CA LEU G 202 -8.24 -17.17 47.57
C LEU G 202 -7.94 -15.79 46.98
N GLY G 203 -8.95 -15.23 46.34
CA GLY G 203 -8.85 -13.90 45.78
C GLY G 203 -8.85 -13.89 44.27
N ALA G 204 -8.52 -15.00 43.64
CA ALA G 204 -8.75 -15.13 42.22
C ALA G 204 -10.21 -14.80 41.99
N PRO G 205 -10.57 -14.22 40.85
CA PRO G 205 -11.99 -13.96 40.60
C PRO G 205 -12.71 -15.22 40.21
N ASN G 206 -14.02 -15.19 40.42
CA ASN G 206 -14.91 -16.30 40.12
C ASN G 206 -14.20 -17.64 40.28
N PRO G 207 -13.87 -18.02 41.52
CA PRO G 207 -13.30 -19.34 41.79
C PRO G 207 -14.35 -20.43 41.92
N THR G 208 -13.90 -21.62 42.30
CA THR G 208 -14.80 -22.73 42.60
C THR G 208 -14.22 -23.52 43.75
N PHE G 209 -15.08 -23.88 44.71
CA PHE G 209 -14.71 -24.68 45.86
C PHE G 209 -15.51 -25.96 45.87
N TYR G 210 -14.86 -27.07 46.19
CA TYR G 210 -15.54 -28.34 46.36
C TYR G 210 -15.18 -28.93 47.72
N SER G 211 -16.00 -29.89 48.15
CA SER G 211 -15.87 -30.50 49.47
C SER G 211 -15.06 -31.79 49.31
N HIS G 212 -13.78 -31.72 49.66
CA HIS G 212 -12.85 -32.82 49.45
C HIS G 212 -12.77 -33.77 50.64
N PHE G 213 -13.65 -33.62 51.63
CA PHE G 213 -13.63 -34.49 52.82
C PHE G 213 -15.06 -34.63 53.31
N PRO G 214 -15.71 -35.76 53.05
CA PRO G 214 -17.10 -35.92 53.51
C PRO G 214 -17.27 -35.64 54.99
N ARG G 215 -16.32 -36.08 55.81
CA ARG G 215 -16.38 -35.86 57.26
C ARG G 215 -16.86 -34.45 57.60
N THR G 216 -16.38 -33.46 56.86
CA THR G 216 -16.66 -32.06 57.14
C THR G 216 -17.68 -31.45 56.18
N VAL G 217 -18.20 -32.25 55.24
CA VAL G 217 -19.11 -31.73 54.22
C VAL G 217 -20.31 -31.06 54.85
N ARG G 218 -20.68 -31.46 56.07
CA ARG G 218 -21.68 -30.73 56.83
C ARG G 218 -21.35 -29.24 56.82
N TRP G 219 -20.10 -28.91 57.14
CA TRP G 219 -19.69 -27.51 57.21
C TRP G 219 -19.68 -26.86 55.83
N PHE G 220 -19.18 -27.57 54.82
CA PHE G 220 -19.27 -27.08 53.45
C PHE G 220 -20.71 -26.76 53.07
N HIS G 221 -21.65 -27.60 53.49
CA HIS G 221 -23.06 -27.35 53.17
C HIS G 221 -23.59 -26.14 53.92
N ARG G 222 -23.09 -25.90 55.14
CA ARG G 222 -23.42 -24.66 55.82
C ARG G 222 -23.01 -23.52 54.91
N LEU G 223 -21.70 -23.38 54.69
CA LEU G 223 -21.16 -22.28 53.88
C LEU G 223 -22.03 -21.96 52.68
N ARG G 224 -22.23 -22.94 51.78
CA ARG G 224 -23.10 -22.71 50.63
C ARG G 224 -24.47 -22.22 51.07
N SER G 225 -24.95 -22.66 52.24
CA SER G 225 -26.21 -22.13 52.76
C SER G 225 -26.05 -20.70 53.23
N ILE G 226 -24.84 -20.29 53.61
CA ILE G 226 -24.61 -18.90 53.94
C ILE G 226 -24.61 -18.06 52.67
N GLU G 227 -23.72 -18.37 51.72
CA GLU G 227 -23.80 -17.76 50.39
C GLU G 227 -25.24 -17.83 49.91
N LYS G 228 -25.95 -16.71 49.94
CA LYS G 228 -27.41 -16.71 49.92
C LYS G 228 -27.79 -17.30 51.29
N ARG G 229 -28.53 -16.58 52.16
CA ARG G 229 -29.26 -15.37 51.86
C ARG G 229 -28.42 -14.20 51.37
N LEU G 230 -27.18 -14.10 51.88
CA LEU G 230 -26.33 -12.95 51.56
C LEU G 230 -26.54 -12.48 50.14
N HIS G 231 -26.48 -13.40 49.18
CA HIS G 231 -26.85 -13.04 47.82
C HIS G 231 -28.33 -12.66 47.73
N ARG G 232 -29.20 -13.52 48.28
CA ARG G 232 -30.62 -13.19 48.27
C ARG G 232 -30.86 -11.82 48.89
N LEU G 233 -30.16 -11.51 49.99
CA LEU G 233 -30.30 -10.22 50.64
C LEU G 233 -29.58 -9.10 49.94
N ASN G 234 -29.23 -9.26 48.66
CA ASN G 234 -28.48 -8.25 47.94
C ASN G 234 -27.34 -7.74 48.80
N LEU G 235 -26.80 -8.64 49.63
CA LEU G 235 -25.65 -8.36 50.48
C LEU G 235 -24.34 -8.78 49.84
N LEU G 236 -24.36 -9.16 48.57
CA LEU G 236 -23.16 -9.58 47.87
C LEU G 236 -23.02 -8.80 46.59
N GLN G 237 -21.77 -8.59 46.20
CA GLN G 237 -21.43 -7.91 44.96
C GLN G 237 -21.06 -8.93 43.90
N SER G 238 -21.26 -8.54 42.65
CA SER G 238 -20.85 -9.31 41.49
C SER G 238 -21.13 -10.80 41.72
N HIS G 239 -22.40 -11.09 42.00
CA HIS G 239 -22.86 -12.43 42.33
C HIS G 239 -24.18 -12.69 41.61
N PRO G 240 -24.12 -12.89 40.30
CA PRO G 240 -25.35 -13.07 39.53
C PRO G 240 -26.14 -14.33 39.89
N GLN G 241 -25.47 -15.47 40.02
CA GLN G 241 -26.14 -16.70 40.34
C GLN G 241 -26.22 -16.91 41.85
N GLU G 242 -27.18 -17.73 42.27
CA GLU G 242 -27.45 -17.91 43.70
C GLU G 242 -26.39 -18.78 44.38
N VAL G 243 -25.67 -19.59 43.61
CA VAL G 243 -24.59 -20.40 44.15
C VAL G 243 -23.49 -20.42 43.08
N MET G 244 -22.38 -19.76 43.36
CA MET G 244 -21.27 -19.60 42.44
C MET G 244 -19.96 -20.15 42.99
N TYR G 245 -19.67 -19.92 44.26
CA TYR G 245 -18.39 -20.30 44.83
C TYR G 245 -18.42 -21.71 45.43
N PHE G 246 -19.41 -22.02 46.25
CA PHE G 246 -19.47 -23.29 46.97
C PHE G 246 -20.36 -24.25 46.20
N GLN G 247 -19.75 -25.12 45.50
CA GLN G 247 -20.44 -25.89 44.48
C GLN G 247 -20.73 -27.30 44.96
N PRO G 248 -21.83 -27.89 44.49
CA PRO G 248 -22.10 -29.29 44.80
C PRO G 248 -21.10 -30.19 44.08
N GLY G 249 -20.98 -31.40 44.59
CA GLY G 249 -19.96 -32.32 44.12
C GLY G 249 -18.91 -32.54 45.19
N GLU G 250 -17.99 -33.44 44.88
CA GLU G 250 -17.17 -34.06 45.92
C GLU G 250 -15.83 -34.48 45.29
N PRO G 251 -15.03 -35.40 45.88
CA PRO G 251 -13.71 -35.67 45.30
C PRO G 251 -13.78 -36.38 43.94
N PHE G 252 -12.73 -36.45 43.12
CA PHE G 252 -11.36 -35.92 43.37
C PHE G 252 -10.74 -36.57 44.61
N GLY G 253 -10.08 -35.76 45.45
CA GLY G 253 -9.51 -36.27 46.70
C GLY G 253 -8.83 -35.18 47.49
N SER G 254 -8.19 -34.26 46.76
CA SER G 254 -7.61 -33.01 47.25
C SER G 254 -6.12 -32.97 46.98
N VAL G 255 -5.53 -31.78 47.08
CA VAL G 255 -4.14 -31.57 46.78
C VAL G 255 -3.35 -31.61 48.09
N GLU G 256 -2.02 -31.70 47.97
CA GLU G 256 -1.16 -31.63 49.13
C GLU G 256 -1.04 -30.18 49.58
N ASP G 257 -1.27 -29.95 50.86
CA ASP G 257 -1.33 -28.60 51.40
C ASP G 257 -1.04 -28.68 52.90
N ASP G 258 -1.24 -27.57 53.61
CA ASP G 258 -0.84 -27.51 55.01
C ASP G 258 -1.52 -28.57 55.87
N HIS G 259 -2.76 -28.93 55.53
CA HIS G 259 -3.51 -29.84 56.37
C HIS G 259 -2.89 -31.23 56.49
N ILE G 260 -1.87 -31.54 55.69
CA ILE G 260 -1.40 -32.92 55.59
C ILE G 260 -0.88 -33.46 56.92
N PRO G 261 0.08 -32.80 57.59
CA PRO G 261 0.54 -33.34 58.88
C PRO G 261 -0.58 -33.61 59.86
N PHE G 262 -1.60 -32.76 59.85
CA PHE G 262 -2.68 -32.91 60.80
C PHE G 262 -3.54 -34.12 60.46
N LEU G 263 -3.90 -34.28 59.19
CA LEU G 263 -4.71 -35.43 58.79
C LEU G 263 -4.06 -36.74 59.20
N ARG G 264 -2.76 -36.89 58.92
CA ARG G 264 -2.00 -38.01 59.44
C ARG G 264 -2.37 -38.27 60.89
N ARG G 265 -2.18 -37.26 61.73
CA ARG G 265 -2.55 -37.29 63.13
C ARG G 265 -4.07 -37.37 63.35
N GLY G 266 -4.87 -37.42 62.29
CA GLY G 266 -6.31 -37.51 62.39
C GLY G 266 -6.97 -36.22 62.85
N VAL G 267 -7.78 -35.62 61.97
CA VAL G 267 -8.44 -34.35 62.26
C VAL G 267 -9.62 -34.12 61.32
N PRO G 268 -10.69 -33.46 61.77
CA PRO G 268 -11.72 -32.99 60.84
C PRO G 268 -11.22 -31.76 60.09
N VAL G 269 -10.91 -31.94 58.81
CA VAL G 269 -10.31 -30.89 57.99
C VAL G 269 -11.33 -30.42 56.97
N LEU G 270 -11.51 -29.11 56.86
CA LEU G 270 -12.28 -28.50 55.80
C LEU G 270 -11.29 -27.73 54.92
N HIS G 271 -10.88 -28.33 53.82
CA HIS G 271 -9.94 -27.67 52.93
C HIS G 271 -10.71 -26.66 52.10
N LEU G 272 -10.46 -25.37 52.36
CA LEU G 272 -11.14 -24.30 51.66
C LEU G 272 -10.20 -23.71 50.63
N ILE G 273 -9.97 -24.50 49.58
CA ILE G 273 -9.06 -24.13 48.50
C ILE G 273 -9.84 -24.06 47.21
N SER G 274 -9.49 -23.07 46.38
CA SER G 274 -10.10 -22.97 45.06
C SER G 274 -9.59 -24.08 44.15
N THR G 275 -10.50 -24.61 43.33
CA THR G 275 -10.15 -25.65 42.37
C THR G 275 -11.05 -25.50 41.15
N PRO G 276 -10.48 -25.26 39.97
CA PRO G 276 -9.06 -25.21 39.60
C PRO G 276 -8.33 -24.06 40.26
N PHE G 277 -7.03 -23.99 40.06
CA PHE G 277 -6.27 -22.90 40.65
C PHE G 277 -6.44 -21.62 39.85
N PRO G 278 -6.14 -20.50 40.45
CA PRO G 278 -6.11 -19.25 39.71
C PRO G 278 -5.23 -19.39 38.47
N ALA G 279 -5.46 -18.53 37.47
CA ALA G 279 -4.59 -18.55 36.30
C ALA G 279 -3.22 -17.98 36.63
N VAL G 280 -3.15 -17.10 37.62
CA VAL G 280 -1.89 -16.46 37.99
C VAL G 280 -1.10 -17.38 38.91
N TRP G 281 -1.48 -18.66 38.98
CA TRP G 281 -0.84 -19.57 39.91
C TRP G 281 0.66 -19.66 39.61
N HIS G 282 1.47 -19.34 40.61
CA HIS G 282 2.93 -19.39 40.50
C HIS G 282 3.40 -18.61 39.28
N THR G 283 3.18 -17.32 39.39
CA THR G 283 3.57 -16.38 38.35
C THR G 283 3.73 -15.01 39.01
N PRO G 284 4.80 -14.30 38.69
CA PRO G 284 4.85 -12.86 39.00
C PRO G 284 3.53 -12.13 38.82
N ALA G 285 2.60 -12.69 38.04
CA ALA G 285 1.29 -12.07 37.84
C ALA G 285 0.41 -12.14 39.07
N ASP G 286 0.73 -12.98 40.04
CA ASP G 286 -0.03 -13.06 41.28
C ASP G 286 0.16 -11.78 42.09
N THR G 287 -0.69 -10.78 41.84
CA THR G 287 -0.53 -9.47 42.46
C THR G 287 -1.90 -8.89 42.80
N GLU G 288 -1.87 -7.78 43.54
CA GLU G 288 -3.08 -7.10 43.97
C GLU G 288 -3.93 -6.63 42.80
N VAL G 289 -3.33 -6.46 41.62
CA VAL G 289 -4.05 -5.90 40.48
C VAL G 289 -4.69 -7.00 39.63
N ASN G 290 -4.45 -8.25 39.96
CA ASN G 290 -5.07 -9.38 39.28
C ASN G 290 -5.92 -10.19 40.23
N LEU G 291 -6.45 -9.54 41.27
CA LEU G 291 -7.37 -10.19 42.19
C LEU G 291 -8.79 -9.84 41.79
N HIS G 292 -9.70 -9.82 42.76
CA HIS G 292 -11.05 -9.33 42.57
C HIS G 292 -11.52 -8.81 43.93
N PRO G 293 -11.52 -7.49 44.13
CA PRO G 293 -11.90 -6.96 45.44
C PRO G 293 -13.27 -7.46 45.86
N PRO G 294 -14.29 -7.36 44.99
CA PRO G 294 -15.60 -7.89 45.37
C PRO G 294 -15.54 -9.31 45.90
N THR G 295 -14.99 -10.24 45.12
CA THR G 295 -14.93 -11.64 45.55
C THR G 295 -14.17 -11.81 46.86
N VAL G 296 -13.35 -10.83 47.24
CA VAL G 296 -12.65 -10.92 48.53
C VAL G 296 -13.59 -10.56 49.66
N HIS G 297 -14.27 -9.41 49.55
CA HIS G 297 -15.22 -8.97 50.55
C HIS G 297 -16.55 -9.72 50.47
N ASN G 298 -16.64 -10.73 49.60
CA ASN G 298 -17.77 -11.64 49.60
C ASN G 298 -17.44 -12.99 50.19
N LEU G 299 -16.15 -13.36 50.22
CA LEU G 299 -15.72 -14.46 51.08
C LEU G 299 -15.59 -13.99 52.51
N CYS G 300 -15.09 -12.77 52.70
CA CYS G 300 -15.00 -12.20 54.03
C CYS G 300 -16.33 -12.35 54.77
N ARG G 301 -17.38 -11.72 54.22
CA ARG G 301 -18.71 -11.80 54.84
C ARG G 301 -19.09 -13.23 55.17
N ILE G 302 -19.08 -14.10 54.16
CA ILE G 302 -19.43 -15.51 54.35
C ILE G 302 -18.73 -16.05 55.59
N LEU G 303 -17.41 -16.14 55.55
CA LEU G 303 -16.67 -16.67 56.70
C LEU G 303 -17.03 -15.94 57.98
N ALA G 304 -17.32 -14.64 57.88
CA ALA G 304 -17.76 -13.89 59.06
C ALA G 304 -18.99 -14.54 59.68
N VAL G 305 -20.03 -14.77 58.86
CA VAL G 305 -21.23 -15.39 59.38
C VAL G 305 -20.96 -16.82 59.82
N PHE G 306 -20.16 -17.55 59.05
CA PHE G 306 -19.79 -18.91 59.44
C PHE G 306 -19.19 -18.94 60.83
N LEU G 307 -18.31 -17.98 61.14
CA LEU G 307 -17.69 -17.94 62.45
C LEU G 307 -18.74 -17.76 63.55
N ALA G 308 -19.58 -16.73 63.41
CA ALA G 308 -20.57 -16.46 64.44
C ALA G 308 -21.49 -17.65 64.65
N GLU G 309 -21.95 -18.28 63.56
CA GLU G 309 -22.81 -19.44 63.69
C GLU G 309 -22.08 -20.61 64.34
N TYR G 310 -20.88 -20.92 63.85
CA TYR G 310 -20.13 -22.04 64.42
C TYR G 310 -19.89 -21.84 65.91
N LEU G 311 -19.54 -20.62 66.32
CA LEU G 311 -19.25 -20.34 67.71
C LEU G 311 -20.43 -19.73 68.44
N GLY G 312 -21.59 -19.67 67.81
CA GLY G 312 -22.76 -19.07 68.42
C GLY G 312 -22.46 -17.69 68.97
N LEU G 313 -21.83 -16.85 68.16
CA LEU G 313 -21.48 -15.51 68.58
C LEU G 313 -22.69 -14.62 68.40
N VAL H 1 -2.24 30.30 36.25
CA VAL H 1 -2.54 29.93 37.63
C VAL H 1 -1.32 30.12 38.57
N PRO H 2 -0.08 30.29 38.02
CA PRO H 2 1.05 30.64 38.91
C PRO H 2 1.53 32.09 38.84
N LEU H 3 2.50 32.44 39.67
CA LEU H 3 3.05 33.80 39.76
C LEU H 3 4.57 33.75 39.58
N ILE H 4 5.25 34.79 40.05
CA ILE H 4 6.70 34.95 39.86
C ILE H 4 7.42 34.24 40.99
N GLY H 5 8.13 33.17 40.63
CA GLY H 5 8.74 32.30 41.60
C GLY H 5 7.93 31.06 41.92
N SER H 6 6.78 30.89 41.29
CA SER H 6 5.93 29.74 41.58
C SER H 6 6.59 28.46 41.10
N LEU H 7 6.33 27.37 41.82
CA LEU H 7 7.03 26.13 41.57
C LEU H 7 6.58 25.49 40.27
N PRO H 8 7.44 24.67 39.65
CA PRO H 8 6.97 23.78 38.60
C PRO H 8 5.95 22.81 39.17
N GLU H 9 4.98 22.43 38.35
CA GLU H 9 4.06 21.37 38.73
C GLU H 9 4.80 20.04 38.87
N ALA H 10 6.11 20.03 38.62
CA ALA H 10 6.95 18.88 38.88
C ALA H 10 7.57 18.93 40.27
N ARG H 11 8.27 20.02 40.60
CA ARG H 11 8.86 20.15 41.92
C ARG H 11 7.78 20.22 43.00
N LEU H 12 6.70 20.96 42.72
CA LEU H 12 5.69 21.20 43.74
C LEU H 12 5.15 19.91 44.32
N ARG H 13 4.74 18.97 43.46
CA ARG H 13 4.18 17.72 43.95
C ARG H 13 5.21 16.91 44.73
N ARG H 14 6.48 16.99 44.34
CA ARG H 14 7.52 16.26 45.07
C ARG H 14 7.75 16.86 46.46
N VAL H 15 7.58 18.17 46.61
CA VAL H 15 7.68 18.82 47.91
C VAL H 15 6.65 18.21 48.84
N VAL H 16 5.37 18.51 48.57
CA VAL H 16 4.26 18.00 49.35
C VAL H 16 4.43 16.53 49.65
N GLY H 17 4.86 15.76 48.65
CA GLY H 17 4.98 14.32 48.80
C GLY H 17 5.86 13.90 49.96
N GLN H 18 6.68 14.80 50.47
CA GLN H 18 7.54 14.51 51.62
C GLN H 18 6.88 14.89 52.93
N LEU H 19 5.70 15.50 52.89
CA LEU H 19 4.92 15.72 54.10
C LEU H 19 4.35 14.40 54.59
N ASP H 20 4.14 14.31 55.90
CA ASP H 20 3.71 13.07 56.56
C ASP H 20 2.57 13.40 57.52
N PRO H 21 1.32 13.38 57.04
CA PRO H 21 0.20 13.77 57.91
C PRO H 21 0.09 12.97 59.20
N GLN H 22 0.60 11.73 59.24
CA GLN H 22 0.57 10.97 60.47
C GLN H 22 1.74 11.33 61.39
N ARG H 23 2.89 11.64 60.81
CA ARG H 23 4.00 12.19 61.59
C ARG H 23 3.57 13.47 62.28
N LEU H 24 2.90 14.36 61.54
CA LEU H 24 2.43 15.62 62.12
C LEU H 24 1.52 15.39 63.31
N TRP H 25 0.53 14.51 63.16
CA TRP H 25 -0.56 14.44 64.14
C TRP H 25 -0.14 13.72 65.41
N SER H 26 0.68 12.67 65.30
CA SER H 26 1.09 11.90 66.47
C SER H 26 2.48 12.28 66.96
N THR H 27 3.43 12.53 66.06
CA THR H 27 4.80 12.76 66.46
C THR H 27 5.00 14.15 67.03
N TYR H 28 4.40 15.17 66.40
CA TYR H 28 4.68 16.54 66.75
C TYR H 28 3.51 17.28 67.37
N LEU H 29 2.28 16.80 67.17
CA LEU H 29 1.11 17.45 67.75
C LEU H 29 0.68 16.82 69.07
N ARG H 30 0.56 15.49 69.12
CA ARG H 30 0.01 14.83 70.29
C ARG H 30 0.76 15.22 71.56
N PRO H 31 2.09 15.03 71.62
CA PRO H 31 2.79 15.25 72.89
C PRO H 31 2.93 16.72 73.27
N LEU H 32 2.28 17.63 72.54
CA LEU H 32 2.24 19.04 72.91
C LEU H 32 0.94 19.43 73.60
N LEU H 33 -0.06 18.54 73.60
CA LEU H 33 -1.38 18.84 74.16
C LEU H 33 -1.41 18.59 75.66
N VAL H 34 -0.48 19.19 76.37
CA VAL H 34 -0.41 19.13 77.83
C VAL H 34 -0.45 20.55 78.35
N VAL H 35 -0.94 20.71 79.58
CA VAL H 35 -0.82 22.00 80.24
C VAL H 35 0.66 22.30 80.38
N ARG H 36 1.06 23.46 79.87
CA ARG H 36 2.47 23.78 79.67
C ARG H 36 2.65 25.28 79.89
N THR H 37 2.14 25.79 81.00
CA THR H 37 2.25 27.20 81.33
C THR H 37 3.67 27.51 81.80
N PRO H 38 4.04 28.79 81.82
CA PRO H 38 5.38 29.17 82.33
C PRO H 38 5.78 28.44 83.60
N GLY H 39 6.99 27.90 83.62
CA GLY H 39 7.54 27.32 84.82
C GLY H 39 7.00 25.95 85.19
N SER H 40 6.08 25.40 84.41
CA SER H 40 5.49 24.13 84.76
C SER H 40 6.39 22.97 84.32
N PRO H 41 6.21 21.80 84.94
CA PRO H 41 6.86 20.60 84.38
C PRO H 41 6.53 20.38 82.91
N GLY H 42 5.26 20.51 82.54
CA GLY H 42 4.86 20.40 81.15
C GLY H 42 5.62 21.36 80.26
N ASN H 43 5.44 22.67 80.49
CA ASN H 43 6.17 23.69 79.72
C ASN H 43 7.63 23.34 79.57
N LEU H 44 8.20 22.63 80.53
CA LEU H 44 9.60 22.29 80.48
C LEU H 44 9.84 20.95 79.80
N GLN H 45 8.86 20.06 79.79
CA GLN H 45 8.88 18.93 78.87
C GLN H 45 8.91 19.42 77.42
N VAL H 46 7.92 20.23 77.05
CA VAL H 46 7.77 20.68 75.68
C VAL H 46 9.04 21.37 75.20
N ARG H 47 9.40 22.47 75.87
CA ARG H 47 10.62 23.20 75.55
C ARG H 47 11.77 22.27 75.18
N LYS H 48 11.96 21.21 75.98
CA LYS H 48 13.03 20.25 75.70
C LYS H 48 12.64 19.25 74.62
N PHE H 49 11.34 19.07 74.38
CA PHE H 49 10.92 18.34 73.19
C PHE H 49 11.18 19.14 71.92
N LEU H 50 11.11 20.47 72.02
CA LEU H 50 11.41 21.33 70.88
C LEU H 50 12.90 21.39 70.59
N GLU H 51 13.69 21.81 71.57
CA GLU H 51 15.14 21.89 71.43
C GLU H 51 15.71 20.68 70.70
N ALA H 52 15.31 19.47 71.12
CA ALA H 52 15.99 18.26 70.70
C ALA H 52 15.53 17.78 69.33
N THR H 53 14.25 17.95 69.00
CA THR H 53 13.79 17.60 67.66
C THR H 53 14.55 18.39 66.60
N LEU H 54 14.78 19.67 66.85
CA LEU H 54 15.52 20.48 65.89
C LEU H 54 16.98 20.07 65.81
N ARG H 55 17.56 19.59 66.91
CA ARG H 55 18.93 19.08 66.88
C ARG H 55 19.02 17.68 66.30
N SER H 56 17.89 17.04 66.00
CA SER H 56 17.89 15.72 65.40
C SER H 56 17.78 15.77 63.87
N LEU H 57 17.91 16.95 63.28
CA LEU H 57 17.68 17.12 61.85
C LEU H 57 19.00 17.10 61.09
N THR H 58 18.98 16.45 59.92
CA THR H 58 20.15 16.38 59.08
C THR H 58 20.57 17.75 58.57
N ALA H 59 19.61 18.67 58.43
CA ALA H 59 19.92 20.03 57.97
C ALA H 59 20.80 20.79 58.98
N GLY H 60 21.06 20.17 60.12
CA GLY H 60 21.99 20.75 61.08
C GLY H 60 21.58 22.14 61.52
N TRP H 61 20.65 22.21 62.46
CA TRP H 61 20.12 23.48 62.93
C TRP H 61 20.94 24.01 64.11
N HIS H 62 21.14 25.33 64.13
CA HIS H 62 21.75 26.02 65.27
C HIS H 62 20.62 26.43 66.20
N VAL H 63 20.45 25.68 67.29
CA VAL H 63 19.36 25.90 68.23
C VAL H 63 19.95 26.46 69.52
N GLU H 64 19.71 27.74 69.78
CA GLU H 64 20.06 28.34 71.05
C GLU H 64 18.82 28.53 71.91
N LEU H 65 19.05 28.61 73.22
CA LEU H 65 18.00 28.74 74.21
C LEU H 65 18.07 30.14 74.80
N ASP H 66 16.92 30.81 74.92
CA ASP H 66 16.90 32.12 75.55
C ASP H 66 16.18 32.04 76.89
N PRO H 67 16.84 31.61 77.95
CA PRO H 67 16.22 31.65 79.27
C PRO H 67 16.30 33.06 79.85
N PHE H 68 15.50 33.28 80.89
CA PHE H 68 15.51 34.56 81.59
C PHE H 68 14.43 34.51 82.66
N THR H 69 14.46 35.52 83.51
CA THR H 69 13.47 35.73 84.56
C THR H 69 12.78 37.06 84.32
N ALA H 70 11.54 37.18 84.80
CA ALA H 70 10.76 38.38 84.56
C ALA H 70 9.85 38.64 85.74
N SER H 71 9.47 39.91 85.89
CA SER H 71 8.68 40.37 87.05
C SER H 71 7.21 40.36 86.67
N THR H 72 6.48 39.35 87.14
CA THR H 72 5.10 39.13 86.79
C THR H 72 4.18 39.33 88.00
N PRO H 73 2.87 39.30 87.78
CA PRO H 73 1.94 39.27 88.92
C PRO H 73 2.12 38.04 89.80
N LEU H 74 2.51 36.90 89.24
CA LEU H 74 2.78 35.70 90.03
C LEU H 74 4.22 35.67 90.53
N GLY H 75 4.88 36.82 90.64
CA GLY H 75 6.22 36.90 91.15
C GLY H 75 7.26 36.72 90.06
N PRO H 76 8.52 36.60 90.43
CA PRO H 76 9.54 36.18 89.48
C PRO H 76 9.25 34.78 88.92
N VAL H 77 9.22 34.68 87.60
CA VAL H 77 8.94 33.43 86.91
C VAL H 77 10.04 33.19 85.89
N ASP H 78 10.32 31.91 85.65
CA ASP H 78 11.38 31.50 84.73
C ASP H 78 10.77 31.01 83.43
N PHE H 79 11.24 31.55 82.32
CA PHE H 79 10.74 31.23 81.00
C PHE H 79 11.72 30.33 80.27
N GLY H 80 11.48 30.12 78.99
CA GLY H 80 12.42 29.41 78.14
C GLY H 80 12.01 29.42 76.68
N ASN H 81 12.51 30.41 75.93
CA ASN H 81 12.27 30.45 74.50
C ASN H 81 13.19 29.47 73.78
N VAL H 82 12.83 29.16 72.54
CA VAL H 82 13.63 28.32 71.66
C VAL H 82 13.76 29.06 70.34
N VAL H 83 14.99 29.49 70.02
CA VAL H 83 15.28 30.20 68.78
C VAL H 83 16.20 29.32 67.95
N ALA H 84 15.77 28.99 66.74
CA ALA H 84 16.49 28.07 65.87
C ALA H 84 16.78 28.77 64.55
N THR H 85 18.06 29.01 64.27
CA THR H 85 18.49 29.55 63.00
C THR H 85 19.23 28.45 62.25
N LEU H 86 18.75 28.11 61.05
CA LEU H 86 19.38 27.05 60.26
C LEU H 86 20.81 27.44 59.87
N ASP H 87 21.08 28.72 59.70
CA ASP H 87 22.36 29.17 59.17
C ASP H 87 22.65 30.57 59.71
N PRO H 88 23.29 30.66 60.88
CA PRO H 88 23.47 31.99 61.50
C PRO H 88 24.22 32.98 60.61
N ARG H 89 25.28 32.53 59.94
CA ARG H 89 26.09 33.45 59.14
C ARG H 89 25.27 34.20 58.11
N ALA H 90 24.23 33.57 57.57
CA ALA H 90 23.47 34.18 56.47
C ALA H 90 23.05 35.60 56.83
N ALA H 91 22.99 36.45 55.80
CA ALA H 91 22.73 37.87 56.02
C ALA H 91 21.31 38.11 56.49
N ARG H 92 20.34 37.47 55.85
CA ARG H 92 18.93 37.65 56.18
C ARG H 92 18.30 36.26 56.31
N HIS H 93 17.17 36.17 56.99
CA HIS H 93 16.48 34.89 57.10
C HIS H 93 14.97 35.07 57.16
N LEU H 94 14.26 33.98 56.89
CA LEU H 94 12.80 33.94 57.04
C LEU H 94 12.49 33.43 58.44
N THR H 95 11.60 34.13 59.13
CA THR H 95 11.25 33.80 60.50
C THR H 95 9.78 33.40 60.55
N LEU H 96 9.52 32.14 60.87
CA LEU H 96 8.18 31.68 61.20
C LEU H 96 8.07 31.61 62.71
N ALA H 97 7.04 32.25 63.25
CA ALA H 97 6.92 32.44 64.70
C ALA H 97 5.65 31.79 65.22
N CYS H 98 5.75 31.21 66.41
CA CYS H 98 4.62 30.67 67.14
C CYS H 98 5.04 30.62 68.61
N HIS H 99 4.06 30.42 69.49
CA HIS H 99 4.30 30.46 70.92
C HIS H 99 3.87 29.13 71.55
N TYR H 100 4.76 28.56 72.37
CA TYR H 100 4.54 27.23 72.93
C TYR H 100 3.96 27.27 74.34
N ASP H 101 3.68 28.45 74.88
CA ASP H 101 3.02 28.54 76.18
C ASP H 101 1.54 28.22 76.02
N SER H 102 0.97 27.63 77.07
CA SER H 102 -0.47 27.46 77.19
C SER H 102 -0.99 28.41 78.26
N LYS H 103 -2.22 28.90 78.08
CA LYS H 103 -2.72 29.88 79.02
C LYS H 103 -2.99 29.25 80.38
N LEU H 104 -2.97 30.11 81.40
CA LEU H 104 -3.22 29.70 82.77
C LEU H 104 -4.66 30.02 83.13
N PHE H 105 -5.46 28.99 83.37
CA PHE H 105 -6.84 29.11 83.81
C PHE H 105 -6.93 28.75 85.28
N PRO H 106 -7.90 29.30 86.02
CA PRO H 106 -7.93 29.09 87.46
C PRO H 106 -8.07 27.61 87.78
N PRO H 107 -7.91 27.24 89.05
CA PRO H 107 -7.90 25.82 89.41
C PRO H 107 -9.27 25.18 89.20
N GLY H 108 -9.27 23.86 89.24
CA GLY H 108 -10.51 23.08 89.15
C GLY H 108 -11.09 22.94 87.77
N SER H 109 -11.19 24.04 87.04
CA SER H 109 -11.62 23.99 85.64
C SER H 109 -10.85 22.90 84.91
N THR H 110 -11.52 22.27 83.96
CA THR H 110 -10.89 21.23 83.17
C THR H 110 -9.59 21.77 82.56
N PRO H 111 -8.53 20.96 82.48
CA PRO H 111 -7.24 21.50 81.99
C PRO H 111 -7.41 22.19 80.65
N PHE H 112 -6.57 23.20 80.42
CA PHE H 112 -6.59 23.97 79.18
C PHE H 112 -5.26 23.76 78.46
N VAL H 113 -5.31 23.00 77.37
CA VAL H 113 -4.11 22.67 76.59
C VAL H 113 -4.02 23.49 75.31
N GLY H 114 -5.05 24.25 74.96
CA GLY H 114 -5.06 25.08 73.77
C GLY H 114 -4.39 24.48 72.55
N ALA H 115 -5.17 23.75 71.74
CA ALA H 115 -4.65 23.17 70.51
C ALA H 115 -4.49 24.23 69.43
N THR H 116 -5.60 24.69 68.86
CA THR H 116 -5.56 25.83 67.94
C THR H 116 -4.59 26.87 68.46
N ASP H 117 -4.72 27.18 69.74
CA ASP H 117 -3.92 28.16 70.44
C ASP H 117 -3.05 27.44 71.47
N SER H 118 -1.83 27.04 71.13
CA SER H 118 -1.21 27.26 69.83
C SER H 118 -0.12 26.23 69.63
N ALA H 119 -0.52 24.94 69.65
CA ALA H 119 0.40 23.87 69.33
C ALA H 119 0.41 23.56 67.84
N VAL H 120 -0.75 23.73 67.20
CA VAL H 120 -0.87 23.57 65.75
C VAL H 120 0.17 24.51 65.11
N PRO H 121 0.17 25.81 65.40
CA PRO H 121 1.24 26.65 64.87
C PRO H 121 2.64 26.11 65.14
N CYS H 122 2.86 25.46 66.28
CA CYS H 122 4.16 24.85 66.54
C CYS H 122 4.35 23.61 65.70
N ALA H 123 3.48 22.60 65.88
CA ALA H 123 3.63 21.33 65.18
C ALA H 123 3.84 21.53 63.69
N LEU H 124 3.20 22.56 63.11
CA LEU H 124 3.48 22.91 61.73
C LEU H 124 4.96 23.17 61.52
N LEU H 125 5.50 24.18 62.21
CA LEU H 125 6.91 24.50 62.10
C LEU H 125 7.79 23.28 62.37
N LEU H 126 7.25 22.26 63.03
CA LEU H 126 8.01 21.03 63.25
C LEU H 126 7.96 20.11 62.04
N GLU H 127 6.80 20.00 61.39
CA GLU H 127 6.72 19.18 60.19
C GLU H 127 7.38 19.86 59.00
N LEU H 128 7.23 21.18 58.89
CA LEU H 128 7.79 21.89 57.74
C LEU H 128 9.29 21.69 57.62
N ALA H 129 9.99 21.56 58.75
CA ALA H 129 11.45 21.48 58.73
C ALA H 129 11.96 20.06 58.54
N GLN H 130 11.13 19.04 58.74
CA GLN H 130 11.56 17.66 58.54
C GLN H 130 11.32 17.21 57.11
N ALA H 131 10.16 17.54 56.54
CA ALA H 131 9.87 17.14 55.18
C ALA H 131 10.67 17.95 54.17
N LEU H 132 11.05 19.19 54.53
CA LEU H 132 11.95 20.00 53.73
C LEU H 132 13.36 20.02 54.30
N ASP H 133 13.76 18.93 54.95
CA ASP H 133 15.06 18.92 55.63
C ASP H 133 16.20 18.85 54.63
N LEU H 134 16.22 17.80 53.83
CA LEU H 134 17.22 17.70 52.76
C LEU H 134 17.24 18.97 51.94
N GLU H 135 16.06 19.45 51.55
CA GLU H 135 15.97 20.66 50.74
C GLU H 135 16.55 21.86 51.47
N LEU H 136 16.46 21.87 52.81
CA LEU H 136 17.12 22.92 53.58
C LEU H 136 18.59 22.57 53.82
N SER H 137 18.88 21.29 54.05
CA SER H 137 20.27 20.87 54.20
C SER H 137 21.10 21.27 52.99
N ARG H 138 20.49 21.27 51.81
CA ARG H 138 21.18 21.69 50.59
C ARG H 138 21.49 23.17 50.62
N ALA H 139 20.44 24.00 50.53
CA ALA H 139 20.62 25.44 50.46
C ALA H 139 21.52 25.97 51.57
N LYS H 140 21.66 25.24 52.67
CA LYS H 140 22.65 25.61 53.68
C LYS H 140 24.06 25.33 53.17
N LYS H 141 24.31 24.10 52.73
CA LYS H 141 25.61 23.76 52.16
C LYS H 141 25.99 24.72 51.04
N GLN H 142 25.03 25.06 50.17
CA GLN H 142 25.28 25.93 49.04
C GLN H 142 25.38 27.41 49.41
N ALA H 143 25.64 27.72 50.68
CA ALA H 143 25.97 29.08 51.12
C ALA H 143 24.90 30.09 50.67
N ALA H 144 23.64 29.67 50.75
CA ALA H 144 22.54 30.55 50.35
C ALA H 144 22.64 31.88 51.08
N PRO H 145 22.17 32.98 50.49
CA PRO H 145 22.23 34.27 51.17
C PRO H 145 21.15 34.46 52.22
N VAL H 146 20.08 33.68 52.19
CA VAL H 146 18.90 33.88 53.03
C VAL H 146 18.49 32.53 53.60
N THR H 147 18.35 32.45 54.94
CA THR H 147 18.05 31.19 55.60
C THR H 147 16.75 31.28 56.42
N LEU H 148 16.56 30.31 57.31
CA LEU H 148 15.26 30.07 57.94
C LEU H 148 15.41 30.03 59.45
N GLN H 149 14.56 30.77 60.15
CA GLN H 149 14.61 30.87 61.61
C GLN H 149 13.24 30.56 62.19
N LEU H 150 13.15 29.48 62.95
CA LEU H 150 11.90 29.05 63.58
C LEU H 150 11.85 29.59 64.99
N LEU H 151 10.78 30.31 65.31
CA LEU H 151 10.61 30.87 66.65
C LEU H 151 9.49 30.15 67.38
N PHE H 152 9.87 29.48 68.47
CA PHE H 152 8.94 28.98 69.45
C PHE H 152 9.14 29.83 70.70
N LEU H 153 8.14 30.64 71.02
CA LEU H 153 8.26 31.65 72.06
C LEU H 153 7.54 31.20 73.33
N ASP H 154 8.19 31.43 74.46
CA ASP H 154 7.53 31.26 75.74
C ASP H 154 6.73 32.51 76.07
N GLY H 155 5.98 32.43 77.16
CA GLY H 155 5.28 33.57 77.70
C GLY H 155 4.64 34.52 76.70
N GLU H 156 3.56 34.07 76.06
CA GLU H 156 2.64 34.98 75.37
C GLU H 156 1.41 35.25 76.21
N GLU H 157 0.73 34.20 76.65
CA GLU H 157 -0.53 34.37 77.34
C GLU H 157 -0.34 35.13 78.63
N ALA H 158 -1.16 36.14 78.83
CA ALA H 158 -1.16 36.86 80.10
C ALA H 158 -1.35 35.87 81.24
N LEU H 159 -0.88 36.23 82.44
CA LEU H 159 -0.99 35.36 83.59
C LEU H 159 -2.06 35.79 84.57
N LYS H 160 -2.14 37.09 84.85
CA LYS H 160 -3.28 37.67 85.55
C LYS H 160 -4.03 38.57 84.60
N GLU H 161 -4.33 38.06 83.41
CA GLU H 161 -5.09 38.78 82.39
C GLU H 161 -4.27 39.86 81.72
N TRP H 162 -4.49 40.01 80.42
CA TRP H 162 -3.73 40.87 79.50
C TRP H 162 -3.29 42.22 80.05
N GLY H 163 -2.26 42.80 79.41
CA GLY H 163 -1.75 44.10 79.74
C GLY H 163 -0.39 44.31 79.11
N PRO H 164 -0.01 45.57 78.87
CA PRO H 164 1.32 45.83 78.28
C PRO H 164 2.46 45.13 79.00
N LYS H 165 2.36 44.95 80.32
CA LYS H 165 3.43 44.36 81.09
C LYS H 165 3.16 42.92 81.52
N ASP H 166 1.93 42.42 81.36
CA ASP H 166 1.61 41.02 81.62
C ASP H 166 1.15 40.38 80.31
N SER H 167 2.09 40.20 79.38
CA SER H 167 1.80 39.62 78.08
C SER H 167 3.08 39.53 77.26
N LEU H 168 3.16 38.54 76.37
CA LEU H 168 4.21 38.51 75.36
C LEU H 168 5.59 38.59 76.01
N TYR H 169 5.80 37.71 76.98
CA TYR H 169 7.09 37.71 77.68
C TYR H 169 8.21 37.19 76.79
N GLY H 170 7.95 36.11 76.05
CA GLY H 170 8.98 35.57 75.18
C GLY H 170 9.40 36.55 74.11
N SER H 171 8.43 37.16 73.43
CA SER H 171 8.70 38.21 72.47
C SER H 171 9.59 39.29 73.08
N ARG H 172 8.97 40.22 73.82
CA ARG H 172 9.62 41.45 74.26
C ARG H 172 11.05 41.24 74.76
N HIS H 173 11.40 40.01 75.11
CA HIS H 173 12.77 39.68 75.46
C HIS H 173 13.59 39.29 74.22
N LEU H 174 13.08 38.36 73.41
CA LEU H 174 13.84 37.90 72.26
C LEU H 174 14.02 39.00 71.24
N ALA H 175 13.03 39.86 71.06
CA ALA H 175 13.26 41.05 70.26
C ALA H 175 14.29 41.95 70.95
N GLN H 176 14.31 41.95 72.29
CA GLN H 176 15.25 42.80 73.01
C GLN H 176 16.67 42.25 72.90
N LEU H 177 16.81 40.93 72.96
CA LEU H 177 18.09 40.29 72.72
C LEU H 177 18.59 40.58 71.31
N MET H 178 17.87 40.08 70.30
CA MET H 178 18.30 40.20 68.91
C MET H 178 18.74 41.62 68.56
N GLU H 179 18.25 42.63 69.30
CA GLU H 179 18.67 44.00 69.06
C GLU H 179 20.04 44.31 69.67
N SER H 180 20.49 43.52 70.65
CA SER H 180 21.79 43.74 71.27
C SER H 180 22.91 42.95 70.61
N ILE H 181 22.63 42.26 69.52
CA ILE H 181 23.55 41.28 68.95
C ILE H 181 24.03 41.79 67.60
N PRO H 182 25.34 41.90 67.37
CA PRO H 182 25.83 42.38 66.07
C PRO H 182 25.62 41.35 64.97
N HIS H 183 25.22 41.84 63.79
CA HIS H 183 25.10 41.01 62.61
C HIS H 183 25.48 41.86 61.41
N SER H 184 26.09 41.23 60.42
CA SER H 184 26.56 41.93 59.23
C SER H 184 25.88 41.34 58.00
N PRO H 185 25.33 42.18 57.11
CA PRO H 185 25.29 43.65 56.99
C PRO H 185 24.66 44.36 58.19
N GLY H 186 23.56 43.83 58.70
CA GLY H 186 22.94 44.35 59.90
C GLY H 186 22.34 45.74 59.81
N PRO H 187 22.61 46.60 60.82
CA PRO H 187 23.61 46.43 61.88
C PRO H 187 23.29 45.47 63.05
N THR H 188 22.07 44.94 63.15
CA THR H 188 21.72 44.11 64.28
C THR H 188 20.92 42.90 63.82
N ARG H 189 20.92 41.87 64.66
CA ARG H 189 20.18 40.63 64.40
C ARG H 189 18.70 40.89 64.13
N ILE H 190 18.21 42.11 64.40
CA ILE H 190 16.82 42.44 64.07
C ILE H 190 16.65 42.59 62.57
N GLN H 191 17.70 43.02 61.86
CA GLN H 191 17.64 43.20 60.43
C GLN H 191 18.01 41.93 59.67
N ALA H 192 18.23 40.84 60.41
CA ALA H 192 18.33 39.52 59.80
C ALA H 192 16.98 38.88 59.55
N ILE H 193 15.91 39.42 60.14
CA ILE H 193 14.57 38.89 59.96
C ILE H 193 14.00 39.58 58.72
N GLU H 194 14.14 38.91 57.56
CA GLU H 194 13.57 39.44 56.33
C GLU H 194 12.06 39.54 56.45
N LEU H 195 11.41 38.46 56.88
CA LEU H 195 9.97 38.40 57.03
C LEU H 195 9.62 37.64 58.29
N PHE H 196 8.88 38.28 59.19
CA PHE H 196 8.40 37.67 60.42
C PHE H 196 6.96 37.22 60.19
N MET H 197 6.78 35.93 59.94
CA MET H 197 5.47 35.36 59.65
C MET H 197 5.01 34.57 60.87
N LEU H 198 3.89 35.00 61.45
CA LEU H 198 3.46 34.52 62.76
C LEU H 198 2.23 33.63 62.61
N LEU H 199 2.36 32.38 63.02
CA LEU H 199 1.26 31.42 62.99
C LEU H 199 0.59 31.38 64.35
N ASP H 200 -0.67 31.78 64.40
CA ASP H 200 -1.43 31.76 65.64
C ASP H 200 -2.88 31.41 65.33
N LEU H 201 -3.48 30.58 66.18
CA LEU H 201 -4.88 30.20 66.03
C LEU H 201 -5.11 29.52 64.67
N LEU H 202 -4.61 28.30 64.58
CA LEU H 202 -4.77 27.49 63.39
C LEU H 202 -5.16 26.07 63.80
N GLY H 203 -6.06 25.48 63.02
CA GLY H 203 -6.50 24.12 63.27
C GLY H 203 -8.02 24.06 63.33
N ALA H 204 -8.62 25.13 63.84
CA ALA H 204 -10.07 25.26 63.86
C ALA H 204 -10.60 25.07 62.45
N PRO H 205 -11.87 24.79 62.29
CA PRO H 205 -12.40 24.58 60.94
C PRO H 205 -12.55 25.91 60.25
N ASN H 206 -13.17 25.91 59.07
CA ASN H 206 -13.58 27.11 58.34
C ASN H 206 -12.88 28.39 58.81
N PRO H 207 -11.55 28.49 58.70
CA PRO H 207 -10.88 29.74 59.10
C PRO H 207 -11.15 30.85 58.11
N THR H 208 -10.66 32.06 58.41
CA THR H 208 -10.70 33.17 57.47
C THR H 208 -9.52 34.09 57.80
N PHE H 209 -8.63 34.30 56.83
CA PHE H 209 -7.47 35.17 57.01
C PHE H 209 -7.62 36.44 56.19
N TYR H 210 -6.83 37.45 56.56
CA TYR H 210 -6.73 38.69 55.81
C TYR H 210 -5.27 39.14 55.80
N SER H 211 -4.98 40.06 54.89
CA SER H 211 -3.65 40.68 54.87
C SER H 211 -3.68 41.84 55.84
N HIS H 212 -3.09 41.63 57.02
CA HIS H 212 -3.10 42.66 58.04
C HIS H 212 -2.00 43.70 57.84
N PHE H 213 -1.06 43.46 56.93
CA PHE H 213 0.08 44.34 56.73
C PHE H 213 0.29 44.62 55.26
N PRO H 214 -0.14 45.78 54.76
CA PRO H 214 0.16 46.14 53.36
C PRO H 214 1.60 45.85 52.96
N ARG H 215 2.56 46.40 53.70
CA ARG H 215 3.97 46.17 53.42
C ARG H 215 4.24 44.73 53.00
N THR H 216 3.65 43.77 53.71
CA THR H 216 3.83 42.36 53.38
C THR H 216 2.75 41.80 52.48
N VAL H 217 1.74 42.61 52.13
CA VAL H 217 0.59 42.12 51.37
C VAL H 217 1.05 41.26 50.20
N ARG H 218 2.20 41.60 49.61
CA ARG H 218 2.72 40.86 48.48
C ARG H 218 2.78 39.35 48.75
N TRP H 219 3.04 38.96 50.00
CA TRP H 219 3.21 37.55 50.33
C TRP H 219 1.92 36.86 50.75
N PHE H 220 0.93 37.63 51.23
CA PHE H 220 -0.42 37.11 51.35
C PHE H 220 -0.94 36.68 49.98
N HIS H 221 -0.75 37.55 48.97
CA HIS H 221 -1.10 37.21 47.60
C HIS H 221 -0.43 35.92 47.17
N ARG H 222 0.90 35.88 47.25
CA ARG H 222 1.65 34.68 46.89
C ARG H 222 1.40 33.54 47.86
N LEU H 223 0.69 33.78 48.97
CA LEU H 223 0.20 32.69 49.81
C LEU H 223 -1.15 32.21 49.29
N ARG H 224 -2.12 33.11 49.20
CA ARG H 224 -3.35 32.79 48.48
C ARG H 224 -3.04 32.21 47.12
N SER H 225 -1.92 32.61 46.52
CA SER H 225 -1.46 31.89 45.35
C SER H 225 -1.59 30.42 45.70
N ILE H 226 -0.73 29.94 46.60
CA ILE H 226 -0.68 28.52 46.97
C ILE H 226 -2.02 28.02 47.50
N GLU H 227 -3.08 28.82 47.40
CA GLU H 227 -4.43 28.30 47.47
C GLU H 227 -5.08 28.66 46.13
N LYS H 228 -4.98 27.73 45.17
CA LYS H 228 -5.64 27.80 43.84
C LYS H 228 -4.72 28.08 42.63
N ARG H 229 -3.57 27.42 42.41
CA ARG H 229 -2.81 26.44 43.22
C ARG H 229 -3.51 25.30 44.00
N LEU H 230 -2.80 24.17 44.07
CA LEU H 230 -3.20 22.92 44.70
C LEU H 230 -4.69 22.62 44.62
N HIS H 231 -5.55 23.50 45.12
CA HIS H 231 -6.97 23.24 44.92
C HIS H 231 -7.17 22.85 43.47
N ARG H 232 -6.84 23.77 42.56
CA ARG H 232 -6.97 23.48 41.13
C ARG H 232 -6.21 22.20 40.78
N LEU H 233 -5.00 22.05 41.32
CA LEU H 233 -4.26 20.81 41.13
C LEU H 233 -4.83 19.67 41.97
N ASN H 234 -5.84 19.96 42.80
CA ASN H 234 -6.69 18.96 43.45
C ASN H 234 -5.99 18.25 44.60
N LEU H 235 -5.27 18.99 45.44
CA LEU H 235 -4.56 18.41 46.57
C LEU H 235 -4.96 19.04 47.89
N LEU H 236 -6.20 19.51 48.00
CA LEU H 236 -6.72 20.09 49.24
C LEU H 236 -8.02 19.38 49.61
N GLN H 237 -8.01 18.68 50.74
CA GLN H 237 -9.21 18.04 51.23
C GLN H 237 -10.24 19.06 51.68
N SER H 238 -11.51 18.66 51.62
CA SER H 238 -12.61 19.46 52.14
C SER H 238 -12.50 20.91 51.69
N HIS H 239 -12.20 21.09 50.41
CA HIS H 239 -12.03 22.41 49.80
C HIS H 239 -13.07 22.57 48.70
N PRO H 240 -14.30 22.99 49.06
CA PRO H 240 -15.34 23.13 48.02
C PRO H 240 -15.13 24.30 47.08
N GLN H 241 -14.68 25.45 47.58
CA GLN H 241 -14.53 26.65 46.76
C GLN H 241 -13.06 26.92 46.44
N GLU H 242 -12.84 27.68 45.36
CA GLU H 242 -11.48 27.94 44.89
C GLU H 242 -10.66 28.64 45.96
N VAL H 243 -11.23 29.65 46.59
CA VAL H 243 -10.56 30.43 47.62
C VAL H 243 -11.45 30.42 48.85
N MET H 244 -11.01 29.74 49.90
CA MET H 244 -11.73 29.67 51.16
C MET H 244 -10.96 30.28 52.31
N TYR H 245 -9.71 29.87 52.53
CA TYR H 245 -8.90 30.37 53.64
C TYR H 245 -8.50 31.82 53.42
N PHE H 246 -7.40 32.05 52.71
CA PHE H 246 -6.85 33.39 52.57
C PHE H 246 -7.80 34.25 51.75
N GLN H 247 -8.22 35.38 52.31
CA GLN H 247 -9.26 36.16 51.68
C GLN H 247 -8.77 37.55 51.33
N PRO H 248 -9.37 38.19 50.32
CA PRO H 248 -9.04 39.59 50.04
C PRO H 248 -9.53 40.48 51.14
N GLY H 249 -9.32 41.78 51.03
CA GLY H 249 -9.63 42.67 52.12
C GLY H 249 -8.46 42.78 53.08
N GLU H 250 -8.70 43.49 54.19
CA GLU H 250 -7.62 43.84 55.10
C GLU H 250 -8.19 44.54 56.34
N PRO H 251 -7.34 44.87 57.32
CA PRO H 251 -7.62 45.72 58.49
C PRO H 251 -8.60 46.86 58.16
N PHE H 252 -9.35 47.46 59.10
CA PHE H 252 -9.28 47.22 60.55
C PHE H 252 -7.86 47.46 61.08
N GLY H 253 -7.55 46.89 62.24
CA GLY H 253 -6.17 46.85 62.71
C GLY H 253 -5.72 45.42 62.85
N SER H 254 -4.99 45.13 63.92
CA SER H 254 -4.66 43.75 64.26
C SER H 254 -5.14 43.46 65.68
N VAL H 255 -4.69 42.34 66.20
CA VAL H 255 -4.80 42.01 67.61
C VAL H 255 -3.38 41.78 68.10
N GLU H 256 -2.97 42.49 69.16
CA GLU H 256 -1.59 42.32 69.61
C GLU H 256 -1.33 40.83 69.82
N ASP H 257 -0.11 40.42 69.53
CA ASP H 257 0.24 39.01 69.55
C ASP H 257 1.76 38.94 69.74
N ASP H 258 2.36 37.81 69.35
CA ASP H 258 3.77 37.62 69.64
C ASP H 258 4.64 38.56 68.81
N HIS H 259 4.18 38.99 67.65
CA HIS H 259 4.81 40.14 67.00
C HIS H 259 4.41 41.36 67.83
N ILE H 260 4.58 42.56 67.30
CA ILE H 260 4.43 43.86 67.95
C ILE H 260 5.82 44.32 68.39
N PRO H 261 6.52 43.61 69.32
CA PRO H 261 7.86 44.09 69.71
C PRO H 261 8.74 44.19 68.49
N PHE H 262 8.94 43.04 67.82
CA PHE H 262 9.67 43.05 66.57
C PHE H 262 9.18 44.14 65.64
N LEU H 263 7.89 44.47 65.71
CA LEU H 263 7.40 45.60 64.96
C LEU H 263 7.96 46.90 65.51
N ARG H 264 7.87 47.11 66.83
CA ARG H 264 8.53 48.26 67.44
C ARG H 264 9.93 48.40 66.84
N ARG H 265 10.52 47.26 66.47
CA ARG H 265 11.79 47.21 65.78
C ARG H 265 11.64 47.05 64.26
N GLY H 266 10.51 47.51 63.71
CA GLY H 266 10.31 47.59 62.28
C GLY H 266 10.41 46.31 61.46
N VAL H 267 10.47 45.15 62.10
CA VAL H 267 10.60 43.92 61.30
C VAL H 267 9.37 43.77 60.42
N PRO H 268 9.49 43.29 59.18
CA PRO H 268 8.29 43.07 58.35
C PRO H 268 7.55 41.81 58.81
N VAL H 269 6.23 41.94 58.97
CA VAL H 269 5.45 40.95 59.70
C VAL H 269 4.22 40.58 58.89
N LEU H 270 3.94 39.27 58.84
CA LEU H 270 2.72 38.73 58.25
C LEU H 270 1.94 38.02 59.35
N HIS H 271 0.75 38.51 59.65
CA HIS H 271 -0.05 37.92 60.73
C HIS H 271 -0.85 36.77 60.14
N LEU H 272 -0.37 35.55 60.40
CA LEU H 272 -1.01 34.35 59.89
C LEU H 272 -1.93 33.79 60.98
N ILE H 273 -3.00 34.53 61.23
CA ILE H 273 -3.89 34.26 62.35
C ILE H 273 -5.33 34.28 61.86
N SER H 274 -6.14 33.34 62.35
CA SER H 274 -7.54 33.24 61.97
C SER H 274 -8.35 34.38 62.55
N THR H 275 -9.21 34.97 61.73
CA THR H 275 -10.11 36.01 62.18
C THR H 275 -11.45 35.92 61.44
N PRO H 276 -12.56 35.70 62.18
CA PRO H 276 -12.75 35.64 63.63
C PRO H 276 -12.11 34.42 64.28
N PHE H 277 -11.61 34.61 65.51
CA PHE H 277 -11.01 33.53 66.29
C PHE H 277 -11.89 32.30 66.22
N PRO H 278 -11.37 31.11 66.49
CA PRO H 278 -12.24 29.93 66.56
C PRO H 278 -13.43 30.15 67.49
N ALA H 279 -14.27 29.11 67.61
CA ALA H 279 -15.32 29.15 68.61
C ALA H 279 -14.84 28.63 69.96
N VAL H 280 -13.92 27.68 69.94
CA VAL H 280 -13.39 27.05 71.14
C VAL H 280 -12.33 27.94 71.79
N TRP H 281 -12.42 29.25 71.56
CA TRP H 281 -11.39 30.17 72.04
C TRP H 281 -11.51 30.32 73.56
N HIS H 282 -10.43 29.98 74.28
CA HIS H 282 -10.32 30.22 75.71
C HIS H 282 -11.50 29.62 76.45
N THR H 283 -11.48 28.32 76.45
CA THR H 283 -12.60 27.47 76.84
C THR H 283 -12.05 26.07 76.70
N PRO H 284 -11.72 25.38 77.78
CA PRO H 284 -11.02 24.08 77.66
C PRO H 284 -11.58 23.14 76.59
N ALA H 285 -12.57 23.60 75.82
CA ALA H 285 -13.00 22.94 74.59
C ALA H 285 -11.89 22.85 73.55
N ASP H 286 -10.96 23.81 73.52
CA ASP H 286 -9.98 23.87 72.45
C ASP H 286 -9.01 22.70 72.54
N THR H 287 -9.35 21.60 71.90
CA THR H 287 -8.65 20.33 72.08
C THR H 287 -8.49 19.64 70.73
N GLU H 288 -7.78 18.51 70.74
CA GLU H 288 -7.53 17.78 69.51
C GLU H 288 -8.83 17.51 68.75
N VAL H 289 -9.91 17.21 69.47
CA VAL H 289 -11.18 16.85 68.86
C VAL H 289 -12.03 18.08 68.59
N ASN H 290 -11.38 19.20 68.30
CA ASN H 290 -12.06 20.33 67.70
C ASN H 290 -11.29 20.90 66.53
N LEU H 291 -10.06 20.42 66.31
CA LEU H 291 -9.33 20.70 65.10
C LEU H 291 -9.97 19.96 63.93
N HIS H 292 -9.87 20.56 62.75
CA HIS H 292 -10.37 19.94 61.52
C HIS H 292 -9.19 19.37 60.75
N PRO H 293 -8.83 18.09 60.96
CA PRO H 293 -7.56 17.56 60.44
C PRO H 293 -7.36 17.91 58.98
N PRO H 294 -8.41 17.87 58.15
CA PRO H 294 -8.26 18.41 56.80
C PRO H 294 -7.65 19.80 56.80
N THR H 295 -8.31 20.75 57.46
CA THR H 295 -7.84 22.14 57.46
C THR H 295 -6.38 22.25 57.89
N VAL H 296 -5.87 21.28 58.66
CA VAL H 296 -4.51 21.36 59.17
C VAL H 296 -3.52 20.93 58.09
N HIS H 297 -3.58 19.65 57.72
CA HIS H 297 -2.66 19.15 56.70
C HIS H 297 -2.66 20.08 55.49
N ASN H 298 -3.83 20.60 55.13
CA ASN H 298 -3.95 21.64 54.12
C ASN H 298 -2.97 22.77 54.39
N LEU H 299 -3.21 23.54 55.45
CA LEU H 299 -2.34 24.66 55.76
C LEU H 299 -0.88 24.23 55.86
N CYS H 300 -0.64 22.98 56.29
CA CYS H 300 0.71 22.45 56.25
C CYS H 300 1.24 22.43 54.82
N ARG H 301 0.38 22.08 53.86
CA ARG H 301 0.78 22.08 52.46
C ARG H 301 1.07 23.49 51.97
N ILE H 302 0.09 24.37 52.06
CA ILE H 302 0.23 25.75 51.60
C ILE H 302 1.57 26.32 52.02
N LEU H 303 1.92 26.16 53.30
CA LEU H 303 3.20 26.68 53.77
C LEU H 303 4.37 25.89 53.21
N ALA H 304 4.23 24.55 53.16
CA ALA H 304 5.30 23.73 52.61
C ALA H 304 5.75 24.24 51.26
N VAL H 305 4.81 24.71 50.44
CA VAL H 305 5.16 25.28 49.15
C VAL H 305 5.65 26.72 49.32
N PHE H 306 4.98 27.50 50.16
CA PHE H 306 5.43 28.87 50.39
C PHE H 306 6.86 28.91 50.88
N LEU H 307 7.28 27.90 51.63
CA LEU H 307 8.68 27.83 52.02
C LEU H 307 9.57 27.68 50.80
N ALA H 308 9.20 26.77 49.91
CA ALA H 308 10.06 26.44 48.77
C ALA H 308 10.23 27.64 47.85
N GLU H 309 9.12 28.29 47.50
CA GLU H 309 9.17 29.34 46.48
C GLU H 309 9.79 30.64 47.01
N TYR H 310 9.61 30.92 48.30
CA TYR H 310 10.30 32.06 48.89
C TYR H 310 11.78 31.77 49.05
N LEU H 311 12.12 30.55 49.47
CA LEU H 311 13.51 30.15 49.69
C LEU H 311 14.12 29.46 48.48
N GLY H 312 13.46 29.51 47.33
CA GLY H 312 14.00 28.91 46.12
C GLY H 312 14.64 27.56 46.35
N LEU H 313 14.04 26.75 47.22
CA LEU H 313 14.57 25.43 47.50
C LEU H 313 14.23 24.51 46.33
N VAL I 1 -41.75 -53.04 -24.80
CA VAL I 1 -42.25 -52.05 -25.73
C VAL I 1 -43.18 -51.12 -24.90
N PRO I 2 -44.55 -51.18 -24.95
CA PRO I 2 -45.31 -50.36 -23.97
C PRO I 2 -45.77 -51.16 -22.76
N LEU I 3 -45.67 -50.57 -21.55
CA LEU I 3 -45.85 -51.34 -20.32
C LEU I 3 -46.76 -50.66 -19.28
N ILE I 4 -46.70 -51.14 -18.03
CA ILE I 4 -47.56 -50.76 -16.92
C ILE I 4 -47.85 -49.26 -16.85
N GLY I 5 -49.09 -48.88 -17.13
CA GLY I 5 -49.48 -47.49 -17.19
C GLY I 5 -49.49 -46.92 -18.58
N SER I 6 -49.10 -47.72 -19.58
CA SER I 6 -48.94 -47.29 -20.97
C SER I 6 -50.01 -46.32 -21.44
N LEU I 7 -49.67 -45.55 -22.42
CA LEU I 7 -50.63 -44.59 -22.94
C LEU I 7 -51.30 -45.12 -24.20
N PRO I 8 -52.62 -44.97 -24.31
CA PRO I 8 -53.29 -45.32 -25.56
C PRO I 8 -52.77 -44.46 -26.70
N GLU I 9 -52.51 -45.10 -27.84
CA GLU I 9 -52.16 -44.37 -29.05
C GLU I 9 -53.09 -43.21 -29.29
N ALA I 10 -54.37 -43.34 -28.90
CA ALA I 10 -55.31 -42.23 -29.06
C ALA I 10 -54.86 -41.01 -28.28
N ARG I 11 -54.34 -41.22 -27.08
CA ARG I 11 -53.84 -40.12 -26.26
C ARG I 11 -52.42 -39.76 -26.65
N LEU I 12 -51.59 -40.78 -26.84
CA LEU I 12 -50.18 -40.56 -27.18
C LEU I 12 -50.04 -39.58 -28.34
N ARG I 13 -50.78 -39.83 -29.43
CA ARG I 13 -50.78 -38.89 -30.55
C ARG I 13 -51.44 -37.58 -30.18
N ARG I 14 -52.45 -37.60 -29.30
CA ARG I 14 -53.02 -36.34 -28.82
C ARG I 14 -52.01 -35.54 -28.04
N VAL I 15 -51.04 -36.20 -27.40
CA VAL I 15 -50.03 -35.50 -26.63
C VAL I 15 -48.98 -34.88 -27.54
N VAL I 16 -48.39 -35.70 -28.43
CA VAL I 16 -47.31 -35.27 -29.29
C VAL I 16 -47.69 -34.09 -30.18
N GLY I 17 -48.99 -33.88 -30.44
CA GLY I 17 -49.38 -32.82 -31.35
C GLY I 17 -49.41 -31.45 -30.70
N GLN I 18 -49.63 -31.40 -29.39
CA GLN I 18 -49.61 -30.12 -28.68
C GLN I 18 -48.18 -29.59 -28.55
N LEU I 19 -47.19 -30.45 -28.72
CA LEU I 19 -45.83 -29.99 -28.88
C LEU I 19 -45.73 -29.08 -30.10
N ASP I 20 -44.92 -28.04 -29.97
CA ASP I 20 -44.87 -26.95 -30.94
C ASP I 20 -43.41 -26.65 -31.23
N PRO I 21 -42.78 -27.45 -32.10
CA PRO I 21 -41.37 -27.23 -32.44
C PRO I 21 -40.97 -25.77 -32.59
N GLN I 22 -41.76 -25.00 -33.34
CA GLN I 22 -41.39 -23.60 -33.57
C GLN I 22 -41.39 -22.81 -32.26
N ARG I 23 -42.44 -22.99 -31.45
CA ARG I 23 -42.45 -22.41 -30.11
C ARG I 23 -41.19 -22.82 -29.35
N LEU I 24 -40.85 -24.10 -29.40
CA LEU I 24 -39.68 -24.60 -28.69
C LEU I 24 -38.41 -23.88 -29.14
N TRP I 25 -38.14 -23.91 -30.44
CA TRP I 25 -36.82 -23.48 -30.92
C TRP I 25 -36.64 -21.98 -30.89
N SER I 26 -37.72 -21.20 -30.84
CA SER I 26 -37.63 -19.75 -30.81
C SER I 26 -38.08 -19.17 -29.48
N THR I 27 -39.33 -19.41 -29.10
CA THR I 27 -39.84 -18.84 -27.85
C THR I 27 -38.92 -19.18 -26.68
N TYR I 28 -38.55 -20.46 -26.55
CA TYR I 28 -37.95 -20.97 -25.33
C TYR I 28 -36.44 -21.15 -25.43
N LEU I 29 -35.92 -21.75 -26.51
CA LEU I 29 -34.49 -22.02 -26.60
C LEU I 29 -33.70 -20.77 -26.94
N ARG I 30 -34.03 -20.12 -28.05
CA ARG I 30 -33.18 -19.08 -28.62
C ARG I 30 -32.81 -17.98 -27.63
N PRO I 31 -33.76 -17.34 -26.96
CA PRO I 31 -33.38 -16.26 -26.02
C PRO I 31 -32.37 -16.68 -24.96
N LEU I 32 -32.33 -17.97 -24.61
CA LEU I 32 -31.42 -18.42 -23.56
C LEU I 32 -29.97 -18.41 -24.00
N LEU I 33 -29.72 -18.45 -25.30
CA LEU I 33 -28.37 -18.64 -25.83
C LEU I 33 -27.58 -17.33 -25.78
N VAL I 34 -27.39 -16.84 -24.55
CA VAL I 34 -26.55 -15.69 -24.28
C VAL I 34 -25.45 -16.12 -23.34
N VAL I 35 -24.59 -15.20 -22.96
CA VAL I 35 -23.65 -15.46 -21.87
C VAL I 35 -24.38 -15.23 -20.57
N ARG I 36 -24.30 -16.20 -19.67
CA ARG I 36 -25.14 -16.21 -18.47
C ARG I 36 -24.38 -16.79 -17.29
N THR I 37 -23.10 -16.46 -17.20
CA THR I 37 -22.30 -16.92 -16.08
C THR I 37 -22.82 -16.28 -14.80
N PRO I 38 -22.52 -16.88 -13.65
CA PRO I 38 -23.08 -16.36 -12.40
C PRO I 38 -22.85 -14.86 -12.27
N GLY I 39 -23.85 -14.17 -11.72
CA GLY I 39 -23.72 -12.75 -11.43
C GLY I 39 -23.45 -11.87 -12.63
N SER I 40 -24.05 -12.21 -13.77
CA SER I 40 -23.83 -11.48 -15.01
C SER I 40 -25.11 -10.82 -15.47
N PRO I 41 -25.01 -9.81 -16.36
CA PRO I 41 -26.24 -9.30 -16.99
C PRO I 41 -27.06 -10.38 -17.66
N GLY I 42 -26.45 -11.19 -18.53
CA GLY I 42 -27.20 -12.19 -19.26
C GLY I 42 -27.84 -13.23 -18.34
N ASN I 43 -27.12 -13.63 -17.29
CA ASN I 43 -27.66 -14.60 -16.35
C ASN I 43 -28.92 -14.08 -15.67
N LEU I 44 -28.93 -12.79 -15.34
CA LEU I 44 -30.06 -12.22 -14.63
C LEU I 44 -31.29 -12.15 -15.54
N GLN I 45 -31.09 -11.78 -16.80
CA GLN I 45 -32.13 -11.87 -17.81
C GLN I 45 -32.85 -13.21 -17.70
N VAL I 46 -32.14 -14.29 -18.01
CA VAL I 46 -32.75 -15.61 -18.08
C VAL I 46 -33.51 -15.93 -16.79
N ARG I 47 -32.89 -15.64 -15.65
CA ARG I 47 -33.53 -15.97 -14.38
C ARG I 47 -34.93 -15.36 -14.27
N LYS I 48 -35.17 -14.24 -14.94
CA LYS I 48 -36.50 -13.65 -14.93
C LYS I 48 -37.32 -14.07 -16.15
N PHE I 49 -36.66 -14.59 -17.20
CA PHE I 49 -37.39 -15.27 -18.26
C PHE I 49 -38.13 -16.47 -17.70
N LEU I 50 -37.39 -17.41 -17.12
CA LEU I 50 -37.98 -18.59 -16.50
C LEU I 50 -39.01 -18.20 -15.45
N GLU I 51 -38.61 -17.38 -14.47
CA GLU I 51 -39.52 -16.89 -13.43
C GLU I 51 -40.87 -16.54 -14.03
N ALA I 52 -40.85 -15.90 -15.19
CA ALA I 52 -42.06 -15.34 -15.80
C ALA I 52 -42.79 -16.35 -16.66
N THR I 53 -42.07 -17.00 -17.57
CA THR I 53 -42.65 -18.05 -18.41
C THR I 53 -43.55 -18.96 -17.57
N LEU I 54 -43.11 -19.28 -16.35
CA LEU I 54 -43.86 -20.20 -15.52
C LEU I 54 -45.00 -19.52 -14.79
N ARG I 55 -44.81 -18.28 -14.37
CA ARG I 55 -45.96 -17.54 -13.85
C ARG I 55 -47.02 -17.35 -14.91
N SER I 56 -46.63 -17.37 -16.18
CA SER I 56 -47.59 -17.17 -17.26
C SER I 56 -48.58 -18.31 -17.36
N LEU I 57 -48.12 -19.54 -17.15
CA LEU I 57 -48.90 -20.72 -17.53
C LEU I 57 -50.25 -20.75 -16.83
N THR I 58 -51.17 -21.53 -17.41
CA THR I 58 -52.55 -21.57 -16.93
C THR I 58 -52.69 -22.43 -15.68
N ALA I 59 -52.04 -23.60 -15.65
CA ALA I 59 -52.13 -24.48 -14.48
C ALA I 59 -51.86 -23.73 -13.18
N GLY I 60 -51.10 -22.63 -13.24
CA GLY I 60 -50.90 -21.79 -12.08
C GLY I 60 -49.74 -22.21 -11.20
N TRP I 61 -48.53 -22.16 -11.74
CA TRP I 61 -47.36 -22.61 -11.00
C TRP I 61 -47.03 -21.65 -9.86
N HIS I 62 -46.39 -22.20 -8.82
CA HIS I 62 -45.96 -21.43 -7.64
C HIS I 62 -44.44 -21.36 -7.68
N VAL I 63 -43.92 -20.32 -8.33
CA VAL I 63 -42.50 -20.21 -8.62
C VAL I 63 -41.85 -19.37 -7.52
N GLU I 64 -41.24 -20.03 -6.52
CA GLU I 64 -40.39 -19.30 -5.61
C GLU I 64 -39.01 -19.12 -6.23
N LEU I 65 -38.19 -18.32 -5.57
CA LEU I 65 -36.81 -18.05 -5.97
C LEU I 65 -35.95 -18.33 -4.76
N ASP I 66 -34.84 -19.04 -4.95
CA ASP I 66 -33.92 -19.22 -3.83
C ASP I 66 -32.65 -18.41 -4.09
N PRO I 67 -32.64 -17.12 -3.76
CA PRO I 67 -31.42 -16.35 -3.87
C PRO I 67 -30.53 -16.57 -2.66
N PHE I 68 -29.23 -16.52 -2.90
CA PHE I 68 -28.27 -16.60 -1.80
C PHE I 68 -26.94 -16.11 -2.31
N THR I 69 -25.96 -16.08 -1.42
CA THR I 69 -24.60 -15.66 -1.74
C THR I 69 -23.63 -16.71 -1.21
N ALA I 70 -22.60 -17.00 -1.99
CA ALA I 70 -21.71 -18.12 -1.71
C ALA I 70 -20.25 -17.68 -1.85
N SER I 71 -19.37 -18.52 -1.33
CA SER I 71 -17.93 -18.25 -1.30
C SER I 71 -17.25 -18.99 -2.45
N THR I 72 -16.60 -18.24 -3.34
CA THR I 72 -15.90 -18.85 -4.47
C THR I 72 -14.56 -18.17 -4.74
N PRO I 73 -13.79 -18.71 -5.70
CA PRO I 73 -12.52 -18.08 -6.06
C PRO I 73 -12.65 -16.72 -6.74
N LEU I 74 -13.78 -16.41 -7.37
CA LEU I 74 -13.98 -15.04 -7.86
C LEU I 74 -14.57 -14.16 -6.77
N GLY I 75 -14.11 -14.37 -5.55
CA GLY I 75 -14.73 -13.76 -4.41
C GLY I 75 -16.18 -14.18 -4.31
N PRO I 76 -16.94 -13.49 -3.48
CA PRO I 76 -18.37 -13.77 -3.38
C PRO I 76 -19.10 -13.55 -4.71
N VAL I 77 -20.23 -14.25 -4.85
CA VAL I 77 -21.03 -14.23 -6.08
C VAL I 77 -22.49 -14.44 -5.70
N ASP I 78 -23.39 -13.86 -6.49
CA ASP I 78 -24.83 -13.87 -6.21
C ASP I 78 -25.53 -14.86 -7.13
N PHE I 79 -25.98 -15.97 -6.54
CA PHE I 79 -26.68 -17.00 -7.27
C PHE I 79 -28.18 -16.92 -7.00
N GLY I 80 -28.97 -17.40 -7.95
CA GLY I 80 -30.41 -17.50 -7.76
C GLY I 80 -31.01 -18.71 -8.44
N ASN I 81 -31.60 -19.59 -7.64
CA ASN I 81 -32.26 -20.78 -8.17
C ASN I 81 -33.71 -20.47 -8.49
N VAL I 82 -34.26 -21.21 -9.46
CA VAL I 82 -35.66 -21.05 -9.86
C VAL I 82 -36.38 -22.36 -9.53
N VAL I 83 -37.36 -22.27 -8.65
CA VAL I 83 -38.04 -23.43 -8.09
C VAL I 83 -39.52 -23.33 -8.45
N ALA I 84 -39.95 -24.16 -9.39
CA ALA I 84 -41.29 -24.09 -9.95
C ALA I 84 -42.08 -25.34 -9.56
N THR I 85 -42.78 -25.26 -8.44
CA THR I 85 -43.64 -26.34 -8.00
C THR I 85 -45.06 -26.10 -8.47
N LEU I 86 -45.62 -27.09 -9.17
CA LEU I 86 -46.97 -26.94 -9.71
C LEU I 86 -48.00 -26.96 -8.59
N ASP I 87 -47.97 -27.98 -7.75
CA ASP I 87 -48.98 -28.23 -6.73
C ASP I 87 -48.26 -28.42 -5.40
N PRO I 88 -47.92 -27.33 -4.70
CA PRO I 88 -47.04 -27.45 -3.53
C PRO I 88 -47.64 -28.26 -2.39
N ARG I 89 -48.96 -28.46 -2.35
CA ARG I 89 -49.56 -29.17 -1.23
C ARG I 89 -49.41 -30.68 -1.34
N ALA I 90 -49.37 -31.21 -2.57
CA ALA I 90 -49.37 -32.66 -2.75
C ALA I 90 -48.21 -33.30 -2.01
N ALA I 91 -48.40 -34.57 -1.62
CA ALA I 91 -47.45 -35.24 -0.75
C ALA I 91 -46.07 -35.35 -1.40
N ARG I 92 -46.03 -35.56 -2.72
CA ARG I 92 -44.75 -35.75 -3.40
C ARG I 92 -44.91 -35.29 -4.84
N HIS I 93 -43.78 -35.18 -5.54
CA HIS I 93 -43.75 -34.65 -6.89
C HIS I 93 -42.57 -35.20 -7.66
N LEU I 94 -42.77 -35.35 -8.97
CA LEU I 94 -41.64 -35.56 -9.87
C LEU I 94 -40.85 -34.26 -10.00
N THR I 95 -39.53 -34.39 -10.00
CA THR I 95 -38.64 -33.24 -10.17
C THR I 95 -37.81 -33.45 -11.42
N LEU I 96 -37.90 -32.49 -12.34
CA LEU I 96 -36.99 -32.41 -13.48
C LEU I 96 -36.05 -31.23 -13.25
N ALA I 97 -34.77 -31.44 -13.53
CA ALA I 97 -33.74 -30.48 -13.13
C ALA I 97 -32.75 -30.27 -14.26
N CYS I 98 -31.95 -29.23 -14.09
CA CYS I 98 -31.03 -28.73 -15.11
C CYS I 98 -30.51 -27.39 -14.63
N HIS I 99 -29.30 -27.01 -15.04
CA HIS I 99 -28.70 -25.75 -14.62
C HIS I 99 -28.80 -24.74 -15.75
N TYR I 100 -29.24 -23.53 -15.42
CA TYR I 100 -29.41 -22.49 -16.43
C TYR I 100 -28.21 -21.57 -16.55
N ASP I 101 -27.22 -21.68 -15.65
CA ASP I 101 -26.00 -20.90 -15.78
C ASP I 101 -25.13 -21.47 -16.91
N SER I 102 -24.07 -20.73 -17.24
CA SER I 102 -23.12 -21.13 -18.26
C SER I 102 -21.73 -20.96 -17.71
N LYS I 103 -20.80 -21.81 -18.17
CA LYS I 103 -19.48 -21.83 -17.57
C LYS I 103 -18.80 -20.49 -17.76
N LEU I 104 -17.96 -20.11 -16.79
CA LEU I 104 -17.18 -18.90 -16.92
C LEU I 104 -15.85 -19.23 -17.58
N PHE I 105 -15.56 -18.52 -18.65
CA PHE I 105 -14.36 -18.67 -19.43
C PHE I 105 -13.49 -17.43 -19.34
N PRO I 106 -12.29 -17.49 -19.89
CA PRO I 106 -11.49 -16.29 -19.96
C PRO I 106 -12.10 -15.32 -20.95
N PRO I 107 -11.72 -14.06 -20.90
CA PRO I 107 -12.20 -13.09 -21.87
C PRO I 107 -11.46 -13.28 -23.19
N GLY I 108 -11.79 -12.44 -24.16
CA GLY I 108 -11.08 -12.45 -25.42
C GLY I 108 -11.06 -13.83 -26.04
N SER I 109 -12.22 -14.24 -26.53
CA SER I 109 -12.37 -15.57 -27.10
C SER I 109 -13.61 -15.56 -27.99
N THR I 110 -14.22 -16.69 -28.19
CA THR I 110 -15.56 -16.74 -28.75
C THR I 110 -16.55 -17.00 -27.64
N PRO I 111 -17.58 -16.18 -27.45
CA PRO I 111 -18.45 -16.34 -26.27
C PRO I 111 -18.91 -17.78 -26.14
N PHE I 112 -19.21 -18.18 -24.91
CA PHE I 112 -19.73 -19.51 -24.62
C PHE I 112 -21.15 -19.38 -24.09
N VAL I 113 -22.09 -20.01 -24.78
CA VAL I 113 -23.50 -19.97 -24.41
C VAL I 113 -24.01 -21.34 -23.99
N GLY I 114 -23.20 -22.38 -24.10
CA GLY I 114 -23.61 -23.72 -23.74
C GLY I 114 -24.99 -24.07 -24.27
N ALA I 115 -25.08 -24.35 -25.57
CA ALA I 115 -26.34 -24.81 -26.13
C ALA I 115 -26.76 -26.15 -25.53
N THR I 116 -25.94 -27.19 -25.73
CA THR I 116 -26.19 -28.45 -25.06
C THR I 116 -25.99 -28.34 -23.55
N ASP I 117 -25.27 -27.33 -23.09
CA ASP I 117 -24.80 -27.29 -21.71
C ASP I 117 -25.13 -25.96 -21.03
N SER I 118 -26.42 -25.68 -20.80
CA SER I 118 -27.50 -26.62 -21.11
C SER I 118 -28.78 -25.86 -21.37
N ALA I 119 -28.77 -25.05 -22.43
CA ALA I 119 -29.97 -24.34 -22.83
C ALA I 119 -31.08 -25.30 -23.22
N VAL I 120 -30.73 -26.35 -23.96
CA VAL I 120 -31.73 -27.28 -24.47
C VAL I 120 -32.45 -27.93 -23.30
N PRO I 121 -31.75 -28.66 -22.41
CA PRO I 121 -32.41 -29.15 -21.19
C PRO I 121 -33.37 -28.14 -20.58
N CYS I 122 -32.94 -26.89 -20.41
CA CYS I 122 -33.84 -25.86 -19.89
C CYS I 122 -35.00 -25.64 -20.85
N ALA I 123 -34.70 -25.46 -22.13
CA ALA I 123 -35.77 -25.21 -23.10
C ALA I 123 -36.80 -26.32 -23.08
N LEU I 124 -36.35 -27.57 -23.03
CA LEU I 124 -37.28 -28.69 -22.98
C LEU I 124 -38.28 -28.52 -21.84
N LEU I 125 -37.78 -28.32 -20.63
CA LEU I 125 -38.68 -28.20 -19.48
C LEU I 125 -39.71 -27.11 -19.70
N LEU I 126 -39.37 -26.04 -20.41
CA LEU I 126 -40.32 -24.95 -20.61
C LEU I 126 -41.45 -25.37 -21.53
N GLU I 127 -41.13 -25.93 -22.70
CA GLU I 127 -42.15 -26.46 -23.59
C GLU I 127 -43.03 -27.45 -22.84
N LEU I 128 -42.42 -28.49 -22.29
CA LEU I 128 -43.16 -29.51 -21.54
C LEU I 128 -44.12 -28.87 -20.55
N ALA I 129 -43.69 -27.82 -19.85
CA ALA I 129 -44.60 -27.14 -18.94
C ALA I 129 -45.70 -26.41 -19.69
N GLN I 130 -45.42 -25.96 -20.91
CA GLN I 130 -46.47 -25.34 -21.72
C GLN I 130 -47.31 -26.39 -22.43
N ALA I 131 -46.68 -27.20 -23.28
CA ALA I 131 -47.42 -28.13 -24.12
C ALA I 131 -48.41 -28.94 -23.30
N LEU I 132 -48.03 -29.33 -22.08
CA LEU I 132 -48.88 -30.11 -21.19
C LEU I 132 -49.56 -29.25 -20.13
N ASP I 133 -49.87 -27.99 -20.44
CA ASP I 133 -50.31 -27.09 -19.39
C ASP I 133 -51.75 -27.33 -18.97
N LEU I 134 -52.60 -27.73 -19.91
CA LEU I 134 -53.99 -28.03 -19.54
C LEU I 134 -54.07 -29.31 -18.73
N GLU I 135 -53.38 -30.35 -19.21
CA GLU I 135 -53.45 -31.65 -18.56
C GLU I 135 -52.78 -31.63 -17.19
N LEU I 136 -51.72 -30.83 -17.03
CA LEU I 136 -51.20 -30.56 -15.70
C LEU I 136 -52.17 -29.69 -14.91
N SER I 137 -52.74 -28.68 -15.57
CA SER I 137 -53.78 -27.88 -14.91
C SER I 137 -54.92 -28.77 -14.43
N ARG I 138 -55.15 -29.90 -15.10
CA ARG I 138 -56.23 -30.80 -14.73
C ARG I 138 -55.91 -31.55 -13.45
N ALA I 139 -54.79 -32.30 -13.45
CA ALA I 139 -54.45 -33.09 -12.28
C ALA I 139 -54.24 -32.23 -11.04
N LYS I 140 -54.04 -30.92 -11.20
CA LYS I 140 -53.93 -30.05 -10.04
C LYS I 140 -55.30 -29.85 -9.40
N LYS I 141 -56.28 -29.39 -10.19
CA LYS I 141 -57.65 -29.34 -9.71
C LYS I 141 -58.06 -30.66 -9.10
N GLN I 142 -57.64 -31.77 -9.71
CA GLN I 142 -58.00 -33.10 -9.24
C GLN I 142 -57.23 -33.48 -7.99
N ALA I 143 -56.69 -32.48 -7.27
CA ALA I 143 -56.06 -32.71 -5.98
C ALA I 143 -55.04 -33.84 -6.06
N ALA I 144 -54.37 -33.96 -7.21
CA ALA I 144 -53.52 -35.10 -7.46
C ALA I 144 -52.54 -35.25 -6.30
N PRO I 145 -52.16 -36.47 -5.93
CA PRO I 145 -51.18 -36.66 -4.85
C PRO I 145 -49.73 -36.54 -5.30
N VAL I 146 -49.45 -36.58 -6.60
CA VAL I 146 -48.09 -36.52 -7.11
C VAL I 146 -48.06 -35.45 -8.21
N THR I 147 -47.41 -34.33 -7.93
CA THR I 147 -47.37 -33.23 -8.88
C THR I 147 -46.02 -33.22 -9.59
N LEU I 148 -45.65 -32.07 -10.16
CA LEU I 148 -44.45 -31.92 -10.98
C LEU I 148 -43.72 -30.67 -10.53
N GLN I 149 -42.41 -30.78 -10.29
CA GLN I 149 -41.60 -29.65 -9.89
C GLN I 149 -40.44 -29.50 -10.86
N LEU I 150 -40.18 -28.25 -11.26
CA LEU I 150 -39.13 -27.93 -12.21
C LEU I 150 -38.05 -27.13 -11.51
N LEU I 151 -36.81 -27.59 -11.65
CA LEU I 151 -35.66 -26.96 -10.98
C LEU I 151 -34.72 -26.41 -12.03
N PHE I 152 -34.60 -25.09 -12.07
CA PHE I 152 -33.64 -24.40 -12.92
C PHE I 152 -32.54 -23.89 -12.00
N LEU I 153 -31.41 -24.58 -12.03
CA LEU I 153 -30.37 -24.43 -11.02
C LEU I 153 -29.32 -23.44 -11.49
N ASP I 154 -28.86 -22.61 -10.56
CA ASP I 154 -27.81 -21.64 -10.83
C ASP I 154 -26.45 -22.20 -10.38
N GLY I 155 -25.40 -21.59 -10.88
CA GLY I 155 -24.04 -21.92 -10.47
C GLY I 155 -23.73 -23.40 -10.40
N GLU I 156 -23.80 -24.09 -11.54
CA GLU I 156 -23.27 -25.45 -11.64
C GLU I 156 -21.80 -25.40 -12.00
N GLU I 157 -21.48 -24.73 -13.10
CA GLU I 157 -20.10 -24.70 -13.58
C GLU I 157 -19.19 -24.06 -12.55
N ALA I 158 -17.98 -24.62 -12.45
CA ALA I 158 -16.98 -24.03 -11.59
C ALA I 158 -16.52 -22.70 -12.17
N LEU I 159 -15.96 -21.87 -11.30
CA LEU I 159 -15.49 -20.57 -11.74
C LEU I 159 -14.01 -20.60 -12.11
N LYS I 160 -13.14 -21.02 -11.19
CA LYS I 160 -11.72 -21.21 -11.47
C LYS I 160 -11.35 -22.68 -11.44
N GLU I 161 -12.25 -23.52 -11.94
CA GLU I 161 -12.06 -24.96 -12.18
C GLU I 161 -12.57 -25.84 -11.04
N TRP I 162 -13.27 -26.90 -11.45
CA TRP I 162 -14.00 -27.86 -10.63
C TRP I 162 -13.38 -28.15 -9.27
N GLY I 163 -14.23 -28.45 -8.29
CA GLY I 163 -13.80 -28.76 -6.95
C GLY I 163 -14.96 -28.79 -5.97
N PRO I 164 -14.87 -29.63 -4.92
CA PRO I 164 -16.01 -29.78 -3.99
C PRO I 164 -16.52 -28.47 -3.44
N LYS I 165 -15.67 -27.44 -3.43
CA LYS I 165 -16.03 -26.12 -2.92
C LYS I 165 -16.19 -25.11 -4.03
N ASP I 166 -16.03 -25.53 -5.29
CA ASP I 166 -16.22 -24.67 -6.44
C ASP I 166 -16.97 -25.46 -7.51
N SER I 167 -18.19 -25.88 -7.18
CA SER I 167 -19.01 -26.66 -8.08
C SER I 167 -20.37 -26.89 -7.45
N LEU I 168 -21.42 -26.91 -8.27
CA LEU I 168 -22.75 -27.21 -7.77
C LEU I 168 -23.16 -26.22 -6.70
N TYR I 169 -22.81 -24.95 -6.92
CA TYR I 169 -23.17 -23.90 -5.97
C TYR I 169 -24.65 -23.90 -5.67
N GLY I 170 -25.49 -24.11 -6.68
CA GLY I 170 -26.92 -24.07 -6.49
C GLY I 170 -27.48 -25.35 -5.92
N SER I 171 -27.00 -26.49 -6.42
CA SER I 171 -27.50 -27.78 -5.94
C SER I 171 -27.10 -28.01 -4.50
N ARG I 172 -25.87 -27.65 -4.12
CA ARG I 172 -25.45 -27.81 -2.75
C ARG I 172 -26.22 -26.90 -1.80
N HIS I 173 -26.96 -25.93 -2.32
CA HIS I 173 -27.78 -25.05 -1.50
C HIS I 173 -29.24 -25.49 -1.52
N LEU I 174 -29.88 -25.46 -2.69
CA LEU I 174 -31.29 -25.83 -2.77
C LEU I 174 -31.52 -27.15 -2.04
N ALA I 175 -30.60 -28.10 -2.19
CA ALA I 175 -30.67 -29.30 -1.37
C ALA I 175 -30.67 -28.93 0.10
N GLN I 176 -29.78 -28.03 0.50
CA GLN I 176 -29.70 -27.66 1.90
C GLN I 176 -30.98 -26.97 2.35
N LEU I 177 -31.47 -26.01 1.56
CA LEU I 177 -32.76 -25.41 1.87
C LEU I 177 -33.83 -26.50 1.99
N MET I 178 -34.02 -27.26 0.90
CA MET I 178 -35.12 -28.22 0.85
C MET I 178 -35.18 -29.07 2.11
N GLU I 179 -34.02 -29.50 2.61
CA GLU I 179 -33.97 -30.35 3.79
C GLU I 179 -34.36 -29.59 5.05
N SER I 180 -34.21 -28.27 5.06
CA SER I 180 -34.53 -27.48 6.25
C SER I 180 -36.01 -27.14 6.36
N ILE I 181 -36.80 -27.39 5.33
CA ILE I 181 -38.22 -27.03 5.31
C ILE I 181 -39.04 -28.25 5.71
N PRO I 182 -39.93 -28.15 6.70
CA PRO I 182 -40.84 -29.25 6.96
C PRO I 182 -41.64 -29.65 5.73
N HIS I 183 -42.21 -30.84 5.81
CA HIS I 183 -43.17 -31.33 4.83
C HIS I 183 -43.89 -32.48 5.48
N SER I 184 -45.19 -32.59 5.24
CA SER I 184 -45.97 -33.71 5.73
C SER I 184 -46.49 -34.46 4.50
N PRO I 185 -46.19 -35.76 4.38
CA PRO I 185 -45.57 -36.76 5.27
C PRO I 185 -44.17 -36.35 5.76
N GLY I 186 -43.20 -36.39 4.86
CA GLY I 186 -41.95 -35.73 5.06
C GLY I 186 -40.85 -36.68 5.50
N PRO I 187 -40.11 -36.31 6.56
CA PRO I 187 -40.28 -35.11 7.37
C PRO I 187 -40.01 -33.78 6.65
N THR I 188 -39.14 -33.79 5.63
CA THR I 188 -38.67 -32.56 5.00
C THR I 188 -39.04 -32.54 3.51
N ARG I 189 -38.94 -31.35 2.90
CA ARG I 189 -39.21 -31.23 1.48
C ARG I 189 -38.38 -32.22 0.66
N ILE I 190 -37.27 -32.73 1.19
CA ILE I 190 -36.47 -33.71 0.46
C ILE I 190 -37.33 -34.90 0.09
N GLN I 191 -37.92 -35.55 1.09
CA GLN I 191 -38.69 -36.77 0.85
C GLN I 191 -39.90 -36.50 -0.02
N ALA I 192 -40.11 -35.24 -0.42
CA ALA I 192 -41.18 -34.93 -1.35
C ALA I 192 -40.79 -35.25 -2.79
N ILE I 193 -39.50 -35.30 -3.10
CA ILE I 193 -39.05 -35.63 -4.45
C ILE I 193 -39.17 -37.14 -4.59
N GLU I 194 -40.21 -37.59 -5.30
CA GLU I 194 -40.33 -39.01 -5.60
C GLU I 194 -39.24 -39.44 -6.57
N LEU I 195 -38.87 -38.56 -7.49
CA LEU I 195 -37.91 -38.88 -8.54
C LEU I 195 -37.31 -37.58 -9.04
N PHE I 196 -35.98 -37.54 -9.07
CA PHE I 196 -35.20 -36.36 -9.43
C PHE I 196 -34.53 -36.65 -10.77
N MET I 197 -35.22 -36.34 -11.86
CA MET I 197 -34.74 -36.66 -13.21
C MET I 197 -34.01 -35.45 -13.75
N LEU I 198 -32.70 -35.60 -13.92
CA LEU I 198 -31.81 -34.48 -14.21
C LEU I 198 -31.46 -34.47 -15.68
N LEU I 199 -31.82 -33.39 -16.37
CA LEU I 199 -31.52 -33.22 -17.78
C LEU I 199 -30.19 -32.50 -17.93
N ASP I 200 -29.33 -33.00 -18.80
CA ASP I 200 -28.06 -32.33 -19.01
C ASP I 200 -27.37 -32.87 -20.25
N LEU I 201 -26.73 -31.97 -21.01
CA LEU I 201 -25.96 -32.34 -22.20
C LEU I 201 -26.85 -33.00 -23.24
N LEU I 202 -27.85 -32.24 -23.66
CA LEU I 202 -28.86 -32.71 -24.60
C LEU I 202 -28.96 -31.74 -25.75
N GLY I 203 -28.84 -32.24 -26.97
CA GLY I 203 -28.97 -31.40 -28.15
C GLY I 203 -28.02 -31.82 -29.24
N ALA I 204 -26.84 -32.30 -28.86
CA ALA I 204 -25.92 -32.86 -29.83
C ALA I 204 -26.65 -33.93 -30.64
N PRO I 205 -26.25 -34.19 -31.87
CA PRO I 205 -26.74 -35.38 -32.56
C PRO I 205 -26.06 -36.64 -32.05
N ASN I 206 -26.68 -37.78 -32.36
CA ASN I 206 -26.20 -39.09 -31.96
C ASN I 206 -25.83 -39.14 -30.47
N PRO I 207 -26.80 -38.93 -29.59
CA PRO I 207 -26.57 -39.18 -28.17
C PRO I 207 -26.65 -40.68 -27.85
N THR I 208 -26.14 -41.01 -26.66
CA THR I 208 -26.33 -42.33 -26.05
C THR I 208 -26.43 -42.17 -24.54
N PHE I 209 -27.50 -42.71 -23.97
CA PHE I 209 -27.70 -42.65 -22.53
C PHE I 209 -27.66 -44.06 -21.94
N TYR I 210 -27.36 -44.11 -20.64
CA TYR I 210 -27.37 -45.34 -19.87
C TYR I 210 -28.02 -45.06 -18.52
N SER I 211 -28.45 -46.12 -17.85
CA SER I 211 -29.00 -45.99 -16.50
C SER I 211 -27.86 -46.10 -15.52
N HIS I 212 -27.43 -44.95 -14.98
CA HIS I 212 -26.34 -44.88 -14.03
C HIS I 212 -26.81 -45.08 -12.59
N PHE I 213 -28.11 -45.29 -12.38
CA PHE I 213 -28.65 -45.58 -11.05
C PHE I 213 -29.63 -46.74 -11.15
N PRO I 214 -29.23 -47.94 -10.74
CA PRO I 214 -30.15 -49.07 -10.82
C PRO I 214 -31.45 -48.83 -10.07
N ARG I 215 -31.43 -48.09 -8.97
CA ARG I 215 -32.67 -47.75 -8.28
C ARG I 215 -33.76 -47.36 -9.28
N THR I 216 -33.47 -46.39 -10.14
CA THR I 216 -34.44 -45.80 -11.02
C THR I 216 -34.58 -46.52 -12.36
N VAL I 217 -33.83 -47.59 -12.57
CA VAL I 217 -33.77 -48.18 -13.91
C VAL I 217 -35.15 -48.54 -14.40
N ARG I 218 -36.08 -48.78 -13.49
CA ARG I 218 -37.48 -49.01 -13.87
C ARG I 218 -37.99 -47.88 -14.74
N TRP I 219 -37.47 -46.67 -14.54
CA TRP I 219 -37.90 -45.50 -15.31
C TRP I 219 -37.08 -45.30 -16.57
N PHE I 220 -35.90 -45.90 -16.62
CA PHE I 220 -35.09 -45.83 -17.83
C PHE I 220 -35.54 -46.88 -18.86
N HIS I 221 -36.06 -48.02 -18.40
CA HIS I 221 -36.74 -48.92 -19.33
C HIS I 221 -37.99 -48.26 -19.89
N ARG I 222 -38.79 -47.67 -19.02
CA ARG I 222 -39.98 -46.96 -19.51
C ARG I 222 -39.54 -45.96 -20.56
N LEU I 223 -38.51 -45.18 -20.28
CA LEU I 223 -37.97 -44.27 -21.29
C LEU I 223 -37.65 -45.01 -22.59
N ARG I 224 -36.78 -46.02 -22.50
CA ARG I 224 -36.40 -46.77 -23.69
C ARG I 224 -37.62 -47.30 -24.43
N SER I 225 -38.60 -47.79 -23.68
CA SER I 225 -39.81 -48.35 -24.27
C SER I 225 -40.78 -47.29 -24.78
N ILE I 226 -40.50 -46.01 -24.52
CA ILE I 226 -41.25 -44.93 -25.16
C ILE I 226 -40.58 -44.50 -26.46
N GLU I 227 -39.27 -44.74 -26.59
CA GLU I 227 -38.61 -44.68 -27.89
C GLU I 227 -38.90 -46.00 -28.57
N LYS I 228 -39.87 -45.99 -29.47
CA LYS I 228 -40.50 -47.23 -29.91
C LYS I 228 -41.32 -47.61 -28.67
N ARG I 229 -42.65 -47.56 -28.72
CA ARG I 229 -43.45 -47.41 -29.93
C ARG I 229 -43.35 -46.09 -30.69
N LEU I 230 -42.97 -44.99 -30.03
CA LEU I 230 -42.92 -43.70 -30.72
C LEU I 230 -42.23 -43.81 -32.07
N HIS I 231 -41.16 -44.60 -32.14
CA HIS I 231 -40.52 -44.88 -33.42
C HIS I 231 -41.38 -45.82 -34.26
N ARG I 232 -41.75 -46.97 -33.71
CA ARG I 232 -42.55 -47.94 -34.44
C ARG I 232 -43.88 -47.36 -34.92
N LEU I 233 -44.35 -46.28 -34.30
CA LEU I 233 -45.52 -45.56 -34.79
C LEU I 233 -45.13 -44.36 -35.65
N ASN I 234 -43.95 -44.41 -36.28
CA ASN I 234 -43.41 -43.33 -37.08
C ASN I 234 -43.69 -41.96 -36.47
N LEU I 235 -42.90 -41.58 -35.49
CA LEU I 235 -43.04 -40.27 -34.87
C LEU I 235 -41.68 -39.66 -34.50
N LEU I 236 -40.57 -40.27 -34.92
CA LEU I 236 -39.24 -39.78 -34.58
C LEU I 236 -38.47 -39.53 -35.87
N GLN I 237 -38.02 -38.28 -36.05
CA GLN I 237 -37.17 -37.96 -37.18
C GLN I 237 -35.83 -38.66 -37.06
N SER I 238 -35.22 -38.96 -38.21
CA SER I 238 -33.83 -39.35 -38.28
C SER I 238 -33.55 -40.59 -37.42
N HIS I 239 -34.54 -41.49 -37.31
CA HIS I 239 -34.42 -42.68 -36.47
C HIS I 239 -34.36 -43.92 -37.35
N PRO I 240 -33.17 -44.33 -37.81
CA PRO I 240 -33.06 -45.53 -38.63
C PRO I 240 -33.18 -46.84 -37.87
N GLN I 241 -32.83 -46.86 -36.59
CA GLN I 241 -32.89 -48.08 -35.79
C GLN I 241 -33.99 -47.97 -34.74
N GLU I 242 -34.38 -49.14 -34.23
CA GLU I 242 -35.49 -49.18 -33.28
C GLU I 242 -35.12 -48.51 -31.98
N VAL I 243 -34.00 -48.93 -31.39
CA VAL I 243 -33.45 -48.32 -30.18
C VAL I 243 -32.18 -47.59 -30.60
N MET I 244 -32.19 -46.26 -30.48
CA MET I 244 -31.02 -45.45 -30.77
C MET I 244 -30.57 -44.65 -29.57
N TYR I 245 -31.45 -43.83 -28.99
CA TYR I 245 -31.05 -42.97 -27.89
C TYR I 245 -30.75 -43.78 -26.63
N PHE I 246 -31.76 -44.37 -26.01
CA PHE I 246 -31.56 -45.06 -24.75
C PHE I 246 -31.00 -46.45 -24.99
N GLN I 247 -29.83 -46.70 -24.43
CA GLN I 247 -29.09 -47.94 -24.63
C GLN I 247 -29.17 -48.82 -23.39
N PRO I 248 -28.98 -50.12 -23.54
CA PRO I 248 -28.85 -50.99 -22.38
C PRO I 248 -27.42 -50.97 -21.85
N GLY I 249 -27.30 -51.34 -20.59
CA GLY I 249 -26.01 -51.32 -19.94
C GLY I 249 -26.10 -50.72 -18.56
N GLU I 250 -25.03 -50.08 -18.14
CA GLU I 250 -24.87 -49.80 -16.74
C GLU I 250 -23.57 -49.01 -16.57
N PRO I 251 -23.23 -48.61 -15.35
CA PRO I 251 -21.96 -48.03 -14.94
C PRO I 251 -21.05 -49.21 -14.54
N PHE I 252 -19.80 -49.12 -14.06
CA PHE I 252 -18.98 -47.91 -13.85
C PHE I 252 -19.59 -47.06 -12.74
N GLY I 253 -19.70 -45.74 -12.94
CA GLY I 253 -20.43 -44.90 -12.01
C GLY I 253 -21.30 -43.88 -12.73
N SER I 254 -21.07 -42.61 -12.44
CA SER I 254 -21.75 -41.52 -13.14
C SER I 254 -20.75 -40.39 -13.27
N VAL I 255 -21.26 -39.17 -13.46
CA VAL I 255 -20.45 -37.97 -13.45
C VAL I 255 -21.04 -37.02 -12.42
N GLU I 256 -20.17 -36.30 -11.70
CA GLU I 256 -20.64 -35.32 -10.75
C GLU I 256 -21.49 -34.28 -11.46
N ASP I 257 -22.65 -33.99 -10.90
CA ASP I 257 -23.61 -33.09 -11.52
C ASP I 257 -24.60 -32.65 -10.44
N ASP I 258 -25.59 -31.87 -10.84
CA ASP I 258 -26.49 -31.21 -9.90
C ASP I 258 -27.35 -32.15 -9.05
N HIS I 259 -27.25 -33.45 -9.28
CA HIS I 259 -27.97 -34.42 -8.46
C HIS I 259 -27.21 -34.81 -7.21
N ILE I 260 -25.90 -34.61 -7.20
CA ILE I 260 -25.06 -35.16 -6.13
C ILE I 260 -25.58 -34.78 -4.74
N PRO I 261 -25.93 -33.52 -4.46
CA PRO I 261 -26.31 -33.19 -3.08
C PRO I 261 -27.70 -33.65 -2.68
N PHE I 262 -28.59 -33.92 -3.63
CA PHE I 262 -29.84 -34.57 -3.30
C PHE I 262 -29.64 -36.05 -3.03
N LEU I 263 -28.64 -36.62 -3.67
CA LEU I 263 -28.34 -38.04 -3.52
C LEU I 263 -27.76 -38.35 -2.15
N ARG I 264 -26.81 -37.53 -1.67
CA ARG I 264 -26.33 -37.67 -0.31
C ARG I 264 -27.48 -37.81 0.67
N ARG I 265 -28.57 -37.12 0.40
CA ARG I 265 -29.73 -37.09 1.27
C ARG I 265 -30.75 -38.17 0.89
N GLY I 266 -30.38 -39.05 -0.03
CA GLY I 266 -31.15 -40.25 -0.29
C GLY I 266 -32.25 -40.11 -1.31
N VAL I 267 -32.20 -39.11 -2.18
CA VAL I 267 -33.24 -38.94 -3.18
C VAL I 267 -32.94 -39.82 -4.38
N PRO I 268 -33.92 -40.49 -4.98
CA PRO I 268 -33.65 -41.30 -6.17
C PRO I 268 -33.41 -40.41 -7.38
N VAL I 269 -32.43 -40.78 -8.21
CA VAL I 269 -31.98 -39.95 -9.31
C VAL I 269 -31.97 -40.75 -10.59
N LEU I 270 -32.54 -40.17 -11.65
CA LEU I 270 -32.31 -40.62 -13.02
C LEU I 270 -31.45 -39.55 -13.68
N HIS I 271 -30.21 -39.91 -14.01
CA HIS I 271 -29.25 -38.96 -14.55
C HIS I 271 -29.32 -39.01 -16.07
N LEU I 272 -30.22 -38.21 -16.62
CA LEU I 272 -30.48 -38.18 -18.06
C LEU I 272 -29.43 -37.31 -18.72
N ILE I 273 -28.31 -37.93 -19.11
CA ILE I 273 -27.16 -37.17 -19.63
C ILE I 273 -26.47 -37.99 -20.72
N SER I 274 -26.02 -37.28 -21.76
CA SER I 274 -25.37 -37.92 -22.90
C SER I 274 -24.02 -38.51 -22.50
N THR I 275 -23.85 -39.80 -22.71
CA THR I 275 -22.57 -40.45 -22.47
C THR I 275 -22.20 -41.33 -23.67
N PRO I 276 -21.14 -40.98 -24.42
CA PRO I 276 -20.17 -39.92 -24.13
C PRO I 276 -20.71 -38.52 -24.34
N PHE I 277 -19.88 -37.53 -24.00
CA PHE I 277 -20.27 -36.14 -24.05
C PHE I 277 -20.37 -35.68 -25.50
N PRO I 278 -20.99 -34.52 -25.74
CA PRO I 278 -20.95 -33.96 -27.10
C PRO I 278 -19.50 -33.75 -27.53
N ALA I 279 -19.31 -33.63 -28.84
CA ALA I 279 -18.01 -33.22 -29.35
C ALA I 279 -17.72 -31.78 -28.95
N VAL I 280 -18.71 -30.91 -29.12
CA VAL I 280 -18.59 -29.51 -28.76
C VAL I 280 -18.78 -29.35 -27.26
N TRP I 281 -18.53 -30.41 -26.49
CA TRP I 281 -18.72 -30.32 -25.06
C TRP I 281 -17.62 -29.47 -24.50
N HIS I 282 -17.99 -28.36 -23.88
CA HIS I 282 -16.97 -27.40 -23.54
C HIS I 282 -16.11 -27.18 -24.78
N THR I 283 -16.70 -26.48 -25.73
CA THR I 283 -15.98 -25.73 -26.74
C THR I 283 -16.67 -24.37 -26.78
N PRO I 284 -16.25 -23.44 -27.61
CA PRO I 284 -17.07 -22.25 -27.77
C PRO I 284 -18.00 -22.46 -28.96
N ALA I 285 -18.13 -23.73 -29.34
CA ALA I 285 -18.94 -24.14 -30.47
C ALA I 285 -20.31 -24.66 -30.05
N ASP I 286 -20.44 -25.12 -28.80
CA ASP I 286 -21.74 -25.50 -28.26
C ASP I 286 -22.72 -24.37 -28.49
N THR I 287 -23.21 -24.27 -29.72
CA THR I 287 -24.08 -23.19 -30.16
C THR I 287 -25.18 -23.76 -31.02
N GLU I 288 -26.12 -22.90 -31.40
CA GLU I 288 -27.25 -23.32 -32.22
C GLU I 288 -26.79 -24.14 -33.42
N VAL I 289 -25.79 -23.64 -34.15
CA VAL I 289 -25.44 -24.24 -35.44
C VAL I 289 -25.14 -25.72 -35.31
N ASN I 290 -24.64 -26.15 -34.16
CA ASN I 290 -24.20 -27.54 -33.99
C ASN I 290 -25.17 -28.33 -33.11
N LEU I 291 -26.44 -28.01 -33.22
CA LEU I 291 -27.50 -28.84 -32.69
C LEU I 291 -28.15 -29.63 -33.82
N HIS I 292 -28.80 -30.74 -33.45
CA HIS I 292 -29.57 -31.55 -34.37
C HIS I 292 -31.04 -31.35 -34.03
N PRO I 293 -31.69 -30.33 -34.58
CA PRO I 293 -33.05 -29.99 -34.14
C PRO I 293 -33.99 -31.17 -34.21
N PRO I 294 -33.77 -32.13 -35.12
CA PRO I 294 -34.55 -33.37 -35.04
C PRO I 294 -34.43 -34.00 -33.66
N THR I 295 -33.21 -34.42 -33.30
CA THR I 295 -33.00 -35.09 -32.03
C THR I 295 -33.58 -34.29 -30.87
N VAL I 296 -33.47 -32.95 -30.92
CA VAL I 296 -34.05 -32.14 -29.86
C VAL I 296 -35.54 -32.42 -29.74
N HIS I 297 -36.27 -32.32 -30.84
CA HIS I 297 -37.72 -32.43 -30.77
C HIS I 297 -38.14 -33.84 -30.39
N ASN I 298 -37.41 -34.85 -30.88
CA ASN I 298 -37.64 -36.21 -30.41
C ASN I 298 -37.65 -36.25 -28.89
N LEU I 299 -36.54 -35.82 -28.28
CA LEU I 299 -36.42 -35.92 -26.83
C LEU I 299 -37.51 -35.13 -26.13
N CYS I 300 -38.00 -34.05 -26.75
CA CYS I 300 -39.17 -33.39 -26.19
C CYS I 300 -40.43 -34.23 -26.39
N ARG I 301 -40.42 -35.13 -27.38
CA ARG I 301 -41.54 -36.05 -27.57
C ARG I 301 -41.46 -37.22 -26.61
N ILE I 302 -40.27 -37.80 -26.45
CA ILE I 302 -40.12 -38.94 -25.55
C ILE I 302 -40.46 -38.54 -24.12
N LEU I 303 -40.07 -37.31 -23.73
CA LEU I 303 -40.38 -36.84 -22.39
C LEU I 303 -41.83 -36.36 -22.28
N ALA I 304 -42.38 -35.80 -23.36
CA ALA I 304 -43.77 -35.36 -23.31
C ALA I 304 -44.70 -36.53 -23.02
N VAL I 305 -44.36 -37.71 -23.52
CA VAL I 305 -45.05 -38.93 -23.17
C VAL I 305 -44.79 -39.24 -21.70
N PHE I 306 -43.54 -39.57 -21.40
CA PHE I 306 -43.10 -39.91 -20.04
C PHE I 306 -43.85 -39.12 -18.98
N LEU I 307 -43.81 -37.79 -19.07
CA LEU I 307 -44.56 -36.98 -18.11
C LEU I 307 -45.98 -37.48 -17.99
N ALA I 308 -46.68 -37.55 -19.11
CA ALA I 308 -48.08 -37.97 -19.10
C ALA I 308 -48.25 -39.31 -18.39
N GLU I 309 -47.40 -40.28 -18.70
CA GLU I 309 -47.58 -41.61 -18.13
C GLU I 309 -47.31 -41.58 -16.62
N TYR I 310 -46.14 -41.14 -16.21
CA TYR I 310 -45.79 -41.04 -14.80
C TYR I 310 -46.92 -40.40 -14.00
N LEU I 311 -47.34 -39.20 -14.37
CA LEU I 311 -48.35 -38.46 -13.64
C LEU I 311 -49.78 -38.81 -14.07
N GLY I 312 -49.95 -39.83 -14.93
CA GLY I 312 -51.27 -40.27 -15.33
C GLY I 312 -52.18 -39.14 -15.77
N LEU I 313 -51.71 -38.35 -16.72
CA LEU I 313 -52.38 -37.12 -17.12
C LEU I 313 -53.39 -37.35 -18.23
N VAL J 1 7.24 -43.29 -16.87
CA VAL J 1 7.29 -42.40 -18.03
C VAL J 1 6.30 -42.84 -19.15
N PRO J 2 5.67 -44.06 -19.03
CA PRO J 2 4.54 -44.41 -19.93
C PRO J 2 3.15 -44.47 -19.26
N LEU J 3 2.13 -44.98 -19.98
CA LEU J 3 0.74 -45.00 -19.50
C LEU J 3 0.03 -46.34 -19.76
N ILE J 4 -1.22 -46.31 -20.26
CA ILE J 4 -2.08 -47.50 -20.38
C ILE J 4 -2.24 -47.83 -21.86
N GLY J 5 -1.84 -49.04 -22.23
CA GLY J 5 -1.88 -49.47 -23.62
C GLY J 5 -0.64 -49.15 -24.41
N SER J 6 0.50 -48.94 -23.75
CA SER J 6 1.67 -48.35 -24.39
C SER J 6 2.65 -49.38 -24.91
N LEU J 7 3.29 -49.03 -26.02
CA LEU J 7 4.31 -49.90 -26.59
C LEU J 7 5.39 -50.19 -25.56
N PRO J 8 5.97 -51.38 -25.57
CA PRO J 8 7.23 -51.60 -24.85
C PRO J 8 8.35 -50.85 -25.55
N GLU J 9 9.44 -50.67 -24.80
CA GLU J 9 10.62 -50.06 -25.39
C GLU J 9 11.09 -50.84 -26.62
N ALA J 10 10.80 -52.14 -26.66
CA ALA J 10 11.26 -52.98 -27.77
C ALA J 10 10.56 -52.59 -29.07
N ARG J 11 9.23 -52.70 -29.10
CA ARG J 11 8.51 -52.34 -30.32
C ARG J 11 8.73 -50.87 -30.65
N LEU J 12 8.74 -50.00 -29.64
CA LEU J 12 8.85 -48.57 -29.87
C LEU J 12 10.05 -48.23 -30.74
N ARG J 13 11.25 -48.63 -30.30
CA ARG J 13 12.44 -48.40 -31.11
C ARG J 13 12.33 -49.09 -32.46
N ARG J 14 11.80 -50.32 -32.47
CA ARG J 14 11.57 -51.01 -33.74
C ARG J 14 10.68 -50.19 -34.66
N VAL J 15 9.56 -49.69 -34.12
CA VAL J 15 8.64 -48.90 -34.95
C VAL J 15 9.36 -47.68 -35.51
N VAL J 16 10.07 -46.95 -34.66
CA VAL J 16 10.75 -45.72 -35.10
C VAL J 16 11.64 -46.01 -36.30
N GLY J 17 12.54 -46.98 -36.15
CA GLY J 17 13.51 -47.27 -37.20
C GLY J 17 12.87 -47.38 -38.57
N GLN J 18 11.70 -48.01 -38.65
CA GLN J 18 11.03 -48.19 -39.93
C GLN J 18 10.59 -46.87 -40.55
N LEU J 19 10.67 -45.77 -39.81
CA LEU J 19 10.50 -44.48 -40.43
C LEU J 19 11.75 -44.14 -41.23
N ASP J 20 11.55 -43.46 -42.36
CA ASP J 20 12.64 -43.16 -43.29
C ASP J 20 12.64 -41.67 -43.56
N PRO J 21 13.48 -40.90 -42.86
CA PRO J 21 13.47 -39.44 -43.08
C PRO J 21 13.76 -39.08 -44.53
N GLN J 22 14.87 -39.57 -45.10
CA GLN J 22 15.19 -39.30 -46.49
C GLN J 22 13.97 -39.51 -47.38
N ARG J 23 13.19 -40.55 -47.09
CA ARG J 23 11.96 -40.78 -47.82
C ARG J 23 11.04 -39.58 -47.64
N LEU J 24 10.55 -39.39 -46.42
CA LEU J 24 9.64 -38.29 -46.11
C LEU J 24 9.98 -37.06 -46.94
N TRP J 25 11.25 -36.64 -46.89
CA TRP J 25 11.62 -35.34 -47.44
C TRP J 25 11.68 -35.35 -48.95
N SER J 26 12.40 -36.30 -49.55
CA SER J 26 12.50 -36.35 -51.00
C SER J 26 11.33 -37.10 -51.62
N THR J 27 10.89 -38.17 -50.98
CA THR J 27 9.92 -39.08 -51.59
C THR J 27 8.51 -38.50 -51.54
N TYR J 28 7.97 -38.25 -50.35
CA TYR J 28 6.59 -37.79 -50.22
C TYR J 28 6.48 -36.30 -49.97
N LEU J 29 7.44 -35.68 -49.27
CA LEU J 29 7.37 -34.25 -49.05
C LEU J 29 7.51 -33.48 -50.36
N ARG J 30 8.69 -33.56 -50.97
CA ARG J 30 9.09 -32.69 -52.08
C ARG J 30 8.04 -32.58 -53.17
N PRO J 31 7.65 -33.68 -53.84
CA PRO J 31 6.82 -33.56 -55.05
C PRO J 31 5.55 -32.74 -54.87
N LEU J 32 5.13 -32.53 -53.62
CA LEU J 32 3.89 -31.83 -53.35
C LEU J 32 4.04 -30.32 -53.47
N LEU J 33 5.26 -29.81 -53.33
CA LEU J 33 5.52 -28.38 -53.27
C LEU J 33 5.36 -27.80 -54.67
N VAL J 34 4.09 -27.60 -55.04
CA VAL J 34 3.73 -27.06 -56.36
C VAL J 34 2.39 -26.36 -56.19
N VAL J 35 2.26 -25.15 -56.71
CA VAL J 35 1.00 -24.43 -56.57
C VAL J 35 -0.07 -25.37 -57.07
N ARG J 36 -0.94 -25.79 -56.16
CA ARG J 36 -1.86 -26.90 -56.39
C ARG J 36 -3.28 -26.46 -56.04
N THR J 37 -3.59 -25.22 -56.39
CA THR J 37 -4.92 -24.69 -56.12
C THR J 37 -5.96 -25.56 -56.82
N PRO J 38 -7.21 -25.51 -56.37
CA PRO J 38 -8.19 -26.49 -56.84
C PRO J 38 -8.37 -26.42 -58.35
N GLY J 39 -8.29 -27.59 -59.00
CA GLY J 39 -8.43 -27.63 -60.44
C GLY J 39 -7.32 -26.95 -61.19
N SER J 40 -6.22 -26.69 -60.55
CA SER J 40 -5.09 -26.25 -61.35
C SER J 40 -4.34 -27.47 -61.86
N PRO J 41 -3.70 -27.36 -63.02
CA PRO J 41 -2.90 -28.47 -63.56
C PRO J 41 -2.17 -29.27 -62.49
N GLY J 42 -1.70 -28.58 -61.45
CA GLY J 42 -0.91 -29.21 -60.41
C GLY J 42 -1.75 -29.93 -59.38
N ASN J 43 -2.78 -29.26 -58.87
CA ASN J 43 -3.74 -29.88 -57.94
C ASN J 43 -3.95 -31.34 -58.31
N LEU J 44 -4.52 -31.55 -59.49
CA LEU J 44 -4.70 -32.89 -60.02
C LEU J 44 -3.40 -33.70 -59.93
N GLN J 45 -2.28 -33.07 -60.32
CA GLN J 45 -1.01 -33.79 -60.36
C GLN J 45 -0.72 -34.49 -59.04
N VAL J 46 -0.96 -33.82 -57.92
CA VAL J 46 -0.79 -34.44 -56.61
C VAL J 46 -1.89 -35.45 -56.36
N ARG J 47 -3.15 -35.04 -56.57
CA ARG J 47 -4.29 -35.92 -56.35
C ARG J 47 -4.00 -37.34 -56.77
N LYS J 48 -3.53 -37.50 -58.01
CA LYS J 48 -3.20 -38.82 -58.51
C LYS J 48 -1.92 -39.36 -57.88
N PHE J 49 -0.91 -38.50 -57.69
CA PHE J 49 0.30 -38.92 -56.98
C PHE J 49 -0.05 -39.53 -55.63
N LEU J 50 -1.08 -39.01 -54.98
CA LEU J 50 -1.54 -39.59 -53.72
C LEU J 50 -2.35 -40.86 -53.98
N GLU J 51 -3.33 -40.77 -54.89
CA GLU J 51 -4.18 -41.92 -55.20
C GLU J 51 -3.36 -43.17 -55.47
N ALA J 52 -2.27 -43.03 -56.22
CA ALA J 52 -1.48 -44.20 -56.60
C ALA J 52 -0.45 -44.57 -55.55
N THR J 53 0.10 -43.60 -54.83
CA THR J 53 1.08 -43.92 -53.80
C THR J 53 0.47 -44.84 -52.75
N LEU J 54 -0.78 -44.59 -52.37
CA LEU J 54 -1.43 -45.44 -51.38
C LEU J 54 -1.84 -46.77 -51.98
N ARG J 55 -2.43 -46.75 -53.19
CA ARG J 55 -2.71 -47.99 -53.89
C ARG J 55 -1.46 -48.86 -54.03
N SER J 56 -0.27 -48.25 -53.96
CA SER J 56 0.97 -49.01 -53.98
C SER J 56 1.24 -49.74 -52.68
N LEU J 57 0.44 -49.53 -51.65
CA LEU J 57 0.77 -50.03 -50.33
C LEU J 57 0.36 -51.49 -50.20
N THR J 58 1.34 -52.31 -49.80
CA THR J 58 1.12 -53.73 -49.55
C THR J 58 -0.20 -54.01 -48.85
N ALA J 59 -0.47 -53.28 -47.76
CA ALA J 59 -1.67 -53.50 -46.98
C ALA J 59 -2.94 -53.41 -47.82
N GLY J 60 -2.83 -52.86 -49.03
CA GLY J 60 -3.92 -52.91 -49.99
C GLY J 60 -5.07 -51.97 -49.68
N TRP J 61 -4.80 -50.67 -49.70
CA TRP J 61 -5.79 -49.69 -49.29
C TRP J 61 -6.91 -49.58 -50.32
N HIS J 62 -8.14 -49.42 -49.83
CA HIS J 62 -9.32 -49.26 -50.69
C HIS J 62 -9.49 -47.79 -51.05
N VAL J 63 -8.60 -47.32 -51.91
CA VAL J 63 -8.59 -45.90 -52.29
C VAL J 63 -9.77 -45.64 -53.21
N GLU J 64 -10.72 -44.84 -52.74
CA GLU J 64 -11.72 -44.25 -53.61
C GLU J 64 -11.38 -42.78 -53.83
N LEU J 65 -12.11 -42.18 -54.76
CA LEU J 65 -12.01 -40.76 -55.05
C LEU J 65 -13.37 -40.13 -54.78
N ASP J 66 -13.39 -38.81 -54.58
CA ASP J 66 -14.63 -38.09 -54.31
C ASP J 66 -14.67 -36.79 -55.12
N PRO J 67 -14.70 -36.90 -56.44
CA PRO J 67 -14.86 -35.69 -57.27
C PRO J 67 -16.23 -35.07 -57.07
N PHE J 68 -16.36 -33.83 -57.53
CA PHE J 68 -17.63 -33.12 -57.45
C PHE J 68 -17.52 -31.69 -57.94
N THR J 69 -18.67 -31.04 -58.17
CA THR J 69 -18.73 -29.66 -58.61
C THR J 69 -19.41 -28.83 -57.54
N ALA J 70 -19.07 -27.53 -57.51
CA ALA J 70 -19.51 -26.65 -56.43
C ALA J 70 -19.53 -25.20 -56.92
N SER J 71 -20.53 -24.44 -56.49
CA SER J 71 -20.74 -23.08 -56.94
C SER J 71 -19.93 -22.10 -56.08
N THR J 72 -18.98 -21.41 -56.71
CA THR J 72 -18.09 -20.49 -55.99
C THR J 72 -18.18 -19.07 -56.55
N PRO J 73 -17.26 -18.16 -56.16
CA PRO J 73 -17.20 -16.84 -56.82
C PRO J 73 -16.34 -16.81 -58.06
N LEU J 74 -15.37 -17.73 -58.19
CA LEU J 74 -14.72 -17.97 -59.46
C LEU J 74 -15.58 -18.83 -60.37
N GLY J 75 -16.88 -18.83 -60.15
CA GLY J 75 -17.79 -19.70 -60.86
C GLY J 75 -17.64 -21.13 -60.39
N PRO J 76 -18.34 -22.03 -61.06
CA PRO J 76 -18.14 -23.46 -60.80
C PRO J 76 -16.66 -23.82 -60.81
N VAL J 77 -16.32 -24.85 -60.02
CA VAL J 77 -14.95 -25.34 -59.91
C VAL J 77 -15.00 -26.83 -59.61
N ASP J 78 -14.00 -27.55 -60.11
CA ASP J 78 -13.91 -29.00 -59.94
C ASP J 78 -12.90 -29.34 -58.84
N PHE J 79 -13.39 -29.93 -57.76
CA PHE J 79 -12.55 -30.39 -56.66
C PHE J 79 -12.39 -31.89 -56.73
N GLY J 80 -11.81 -32.46 -55.68
CA GLY J 80 -11.70 -33.90 -55.56
C GLY J 80 -10.95 -34.31 -54.32
N ASN J 81 -11.63 -35.04 -53.43
CA ASN J 81 -10.99 -35.56 -52.24
C ASN J 81 -10.47 -36.98 -52.48
N VAL J 82 -9.48 -37.37 -51.70
CA VAL J 82 -8.84 -38.68 -51.79
C VAL J 82 -9.11 -39.39 -50.47
N VAL J 83 -10.03 -40.35 -50.48
CA VAL J 83 -10.40 -41.10 -49.29
C VAL J 83 -9.78 -42.49 -49.40
N ALA J 84 -8.99 -42.88 -48.41
CA ALA J 84 -8.16 -44.08 -48.45
C ALA J 84 -8.47 -44.91 -47.20
N THR J 85 -9.54 -45.68 -47.27
CA THR J 85 -9.95 -46.52 -46.16
C THR J 85 -9.27 -47.87 -46.29
N LEU J 86 -8.38 -48.19 -45.34
CA LEU J 86 -7.65 -49.44 -45.38
C LEU J 86 -8.55 -50.66 -45.43
N ASP J 87 -9.85 -50.49 -45.17
CA ASP J 87 -10.61 -51.64 -44.73
C ASP J 87 -12.04 -51.20 -44.39
N PRO J 88 -12.91 -51.02 -45.39
CA PRO J 88 -14.25 -50.45 -45.14
C PRO J 88 -15.28 -51.35 -44.48
N ARG J 89 -14.88 -52.43 -43.79
CA ARG J 89 -15.85 -53.27 -43.09
C ARG J 89 -15.68 -53.30 -41.58
N ALA J 90 -14.47 -53.12 -41.06
CA ALA J 90 -14.29 -53.09 -39.61
C ALA J 90 -15.23 -52.05 -39.01
N ALA J 91 -15.47 -52.13 -37.70
CA ALA J 91 -16.57 -51.36 -37.13
C ALA J 91 -16.24 -49.87 -37.09
N ARG J 92 -15.13 -49.50 -36.46
CA ARG J 92 -14.72 -48.12 -36.33
C ARG J 92 -13.32 -47.96 -36.92
N HIS J 93 -12.94 -46.72 -37.22
CA HIS J 93 -11.63 -46.44 -37.78
C HIS J 93 -11.14 -45.07 -37.32
N LEU J 94 -9.84 -44.96 -37.08
CA LEU J 94 -9.19 -43.69 -36.82
C LEU J 94 -9.01 -42.93 -38.13
N THR J 95 -9.29 -41.62 -38.09
CA THR J 95 -9.29 -40.80 -39.29
C THR J 95 -8.27 -39.68 -39.13
N LEU J 96 -7.18 -39.75 -39.88
CA LEU J 96 -6.19 -38.68 -39.98
C LEU J 96 -6.51 -37.87 -41.23
N ALA J 97 -6.72 -36.57 -41.04
CA ALA J 97 -7.18 -35.70 -42.12
C ALA J 97 -6.19 -34.57 -42.36
N CYS J 98 -6.17 -34.07 -43.59
CA CYS J 98 -5.43 -32.90 -43.98
C CYS J 98 -6.11 -32.31 -45.21
N HIS J 99 -5.45 -31.37 -45.87
CA HIS J 99 -5.97 -30.85 -47.14
C HIS J 99 -4.81 -30.57 -48.09
N TYR J 100 -4.78 -31.29 -49.21
CA TYR J 100 -3.65 -31.22 -50.13
C TYR J 100 -3.68 -29.98 -51.02
N ASP J 101 -4.81 -29.31 -51.11
CA ASP J 101 -4.90 -28.12 -51.95
C ASP J 101 -3.96 -27.04 -51.44
N SER J 102 -3.95 -25.90 -52.13
CA SER J 102 -3.05 -24.80 -51.80
C SER J 102 -3.70 -23.50 -52.23
N LYS J 103 -3.71 -22.51 -51.34
CA LYS J 103 -4.51 -21.34 -51.60
C LYS J 103 -4.14 -20.71 -52.94
N LEU J 104 -5.11 -19.99 -53.49
CA LEU J 104 -4.94 -19.18 -54.68
C LEU J 104 -4.65 -17.75 -54.25
N PHE J 105 -3.47 -17.25 -54.59
CA PHE J 105 -3.19 -15.87 -54.24
C PHE J 105 -3.21 -14.97 -55.48
N PRO J 106 -3.60 -13.72 -55.31
CA PRO J 106 -3.80 -12.81 -56.45
C PRO J 106 -2.72 -12.91 -57.51
N PRO J 107 -2.97 -12.34 -58.70
CA PRO J 107 -2.08 -12.52 -59.85
C PRO J 107 -0.59 -12.50 -59.60
N GLY J 108 0.14 -13.28 -60.39
CA GLY J 108 1.58 -13.19 -60.55
C GLY J 108 2.40 -12.93 -59.31
N SER J 109 1.78 -12.98 -58.13
CA SER J 109 2.53 -12.91 -56.90
C SER J 109 3.25 -14.23 -56.70
N THR J 110 4.41 -14.16 -56.07
CA THR J 110 5.32 -15.29 -55.97
C THR J 110 4.55 -16.59 -55.80
N PRO J 111 4.96 -17.68 -56.43
CA PRO J 111 4.26 -18.95 -56.23
C PRO J 111 4.18 -19.29 -54.75
N PHE J 112 3.00 -19.76 -54.33
CA PHE J 112 2.72 -20.06 -52.93
C PHE J 112 2.28 -21.51 -52.82
N VAL J 113 3.18 -22.37 -52.35
CA VAL J 113 2.90 -23.79 -52.22
C VAL J 113 2.55 -24.18 -50.79
N GLY J 114 2.32 -23.20 -49.90
CA GLY J 114 2.03 -23.47 -48.51
C GLY J 114 2.68 -24.72 -47.97
N ALA J 115 3.99 -24.66 -47.69
CA ALA J 115 4.67 -25.82 -47.14
C ALA J 115 4.04 -26.23 -45.82
N THR J 116 4.04 -25.32 -44.86
CA THR J 116 3.36 -25.58 -43.59
C THR J 116 1.90 -25.94 -43.83
N ASP J 117 1.31 -25.39 -44.88
CA ASP J 117 -0.12 -25.47 -45.14
C ASP J 117 -0.36 -26.03 -46.54
N SER J 118 -0.45 -27.35 -46.68
CA SER J 118 -0.33 -28.31 -45.57
C SER J 118 0.36 -29.54 -46.09
N ALA J 119 1.23 -29.31 -47.05
CA ALA J 119 2.04 -30.38 -47.61
C ALA J 119 2.64 -31.27 -46.52
N VAL J 120 3.22 -30.66 -45.49
CA VAL J 120 3.86 -31.43 -44.43
C VAL J 120 2.85 -32.34 -43.74
N PRO J 121 1.66 -31.86 -43.35
CA PRO J 121 0.59 -32.80 -42.96
C PRO J 121 0.45 -33.97 -43.93
N CYS J 122 -0.12 -33.71 -45.11
CA CYS J 122 -0.29 -34.76 -46.12
C CYS J 122 0.89 -35.71 -46.12
N ALA J 123 2.10 -35.16 -46.17
CA ALA J 123 3.29 -35.98 -46.28
C ALA J 123 3.41 -36.94 -45.10
N LEU J 124 3.10 -36.47 -43.90
CA LEU J 124 3.23 -37.33 -42.72
C LEU J 124 2.28 -38.52 -42.79
N LEU J 125 1.09 -38.31 -43.36
CA LEU J 125 0.17 -39.43 -43.53
C LEU J 125 0.73 -40.45 -44.52
N LEU J 126 1.33 -39.97 -45.60
CA LEU J 126 1.96 -40.88 -46.55
C LEU J 126 3.04 -41.73 -45.88
N GLU J 127 4.06 -41.07 -45.31
CA GLU J 127 5.16 -41.82 -44.72
C GLU J 127 4.67 -42.74 -43.60
N LEU J 128 3.71 -42.27 -42.81
CA LEU J 128 3.15 -43.12 -41.77
C LEU J 128 2.48 -44.35 -42.37
N ALA J 129 1.83 -44.19 -43.52
CA ALA J 129 1.18 -45.31 -44.17
C ALA J 129 2.18 -46.34 -44.68
N GLN J 130 3.42 -45.91 -44.96
CA GLN J 130 4.43 -46.77 -45.57
C GLN J 130 5.37 -47.40 -44.55
N ALA J 131 5.83 -46.65 -43.55
CA ALA J 131 6.72 -47.23 -42.56
C ALA J 131 6.00 -48.27 -41.72
N LEU J 132 4.68 -48.17 -41.61
CA LEU J 132 3.87 -49.06 -40.78
C LEU J 132 2.98 -49.96 -41.63
N ASP J 133 3.40 -50.32 -42.84
CA ASP J 133 2.49 -50.99 -43.75
C ASP J 133 2.42 -52.49 -43.51
N LEU J 134 3.48 -53.10 -42.97
CA LEU J 134 3.38 -54.50 -42.57
C LEU J 134 2.55 -54.64 -41.31
N GLU J 135 2.84 -53.82 -40.31
CA GLU J 135 2.08 -53.84 -39.07
C GLU J 135 0.66 -53.34 -39.25
N LEU J 136 0.37 -52.64 -40.37
CA LEU J 136 -1.01 -52.40 -40.79
C LEU J 136 -1.50 -53.47 -41.75
N SER J 137 -0.60 -54.22 -42.39
CA SER J 137 -0.98 -55.36 -43.18
C SER J 137 -1.31 -56.57 -42.34
N ARG J 138 -0.78 -56.65 -41.12
CA ARG J 138 -1.11 -57.73 -40.20
C ARG J 138 -2.52 -57.54 -39.64
N ALA J 139 -2.73 -56.46 -38.88
CA ALA J 139 -4.01 -56.26 -38.20
C ALA J 139 -5.19 -56.31 -39.18
N LYS J 140 -4.98 -56.02 -40.46
CA LYS J 140 -6.05 -56.18 -41.43
C LYS J 140 -6.38 -57.65 -41.61
N LYS J 141 -5.37 -58.47 -41.91
CA LYS J 141 -5.55 -59.91 -42.01
C LYS J 141 -5.88 -60.56 -40.67
N GLN J 142 -5.80 -59.82 -39.56
CA GLN J 142 -6.24 -60.29 -38.26
C GLN J 142 -7.63 -59.77 -37.89
N ALA J 143 -8.36 -59.21 -38.87
CA ALA J 143 -9.76 -58.85 -38.68
C ALA J 143 -9.95 -57.78 -37.61
N ALA J 144 -8.94 -56.94 -37.40
CA ALA J 144 -8.97 -55.98 -36.31
C ALA J 144 -10.29 -55.21 -36.33
N PRO J 145 -10.92 -54.98 -35.17
CA PRO J 145 -12.19 -54.24 -35.18
C PRO J 145 -12.03 -52.76 -35.50
N VAL J 146 -10.85 -52.19 -35.26
CA VAL J 146 -10.61 -50.75 -35.41
C VAL J 146 -9.48 -50.56 -36.41
N THR J 147 -9.76 -49.85 -37.49
CA THR J 147 -8.79 -49.68 -38.57
C THR J 147 -8.40 -48.22 -38.75
N LEU J 148 -7.81 -47.89 -39.90
CA LEU J 148 -7.30 -46.56 -40.17
C LEU J 148 -7.91 -45.98 -41.44
N GLN J 149 -8.07 -44.65 -41.46
CA GLN J 149 -8.53 -43.94 -42.64
C GLN J 149 -7.75 -42.65 -42.77
N LEU J 150 -7.27 -42.36 -43.98
CA LEU J 150 -6.52 -41.13 -44.26
C LEU J 150 -7.27 -40.34 -45.32
N LEU J 151 -7.65 -39.12 -45.00
CA LEU J 151 -8.31 -38.23 -45.95
C LEU J 151 -7.39 -37.09 -46.32
N PHE J 152 -7.35 -36.78 -47.61
CA PHE J 152 -6.54 -35.70 -48.15
C PHE J 152 -7.52 -34.76 -48.86
N LEU J 153 -8.20 -33.92 -48.09
CA LEU J 153 -9.35 -33.21 -48.58
C LEU J 153 -8.96 -31.99 -49.40
N ASP J 154 -9.78 -31.64 -50.38
CA ASP J 154 -9.55 -30.48 -51.21
C ASP J 154 -10.40 -29.32 -50.70
N GLY J 155 -10.47 -28.24 -51.48
CA GLY J 155 -11.36 -27.14 -51.19
C GLY J 155 -10.93 -26.21 -50.07
N GLU J 156 -10.30 -26.75 -49.02
CA GLU J 156 -10.03 -26.06 -47.76
C GLU J 156 -10.07 -24.54 -47.87
N GLU J 157 -9.03 -23.94 -48.44
CA GLU J 157 -8.87 -22.50 -48.36
C GLU J 157 -9.97 -21.82 -49.15
N ALA J 158 -10.38 -20.63 -48.68
CA ALA J 158 -11.28 -19.80 -49.45
C ALA J 158 -10.69 -19.60 -50.83
N LEU J 159 -11.51 -19.19 -51.79
CA LEU J 159 -10.97 -18.83 -53.10
C LEU J 159 -10.79 -17.34 -53.24
N LYS J 160 -11.61 -16.51 -52.59
CA LYS J 160 -11.34 -15.08 -52.59
C LYS J 160 -11.97 -14.33 -51.41
N GLU J 161 -12.15 -15.01 -50.28
CA GLU J 161 -12.62 -14.40 -49.05
C GLU J 161 -13.28 -15.45 -48.15
N TRP J 162 -12.63 -15.77 -47.03
CA TRP J 162 -13.19 -16.70 -46.05
C TRP J 162 -14.68 -16.48 -45.87
N GLY J 163 -15.44 -17.57 -45.91
CA GLY J 163 -16.87 -17.47 -45.88
C GLY J 163 -17.54 -18.82 -45.70
N PRO J 164 -18.75 -18.83 -45.14
CA PRO J 164 -19.42 -20.11 -44.90
C PRO J 164 -19.70 -20.88 -46.18
N LYS J 165 -19.94 -20.19 -47.28
CA LYS J 165 -20.13 -20.82 -48.58
C LYS J 165 -18.95 -20.63 -49.49
N ASP J 166 -17.89 -19.98 -49.02
CA ASP J 166 -16.59 -19.99 -49.67
C ASP J 166 -15.60 -20.42 -48.60
N SER J 167 -15.33 -21.73 -48.52
CA SER J 167 -14.43 -22.32 -47.53
C SER J 167 -14.79 -23.78 -47.30
N LEU J 168 -13.77 -24.65 -47.21
CA LEU J 168 -13.97 -26.02 -46.77
C LEU J 168 -14.88 -26.79 -47.73
N TYR J 169 -14.64 -26.59 -49.03
CA TYR J 169 -15.43 -27.30 -50.03
C TYR J 169 -15.23 -28.81 -49.94
N GLY J 170 -14.02 -29.25 -49.59
CA GLY J 170 -13.75 -30.67 -49.51
C GLY J 170 -14.32 -31.33 -48.28
N SER J 171 -14.43 -30.57 -47.18
CA SER J 171 -14.92 -31.12 -45.93
C SER J 171 -16.45 -31.04 -45.82
N ARG J 172 -17.02 -29.89 -46.15
CA ARG J 172 -18.48 -29.78 -46.16
C ARG J 172 -19.11 -30.86 -47.02
N HIS J 173 -18.42 -31.26 -48.07
CA HIS J 173 -18.93 -32.30 -48.97
C HIS J 173 -18.73 -33.69 -48.36
N LEU J 174 -17.48 -34.07 -48.10
CA LEU J 174 -17.19 -35.42 -47.63
C LEU J 174 -17.96 -35.78 -46.37
N ALA J 175 -18.29 -34.80 -45.53
CA ALA J 175 -19.16 -35.09 -44.40
C ALA J 175 -20.57 -35.35 -44.87
N GLN J 176 -21.14 -34.42 -45.65
CA GLN J 176 -22.45 -34.64 -46.24
C GLN J 176 -22.55 -36.03 -46.86
N LEU J 177 -21.60 -36.38 -47.71
CA LEU J 177 -21.50 -37.73 -48.24
C LEU J 177 -21.50 -38.74 -47.10
N MET J 178 -20.43 -38.72 -46.29
CA MET J 178 -20.27 -39.73 -45.24
C MET J 178 -21.50 -39.83 -44.34
N GLU J 179 -22.36 -38.80 -44.33
CA GLU J 179 -23.62 -38.88 -43.60
C GLU J 179 -24.65 -39.73 -44.32
N SER J 180 -24.63 -39.74 -45.65
CA SER J 180 -25.64 -40.45 -46.43
C SER J 180 -25.30 -41.92 -46.68
N ILE J 181 -24.14 -42.38 -46.27
CA ILE J 181 -23.69 -43.75 -46.55
C ILE J 181 -23.97 -44.60 -45.31
N PRO J 182 -24.81 -45.64 -45.40
CA PRO J 182 -25.01 -46.56 -44.27
C PRO J 182 -23.71 -47.24 -43.84
N HIS J 183 -23.76 -47.88 -42.68
CA HIS J 183 -22.62 -48.61 -42.13
C HIS J 183 -23.10 -49.48 -40.98
N SER J 184 -22.31 -50.52 -40.68
CA SER J 184 -22.63 -51.50 -39.64
C SER J 184 -21.49 -51.67 -38.62
N PRO J 185 -21.67 -51.18 -37.38
CA PRO J 185 -22.84 -50.67 -36.66
C PRO J 185 -23.52 -49.46 -37.31
N GLY J 186 -22.84 -48.32 -37.31
CA GLY J 186 -23.37 -47.14 -37.92
C GLY J 186 -24.18 -46.28 -36.97
N PRO J 187 -25.30 -45.71 -37.43
CA PRO J 187 -25.95 -45.98 -38.72
C PRO J 187 -25.15 -45.59 -39.96
N THR J 188 -24.57 -44.38 -40.02
CA THR J 188 -23.91 -43.89 -41.22
C THR J 188 -22.39 -44.02 -41.12
N ARG J 189 -21.70 -43.65 -42.20
CA ARG J 189 -20.23 -43.69 -42.22
C ARG J 189 -19.65 -42.73 -41.19
N ILE J 190 -20.32 -41.60 -40.96
CA ILE J 190 -19.95 -40.63 -39.92
C ILE J 190 -19.56 -41.37 -38.64
N GLN J 191 -20.43 -42.25 -38.18
CA GLN J 191 -20.26 -42.92 -36.90
C GLN J 191 -19.17 -43.98 -36.91
N ALA J 192 -18.45 -44.16 -38.03
CA ALA J 192 -17.26 -45.00 -38.06
C ALA J 192 -16.01 -44.21 -37.73
N ILE J 193 -16.16 -42.93 -37.38
CA ILE J 193 -15.03 -42.06 -37.07
C ILE J 193 -14.86 -42.04 -35.57
N GLU J 194 -14.16 -43.03 -35.03
CA GLU J 194 -13.89 -43.06 -33.59
C GLU J 194 -13.16 -41.79 -33.16
N LEU J 195 -12.32 -41.24 -34.03
CA LEU J 195 -11.48 -40.11 -33.66
C LEU J 195 -10.97 -39.43 -34.92
N PHE J 196 -11.21 -38.11 -35.01
CA PHE J 196 -10.90 -37.33 -36.21
C PHE J 196 -9.73 -36.39 -35.89
N MET J 197 -8.53 -36.81 -36.26
CA MET J 197 -7.29 -36.12 -35.91
C MET J 197 -6.80 -35.39 -37.15
N LEU J 198 -6.97 -34.06 -37.16
CA LEU J 198 -6.72 -33.23 -38.34
C LEU J 198 -5.37 -32.52 -38.20
N LEU J 199 -4.38 -32.96 -38.98
CA LEU J 199 -3.11 -32.26 -39.06
C LEU J 199 -3.25 -31.00 -39.90
N ASP J 200 -2.67 -29.90 -39.43
CA ASP J 200 -2.72 -28.66 -40.18
C ASP J 200 -1.66 -27.71 -39.65
N LEU J 201 -0.95 -27.05 -40.57
CA LEU J 201 0.06 -26.05 -40.23
C LEU J 201 1.23 -26.66 -39.46
N LEU J 202 1.86 -27.64 -40.06
CA LEU J 202 3.03 -28.27 -39.48
C LEU J 202 4.25 -28.03 -40.36
N GLY J 203 5.42 -27.97 -39.72
CA GLY J 203 6.67 -27.90 -40.43
C GLY J 203 7.60 -26.83 -39.90
N ALA J 204 7.10 -25.62 -39.75
CA ALA J 204 7.88 -24.51 -39.22
C ALA J 204 8.54 -24.93 -37.91
N PRO J 205 9.60 -24.25 -37.48
CA PRO J 205 10.30 -24.67 -36.26
C PRO J 205 9.52 -24.30 -35.01
N ASN J 206 9.84 -25.01 -33.93
CA ASN J 206 9.32 -24.72 -32.61
C ASN J 206 7.86 -24.31 -32.68
N PRO J 207 6.95 -25.28 -32.72
CA PRO J 207 5.52 -24.99 -32.64
C PRO J 207 5.00 -25.25 -31.25
N THR J 208 3.70 -25.05 -31.03
CA THR J 208 3.09 -25.33 -29.75
C THR J 208 1.63 -25.71 -29.97
N PHE J 209 1.23 -26.86 -29.44
CA PHE J 209 -0.11 -27.38 -29.64
C PHE J 209 -0.90 -27.38 -28.34
N TYR J 210 -2.20 -27.18 -28.47
CA TYR J 210 -3.12 -27.23 -27.34
C TYR J 210 -4.36 -28.00 -27.74
N SER J 211 -5.01 -28.60 -26.74
CA SER J 211 -6.21 -29.40 -26.95
C SER J 211 -7.42 -28.47 -27.00
N HIS J 212 -7.87 -28.17 -28.21
CA HIS J 212 -9.06 -27.33 -28.39
C HIS J 212 -10.35 -28.10 -28.23
N PHE J 213 -10.30 -29.36 -27.77
CA PHE J 213 -11.51 -30.12 -27.58
C PHE J 213 -11.39 -30.97 -26.31
N PRO J 214 -12.22 -30.71 -25.30
CA PRO J 214 -12.18 -31.54 -24.09
C PRO J 214 -12.63 -32.98 -24.28
N ARG J 215 -13.61 -33.23 -25.17
CA ARG J 215 -13.98 -34.62 -25.39
C ARG J 215 -12.78 -35.46 -25.80
N THR J 216 -11.74 -34.83 -26.32
CA THR J 216 -10.62 -35.53 -26.94
C THR J 216 -9.30 -35.32 -26.21
N VAL J 217 -9.29 -34.53 -25.13
CA VAL J 217 -8.07 -34.25 -24.38
C VAL J 217 -7.40 -35.52 -23.89
N ARG J 218 -8.10 -36.65 -23.93
CA ARG J 218 -7.52 -37.92 -23.50
C ARG J 218 -6.37 -38.33 -24.43
N TRP J 219 -6.51 -38.03 -25.72
CA TRP J 219 -5.51 -38.48 -26.70
C TRP J 219 -4.33 -37.51 -26.76
N PHE J 220 -4.63 -36.21 -26.81
CA PHE J 220 -3.59 -35.20 -26.61
C PHE J 220 -2.69 -35.60 -25.44
N HIS J 221 -3.30 -35.92 -24.28
CA HIS J 221 -2.53 -36.37 -23.13
C HIS J 221 -1.63 -37.54 -23.46
N ARG J 222 -2.04 -38.39 -24.43
CA ARG J 222 -1.16 -39.45 -24.87
C ARG J 222 -0.19 -38.99 -25.93
N LEU J 223 -0.59 -38.01 -26.75
CA LEU J 223 0.38 -37.33 -27.59
C LEU J 223 1.44 -36.64 -26.73
N ARG J 224 0.98 -35.85 -25.75
CA ARG J 224 1.88 -35.14 -24.85
C ARG J 224 2.69 -36.07 -23.96
N SER J 225 2.38 -37.37 -23.95
CA SER J 225 3.19 -38.35 -23.23
C SER J 225 3.94 -39.26 -24.19
N ILE J 226 4.12 -38.83 -25.44
CA ILE J 226 5.00 -39.50 -26.39
C ILE J 226 6.26 -38.67 -26.53
N GLU J 227 6.09 -37.41 -26.93
CA GLU J 227 7.12 -36.41 -26.73
C GLU J 227 7.58 -36.52 -25.28
N LYS J 228 8.54 -37.40 -25.04
CA LYS J 228 8.74 -38.01 -23.73
C LYS J 228 7.73 -39.16 -23.72
N ARG J 229 8.18 -40.41 -23.65
CA ARG J 229 9.57 -40.76 -23.43
C ARG J 229 10.46 -40.58 -24.67
N LEU J 230 9.85 -40.52 -25.87
CA LEU J 230 10.63 -40.40 -27.11
C LEU J 230 11.82 -39.47 -26.93
N HIS J 231 11.67 -38.48 -26.07
CA HIS J 231 12.80 -37.67 -25.62
C HIS J 231 13.65 -38.45 -24.61
N ARG J 232 13.04 -38.85 -23.50
CA ARG J 232 13.79 -39.29 -22.33
C ARG J 232 14.69 -40.50 -22.60
N LEU J 233 14.45 -41.23 -23.69
CA LEU J 233 15.34 -42.29 -24.12
C LEU J 233 16.27 -41.83 -25.21
N ASN J 234 16.03 -40.63 -25.74
CA ASN J 234 16.89 -39.99 -26.72
C ASN J 234 16.52 -40.46 -28.11
N LEU J 235 15.35 -40.04 -28.57
CA LEU J 235 14.93 -40.27 -29.94
C LEU J 235 14.35 -39.00 -30.56
N LEU J 236 14.73 -37.84 -30.03
CA LEU J 236 14.26 -36.56 -30.55
C LEU J 236 15.43 -35.59 -30.65
N GLN J 237 15.83 -35.29 -31.89
CA GLN J 237 16.69 -34.16 -32.18
C GLN J 237 16.05 -32.84 -31.77
N SER J 238 16.90 -31.81 -31.66
CA SER J 238 16.45 -30.44 -31.41
C SER J 238 15.34 -30.40 -30.38
N HIS J 239 15.57 -31.10 -29.28
CA HIS J 239 14.57 -31.27 -28.22
C HIS J 239 15.26 -31.19 -26.87
N PRO J 240 15.68 -30.00 -26.46
CA PRO J 240 16.30 -29.83 -25.15
C PRO J 240 15.35 -30.09 -24.00
N GLN J 241 14.28 -29.28 -23.92
CA GLN J 241 13.27 -29.47 -22.90
C GLN J 241 12.55 -30.79 -23.09
N GLU J 242 12.05 -31.35 -21.99
CA GLU J 242 11.34 -32.61 -22.04
C GLU J 242 10.04 -32.48 -22.83
N VAL J 243 9.22 -31.50 -22.47
CA VAL J 243 7.96 -31.22 -23.16
C VAL J 243 8.14 -29.91 -23.93
N MET J 244 7.94 -29.95 -25.25
CA MET J 244 8.08 -28.75 -26.07
C MET J 244 6.92 -28.52 -27.04
N TYR J 245 6.44 -29.56 -27.73
CA TYR J 245 5.44 -29.38 -28.77
C TYR J 245 4.02 -29.34 -28.22
N PHE J 246 3.64 -30.34 -27.41
CA PHE J 246 2.27 -30.47 -26.92
C PHE J 246 2.20 -29.97 -25.49
N GLN J 247 1.58 -28.83 -25.31
CA GLN J 247 1.65 -28.18 -24.00
C GLN J 247 0.35 -28.37 -23.23
N PRO J 248 0.41 -28.25 -21.92
CA PRO J 248 -0.82 -28.21 -21.13
C PRO J 248 -1.55 -26.88 -21.30
N GLY J 249 -2.86 -26.97 -21.23
CA GLY J 249 -3.72 -25.83 -21.49
C GLY J 249 -5.01 -26.32 -22.09
N GLU J 250 -5.86 -25.36 -22.48
CA GLU J 250 -7.13 -25.60 -23.17
C GLU J 250 -8.03 -24.38 -22.97
N PRO J 251 -7.83 -23.31 -23.76
CA PRO J 251 -8.51 -22.03 -23.46
C PRO J 251 -9.78 -21.74 -24.25
N PHE J 252 -10.11 -22.59 -25.22
CA PHE J 252 -11.27 -22.39 -26.06
C PHE J 252 -11.12 -21.15 -26.97
N GLY J 253 -11.25 -21.32 -28.28
CA GLY J 253 -11.60 -22.59 -28.92
C GLY J 253 -10.74 -22.83 -30.11
N SER J 254 -11.39 -23.11 -31.21
CA SER J 254 -10.71 -23.54 -32.41
C SER J 254 -10.73 -22.41 -33.42
N VAL J 255 -9.88 -22.59 -34.41
CA VAL J 255 -9.92 -21.82 -35.63
C VAL J 255 -10.62 -22.68 -36.66
N GLU J 256 -11.54 -22.07 -37.42
CA GLU J 256 -12.27 -22.85 -38.42
C GLU J 256 -11.29 -23.62 -39.28
N ASP J 257 -11.66 -24.84 -39.66
CA ASP J 257 -10.79 -25.66 -40.49
C ASP J 257 -11.53 -26.85 -41.08
N ASP J 258 -10.79 -27.88 -41.50
CA ASP J 258 -11.37 -29.03 -42.16
C ASP J 258 -12.26 -29.87 -41.25
N HIS J 259 -12.30 -29.58 -39.96
CA HIS J 259 -13.02 -30.38 -39.00
C HIS J 259 -14.43 -29.87 -38.72
N ILE J 260 -14.77 -28.67 -39.16
CA ILE J 260 -16.05 -28.07 -38.80
C ILE J 260 -17.22 -28.92 -39.28
N PRO J 261 -17.32 -29.29 -40.55
CA PRO J 261 -18.50 -30.06 -40.99
C PRO J 261 -18.66 -31.35 -40.22
N PHE J 262 -17.56 -32.03 -39.92
CA PHE J 262 -17.62 -33.26 -39.13
C PHE J 262 -17.97 -32.99 -37.68
N LEU J 263 -17.88 -31.75 -37.21
CA LEU J 263 -18.36 -31.43 -35.87
C LEU J 263 -19.85 -31.13 -35.87
N ARG J 264 -20.38 -30.60 -36.98
CA ARG J 264 -21.82 -30.36 -37.08
C ARG J 264 -22.60 -31.66 -36.90
N ARG J 265 -22.05 -32.77 -37.41
CA ARG J 265 -22.68 -34.07 -37.25
C ARG J 265 -22.22 -34.77 -35.97
N GLY J 266 -21.27 -34.19 -35.24
CA GLY J 266 -20.94 -34.66 -33.90
C GLY J 266 -19.72 -35.57 -33.82
N VAL J 267 -18.70 -35.32 -34.63
CA VAL J 267 -17.52 -36.18 -34.63
C VAL J 267 -16.58 -35.75 -33.52
N PRO J 268 -15.87 -36.69 -32.87
CA PRO J 268 -14.81 -36.30 -31.94
C PRO J 268 -13.61 -35.76 -32.69
N VAL J 269 -13.10 -34.60 -32.27
CA VAL J 269 -12.07 -33.88 -33.01
C VAL J 269 -10.89 -33.59 -32.11
N LEU J 270 -9.70 -33.99 -32.56
CA LEU J 270 -8.44 -33.53 -32.01
C LEU J 270 -7.80 -32.67 -33.09
N HIS J 271 -7.76 -31.36 -32.87
CA HIS J 271 -7.25 -30.40 -33.86
C HIS J 271 -5.75 -30.27 -33.66
N LEU J 272 -4.99 -30.92 -34.53
CA LEU J 272 -3.53 -30.96 -34.40
C LEU J 272 -2.87 -29.80 -35.14
N ILE J 273 -3.33 -28.59 -34.85
CA ILE J 273 -2.85 -27.38 -35.52
C ILE J 273 -1.93 -26.63 -34.57
N SER J 274 -0.85 -26.05 -35.13
CA SER J 274 0.04 -25.21 -34.34
C SER J 274 -0.61 -23.86 -34.05
N THR J 275 -0.56 -23.47 -32.78
CA THR J 275 -0.98 -22.14 -32.37
C THR J 275 0.05 -21.63 -31.35
N PRO J 276 0.71 -20.49 -31.65
CA PRO J 276 0.47 -19.55 -32.74
C PRO J 276 0.80 -20.09 -34.13
N PHE J 277 0.06 -19.62 -35.13
CA PHE J 277 0.30 -19.94 -36.54
C PHE J 277 1.77 -19.69 -36.86
N PRO J 278 2.31 -20.27 -37.93
CA PRO J 278 3.74 -20.09 -38.18
C PRO J 278 4.03 -18.69 -38.64
N ALA J 279 5.26 -18.24 -38.36
CA ALA J 279 5.66 -16.90 -38.79
C ALA J 279 5.42 -16.70 -40.27
N VAL J 280 5.66 -17.74 -41.06
CA VAL J 280 5.65 -17.65 -42.52
C VAL J 280 4.23 -17.69 -43.04
N TRP J 281 3.24 -17.62 -42.14
CA TRP J 281 1.83 -17.82 -42.49
C TRP J 281 1.44 -17.02 -43.73
N HIS J 282 0.40 -17.47 -44.41
CA HIS J 282 -0.19 -16.83 -45.58
C HIS J 282 0.67 -15.69 -46.13
N THR J 283 1.87 -16.05 -46.54
CA THR J 283 2.78 -15.24 -47.34
C THR J 283 3.23 -16.14 -48.47
N PRO J 284 4.05 -15.65 -49.41
CA PRO J 284 4.74 -16.57 -50.31
C PRO J 284 5.99 -17.19 -49.70
N ALA J 285 6.24 -16.92 -48.43
CA ALA J 285 7.41 -17.42 -47.74
C ALA J 285 7.24 -18.87 -47.30
N ASP J 286 6.08 -19.47 -47.50
CA ASP J 286 5.87 -20.86 -47.11
C ASP J 286 6.62 -21.74 -48.09
N THR J 287 7.82 -22.17 -47.70
CA THR J 287 8.71 -22.85 -48.62
C THR J 287 9.53 -23.87 -47.86
N GLU J 288 10.18 -24.74 -48.65
CA GLU J 288 11.03 -25.77 -48.10
C GLU J 288 12.15 -25.21 -47.24
N VAL J 289 12.56 -23.97 -47.47
CA VAL J 289 13.71 -23.40 -46.77
C VAL J 289 13.24 -22.66 -45.52
N ASN J 290 11.97 -22.81 -45.16
CA ASN J 290 11.43 -22.21 -43.94
C ASN J 290 10.81 -23.25 -43.03
N LEU J 291 11.12 -24.52 -43.26
CA LEU J 291 10.71 -25.62 -42.41
C LEU J 291 11.89 -26.04 -41.53
N HIS J 292 11.56 -26.66 -40.40
CA HIS J 292 12.54 -27.22 -39.48
C HIS J 292 12.54 -28.73 -39.67
N PRO J 293 13.46 -29.30 -40.44
CA PRO J 293 13.46 -30.75 -40.64
C PRO J 293 13.54 -31.50 -39.32
N PRO J 294 14.31 -31.02 -38.33
CA PRO J 294 14.32 -31.75 -37.05
C PRO J 294 12.91 -31.91 -36.49
N THR J 295 12.14 -30.82 -36.46
CA THR J 295 10.77 -30.91 -35.95
C THR J 295 9.94 -31.89 -36.77
N VAL J 296 10.05 -31.82 -38.10
CA VAL J 296 9.18 -32.61 -38.96
C VAL J 296 9.39 -34.09 -38.73
N HIS J 297 10.65 -34.52 -38.69
CA HIS J 297 10.93 -35.93 -38.41
C HIS J 297 10.71 -36.25 -36.95
N ASN J 298 10.88 -35.28 -36.07
CA ASN J 298 10.50 -35.44 -34.67
C ASN J 298 9.02 -35.21 -34.45
N LEU J 299 8.28 -34.85 -35.50
CA LEU J 299 6.83 -34.83 -35.45
C LEU J 299 6.22 -36.10 -35.98
N CYS J 300 6.92 -36.78 -36.90
CA CYS J 300 6.47 -38.06 -37.39
C CYS J 300 6.79 -39.18 -36.42
N ARG J 301 7.91 -39.07 -35.71
CA ARG J 301 8.26 -40.08 -34.71
C ARG J 301 7.25 -40.15 -33.59
N ILE J 302 6.48 -39.08 -33.38
CA ILE J 302 5.39 -39.12 -32.42
C ILE J 302 4.16 -39.76 -33.03
N LEU J 303 3.77 -39.29 -34.21
CA LEU J 303 2.58 -39.83 -34.86
C LEU J 303 2.70 -41.32 -35.13
N ALA J 304 3.86 -41.77 -35.59
CA ALA J 304 4.06 -43.19 -35.81
C ALA J 304 3.73 -43.99 -34.55
N VAL J 305 4.41 -43.67 -33.45
CA VAL J 305 4.18 -44.40 -32.21
C VAL J 305 2.73 -44.25 -31.77
N PHE J 306 2.18 -43.04 -31.88
CA PHE J 306 0.78 -42.86 -31.50
C PHE J 306 -0.11 -43.81 -32.27
N LEU J 307 0.12 -43.95 -33.58
CA LEU J 307 -0.70 -44.86 -34.38
C LEU J 307 -0.53 -46.29 -33.91
N ALA J 308 0.70 -46.70 -33.62
CA ALA J 308 0.92 -48.05 -33.12
C ALA J 308 0.15 -48.29 -31.82
N GLU J 309 0.07 -47.27 -30.97
CA GLU J 309 -0.63 -47.43 -29.70
C GLU J 309 -2.14 -47.28 -29.82
N TYR J 310 -2.63 -46.58 -30.84
CA TYR J 310 -4.06 -46.46 -31.05
C TYR J 310 -4.63 -47.61 -31.86
N LEU J 311 -3.80 -48.32 -32.63
CA LEU J 311 -4.25 -49.48 -33.38
C LEU J 311 -3.56 -50.76 -32.92
N GLY J 312 -2.77 -50.68 -31.85
CA GLY J 312 -2.20 -51.88 -31.24
C GLY J 312 -1.36 -52.72 -32.18
N LEU J 313 -0.54 -52.08 -33.01
CA LEU J 313 0.17 -52.78 -34.07
C LEU J 313 1.55 -53.21 -33.60
N VAL K 1 8.59 -11.90 -77.64
CA VAL K 1 9.15 -10.59 -77.93
C VAL K 1 8.24 -9.45 -77.38
N PRO K 2 6.95 -9.76 -77.00
CA PRO K 2 6.14 -8.75 -76.26
C PRO K 2 5.86 -9.11 -74.80
N LEU K 3 5.15 -8.23 -74.10
CA LEU K 3 4.98 -8.34 -72.63
C LEU K 3 3.61 -7.75 -72.23
N ILE K 4 3.48 -7.38 -70.94
CA ILE K 4 2.20 -6.93 -70.39
C ILE K 4 1.66 -5.69 -71.10
N GLY K 5 0.34 -5.60 -71.17
CA GLY K 5 -0.33 -4.43 -71.69
C GLY K 5 0.05 -4.15 -73.13
N SER K 6 0.67 -5.14 -73.77
CA SER K 6 1.24 -4.97 -75.10
C SER K 6 0.21 -4.44 -76.08
N LEU K 7 0.65 -4.24 -77.33
CA LEU K 7 -0.23 -3.88 -78.42
C LEU K 7 -0.28 -5.02 -79.42
N PRO K 8 -1.47 -5.53 -79.76
CA PRO K 8 -1.55 -6.48 -80.88
C PRO K 8 -0.99 -5.86 -82.14
N GLU K 9 -0.22 -6.65 -82.91
CA GLU K 9 0.44 -6.15 -84.11
C GLU K 9 -0.52 -5.38 -85.01
N ALA K 10 -1.83 -5.49 -84.75
CA ALA K 10 -2.82 -4.72 -85.50
C ALA K 10 -2.88 -3.27 -85.04
N ARG K 11 -2.80 -3.03 -83.73
CA ARG K 11 -2.84 -1.66 -83.21
C ARG K 11 -1.49 -0.98 -83.20
N LEU K 12 -0.41 -1.75 -83.24
CA LEU K 12 0.92 -1.14 -83.26
C LEU K 12 1.19 -0.47 -84.60
N ARG K 13 1.00 -1.22 -85.70
CA ARG K 13 1.20 -0.66 -87.02
C ARG K 13 0.21 0.47 -87.32
N ARG K 14 -0.98 0.41 -86.71
CA ARG K 14 -1.98 1.46 -86.89
C ARG K 14 -1.62 2.71 -86.10
N VAL K 15 -0.96 2.56 -84.95
CA VAL K 15 -0.52 3.71 -84.17
C VAL K 15 0.68 4.37 -84.81
N VAL K 16 1.63 3.56 -85.30
CA VAL K 16 2.79 4.10 -85.98
C VAL K 16 2.37 4.93 -87.19
N GLY K 17 1.38 4.44 -87.94
CA GLY K 17 1.03 5.08 -89.19
C GLY K 17 0.56 6.51 -89.01
N GLN K 18 -0.24 6.77 -87.97
CA GLN K 18 -0.74 8.12 -87.74
C GLN K 18 0.40 9.12 -87.59
N LEU K 19 1.60 8.66 -87.29
CA LEU K 19 2.73 9.56 -87.24
C LEU K 19 2.98 10.17 -88.61
N ASP K 20 3.64 11.32 -88.62
CA ASP K 20 3.72 12.17 -89.80
C ASP K 20 5.11 12.80 -89.84
N PRO K 21 6.07 12.14 -90.50
CA PRO K 21 7.45 12.66 -90.51
C PRO K 21 7.58 14.11 -90.95
N GLN K 22 6.94 14.48 -92.06
CA GLN K 22 7.05 15.85 -92.54
C GLN K 22 6.32 16.81 -91.61
N ARG K 23 5.31 16.33 -90.89
CA ARG K 23 4.65 17.14 -89.87
C ARG K 23 5.49 17.25 -88.61
N LEU K 24 6.36 16.27 -88.37
CA LEU K 24 7.35 16.38 -87.30
C LEU K 24 8.47 17.34 -87.69
N TRP K 25 9.02 17.16 -88.89
CA TRP K 25 10.26 17.83 -89.27
C TRP K 25 10.05 19.25 -89.78
N SER K 26 8.83 19.62 -90.16
CA SER K 26 8.59 20.93 -90.78
C SER K 26 7.58 21.79 -90.04
N THR K 27 6.57 21.22 -89.40
CA THR K 27 5.52 22.01 -88.75
C THR K 27 5.80 22.26 -87.28
N TYR K 28 6.33 21.26 -86.57
CA TYR K 28 6.57 21.37 -85.14
C TYR K 28 8.04 21.58 -84.80
N LEU K 29 8.95 21.11 -85.65
CA LEU K 29 10.38 21.25 -85.42
C LEU K 29 10.93 22.57 -85.94
N ARG K 30 10.79 22.81 -87.24
CA ARG K 30 11.47 23.94 -87.86
C ARG K 30 11.11 25.30 -87.28
N PRO K 31 9.87 25.58 -86.84
CA PRO K 31 9.59 26.88 -86.19
C PRO K 31 10.11 27.00 -84.77
N LEU K 32 10.84 26.00 -84.28
CA LEU K 32 11.44 26.05 -82.96
C LEU K 32 12.94 26.30 -82.98
N LEU K 33 13.58 26.08 -84.12
CA LEU K 33 15.03 26.28 -84.24
C LEU K 33 15.37 27.76 -84.28
N VAL K 34 14.96 28.49 -83.25
CA VAL K 34 15.29 29.90 -83.09
C VAL K 34 16.00 30.07 -81.75
N VAL K 35 16.74 31.17 -81.62
CA VAL K 35 17.30 31.53 -80.31
C VAL K 35 16.15 31.96 -79.42
N ARG K 36 15.90 31.20 -78.37
CA ARG K 36 14.68 31.33 -77.56
C ARG K 36 15.00 31.36 -76.07
N THR K 37 15.95 32.21 -75.67
CA THR K 37 16.34 32.32 -74.28
C THR K 37 15.29 33.10 -73.48
N PRO K 38 15.34 33.02 -72.15
CA PRO K 38 14.28 33.64 -71.33
C PRO K 38 14.04 35.11 -71.64
N GLY K 39 12.76 35.48 -71.65
CA GLY K 39 12.33 36.86 -71.80
C GLY K 39 12.65 37.49 -73.15
N SER K 40 13.10 36.70 -74.11
CA SER K 40 13.65 37.20 -75.36
C SER K 40 12.56 37.42 -76.39
N PRO K 41 12.90 37.82 -77.62
CA PRO K 41 11.91 37.77 -78.70
C PRO K 41 11.63 36.35 -79.16
N GLY K 42 12.65 35.48 -79.13
CA GLY K 42 12.48 34.11 -79.56
C GLY K 42 11.88 33.19 -78.53
N ASN K 43 11.66 33.66 -77.30
CA ASN K 43 11.14 32.80 -76.25
C ASN K 43 9.62 32.89 -76.09
N LEU K 44 9.01 34.06 -76.34
CA LEU K 44 7.55 34.13 -76.37
C LEU K 44 6.96 33.80 -77.74
N GLN K 45 7.79 33.71 -78.77
CA GLN K 45 7.32 33.29 -80.08
C GLN K 45 6.92 31.82 -80.05
N VAL K 46 7.79 30.98 -79.48
CA VAL K 46 7.48 29.56 -79.36
C VAL K 46 6.48 29.32 -78.22
N ARG K 47 6.50 30.14 -77.16
CA ARG K 47 5.64 29.89 -76.02
C ARG K 47 4.16 29.87 -76.40
N LYS K 48 3.79 30.63 -77.42
CA LYS K 48 2.42 30.59 -77.92
C LYS K 48 2.26 29.57 -79.04
N PHE K 49 3.30 29.38 -79.87
CA PHE K 49 3.25 28.31 -80.87
C PHE K 49 2.91 26.98 -80.22
N LEU K 50 3.36 26.76 -78.99
CA LEU K 50 2.97 25.56 -78.26
C LEU K 50 1.58 25.72 -77.65
N GLU K 51 1.34 26.86 -76.99
CA GLU K 51 0.06 27.06 -76.29
C GLU K 51 -1.11 26.90 -77.24
N ALA K 52 -0.91 27.16 -78.52
CA ALA K 52 -1.97 27.07 -79.51
C ALA K 52 -2.00 25.75 -80.24
N THR K 53 -0.85 25.23 -80.67
CA THR K 53 -0.81 23.93 -81.30
C THR K 53 -1.51 22.87 -80.45
N LEU K 54 -1.57 23.07 -79.14
CA LEU K 54 -2.17 22.10 -78.24
C LEU K 54 -3.66 22.36 -78.01
N ARG K 55 -4.07 23.62 -77.91
CA ARG K 55 -5.50 23.92 -77.83
C ARG K 55 -6.20 23.55 -79.13
N SER K 56 -5.51 23.68 -80.26
CA SER K 56 -6.07 23.35 -81.57
C SER K 56 -6.36 21.87 -81.73
N LEU K 57 -6.07 21.04 -80.73
CA LEU K 57 -6.25 19.60 -80.84
C LEU K 57 -7.67 19.20 -80.46
N THR K 58 -8.12 18.10 -81.05
CA THR K 58 -9.51 17.68 -80.92
C THR K 58 -9.81 17.16 -79.52
N ALA K 59 -8.86 16.48 -78.90
CA ALA K 59 -9.10 15.85 -77.60
C ALA K 59 -9.38 16.87 -76.52
N GLY K 60 -9.33 18.16 -76.85
CA GLY K 60 -9.69 19.20 -75.89
C GLY K 60 -8.76 19.30 -74.71
N TRP K 61 -7.52 19.74 -74.95
CA TRP K 61 -6.55 19.88 -73.88
C TRP K 61 -6.82 21.16 -73.09
N HIS K 62 -6.48 21.13 -71.80
CA HIS K 62 -6.77 22.24 -70.88
C HIS K 62 -5.48 23.01 -70.57
N VAL K 63 -4.99 23.72 -71.58
CA VAL K 63 -3.72 24.41 -71.47
C VAL K 63 -3.82 25.48 -70.38
N GLU K 64 -2.88 25.44 -69.44
CA GLU K 64 -2.66 26.52 -68.50
C GLU K 64 -1.20 26.98 -68.58
N LEU K 65 -0.98 28.25 -68.26
CA LEU K 65 0.35 28.84 -68.24
C LEU K 65 0.79 29.02 -66.79
N ASP K 66 2.09 28.90 -66.54
CA ASP K 66 2.67 29.23 -65.24
C ASP K 66 3.73 30.30 -65.44
N PRO K 67 3.35 31.58 -65.47
CA PRO K 67 4.33 32.65 -65.52
C PRO K 67 4.70 33.13 -64.13
N PHE K 68 5.85 33.80 -64.04
CA PHE K 68 6.33 34.29 -62.77
C PHE K 68 7.62 35.05 -62.99
N THR K 69 7.99 35.87 -62.00
CA THR K 69 9.25 36.61 -62.00
C THR K 69 10.19 35.95 -61.01
N ALA K 70 11.23 35.32 -61.52
CA ALA K 70 12.29 34.76 -60.68
C ALA K 70 13.45 35.74 -60.61
N SER K 71 14.16 35.71 -59.49
CA SER K 71 15.35 36.54 -59.32
C SER K 71 16.54 35.82 -59.93
N THR K 72 17.26 36.51 -60.79
CA THR K 72 18.43 35.92 -61.40
C THR K 72 19.56 36.94 -61.49
N PRO K 73 20.74 36.53 -61.93
CA PRO K 73 21.85 37.47 -62.00
C PRO K 73 21.70 38.52 -63.09
N LEU K 74 21.11 38.19 -64.24
CA LEU K 74 20.82 39.22 -65.24
C LEU K 74 19.66 40.10 -64.78
N GLY K 75 19.64 40.42 -63.48
CA GLY K 75 18.53 41.11 -62.87
C GLY K 75 17.34 40.19 -62.74
N PRO K 76 16.22 40.74 -62.30
CA PRO K 76 14.96 40.00 -62.35
C PRO K 76 14.60 39.64 -63.78
N VAL K 77 13.89 38.52 -63.94
CA VAL K 77 13.49 38.01 -65.25
C VAL K 77 12.09 37.42 -65.13
N ASP K 78 11.43 37.28 -66.27
CA ASP K 78 10.14 36.62 -66.37
C ASP K 78 10.24 35.36 -67.21
N PHE K 79 9.53 34.33 -66.78
CA PHE K 79 9.53 33.02 -67.42
C PHE K 79 8.09 32.54 -67.56
N GLY K 80 7.88 31.54 -68.42
CA GLY K 80 6.54 31.03 -68.61
C GLY K 80 6.45 29.57 -69.00
N ASN K 81 6.00 28.71 -68.09
CA ASN K 81 5.89 27.28 -68.36
C ASN K 81 4.57 26.96 -69.03
N VAL K 82 4.61 25.98 -69.94
CA VAL K 82 3.43 25.51 -70.66
C VAL K 82 3.02 24.19 -70.03
N VAL K 83 1.99 24.24 -69.19
CA VAL K 83 1.46 23.07 -68.48
C VAL K 83 0.17 22.65 -69.16
N ALA K 84 0.14 21.43 -69.68
CA ALA K 84 -0.98 20.94 -70.48
C ALA K 84 -1.48 19.63 -69.90
N THR K 85 -2.70 19.61 -69.39
CA THR K 85 -3.33 18.41 -68.86
C THR K 85 -4.53 18.07 -69.74
N LEU K 86 -4.47 16.94 -70.43
CA LEU K 86 -5.56 16.53 -71.30
C LEU K 86 -6.89 16.45 -70.55
N ASP K 87 -6.85 16.04 -69.28
CA ASP K 87 -8.06 15.81 -68.51
C ASP K 87 -7.76 16.06 -67.04
N PRO K 88 -7.81 17.33 -66.60
CA PRO K 88 -7.44 17.65 -65.21
C PRO K 88 -8.45 17.21 -64.15
N ARG K 89 -9.28 16.22 -64.45
CA ARG K 89 -10.16 15.62 -63.45
C ARG K 89 -9.85 14.16 -63.20
N ALA K 90 -8.72 13.65 -63.71
CA ALA K 90 -8.37 12.24 -63.60
C ALA K 90 -7.64 11.97 -62.30
N ALA K 91 -7.65 10.70 -61.88
CA ALA K 91 -7.07 10.32 -60.60
C ALA K 91 -5.54 10.45 -60.61
N ARG K 92 -4.91 10.24 -61.75
CA ARG K 92 -3.46 10.39 -61.90
C ARG K 92 -3.18 10.90 -63.31
N HIS K 93 -1.90 11.10 -63.61
CA HIS K 93 -1.52 11.51 -64.96
C HIS K 93 -0.03 11.29 -65.18
N LEU K 94 0.30 10.47 -66.18
CA LEU K 94 1.65 10.45 -66.72
C LEU K 94 2.07 11.85 -67.14
N THR K 95 3.36 12.13 -67.06
CA THR K 95 3.90 13.46 -67.38
C THR K 95 5.17 13.31 -68.20
N LEU K 96 5.13 13.74 -69.46
CA LEU K 96 6.33 13.92 -70.28
C LEU K 96 6.77 15.37 -70.18
N ALA K 97 8.09 15.58 -70.08
CA ALA K 97 8.64 16.91 -69.88
C ALA K 97 9.88 17.12 -70.74
N CYS K 98 10.14 18.39 -71.08
CA CYS K 98 11.30 18.77 -71.88
C CYS K 98 11.59 20.24 -71.62
N HIS K 99 12.64 20.75 -72.26
CA HIS K 99 13.00 22.17 -72.17
C HIS K 99 12.68 22.86 -73.49
N TYR K 100 12.14 24.07 -73.42
CA TYR K 100 11.82 24.80 -74.65
C TYR K 100 12.67 26.04 -74.86
N ASP K 101 13.11 26.70 -73.81
CA ASP K 101 14.10 27.75 -73.97
C ASP K 101 15.43 27.17 -74.47
N SER K 102 16.32 28.06 -74.89
CA SER K 102 17.67 27.71 -75.28
C SER K 102 18.67 28.39 -74.35
N LYS K 103 19.95 28.04 -74.50
CA LYS K 103 20.98 28.60 -73.64
C LYS K 103 21.48 29.92 -74.19
N LEU K 104 21.80 30.84 -73.29
CA LEU K 104 22.26 32.17 -73.66
C LEU K 104 23.78 32.15 -73.80
N PHE K 105 24.24 32.17 -75.04
CA PHE K 105 25.66 32.25 -75.36
C PHE K 105 26.07 33.71 -75.52
N PRO K 106 27.38 33.96 -75.62
CA PRO K 106 27.85 35.35 -75.64
C PRO K 106 27.40 36.06 -76.90
N PRO K 107 27.52 37.39 -76.95
CA PRO K 107 27.16 38.12 -78.16
C PRO K 107 28.16 37.85 -79.28
N GLY K 108 27.78 38.24 -80.49
CA GLY K 108 28.57 37.94 -81.66
C GLY K 108 28.47 36.48 -82.06
N SER K 109 28.60 35.59 -81.08
CA SER K 109 28.49 34.16 -81.25
C SER K 109 27.51 33.77 -82.34
N THR K 110 27.95 32.85 -83.21
CA THR K 110 27.02 32.15 -84.09
C THR K 110 25.79 31.83 -83.25
N PRO K 111 24.60 32.28 -83.64
CA PRO K 111 23.44 32.08 -82.77
C PRO K 111 23.29 30.62 -82.38
N PHE K 112 22.88 30.39 -81.15
CA PHE K 112 22.71 29.03 -80.64
C PHE K 112 21.23 28.70 -80.63
N VAL K 113 20.84 27.74 -81.46
CA VAL K 113 19.44 27.32 -81.56
C VAL K 113 19.18 26.02 -80.81
N GLY K 114 20.21 25.21 -80.57
CA GLY K 114 20.03 24.00 -79.79
C GLY K 114 18.97 23.09 -80.37
N ALA K 115 19.34 22.30 -81.37
CA ALA K 115 18.38 21.44 -82.04
C ALA K 115 18.04 20.22 -81.19
N THR K 116 19.04 19.46 -80.75
CA THR K 116 18.79 18.38 -79.80
C THR K 116 18.43 18.94 -78.44
N ASP K 117 19.35 19.68 -77.83
CA ASP K 117 19.05 20.43 -76.61
C ASP K 117 18.42 21.78 -76.98
N SER K 118 17.14 21.98 -76.72
CA SER K 118 16.20 20.96 -76.26
C SER K 118 15.05 21.04 -77.21
N ALA K 119 15.38 21.39 -78.46
CA ALA K 119 14.35 21.70 -79.44
C ALA K 119 13.61 20.45 -79.89
N VAL K 120 14.34 19.40 -80.26
CA VAL K 120 13.70 18.17 -80.73
C VAL K 120 12.77 17.67 -79.62
N PRO K 121 13.28 17.27 -78.44
CA PRO K 121 12.38 16.88 -77.34
C PRO K 121 11.09 17.68 -77.23
N CYS K 122 11.08 18.95 -77.65
CA CYS K 122 9.82 19.69 -77.68
C CYS K 122 8.91 19.18 -78.79
N ALA K 123 9.49 18.80 -79.93
CA ALA K 123 8.70 18.47 -81.10
C ALA K 123 8.05 17.10 -80.99
N LEU K 124 8.74 16.13 -80.39
CA LEU K 124 8.14 14.81 -80.23
C LEU K 124 6.86 14.89 -79.40
N LEU K 125 6.75 15.88 -78.52
CA LEU K 125 5.56 16.03 -77.70
C LEU K 125 4.44 16.76 -78.44
N LEU K 126 4.75 17.50 -79.49
CA LEU K 126 3.70 17.98 -80.39
C LEU K 126 3.19 16.85 -81.26
N GLU K 127 4.08 16.26 -82.06
CA GLU K 127 3.67 15.19 -82.97
C GLU K 127 2.98 14.04 -82.24
N LEU K 128 3.44 13.72 -81.03
CA LEU K 128 2.81 12.63 -80.28
C LEU K 128 1.44 13.05 -79.76
N ALA K 129 1.25 14.34 -79.44
CA ALA K 129 -0.07 14.82 -79.04
C ALA K 129 -1.03 14.87 -80.22
N GLN K 130 -0.52 14.81 -81.44
CA GLN K 130 -1.36 14.93 -82.64
C GLN K 130 -1.75 13.56 -83.18
N ALA K 131 -0.80 12.85 -83.78
CA ALA K 131 -1.07 11.53 -84.34
C ALA K 131 -2.05 10.73 -83.47
N LEU K 132 -1.83 10.77 -82.15
CA LEU K 132 -2.73 10.13 -81.19
C LEU K 132 -3.75 11.09 -80.61
N ASP K 133 -4.11 12.14 -81.36
CA ASP K 133 -5.13 13.05 -80.83
C ASP K 133 -6.44 12.33 -80.64
N LEU K 134 -6.79 11.45 -81.57
CA LEU K 134 -8.08 10.77 -81.52
C LEU K 134 -8.12 9.76 -80.37
N GLU K 135 -7.19 8.79 -80.39
CA GLU K 135 -7.18 7.77 -79.35
C GLU K 135 -7.13 8.38 -77.96
N LEU K 136 -6.51 9.56 -77.82
CA LEU K 136 -6.52 10.25 -76.54
C LEU K 136 -7.89 10.84 -76.25
N SER K 137 -8.43 11.59 -77.21
CA SER K 137 -9.79 12.10 -77.11
C SER K 137 -10.75 11.01 -76.63
N ARG K 138 -10.70 9.84 -77.27
CA ARG K 138 -11.48 8.69 -76.83
C ARG K 138 -11.36 8.50 -75.33
N ALA K 139 -10.15 8.16 -74.88
CA ALA K 139 -9.93 7.89 -73.46
C ALA K 139 -10.37 9.07 -72.60
N LYS K 140 -10.29 10.29 -73.13
CA LYS K 140 -10.85 11.43 -72.40
C LYS K 140 -12.35 11.28 -72.28
N LYS K 141 -13.01 10.81 -73.34
CA LYS K 141 -14.46 10.61 -73.30
C LYS K 141 -14.82 9.46 -72.37
N GLN K 142 -14.06 8.38 -72.38
CA GLN K 142 -14.36 7.21 -71.56
C GLN K 142 -13.96 7.40 -70.09
N ALA K 143 -13.63 8.63 -69.69
CA ALA K 143 -13.45 8.99 -68.27
C ALA K 143 -12.28 8.25 -67.63
N ALA K 144 -11.19 8.12 -68.38
CA ALA K 144 -10.07 7.29 -67.94
C ALA K 144 -9.58 7.74 -66.56
N PRO K 145 -8.96 6.83 -65.79
CA PRO K 145 -8.40 7.20 -64.49
C PRO K 145 -6.98 7.72 -64.57
N VAL K 146 -6.27 7.42 -65.65
CA VAL K 146 -4.85 7.73 -65.82
C VAL K 146 -4.71 8.54 -67.11
N THR K 147 -4.40 9.84 -66.98
CA THR K 147 -4.34 10.73 -68.13
C THR K 147 -2.90 11.12 -68.46
N LEU K 148 -2.75 12.14 -69.30
CA LEU K 148 -1.47 12.58 -69.83
C LEU K 148 -1.30 14.07 -69.57
N GLN K 149 -0.06 14.55 -69.73
CA GLN K 149 0.23 15.95 -69.45
C GLN K 149 1.61 16.34 -70.01
N LEU K 150 1.64 17.23 -71.00
CA LEU K 150 2.89 17.67 -71.61
C LEU K 150 3.41 18.89 -70.88
N LEU K 151 4.65 18.82 -70.39
CA LEU K 151 5.29 19.91 -69.64
C LEU K 151 6.46 20.46 -70.45
N PHE K 152 6.21 21.52 -71.22
CA PHE K 152 7.28 22.28 -71.83
C PHE K 152 7.74 23.33 -70.83
N LEU K 153 9.04 23.33 -70.53
CA LEU K 153 9.58 23.98 -69.34
C LEU K 153 10.57 25.08 -69.72
N ASP K 154 10.46 26.21 -69.02
CA ASP K 154 11.22 27.42 -69.28
C ASP K 154 12.37 27.55 -68.27
N GLY K 155 13.46 28.17 -68.73
CA GLY K 155 14.52 28.58 -67.82
C GLY K 155 15.32 27.46 -67.20
N GLU K 156 15.16 26.22 -67.66
CA GLU K 156 15.98 25.12 -67.15
C GLU K 156 17.46 25.43 -67.27
N GLU K 157 17.84 26.30 -68.20
CA GLU K 157 19.24 26.59 -68.43
C GLU K 157 19.74 27.68 -67.49
N ALA K 158 21.05 27.67 -67.27
CA ALA K 158 21.69 28.66 -66.45
C ALA K 158 22.03 29.89 -67.28
N LEU K 159 21.86 31.05 -66.66
CA LEU K 159 22.22 32.31 -67.30
C LEU K 159 23.71 32.55 -67.16
N LYS K 160 24.24 32.35 -65.95
CA LYS K 160 25.66 32.48 -65.67
C LYS K 160 26.23 31.15 -65.20
N GLU K 161 26.14 30.14 -66.06
CA GLU K 161 26.61 28.80 -65.73
C GLU K 161 25.93 28.26 -64.48
N TRP K 162 25.90 26.94 -64.36
CA TRP K 162 25.00 26.30 -63.40
C TRP K 162 25.19 26.83 -61.99
N GLY K 163 24.30 26.42 -61.10
CA GLY K 163 24.33 26.83 -59.73
C GLY K 163 22.99 26.49 -59.07
N PRO K 164 23.03 25.92 -57.87
CA PRO K 164 21.77 25.60 -57.18
C PRO K 164 20.70 26.68 -57.20
N LYS K 165 21.06 27.94 -57.47
CA LYS K 165 20.08 29.01 -57.53
C LYS K 165 20.07 29.76 -58.86
N ASP K 166 20.86 29.31 -59.84
CA ASP K 166 20.87 29.92 -61.17
C ASP K 166 20.45 28.90 -62.22
N SER K 167 19.55 27.99 -61.86
CA SER K 167 19.15 26.92 -62.75
C SER K 167 17.79 26.37 -62.31
N LEU K 168 17.13 25.67 -63.24
CA LEU K 168 15.88 24.98 -62.92
C LEU K 168 14.79 25.96 -62.54
N TYR K 169 14.79 27.14 -63.16
CA TYR K 169 13.83 28.16 -62.80
C TYR K 169 12.40 27.65 -62.98
N GLY K 170 12.12 27.01 -64.11
CA GLY K 170 10.78 26.56 -64.42
C GLY K 170 10.39 25.28 -63.69
N SER K 171 11.32 24.34 -63.59
CA SER K 171 11.05 23.13 -62.83
C SER K 171 10.88 23.44 -61.35
N ARG K 172 11.74 24.30 -60.81
CA ARG K 172 11.63 24.66 -59.40
C ARG K 172 10.34 25.41 -59.11
N HIS K 173 9.98 26.37 -59.96
CA HIS K 173 8.77 27.14 -59.72
C HIS K 173 7.53 26.29 -59.92
N LEU K 174 7.53 25.44 -60.96
CA LEU K 174 6.36 24.62 -61.26
C LEU K 174 6.12 23.59 -60.16
N ALA K 175 7.13 22.77 -59.87
CA ALA K 175 6.98 21.78 -58.82
C ALA K 175 6.56 22.43 -57.51
N GLN K 176 6.97 23.66 -57.28
CA GLN K 176 6.46 24.40 -56.13
C GLN K 176 4.98 24.72 -56.31
N LEU K 177 4.57 25.06 -57.54
CA LEU K 177 3.16 25.34 -57.80
C LEU K 177 2.31 24.07 -57.68
N MET K 178 2.78 22.97 -58.26
CA MET K 178 2.00 21.73 -58.23
C MET K 178 1.87 21.16 -56.83
N GLU K 179 2.68 21.63 -55.89
CA GLU K 179 2.66 21.16 -54.51
C GLU K 179 1.73 21.97 -53.63
N SER K 180 1.44 23.22 -54.01
CA SER K 180 0.50 24.06 -53.29
C SER K 180 -0.94 23.82 -53.71
N ILE K 181 -1.16 23.22 -54.89
CA ILE K 181 -2.50 23.04 -55.44
C ILE K 181 -3.10 21.73 -54.90
N PRO K 182 -4.33 21.74 -54.40
CA PRO K 182 -4.96 20.48 -53.96
C PRO K 182 -5.28 19.54 -55.12
N HIS K 183 -5.49 18.28 -54.77
CA HIS K 183 -5.98 17.26 -55.67
C HIS K 183 -6.57 16.13 -54.85
N SER K 184 -7.44 15.34 -55.47
CA SER K 184 -7.86 14.07 -54.92
C SER K 184 -7.63 12.99 -56.00
N PRO K 185 -7.17 11.79 -55.63
CA PRO K 185 -6.90 11.22 -54.30
C PRO K 185 -5.96 12.07 -53.48
N GLY K 186 -4.97 12.63 -54.17
CA GLY K 186 -4.14 13.68 -53.61
C GLY K 186 -3.16 13.23 -52.54
N PRO K 187 -2.86 14.13 -51.57
CA PRO K 187 -3.50 15.43 -51.36
C PRO K 187 -3.02 16.61 -52.24
N THR K 188 -2.00 16.45 -53.09
CA THR K 188 -1.54 17.56 -53.94
C THR K 188 -1.30 17.09 -55.37
N ARG K 189 -1.49 18.02 -56.31
CA ARG K 189 -1.28 17.76 -57.74
C ARG K 189 0.03 17.04 -58.01
N ILE K 190 1.00 17.12 -57.09
CA ILE K 190 2.26 16.39 -57.25
C ILE K 190 2.00 14.90 -57.35
N GLN K 191 1.24 14.36 -56.41
CA GLN K 191 1.02 12.93 -56.37
C GLN K 191 0.37 12.43 -57.66
N ALA K 192 -0.43 13.27 -58.31
CA ALA K 192 -1.07 12.92 -59.56
C ALA K 192 -0.09 12.53 -60.65
N ILE K 193 1.22 12.71 -60.44
CA ILE K 193 2.22 12.28 -61.39
C ILE K 193 2.60 10.85 -61.04
N GLU K 194 2.10 9.89 -61.83
CA GLU K 194 2.43 8.49 -61.62
C GLU K 194 3.84 8.16 -62.08
N LEU K 195 4.37 8.93 -63.03
CA LEU K 195 5.69 8.65 -63.61
C LEU K 195 6.12 9.90 -64.35
N PHE K 196 7.14 10.58 -63.83
CA PHE K 196 7.67 11.78 -64.47
C PHE K 196 8.71 11.35 -65.49
N MET K 197 8.34 11.35 -66.75
CA MET K 197 9.27 11.04 -67.83
C MET K 197 9.79 12.35 -68.42
N LEU K 198 11.10 12.44 -68.61
CA LEU K 198 11.76 13.66 -69.05
C LEU K 198 12.58 13.38 -70.30
N LEU K 199 12.25 14.08 -71.39
CA LEU K 199 13.04 14.02 -72.61
C LEU K 199 14.05 15.16 -72.64
N ASP K 200 15.13 14.95 -73.40
CA ASP K 200 16.26 15.87 -73.40
C ASP K 200 17.41 15.29 -74.20
N LEU K 201 17.98 16.10 -75.10
CA LEU K 201 19.19 15.72 -75.84
C LEU K 201 18.90 14.59 -76.84
N LEU K 202 17.84 14.76 -77.61
CA LEU K 202 17.37 13.74 -78.54
C LEU K 202 17.42 14.28 -79.95
N GLY K 203 18.10 13.57 -80.84
CA GLY K 203 18.11 13.94 -82.24
C GLY K 203 19.44 13.64 -82.88
N ALA K 204 20.51 13.67 -82.09
CA ALA K 204 21.79 13.26 -82.61
C ALA K 204 21.72 11.78 -82.98
N PRO K 205 22.56 11.34 -83.90
CA PRO K 205 22.59 9.92 -84.26
C PRO K 205 23.25 9.06 -83.19
N ASN K 206 22.86 7.80 -83.19
CA ASN K 206 23.46 6.79 -82.33
C ASN K 206 23.33 7.09 -80.85
N PRO K 207 22.25 7.71 -80.39
CA PRO K 207 22.13 7.94 -78.95
C PRO K 207 22.20 6.64 -78.18
N THR K 208 22.33 6.77 -76.86
CA THR K 208 22.33 5.63 -75.97
C THR K 208 21.66 6.09 -74.68
N PHE K 209 20.91 5.20 -74.04
CA PHE K 209 20.14 5.54 -72.87
C PHE K 209 20.35 4.50 -71.78
N TYR K 210 20.32 4.97 -70.54
CA TYR K 210 20.46 4.10 -69.38
C TYR K 210 19.42 4.47 -68.34
N SER K 211 18.90 3.47 -67.64
CA SER K 211 17.93 3.71 -66.59
C SER K 211 18.62 4.38 -65.41
N HIS K 212 18.31 5.65 -65.18
CA HIS K 212 18.93 6.41 -64.12
C HIS K 212 18.10 6.40 -62.85
N PHE K 213 17.05 5.60 -62.82
CA PHE K 213 16.30 5.40 -61.58
C PHE K 213 15.82 3.96 -61.48
N PRO K 214 16.21 3.22 -60.43
CA PRO K 214 15.70 1.86 -60.29
C PRO K 214 14.21 1.84 -59.97
N ARG K 215 13.69 2.86 -59.28
CA ARG K 215 12.26 2.93 -59.00
C ARG K 215 11.44 2.67 -60.26
N THR K 216 11.93 3.15 -61.41
CA THR K 216 11.13 3.17 -62.64
C THR K 216 11.75 2.33 -63.76
N VAL K 217 12.59 1.36 -63.43
CA VAL K 217 13.29 0.62 -64.48
C VAL K 217 12.32 -0.22 -65.28
N ARG K 218 11.26 -0.72 -64.65
CA ARG K 218 10.21 -1.48 -65.29
C ARG K 218 9.79 -0.81 -66.60
N TRP K 219 9.64 0.51 -66.58
CA TRP K 219 9.27 1.25 -67.78
C TRP K 219 10.39 1.25 -68.81
N PHE K 220 11.62 1.49 -68.37
CA PHE K 220 12.77 1.43 -69.27
C PHE K 220 12.79 0.12 -70.05
N HIS K 221 12.56 -1.00 -69.36
CA HIS K 221 12.55 -2.29 -70.03
C HIS K 221 11.45 -2.35 -71.08
N ARG K 222 10.27 -1.84 -70.76
CA ARG K 222 9.20 -1.82 -71.74
C ARG K 222 9.52 -0.88 -72.90
N LEU K 223 10.33 0.15 -72.65
CA LEU K 223 10.89 0.92 -73.76
C LEU K 223 11.82 0.06 -74.61
N ARG K 224 12.75 -0.64 -73.96
CA ARG K 224 13.65 -1.53 -74.69
C ARG K 224 12.88 -2.62 -75.42
N SER K 225 11.69 -2.96 -74.94
CA SER K 225 10.86 -3.96 -75.56
C SER K 225 9.93 -3.39 -76.63
N ILE K 226 9.82 -2.07 -76.72
CA ILE K 226 9.15 -1.45 -77.85
C ILE K 226 10.11 -1.30 -79.02
N GLU K 227 11.33 -0.83 -78.75
CA GLU K 227 12.44 -0.95 -79.70
C GLU K 227 12.74 -2.44 -79.84
N LYS K 228 12.26 -3.05 -80.91
CA LYS K 228 12.22 -4.50 -80.97
C LYS K 228 11.16 -4.86 -79.91
N ARG K 229 10.07 -5.54 -80.27
CA ARG K 229 9.88 -6.14 -81.59
C ARG K 229 9.80 -5.18 -82.78
N LEU K 230 9.75 -3.87 -82.54
CA LEU K 230 9.61 -2.92 -83.65
C LEU K 230 10.63 -3.20 -84.74
N HIS K 231 11.91 -3.22 -84.37
CA HIS K 231 12.97 -3.47 -85.35
C HIS K 231 12.72 -4.78 -86.10
N ARG K 232 12.39 -5.84 -85.36
CA ARG K 232 12.11 -7.12 -86.00
C ARG K 232 10.88 -7.07 -86.88
N LEU K 233 9.98 -6.09 -86.65
CA LEU K 233 8.84 -5.85 -87.51
C LEU K 233 9.13 -4.80 -88.57
N ASN K 234 10.40 -4.62 -88.96
CA ASN K 234 10.80 -3.67 -90.00
C ASN K 234 10.08 -2.34 -89.85
N LEU K 235 10.36 -1.63 -88.76
CA LEU K 235 9.67 -0.40 -88.45
C LEU K 235 10.61 0.69 -87.95
N LEU K 236 11.92 0.46 -87.99
CA LEU K 236 12.89 1.47 -87.59
C LEU K 236 13.90 1.65 -88.71
N GLN K 237 14.19 2.88 -89.07
CA GLN K 237 15.24 3.15 -90.04
C GLN K 237 16.60 3.15 -89.35
N SER K 238 17.61 2.72 -90.09
CA SER K 238 18.98 2.73 -89.57
C SER K 238 19.02 2.05 -88.21
N HIS K 239 18.95 0.73 -88.21
CA HIS K 239 18.88 0.00 -86.97
C HIS K 239 19.57 -1.35 -87.13
N PRO K 240 20.83 -1.34 -87.58
CA PRO K 240 21.51 -2.62 -87.89
C PRO K 240 21.46 -3.65 -86.77
N GLN K 241 21.54 -3.23 -85.51
CA GLN K 241 21.44 -4.16 -84.39
C GLN K 241 20.03 -4.16 -83.84
N GLU K 242 19.67 -5.26 -83.17
CA GLU K 242 18.31 -5.42 -82.67
C GLU K 242 18.01 -4.40 -81.57
N VAL K 243 18.97 -4.17 -80.68
CA VAL K 243 18.88 -3.12 -79.68
C VAL K 243 20.04 -2.16 -79.90
N MET K 244 19.72 -0.88 -80.01
CA MET K 244 20.72 0.15 -80.26
C MET K 244 20.52 1.42 -79.45
N TYR K 245 19.29 1.77 -79.05
CA TYR K 245 19.04 3.00 -78.31
C TYR K 245 19.04 2.72 -76.81
N PHE K 246 18.08 1.94 -76.33
CA PHE K 246 17.96 1.63 -74.91
C PHE K 246 18.84 0.43 -74.58
N GLN K 247 19.80 0.64 -73.71
CA GLN K 247 20.76 -0.38 -73.35
C GLN K 247 20.58 -0.82 -71.91
N PRO K 248 21.11 -1.99 -71.55
CA PRO K 248 21.11 -2.38 -70.14
C PRO K 248 22.30 -1.76 -69.43
N GLY K 249 22.24 -1.81 -68.11
CA GLY K 249 23.26 -1.15 -67.32
C GLY K 249 22.61 -0.14 -66.40
N GLU K 250 23.41 0.74 -65.81
CA GLU K 250 22.85 1.56 -64.75
C GLU K 250 23.82 2.64 -64.28
N PRO K 251 23.39 3.51 -63.35
CA PRO K 251 24.20 4.45 -62.54
C PRO K 251 25.25 3.74 -61.65
N PHE K 252 26.11 4.39 -60.85
CA PHE K 252 26.38 5.83 -60.82
C PHE K 252 25.17 6.58 -60.27
N GLY K 253 24.76 7.66 -60.94
CA GLY K 253 23.62 8.45 -60.53
C GLY K 253 23.01 9.07 -61.75
N SER K 254 22.67 10.36 -61.65
CA SER K 254 22.10 11.08 -62.79
C SER K 254 22.80 12.42 -62.91
N VAL K 255 22.34 13.20 -63.88
CA VAL K 255 22.75 14.57 -64.07
C VAL K 255 21.60 15.45 -63.62
N GLU K 256 21.93 16.67 -63.17
CA GLU K 256 20.88 17.60 -62.81
C GLU K 256 20.15 18.05 -64.08
N ASP K 257 18.83 18.17 -63.96
CA ASP K 257 17.94 18.44 -65.08
C ASP K 257 16.58 18.79 -64.49
N ASP K 258 15.57 18.91 -65.35
CA ASP K 258 14.29 19.42 -64.90
C ASP K 258 13.69 18.63 -63.75
N HIS K 259 14.02 17.34 -63.62
CA HIS K 259 13.28 16.50 -62.68
C HIS K 259 13.64 16.77 -61.22
N ILE K 260 14.85 17.25 -60.96
CA ILE K 260 15.38 17.37 -59.60
C ILE K 260 14.39 17.97 -58.61
N PRO K 261 13.70 19.06 -58.92
CA PRO K 261 12.82 19.66 -57.92
C PRO K 261 11.67 18.74 -57.53
N PHE K 262 11.18 17.94 -58.46
CA PHE K 262 10.12 16.98 -58.14
C PHE K 262 10.66 15.85 -57.29
N LEU K 263 11.80 15.28 -57.69
CA LEU K 263 12.37 14.15 -56.96
C LEU K 263 12.48 14.46 -55.47
N ARG K 264 12.99 15.65 -55.14
CA ARG K 264 13.00 16.10 -53.75
C ARG K 264 11.65 15.93 -53.08
N ARG K 265 10.58 15.73 -53.85
CA ARG K 265 9.24 15.56 -53.32
C ARG K 265 8.70 14.15 -53.49
N GLY K 266 9.45 13.26 -54.14
CA GLY K 266 9.08 11.86 -54.22
C GLY K 266 8.56 11.40 -55.55
N VAL K 267 8.45 12.28 -56.55
CA VAL K 267 7.90 11.88 -57.84
C VAL K 267 8.80 10.80 -58.46
N PRO K 268 8.25 9.68 -58.94
CA PRO K 268 9.06 8.77 -59.75
C PRO K 268 9.50 9.45 -61.04
N VAL K 269 10.67 9.06 -61.54
CA VAL K 269 11.22 9.68 -62.74
C VAL K 269 11.84 8.62 -63.64
N LEU K 270 11.74 8.87 -64.94
CA LEU K 270 12.52 8.16 -65.95
C LEU K 270 13.25 9.23 -66.76
N HIS K 271 14.54 9.39 -66.50
CA HIS K 271 15.30 10.45 -67.17
C HIS K 271 15.75 9.92 -68.53
N LEU K 272 15.07 10.38 -69.57
CA LEU K 272 15.32 9.89 -70.93
C LEU K 272 16.28 10.83 -71.66
N ILE K 273 17.50 10.89 -71.15
CA ILE K 273 18.53 11.80 -71.65
C ILE K 273 19.66 10.98 -72.24
N SER K 274 20.17 11.43 -73.38
CA SER K 274 21.27 10.73 -74.05
C SER K 274 22.54 10.83 -73.22
N THR K 275 23.12 9.69 -72.92
CA THR K 275 24.36 9.62 -72.16
C THR K 275 25.29 8.63 -72.88
N PRO K 276 26.38 9.12 -73.48
CA PRO K 276 26.98 10.47 -73.41
C PRO K 276 26.10 11.55 -74.00
N PHE K 277 26.49 12.80 -73.78
CA PHE K 277 25.86 13.90 -74.45
C PHE K 277 26.21 13.89 -75.93
N PRO K 278 25.43 14.56 -76.77
CA PRO K 278 25.71 14.55 -78.20
C PRO K 278 26.82 15.52 -78.58
N ALA K 279 27.62 15.11 -79.56
CA ALA K 279 28.85 15.81 -79.94
C ALA K 279 28.67 17.33 -80.00
N VAL K 280 27.46 17.80 -80.32
CA VAL K 280 27.21 19.24 -80.37
C VAL K 280 26.52 19.69 -79.11
N TRP K 281 26.73 18.98 -78.01
CA TRP K 281 26.13 19.46 -76.79
C TRP K 281 26.73 20.82 -76.46
N HIS K 282 25.87 21.82 -76.32
CA HIS K 282 26.29 23.18 -76.02
C HIS K 282 27.33 23.67 -77.01
N THR K 283 26.87 24.02 -78.20
CA THR K 283 27.64 24.64 -79.25
C THR K 283 26.65 25.05 -80.33
N PRO K 284 26.88 26.15 -81.05
CA PRO K 284 25.95 26.52 -82.12
C PRO K 284 25.89 25.51 -83.26
N ALA K 285 26.81 24.54 -83.29
CA ALA K 285 26.72 23.44 -84.24
C ALA K 285 25.51 22.56 -84.02
N ASP K 286 24.65 22.89 -83.05
CA ASP K 286 23.43 22.14 -82.75
C ASP K 286 22.33 22.70 -83.64
N THR K 287 22.05 21.99 -84.73
CA THR K 287 21.18 22.51 -85.77
C THR K 287 20.57 21.33 -86.52
N GLU K 288 19.42 21.59 -87.14
CA GLU K 288 18.76 20.60 -87.99
C GLU K 288 19.77 19.80 -88.80
N VAL K 289 20.71 20.51 -89.42
CA VAL K 289 21.61 19.91 -90.39
C VAL K 289 22.48 18.82 -89.78
N ASN K 290 22.61 18.77 -88.45
CA ASN K 290 23.50 17.82 -87.80
C ASN K 290 22.78 16.72 -87.03
N LEU K 291 21.44 16.72 -87.06
CA LEU K 291 20.70 15.66 -86.38
C LEU K 291 20.71 14.40 -87.24
N HIS K 292 19.93 13.41 -86.85
CA HIS K 292 19.75 12.17 -87.61
C HIS K 292 18.26 11.95 -87.73
N PRO K 293 17.64 12.40 -88.82
CA PRO K 293 16.19 12.28 -88.96
C PRO K 293 15.72 10.86 -88.69
N PRO K 294 16.44 9.84 -89.18
CA PRO K 294 16.04 8.47 -88.86
C PRO K 294 15.94 8.22 -87.37
N THR K 295 16.86 8.77 -86.58
CA THR K 295 16.81 8.60 -85.13
C THR K 295 15.71 9.46 -84.51
N VAL K 296 15.45 10.64 -85.07
CA VAL K 296 14.40 11.49 -84.53
C VAL K 296 13.05 10.78 -84.65
N HIS K 297 12.75 10.26 -85.84
CA HIS K 297 11.45 9.66 -86.09
C HIS K 297 11.30 8.36 -85.32
N ASN K 298 12.19 7.40 -85.57
CA ASN K 298 12.25 6.15 -84.82
C ASN K 298 11.85 6.39 -83.37
N LEU K 299 12.56 7.27 -82.67
CA LEU K 299 12.24 7.54 -81.28
C LEU K 299 10.82 8.08 -81.13
N CYS K 300 10.30 8.79 -82.13
CA CYS K 300 8.91 9.22 -82.06
C CYS K 300 7.98 8.02 -82.09
N ARG K 301 8.39 6.94 -82.74
CA ARG K 301 7.58 5.73 -82.77
C ARG K 301 7.57 5.04 -81.40
N ILE K 302 8.76 4.77 -80.85
CA ILE K 302 8.83 4.03 -79.59
C ILE K 302 8.02 4.76 -78.51
N LEU K 303 8.14 6.08 -78.44
CA LEU K 303 7.32 6.85 -77.52
C LEU K 303 5.85 6.66 -77.82
N ALA K 304 5.48 6.73 -79.10
CA ALA K 304 4.11 6.50 -79.51
C ALA K 304 3.61 5.20 -78.90
N VAL K 305 4.18 4.09 -79.37
CA VAL K 305 3.86 2.77 -78.84
C VAL K 305 3.77 2.82 -77.33
N PHE K 306 4.84 3.27 -76.67
CA PHE K 306 4.84 3.41 -75.23
C PHE K 306 3.61 4.13 -74.73
N LEU K 307 3.43 5.38 -75.20
CA LEU K 307 2.28 6.17 -74.79
C LEU K 307 1.01 5.35 -74.80
N ALA K 308 0.77 4.65 -75.90
CA ALA K 308 -0.42 3.81 -76.01
C ALA K 308 -0.43 2.74 -74.94
N GLU K 309 0.59 1.88 -74.94
CA GLU K 309 0.63 0.79 -73.96
C GLU K 309 0.48 1.31 -72.54
N TYR K 310 1.24 2.34 -72.17
CA TYR K 310 1.08 2.90 -70.84
C TYR K 310 -0.38 3.29 -70.61
N LEU K 311 -0.97 3.98 -71.57
CA LEU K 311 -2.30 4.54 -71.41
C LEU K 311 -3.40 3.66 -71.99
N GLY K 312 -3.04 2.48 -72.50
CA GLY K 312 -4.04 1.57 -73.04
C GLY K 312 -4.97 2.26 -74.00
N LEU K 313 -4.46 2.58 -75.18
CA LEU K 313 -5.21 3.40 -76.14
C LEU K 313 -5.56 2.60 -77.38
ZN ZN L . -24.71 27.74 15.49
C10 A1D47 M . -28.94 31.23 6.60
C12 A1D47 M . -30.00 32.80 8.12
C13 A1D47 M . -31.31 32.01 8.12
C14 A1D47 M . -32.41 28.58 9.38
C15 A1D47 M . -33.17 28.13 10.50
C16 A1D47 M . -32.80 28.46 11.81
C17 A1D47 M . -29.71 30.51 11.46
C18 A1D47 M . -28.76 31.13 10.72
C19 A1D47 M . -27.26 30.85 10.88
C20 A1D47 M . -26.71 30.64 12.16
C21 A1D47 M . -25.34 30.39 12.33
C22 A1D47 M . -24.50 30.37 11.25
C24 A1D47 M . -23.30 29.97 13.04
C26 A1D47 M . -25.03 30.59 9.94
C27 A1D47 M . -26.39 30.84 9.76
O01 A1D47 M . -29.13 31.05 13.72
C02 A1D47 M . -29.84 30.52 12.94
N03 A1D47 M . -31.02 29.76 13.30
C04 A1D47 M . -31.66 29.25 12.02
C05 A1D47 M . -30.88 29.70 10.92
C06 A1D47 M . -31.26 29.38 9.60
O07 A1D47 M . -30.47 29.84 8.52
C08 A1D47 M . -31.14 30.65 7.58
C09 A1D47 M . -30.32 30.62 6.37
O11 A1D47 M . -28.83 31.95 7.87
N23 A1D47 M . -23.26 30.11 11.71
N25 A1D47 M . -24.57 30.14 13.44
ZN ZN N . 5.77 -5.12 18.43
C10 A1D47 O . 7.29 -2.82 28.39
C12 A1D47 O . 8.79 -0.93 27.97
C13 A1D47 O . 9.70 -1.96 27.30
C14 A1D47 O . 10.24 -1.39 24.26
C15 A1D47 O . 10.15 -0.30 23.36
C16 A1D47 O . 9.01 -0.15 22.55
C17 A1D47 O . 6.78 -3.01 23.43
C18 A1D47 O . 6.46 -4.12 24.09
C19 A1D47 O . 5.83 -5.32 23.38
C20 A1D47 O . 5.81 -5.38 21.99
C21 A1D47 O . 5.22 -6.48 21.33
C22 A1D47 O . 4.68 -7.49 22.05
C24 A1D47 O . 4.43 -7.95 19.93
C26 A1D47 O . 4.69 -7.45 23.47
C27 A1D47 O . 5.28 -6.37 24.13
O01 A1D47 O . 4.89 -2.70 22.02
C02 A1D47 O . 5.95 -2.34 22.40
N03 A1D47 O . 6.66 -1.18 21.92
C04 A1D47 O . 7.98 -1.09 22.66
C05 A1D47 O . 8.07 -2.19 23.56
C06 A1D47 O . 9.21 -2.32 24.40
O07 A1D47 O . 9.34 -3.39 25.31
C08 A1D47 O . 9.05 -3.15 26.69
C09 A1D47 O . 7.60 -3.12 26.94
O11 A1D47 O . 7.62 -1.44 28.71
N23 A1D47 O . 4.19 -8.38 21.16
N25 A1D47 O . 5.06 -6.77 20.02
ZN ZN P . 47.19 27.94 -7.66
C10 A1D47 Q . 47.54 16.81 -11.09
C12 A1D47 Q . 48.51 18.53 -12.49
C13 A1D47 Q . 48.97 19.32 -11.28
C14 A1D47 Q . 51.57 19.71 -9.51
C15 A1D47 Q . 52.79 20.41 -9.43
C16 A1D47 Q . 52.91 21.54 -8.62
C17 A1D47 Q . 49.57 22.01 -7.08
C18 A1D47 Q . 48.30 21.64 -6.90
C19 A1D47 Q . 47.14 22.66 -6.83
C20 A1D47 Q . 47.32 24.03 -6.91
C21 A1D47 Q . 46.20 24.89 -6.83
C22 A1D47 Q . 44.95 24.40 -6.69
C24 A1D47 Q . 44.79 26.55 -6.76
C26 A1D47 Q . 44.75 23.01 -6.62
C27 A1D47 Q . 45.85 22.17 -6.69
O01 A1D47 Q . 49.83 23.96 -5.71
C02 A1D47 Q . 50.27 23.16 -6.47
N03 A1D47 Q . 51.63 23.15 -6.96
C04 A1D47 Q . 51.78 21.97 -7.89
C05 A1D47 Q . 50.54 21.28 -7.97
C06 A1D47 Q . 50.42 20.13 -8.81
O07 A1D47 Q . 49.19 19.41 -8.91
C08 A1D47 Q . 49.05 18.54 -10.03
C09 A1D47 Q . 47.89 17.66 -9.85
O11 A1D47 Q . 48.39 17.09 -12.24
N23 A1D47 Q . 44.09 25.44 -6.65
N25 A1D47 Q . 46.09 26.25 -6.87
ZN ZN R . -41.09 0.30 19.69
C10 A1D47 S . -33.37 7.79 24.33
C12 A1D47 S . -35.02 9.06 22.99
C13 A1D47 S . -35.87 7.78 23.04
C14 A1D47 S . -37.27 6.00 27.08
C15 A1D47 S . -37.48 4.91 27.93
C16 A1D47 S . -37.61 3.62 27.38
C17 A1D47 S . -37.28 3.98 23.67
C18 A1D47 S . -37.07 4.71 22.54
C19 A1D47 S . -37.71 4.51 21.17
C20 A1D47 S . -38.40 3.36 20.83
C21 A1D47 S . -38.92 3.25 19.52
C22 A1D47 S . -38.72 4.25 18.61
C24 A1D47 S . -39.89 2.68 17.66
C26 A1D47 S . -37.99 5.41 18.96
C27 A1D47 S . -37.47 5.53 20.23
O01 A1D47 S . -37.51 1.74 22.89
C02 A1D47 S . -37.48 2.52 23.79
N03 A1D47 S . -37.64 2.16 25.18
C04 A1D47 S . -37.53 3.43 26.00
C05 A1D47 S . -37.31 4.51 25.11
C06 A1D47 S . -37.17 5.81 25.68
O07 A1D47 S . -36.96 6.95 24.89
C08 A1D47 S . -35.69 6.95 24.25
C09 A1D47 S . -34.61 7.35 25.12
O11 A1D47 S . -33.63 8.89 23.40
N23 A1D47 S . -39.33 3.86 17.47
N25 A1D47 S . -39.65 2.28 18.91
ZN ZN T . 19.87 -0.85 -50.29
C10 A1D47 U . 16.29 -10.95 -55.02
C12 A1D47 U . 14.20 -11.15 -53.73
C13 A1D47 U . 14.18 -9.64 -53.92
C14 A1D47 U . 15.31 -7.65 -56.31
C15 A1D47 U . 15.85 -7.24 -57.56
C16 A1D47 U . 16.95 -6.36 -57.59
C17 A1D47 U . 17.76 -5.62 -54.05
C18 A1D47 U . 17.54 -5.82 -52.75
C19 A1D47 U . 17.05 -4.83 -51.68
C20 A1D47 U . 17.89 -3.89 -51.09
C21 A1D47 U . 17.36 -3.03 -50.08
C22 A1D47 U . 16.05 -3.13 -49.69
C24 A1D47 U . 16.95 -1.54 -48.52
C26 A1D47 U . 15.21 -4.09 -50.29
C27 A1D47 U . 15.72 -4.94 -51.27
O01 A1D47 U . 19.63 -4.15 -54.13
C02 A1D47 U . 18.81 -4.82 -54.68
N03 A1D47 U . 18.68 -4.96 -56.12
C04 A1D47 U . 17.51 -5.90 -56.39
C05 A1D47 U . 16.97 -6.30 -55.15
C06 A1D47 U . 15.87 -7.18 -55.11
O07 A1D47 U . 15.35 -7.59 -53.87
C08 A1D47 U . 15.47 -8.97 -53.60
C09 A1D47 U . 16.63 -9.68 -54.22
O11 A1D47 U . 15.30 -11.84 -54.40
N23 A1D47 U . 15.83 -2.19 -48.74
N25 A1D47 U . 17.89 -2.02 -49.33
ZN ZN V . 33.63 0.14 1.01
C10 A1D47 W . 21.53 3.22 0.90
C12 A1D47 W . 22.83 5.03 2.01
C13 A1D47 W . 24.11 4.42 1.46
C14 A1D47 W . 25.41 3.58 -1.27
C15 A1D47 W . 26.03 3.74 -2.53
C16 A1D47 W . 26.97 2.80 -2.97
C17 A1D47 W . 27.24 0.29 -0.23
C18 A1D47 W . 26.92 -0.20 0.97
C19 A1D47 W . 28.01 -0.43 2.03
C20 A1D47 W . 29.35 -0.40 1.66
C21 A1D47 W . 30.37 -0.62 2.61
C22 A1D47 W . 30.04 -0.85 3.91
C24 A1D47 W . 32.20 -0.89 3.73
C26 A1D47 W . 28.68 -0.88 4.31
C27 A1D47 W . 27.68 -0.67 3.36
O01 A1D47 W . 28.88 -1.27 -1.03
C02 A1D47 W . 28.23 -0.29 -1.19
N03 A1D47 W . 28.27 0.57 -2.36
C04 A1D47 W . 27.30 1.71 -2.15
C05 A1D47 W . 26.68 1.55 -0.87
C06 A1D47 W . 25.72 2.49 -0.42
O07 A1D47 W . 25.14 2.29 0.87
C08 A1D47 W . 23.95 2.96 1.25
C09 A1D47 W . 22.83 2.66 0.34
O11 A1D47 W . 21.63 4.64 1.24
N23 A1D47 W . 31.20 -1.02 4.58
N25 A1D47 W . 31.72 -0.64 2.51
ZN ZN X . 2.10 -21.64 45.61
C10 A1D47 Y . -1.93 -31.16 40.25
C12 A1D47 Y . -2.82 -29.16 41.29
C13 A1D47 Y . -1.49 -28.99 42.06
C14 A1D47 Y . 2.40 -29.86 40.79
C15 A1D47 Y . 3.68 -29.51 40.31
C16 A1D47 Y . 4.51 -28.64 41.05
C17 A1D47 Y . 2.53 -27.73 44.06
C18 A1D47 Y . 1.42 -27.84 44.77
C19 A1D47 Y . 0.81 -26.75 45.66
C20 A1D47 Y . 1.29 -25.44 45.75
C21 A1D47 Y . 0.65 -24.50 46.60
C22 A1D47 Y . -0.44 -24.85 47.33
C24 A1D47 Y . -0.04 -22.76 47.77
C26 A1D47 Y . -0.95 -26.17 47.24
C27 A1D47 Y . -0.32 -27.09 46.42
O01 A1D47 Y . 3.98 -26.25 45.27
C02 A1D47 Y . 3.76 -26.94 44.33
N03 A1D47 Y . 4.71 -27.16 43.24
C04 A1D47 Y . 4.06 -28.11 42.25
C05 A1D47 Y . 2.76 -28.44 42.74
C06 A1D47 Y . 1.93 -29.32 42.01
O07 A1D47 Y . 0.66 -29.66 42.49
C08 A1D47 Y . -0.35 -29.66 41.49
C09 A1D47 Y . -0.63 -31.03 41.06
O11 A1D47 Y . -3.08 -30.54 40.88
N23 A1D47 Y . -0.85 -23.77 48.04
N25 A1D47 Y . 0.89 -23.18 46.90
ZN ZN Z . -5.26 32.13 73.89
C10 A1D47 AA . -4.02 42.32 72.48
C12 A1D47 AA . -5.65 43.87 71.92
C13 A1D47 AA . -6.69 42.74 71.85
C14 A1D47 AA . -8.78 41.14 73.49
C15 A1D47 AA . -9.42 41.11 74.76
C16 A1D47 AA . -9.03 40.18 75.72
C17 A1D47 AA . -6.26 38.21 74.16
C18 A1D47 AA . -5.46 38.03 73.10
C19 A1D47 AA . -4.79 36.80 72.46
C20 A1D47 AA . -4.74 35.49 72.95
C21 A1D47 AA . -4.05 34.50 72.18
C22 A1D47 AA . -3.46 34.82 70.99
C24 A1D47 AA . -3.11 32.70 71.30
C26 A1D47 AA . -3.52 36.15 70.50
C27 A1D47 AA . -4.18 37.12 71.25
O01 A1D47 AA . -5.61 36.64 75.82
C02 A1D47 AA . -6.30 37.53 75.48
N03 A1D47 AA . -7.36 38.17 76.26
C04 A1D47 AA . -7.99 39.27 75.44
C05 A1D47 AA . -7.33 39.30 74.18
C06 A1D47 AA . -7.72 40.26 73.20
O07 A1D47 AA . -7.11 40.34 71.93
C08 A1D47 AA . -6.13 41.36 71.79
C09 A1D47 AA . -5.02 41.23 72.75
O11 A1D47 AA . -4.56 43.61 72.86
N23 A1D47 AA . -2.89 33.71 70.48
N25 A1D47 AA . -3.83 33.16 72.35
ZN ZN BA . -20.22 -27.93 -18.83
C10 A1D47 CA . -15.24 -36.29 -17.11
C12 A1D47 CA . -13.03 -35.50 -17.24
C13 A1D47 CA . -13.61 -34.10 -17.43
C14 A1D47 CA . -12.93 -31.80 -15.43
C15 A1D47 CA . -12.34 -30.51 -15.41
C16 A1D47 CA . -13.15 -29.37 -15.39
C17 A1D47 CA . -16.67 -30.65 -15.40
C18 A1D47 CA . -17.53 -31.69 -15.42
C19 A1D47 CA . -19.05 -31.53 -15.69
C20 A1D47 CA . -19.53 -30.54 -16.55
C21 A1D47 CA . -20.93 -30.41 -16.80
C22 A1D47 CA . -21.80 -31.26 -16.21
C24 A1D47 CA . -22.95 -29.87 -17.45
C26 A1D47 CA . -21.32 -32.29 -15.35
C27 A1D47 CA . -19.95 -32.41 -15.10
O01 A1D47 CA . -17.99 -28.63 -15.37
C02 A1D47 CA . -16.93 -29.18 -15.38
N03 A1D47 CA . -15.65 -28.49 -15.38
C04 A1D47 CA . -14.56 -29.54 -15.39
C05 A1D47 CA . -15.16 -30.83 -15.41
C06 A1D47 CA . -14.32 -31.98 -15.43
O07 A1D47 CA . -14.82 -33.31 -15.46
C08 A1D47 CA . -14.92 -33.79 -16.79
C09 A1D47 CA . -15.87 -34.93 -16.83
O11 A1D47 CA . -13.91 -36.40 -16.54
N23 A1D47 CA . -23.05 -30.91 -16.63
N25 A1D47 CA . -21.66 -29.54 -17.57
ZN ZN DA . -3.49 -21.24 -45.70
C10 A1D47 EA . -8.08 -15.99 -38.01
C12 A1D47 EA . -9.53 -14.31 -39.15
C13 A1D47 EA . -9.97 -15.44 -40.06
C14 A1D47 EA . -8.93 -15.32 -42.99
C15 A1D47 EA . -8.71 -14.83 -44.30
C16 A1D47 EA . -8.37 -15.71 -45.34
C17 A1D47 EA . -8.23 -19.06 -43.75
C18 A1D47 EA . -8.34 -19.87 -42.68
C19 A1D47 EA . -7.31 -21.01 -42.41
C20 A1D47 EA . -6.27 -21.25 -43.30
C21 A1D47 EA . -5.33 -22.29 -43.07
C22 A1D47 EA . -5.43 -23.07 -41.97
C24 A1D47 EA . -3.69 -23.74 -43.11
C26 A1D47 EA . -6.50 -22.84 -41.04
C27 A1D47 EA . -7.42 -21.82 -41.27
O01 A1D47 EA . -7.64 -20.51 -45.57
C02 A1D47 EA . -7.88 -19.43 -45.15
N03 A1D47 EA . -7.87 -18.23 -45.96
C04 A1D47 EA . -8.24 -17.07 -45.05
C05 A1D47 EA . -8.44 -17.56 -43.73
C06 A1D47 EA . -8.79 -16.70 -42.68
O07 A1D47 EA . -9.00 -17.22 -41.37
C08 A1D47 EA . -8.80 -16.29 -40.33
C09 A1D47 EA . -8.50 -16.98 -39.09
O11 A1D47 EA . -8.97 -14.82 -37.89
N23 A1D47 EA . -4.42 -23.97 -42.01
N25 A1D47 EA . -4.23 -22.71 -43.78
ZN ZN FA . 21.82 22.89 -72.48
C10 A1D47 GA . 29.67 17.11 -66.75
C12 A1D47 GA . 29.77 18.12 -68.99
C13 A1D47 GA . 29.27 19.43 -68.38
C14 A1D47 GA . 29.36 22.02 -66.79
C15 A1D47 GA . 29.70 23.36 -67.13
C16 A1D47 GA . 28.74 24.21 -67.68
C17 A1D47 GA . 25.61 22.15 -67.91
C18 A1D47 GA . 24.96 20.99 -67.70
C19 A1D47 GA . 23.75 20.42 -68.52
C20 A1D47 GA . 23.05 21.19 -69.47
C21 A1D47 GA . 21.96 20.64 -70.20
C22 A1D47 GA . 21.56 19.36 -69.98
C24 A1D47 GA . 20.25 20.21 -71.51
C26 A1D47 GA . 22.24 18.57 -69.01
C27 A1D47 GA . 23.33 19.10 -68.29
O01 A1D47 GA . 24.04 23.73 -68.85
C02 A1D47 GA . 25.12 23.45 -68.46
N03 A1D47 GA . 26.20 24.41 -68.46
C04 A1D47 GA . 27.43 23.73 -67.89
C05 A1D47 GA . 27.08 22.40 -67.56
C06 A1D47 GA . 28.05 21.53 -67.02
O07 A1D47 GA . 27.67 20.22 -66.68
C08 A1D47 GA . 28.34 19.12 -67.28
C09 A1D47 GA . 29.08 18.43 -66.22
O11 A1D47 GA . 30.42 17.27 -68.00
N23 A1D47 GA . 20.50 19.12 -70.79
N25 A1D47 GA . 21.13 21.15 -71.16
#